data_7NI6
#
_entry.id   7NI6
#
_cell.length_a   1.00
_cell.length_b   1.00
_cell.length_c   1.00
_cell.angle_alpha   90.00
_cell.angle_beta   90.00
_cell.angle_gamma   90.00
#
_symmetry.space_group_name_H-M   'P 1'
#
loop_
_entity.id
_entity.type
_entity.pdbx_description
1 polymer 'Serine-protein kinase ATM'
2 non-polymer 'ZINC ION'
3 non-polymer 'PHOSPHOTHIOPHOSPHORIC ACID-ADENYLATE ESTER'
4 non-polymer 'MAGNESIUM ION'
#
_entity_poly.entity_id   1
_entity_poly.type   'polypeptide(L)'
_entity_poly.pdbx_seq_one_letter_code
;MDYKDDDDKGTDYKDDDDKSGSLEVLFQGPMSLVLNDLLICCRQLEHDRATERKKEVEKFKRLIRDPETIKHLDRHSDSK
QGKYLNWDAVFRFLQKYIQKETECLRIAKPNVSASTQASRQKKMQEISSLVKYFIKCANRRAPRLKCQELLNYIMDTVKD
SSNGAIYGADCSNILLKDILSVRKYWCEISQQQWLELFSVYFRLYLKPSQDVHRVLVARIIHAVTKGCCSQTDGLNSKFL
DFFSKAIQCARQEKSSSGLNHILAALTIFLKTLAVNFRIRVCELGDEILPTLLYIWTQHRLNDSLKEVIIELFQLQIYIH
HPKGAKTQEKGAYESTKWRSILYNLYDLLVNEISHIGSRGKYSSGFRNIAVKENLIELMADICHQVFNEDTRSLEISQSY
TTTQRESSDYSVPCKRKKIELGWEVIKDHLQKSQNDFDLVPWLQIATQLISKYPASLPNCELSPLLMILSQLLPQQRHGE
RTPYVLRCLTEVALCQDKRSNLESSQKSDLLKLWNKIWCITFRGISSEQIQAENFGLLGAIIQGSLVEVDREFWKLFTGS
ACRPSCPAVCCLTLALTTSIVPGTVKMGIEQNMCEVNRSFSLKESIMKWLLFYQLEGDLENSTEVPPILHSNFPHLVLEK
ILVSLTMKNCKAAMNFFQSVPECEHHQKDKEELSFSEVEELFLQTTFDKMDFLTIVRECGIEKHQSSIGFSVHQNLKESL
DRCLLGLSEQLLNNYSSEITNSETLVRCSRLLVGVLGCYCYMGVIAEEEAYKSELFQKAKSLMQCAGESITLFKNKTNEE
FRIGSLRNMMQLCTRCLSNCTKKSPNKIASGFFLRLLTSKLMNDIADICKSLASFIKKPFDRGEVESMEDDTNGNLMEVE
DQSSMNLFNDYPDSSVSDANEPGESQSTIGAINPLAEEYLSKQDLLFLDMLKFLCLCVTTAQTNTVSFRAADIRRKLLML
IDSSTLEPTKSLHLHMYLMLLKELPGEEYPLPMEDVLELLKPLSNVCSLYRRDQDVCKTILNHVLHVVKNLGQSNMDSEN
TRDAQGQFLTVIGAFWHLTKERKYIFSVRMALVNCLKTLLEADPYSKWAILNVMGKDFPVNEVFTQFLADNHHQVRMLAA
ESINRLFQDTKGDSSRLLKALPLKLQQTAFENAYLKAQEGMREMSHSAENPETLDEIYNRKSVLLTLIAVVLSCSPICEK
QALFALCKSVKENGLEPHLVKKVLEKVSETFGYRRLEDFMASHLDYLVLEWLNLQDTEYNLSSFPFILLNYTNIEDFYRS
CYKVLIPHLVIRSHFDEVKSIANQIQEDWKSLLTDCFPKILVNILPYFAYEGTRDSGMAQQRETATKVYDMLKSENLLGK
QIDHLFISNLPEIVVELLMTLHEPANSSASQSTDLCDFSGDLDPAPNPPHFPSHVIKATFAYISNCHKTKLKSILEILSK
SPDSYQKILLAICEQAAETNNVYKKHRILKIYHLFVSLLLKDIKSGLGGAWAFVLRDVIYTLIHYINQRPSCIMDVSLRS
FSLCCDLLSQVCQTAVTYCKDALENHLHVIVGTLIPLVYEQVEVQKQVLDLLKYLVIDNKDNENLYITIKLLDPFPDHVV
FKDLRITQQKIKYSRGPFSLLEEINHFLSVSVYDALPLTRLEGLKDLRRQLELHKDQMVDIMRASQDNPQDGIMVKLVVN
LLQLSKMAINHTGEKEVLEAVGSCLGEVGPIDFSTIAIQHSKDASYTKALKLFEDKELQWTFIMLTYLNNTLVEDCVKVR
SAAVTCLKNILATKTGHSFWEIYKMTTDPMLAYLQPFRTSRKKFLEVPRFDKENPFEGLDDINLWIPLSENHDIWIKTLT
CAFLDSGGTKCEILQLLKPMCEVKTDFCQTVLPYLIHDILLQDTNESWRNLLSTHVQGFFTSCLRHFSQTSRSTTPANLD
SESEHFFRCCLDKKSQRTMLAVVDYMRRQKRPSSGTIFNDAFWLDLNYLEVAKVAQSCAAHFTALLYAEIYADKKSMDDQ
EKRSLAFEEGSQSTTISSLSEKSKEETGISLQDLLLEIYRSIGEPDSLYGCGGGKMLQPITRLRTYEHEAMWGKALVTYD
LETAIPSSTRQAGIIQALQNLGLCHILSVYLKGLDYENKDWCPELEELHYQAAWRNMQWDHCTSVSKEVEGTSYHESLYN
ALQSLRDREFSTFYESLKYARVKEVEEMCKRSLESVYSLYPTLSRLQAIGELESIGELFSRSVTHRQLSEVYIKWQKHSQ
LLKDSDFSFQEPIMALRTVILEILMEKEMDNSQRECIKDILTKHLVELSILARTFKNTQLPERAIFQIKQYNSVSCGVSE
WQLEEAQVFWAKKEQSLALSILKQMIKKLDASCAANNPSLKLTYTECLRVCGNWLAETCLENPAVIMQTYLEKAVEVAGN
YDGESSDELRNGKMKAFLSLARFSDTQYQRIENYMKSSEFENKQALLKRAKEEVGLLREHKIQTNRYTVKVQRELELDEL
ALRALKEDRKRFLCKAVENYINCLLSGEEHDMWVFRLCSLWLENSGVSEVNGMMKRDGMKIPTYKFLPLMYQLAARMGTK
MMGGLGFHEVLNNLISRISMDHPHHTLFIILALANANRDEFLTKPEVARRSRITKNVPKQSSQLDEDRTEAANRIICTIR
SRRPQMVRSVEALCDAYIILANLDATQWKTQRKGINIPADQPITKLKNLEDVVVPTMEIKVDHTGEYGNLVTIQSFKAEF
RLAGGVNLPKIIDCVGSDGKERRQLVKGRDDLRQDAVMQQVFQMCNTLLQRNTETRKRKLTICTYKVVPLSQRSGVLEWC
TGTVPIGEFLVNNEDGAHKRYRPNDFSAFQCQKKMMEVQKKSFEEKYEVFMDVCQNFQPVFRYFCMEKFLDPAIWFEKRL
AYTRSVATSSIVGYILGLGDRHVQNILINEQSAELVHIDLGVAFEQGKILPTPETVPFRLTRDIVDGMGITGVEGVFRRC
CEKTMEVMRNSQETLLTIVEVLLYDPLFDWTMNPLKALYLQQRPEDETELHPTLNADDQECKRNLSDIDQSFNKVAERVL
MRLQEKLKGVEEGTVLSVGGQVNLLIQQAIDPKNLSRLFPGWKAWV
;
_entity_poly.pdbx_strand_id   A,B
#
# COMPACT_ATOMS: atom_id res chain seq x y z
N HIS A 1546 -54.02 11.20 40.93
CA HIS A 1546 -53.44 10.42 42.02
C HIS A 1546 -53.78 8.94 41.86
N LEU A 1547 -54.48 8.60 40.79
CA LEU A 1547 -54.93 7.22 40.59
C LEU A 1547 -53.75 6.27 40.43
N HIS A 1548 -52.73 6.69 39.67
CA HIS A 1548 -51.59 5.82 39.43
C HIS A 1548 -50.83 5.53 40.72
N VAL A 1549 -50.67 6.55 41.57
CA VAL A 1549 -49.99 6.35 42.86
C VAL A 1549 -50.76 5.37 43.73
N ILE A 1550 -52.08 5.53 43.79
CA ILE A 1550 -52.91 4.64 44.61
C ILE A 1550 -52.81 3.21 44.10
N VAL A 1551 -52.89 3.03 42.77
CA VAL A 1551 -52.81 1.69 42.20
C VAL A 1551 -51.46 1.07 42.49
N GLY A 1552 -50.38 1.83 42.29
CA GLY A 1552 -49.05 1.31 42.55
C GLY A 1552 -48.81 0.97 44.00
N THR A 1553 -49.43 1.71 44.92
CA THR A 1553 -49.31 1.38 46.34
C THR A 1553 -50.13 0.15 46.69
N LEU A 1554 -51.31 0.01 46.08
CA LEU A 1554 -52.22 -1.08 46.44
C LEU A 1554 -51.79 -2.42 45.86
N ILE A 1555 -51.13 -2.42 44.69
CA ILE A 1555 -50.80 -3.68 44.03
C ILE A 1555 -49.98 -4.61 44.91
N PRO A 1556 -48.88 -4.18 45.55
CA PRO A 1556 -48.12 -5.13 46.39
C PRO A 1556 -48.90 -5.68 47.58
N LEU A 1557 -49.89 -4.94 48.08
CA LEU A 1557 -50.61 -5.36 49.28
C LEU A 1557 -51.51 -6.56 49.06
N VAL A 1558 -51.73 -6.97 47.80
CA VAL A 1558 -52.61 -8.11 47.54
C VAL A 1558 -52.02 -9.39 48.13
N TYR A 1559 -50.70 -9.56 48.02
CA TYR A 1559 -50.04 -10.79 48.44
C TYR A 1559 -49.83 -10.89 49.94
N GLU A 1560 -50.15 -9.83 50.70
CA GLU A 1560 -49.85 -9.83 52.13
C GLU A 1560 -50.67 -10.90 52.86
N GLN A 1561 -51.98 -10.89 52.68
CA GLN A 1561 -52.87 -11.86 53.32
C GLN A 1561 -54.28 -11.62 52.80
N VAL A 1562 -55.14 -12.63 52.98
CA VAL A 1562 -56.49 -12.59 52.41
C VAL A 1562 -57.31 -11.46 53.01
N GLU A 1563 -57.13 -11.20 54.31
CA GLU A 1563 -57.95 -10.20 54.99
C GLU A 1563 -57.77 -8.82 54.36
N VAL A 1564 -56.54 -8.44 54.08
CA VAL A 1564 -56.31 -7.19 53.36
C VAL A 1564 -56.43 -7.38 51.85
N GLN A 1565 -56.29 -8.61 51.36
CA GLN A 1565 -56.43 -8.86 49.93
C GLN A 1565 -57.84 -8.52 49.46
N LYS A 1566 -58.86 -8.89 50.24
CA LYS A 1566 -60.23 -8.59 49.84
C LYS A 1566 -60.46 -7.09 49.74
N GLN A 1567 -59.98 -6.33 50.73
CA GLN A 1567 -60.16 -4.88 50.71
C GLN A 1567 -59.42 -4.24 49.54
N VAL A 1568 -58.17 -4.64 49.32
CA VAL A 1568 -57.41 -4.07 48.21
C VAL A 1568 -58.07 -4.42 46.89
N LEU A 1569 -58.54 -5.66 46.74
CA LEU A 1569 -59.16 -6.11 45.49
C LEU A 1569 -60.44 -5.33 45.22
N ASP A 1570 -61.30 -5.17 46.22
CA ASP A 1570 -62.58 -4.49 45.95
C ASP A 1570 -62.36 -3.00 45.74
N LEU A 1571 -61.37 -2.41 46.43
CA LEU A 1571 -61.04 -1.00 46.17
C LEU A 1571 -60.55 -0.82 44.73
N LEU A 1572 -59.65 -1.71 44.28
CA LEU A 1572 -59.18 -1.63 42.90
C LEU A 1572 -60.31 -1.84 41.91
N LYS A 1573 -61.21 -2.79 42.19
CA LYS A 1573 -62.33 -3.04 41.31
C LYS A 1573 -63.24 -1.82 41.21
N TYR A 1574 -63.52 -1.17 42.33
CA TYR A 1574 -64.29 0.07 42.28
C TYR A 1574 -63.53 1.15 41.51
N LEU A 1575 -62.20 1.14 41.61
CA LEU A 1575 -61.41 2.17 40.94
C LEU A 1575 -61.45 2.02 39.42
N VAL A 1576 -61.29 0.81 38.91
CA VAL A 1576 -61.07 0.59 37.49
C VAL A 1576 -62.23 -0.13 36.81
N ILE A 1577 -62.83 -1.13 37.48
CA ILE A 1577 -63.78 -2.00 36.80
C ILE A 1577 -65.07 -1.25 36.48
N ASP A 1578 -65.77 -0.77 37.50
CA ASP A 1578 -67.07 -0.14 37.31
C ASP A 1578 -66.97 1.33 36.92
N ASN A 1579 -65.77 1.90 36.86
CA ASN A 1579 -65.58 3.29 36.50
C ASN A 1579 -65.28 3.49 35.02
N LYS A 1580 -65.31 2.42 34.22
CA LYS A 1580 -65.02 2.54 32.80
C LYS A 1580 -66.00 3.44 32.06
N ASP A 1581 -67.21 3.62 32.60
CA ASP A 1581 -68.18 4.49 31.95
C ASP A 1581 -67.76 5.96 32.06
N ASN A 1582 -67.01 6.30 33.10
CA ASN A 1582 -66.58 7.68 33.30
C ASN A 1582 -65.56 8.08 32.24
N GLU A 1583 -65.85 9.15 31.51
CA GLU A 1583 -64.96 9.61 30.46
C GLU A 1583 -63.74 10.36 31.01
N ASN A 1584 -63.88 10.98 32.19
CA ASN A 1584 -62.80 11.79 32.74
C ASN A 1584 -61.59 10.92 33.08
N LEU A 1585 -61.82 9.77 33.71
CA LEU A 1585 -60.76 8.89 34.16
C LEU A 1585 -60.44 7.78 33.17
N TYR A 1586 -61.09 7.78 32.00
CA TYR A 1586 -60.78 6.78 30.98
C TYR A 1586 -59.34 6.91 30.50
N ILE A 1587 -58.88 8.15 30.27
CA ILE A 1587 -57.51 8.36 29.84
C ILE A 1587 -56.53 7.96 30.93
N THR A 1588 -56.86 8.27 32.19
CA THR A 1588 -55.99 7.89 33.31
C THR A 1588 -55.86 6.38 33.42
N ILE A 1589 -56.97 5.65 33.23
CA ILE A 1589 -56.91 4.19 33.26
C ILE A 1589 -56.11 3.67 32.07
N LYS A 1590 -56.29 4.28 30.89
CA LYS A 1590 -55.54 3.85 29.71
C LYS A 1590 -54.05 4.00 29.92
N LEU A 1591 -53.62 5.13 30.48
CA LEU A 1591 -52.20 5.39 30.74
C LEU A 1591 -51.84 4.90 32.14
N LEU A 1592 -51.89 3.58 32.30
CA LEU A 1592 -51.63 2.95 33.58
C LEU A 1592 -50.75 1.72 33.38
N ASP A 1593 -50.04 1.34 34.43
CA ASP A 1593 -49.18 0.16 34.38
C ASP A 1593 -50.03 -1.09 34.25
N PRO A 1594 -49.69 -2.01 33.35
CA PRO A 1594 -50.42 -3.29 33.29
C PRO A 1594 -50.30 -4.06 34.60
N PHE A 1595 -51.39 -4.73 34.97
CA PHE A 1595 -51.41 -5.46 36.21
C PHE A 1595 -50.55 -6.73 36.11
N PRO A 1596 -49.99 -7.20 37.22
CA PRO A 1596 -49.20 -8.43 37.19
C PRO A 1596 -50.03 -9.62 36.71
N ASP A 1597 -49.39 -10.51 35.97
CA ASP A 1597 -50.07 -11.66 35.36
C ASP A 1597 -50.25 -12.74 36.43
N HIS A 1598 -51.42 -12.72 37.07
CA HIS A 1598 -51.76 -13.68 38.09
C HIS A 1598 -53.25 -13.97 38.03
N VAL A 1599 -53.66 -15.06 38.68
CA VAL A 1599 -55.06 -15.44 38.72
C VAL A 1599 -55.89 -14.40 39.46
N VAL A 1600 -55.30 -13.79 40.49
CA VAL A 1600 -56.02 -12.80 41.29
C VAL A 1600 -56.40 -11.59 40.44
N PHE A 1601 -55.53 -11.21 39.51
CA PHE A 1601 -55.70 -10.00 38.70
C PHE A 1601 -56.30 -10.28 37.33
N LYS A 1602 -56.87 -11.47 37.12
CA LYS A 1602 -57.32 -11.85 35.78
C LYS A 1602 -58.39 -10.90 35.25
N ASP A 1603 -59.41 -10.62 36.06
CA ASP A 1603 -60.46 -9.70 35.62
C ASP A 1603 -59.91 -8.30 35.41
N LEU A 1604 -59.05 -7.84 36.33
CA LEU A 1604 -58.44 -6.52 36.19
C LEU A 1604 -57.58 -6.45 34.93
N ARG A 1605 -56.80 -7.50 34.67
CA ARG A 1605 -55.98 -7.52 33.47
C ARG A 1605 -56.83 -7.50 32.21
N ILE A 1606 -57.93 -8.27 32.20
CA ILE A 1606 -58.79 -8.30 31.02
C ILE A 1606 -59.41 -6.93 30.78
N THR A 1607 -59.90 -6.29 31.84
CA THR A 1607 -60.49 -4.96 31.69
C THR A 1607 -59.45 -3.95 31.23
N GLN A 1608 -58.24 -4.00 31.79
CA GLN A 1608 -57.19 -3.07 31.38
C GLN A 1608 -56.81 -3.26 29.92
N GLN A 1609 -56.67 -4.51 29.48
CA GLN A 1609 -56.34 -4.76 28.07
C GLN A 1609 -57.46 -4.30 27.16
N LYS A 1610 -58.71 -4.53 27.55
CA LYS A 1610 -59.84 -4.09 26.73
C LYS A 1610 -59.88 -2.57 26.61
N ILE A 1611 -59.62 -1.87 27.72
CA ILE A 1611 -59.68 -0.41 27.71
C ILE A 1611 -58.51 0.16 26.90
N LYS A 1612 -57.30 -0.37 27.12
CA LYS A 1612 -56.12 0.19 26.48
C LYS A 1612 -56.12 -0.05 24.97
N TYR A 1613 -56.46 -1.27 24.55
CA TYR A 1613 -56.38 -1.66 23.15
C TYR A 1613 -57.62 -1.26 22.35
N SER A 1614 -58.41 -0.31 22.85
CA SER A 1614 -59.52 0.20 22.06
C SER A 1614 -59.01 1.00 20.88
N ARG A 1615 -59.89 1.19 19.89
CA ARG A 1615 -59.63 1.94 18.67
C ARG A 1615 -58.54 1.32 17.81
N GLY A 1616 -58.19 0.06 18.03
CA GLY A 1616 -57.20 -0.61 17.22
C GLY A 1616 -56.04 -1.15 18.02
N PRO A 1617 -55.25 -2.04 17.42
CA PRO A 1617 -54.08 -2.59 18.11
C PRO A 1617 -52.92 -1.60 18.12
N PHE A 1618 -51.83 -2.04 18.75
CA PHE A 1618 -50.63 -1.23 18.90
C PHE A 1618 -49.48 -1.84 18.13
N SER A 1619 -48.70 -0.99 17.47
CA SER A 1619 -47.46 -1.41 16.84
C SER A 1619 -46.30 -1.26 17.82
N LEU A 1620 -45.09 -1.62 17.39
CA LEU A 1620 -43.94 -1.51 18.26
C LEU A 1620 -43.67 -0.07 18.65
N LEU A 1621 -43.75 0.85 17.69
CA LEU A 1621 -43.56 2.26 17.99
C LEU A 1621 -44.62 2.77 18.96
N GLU A 1622 -45.88 2.38 18.73
CA GLU A 1622 -46.94 2.78 19.65
C GLU A 1622 -46.76 2.16 21.02
N GLU A 1623 -46.29 0.91 21.09
CA GLU A 1623 -46.03 0.29 22.37
C GLU A 1623 -44.93 1.03 23.14
N ILE A 1624 -43.85 1.41 22.46
CA ILE A 1624 -42.78 2.13 23.12
C ILE A 1624 -43.24 3.53 23.56
N ASN A 1625 -44.04 4.19 22.71
CA ASN A 1625 -44.58 5.50 23.09
C ASN A 1625 -45.48 5.39 24.32
N HIS A 1626 -46.32 4.35 24.37
CA HIS A 1626 -47.16 4.14 25.54
C HIS A 1626 -46.31 3.86 26.78
N PHE A 1627 -45.25 3.07 26.62
CA PHE A 1627 -44.37 2.80 27.75
C PHE A 1627 -43.73 4.08 28.27
N LEU A 1628 -43.26 4.94 27.37
CA LEU A 1628 -42.66 6.19 27.80
C LEU A 1628 -43.69 7.12 28.44
N SER A 1629 -44.91 7.16 27.89
CA SER A 1629 -45.95 8.00 28.47
C SER A 1629 -46.32 7.54 29.87
N VAL A 1630 -46.37 6.23 30.10
CA VAL A 1630 -46.54 5.72 31.46
C VAL A 1630 -45.35 6.10 32.32
N SER A 1631 -44.14 6.03 31.74
CA SER A 1631 -42.92 6.39 32.45
C SER A 1631 -42.82 7.87 32.77
N VAL A 1632 -43.70 8.71 32.20
CA VAL A 1632 -43.68 10.14 32.51
C VAL A 1632 -43.80 10.36 34.01
N TYR A 1633 -44.72 9.66 34.66
CA TYR A 1633 -44.87 9.70 36.11
C TYR A 1633 -44.63 8.31 36.67
N ASP A 1634 -43.62 8.19 37.53
CA ASP A 1634 -43.24 6.92 38.14
C ASP A 1634 -43.05 7.12 39.63
N ALA A 1635 -43.98 6.59 40.43
CA ALA A 1635 -43.85 6.69 41.89
C ALA A 1635 -42.66 5.86 42.38
N LEU A 1636 -42.60 4.60 41.98
CA LEU A 1636 -41.53 3.69 42.38
C LEU A 1636 -41.12 2.85 41.19
N PRO A 1637 -39.84 2.45 41.12
CA PRO A 1637 -39.39 1.63 39.98
C PRO A 1637 -40.02 0.25 39.96
N LEU A 1638 -40.30 -0.34 41.13
CA LEU A 1638 -40.79 -1.71 41.20
C LEU A 1638 -42.17 -1.87 40.56
N THR A 1639 -42.97 -0.80 40.48
CA THR A 1639 -44.28 -0.89 39.86
C THR A 1639 -44.21 -1.05 38.35
N ARG A 1640 -43.04 -0.92 37.74
CA ARG A 1640 -42.87 -0.97 36.30
C ARG A 1640 -42.47 -2.34 35.79
N LEU A 1641 -42.47 -3.36 36.65
CA LEU A 1641 -41.94 -4.66 36.27
C LEU A 1641 -42.76 -5.31 35.17
N GLU A 1642 -44.09 -5.29 35.30
CA GLU A 1642 -44.95 -5.91 34.30
C GLU A 1642 -44.86 -5.17 32.98
N GLY A 1643 -44.81 -3.83 33.02
CA GLY A 1643 -44.61 -3.07 31.81
C GLY A 1643 -43.29 -3.37 31.14
N LEU A 1644 -42.24 -3.55 31.95
CA LEU A 1644 -40.93 -3.92 31.40
C LEU A 1644 -40.99 -5.28 30.71
N LYS A 1645 -41.65 -6.25 31.33
CA LYS A 1645 -41.76 -7.57 30.72
C LYS A 1645 -42.55 -7.51 29.42
N ASP A 1646 -43.65 -6.76 29.41
CA ASP A 1646 -44.44 -6.62 28.20
C ASP A 1646 -43.64 -5.92 27.10
N LEU A 1647 -42.87 -4.90 27.45
CA LEU A 1647 -42.04 -4.21 26.48
C LEU A 1647 -40.98 -5.14 25.91
N ARG A 1648 -40.36 -5.96 26.77
CA ARG A 1648 -39.37 -6.93 26.29
C ARG A 1648 -40.00 -7.92 25.33
N ARG A 1649 -41.20 -8.42 25.65
CA ARG A 1649 -41.88 -9.36 24.76
C ARG A 1649 -42.20 -8.70 23.42
N GLN A 1650 -42.69 -7.46 23.45
CA GLN A 1650 -42.99 -6.76 22.20
C GLN A 1650 -41.74 -6.53 21.38
N LEU A 1651 -40.64 -6.16 22.03
CA LEU A 1651 -39.39 -5.91 21.31
C LEU A 1651 -38.86 -7.19 20.67
N GLU A 1652 -38.91 -8.31 21.41
CA GLU A 1652 -38.41 -9.57 20.86
C GLU A 1652 -39.33 -10.15 19.80
N LEU A 1653 -40.63 -9.80 19.82
CA LEU A 1653 -41.54 -10.33 18.84
C LEU A 1653 -41.35 -9.68 17.47
N HIS A 1654 -41.13 -8.37 17.44
CA HIS A 1654 -41.03 -7.61 16.19
C HIS A 1654 -39.69 -6.89 16.13
N LYS A 1655 -38.88 -7.22 15.12
CA LYS A 1655 -37.64 -6.50 14.86
C LYS A 1655 -37.61 -5.83 13.50
N ASP A 1656 -38.43 -6.28 12.56
CA ASP A 1656 -38.59 -5.53 11.31
C ASP A 1656 -39.21 -4.17 11.57
N GLN A 1657 -40.16 -4.09 12.49
CA GLN A 1657 -40.67 -2.78 12.91
C GLN A 1657 -39.60 -1.96 13.59
N MET A 1658 -38.63 -2.62 14.25
CA MET A 1658 -37.49 -1.90 14.89
C MET A 1658 -36.60 -1.35 13.78
N VAL A 1659 -36.42 -2.08 12.68
CA VAL A 1659 -35.67 -1.57 11.54
C VAL A 1659 -36.39 -0.37 10.94
N ASP A 1660 -37.71 -0.46 10.81
CA ASP A 1660 -38.48 0.66 10.28
C ASP A 1660 -38.36 1.89 11.18
N ILE A 1661 -38.39 1.69 12.50
CA ILE A 1661 -38.25 2.80 13.43
C ILE A 1661 -36.89 3.45 13.29
N MET A 1662 -35.84 2.62 13.20
CA MET A 1662 -34.48 3.15 13.04
C MET A 1662 -34.35 3.93 11.74
N ARG A 1663 -34.95 3.43 10.66
CA ARG A 1663 -34.91 4.15 9.40
C ARG A 1663 -35.66 5.47 9.49
N ALA A 1664 -36.81 5.48 10.16
CA ALA A 1664 -37.59 6.71 10.29
C ALA A 1664 -36.86 7.75 11.14
N SER A 1665 -36.14 7.30 12.17
CA SER A 1665 -35.44 8.21 13.06
C SER A 1665 -34.10 8.68 12.50
N GLN A 1666 -33.74 8.28 11.29
CA GLN A 1666 -32.45 8.65 10.71
C GLN A 1666 -32.35 10.16 10.50
N ASP A 1667 -33.45 10.80 10.09
CA ASP A 1667 -33.41 12.22 9.77
C ASP A 1667 -33.05 13.06 11.00
N ASN A 1668 -33.60 12.73 12.15
CA ASN A 1668 -33.33 13.44 13.40
C ASN A 1668 -32.91 12.43 14.45
N PRO A 1669 -31.63 12.02 14.44
CA PRO A 1669 -31.18 11.02 15.41
C PRO A 1669 -31.32 11.46 16.85
N GLN A 1670 -31.27 12.77 17.12
CA GLN A 1670 -31.38 13.24 18.50
C GLN A 1670 -32.74 12.90 19.10
N ASP A 1671 -33.81 13.01 18.31
CA ASP A 1671 -35.15 12.66 18.74
C ASP A 1671 -35.47 11.19 18.48
N GLY A 1672 -34.47 10.34 18.40
CA GLY A 1672 -34.72 8.93 18.14
C GLY A 1672 -35.46 8.26 19.28
N ILE A 1673 -36.39 7.37 18.92
CA ILE A 1673 -37.17 6.67 19.94
C ILE A 1673 -36.32 5.67 20.70
N MET A 1674 -35.43 4.97 19.99
CA MET A 1674 -34.66 3.87 20.62
C MET A 1674 -33.66 4.40 21.65
N VAL A 1675 -32.95 5.48 21.36
CA VAL A 1675 -32.01 6.04 22.33
C VAL A 1675 -32.76 6.63 23.52
N LYS A 1676 -33.94 7.24 23.27
CA LYS A 1676 -34.76 7.74 24.35
C LYS A 1676 -35.22 6.61 25.26
N LEU A 1677 -35.63 5.49 24.68
CA LEU A 1677 -36.03 4.34 25.48
C LEU A 1677 -34.86 3.79 26.29
N VAL A 1678 -33.67 3.74 25.67
CA VAL A 1678 -32.50 3.21 26.37
C VAL A 1678 -32.14 4.10 27.56
N VAL A 1679 -32.13 5.42 27.36
CA VAL A 1679 -31.79 6.30 28.47
C VAL A 1679 -32.89 6.30 29.54
N ASN A 1680 -34.15 6.14 29.13
CA ASN A 1680 -35.22 6.02 30.12
C ASN A 1680 -35.06 4.76 30.96
N LEU A 1681 -34.71 3.64 30.34
CA LEU A 1681 -34.48 2.41 31.08
C LEU A 1681 -33.29 2.55 32.02
N LEU A 1682 -32.23 3.22 31.56
CA LEU A 1682 -31.06 3.42 32.41
C LEU A 1682 -31.39 4.30 33.61
N GLN A 1683 -32.17 5.37 33.40
CA GLN A 1683 -32.59 6.21 34.51
C GLN A 1683 -33.49 5.43 35.49
N LEU A 1684 -34.39 4.60 34.96
CA LEU A 1684 -35.24 3.79 35.82
C LEU A 1684 -34.41 2.83 36.66
N SER A 1685 -33.39 2.20 36.06
CA SER A 1685 -32.51 1.33 36.83
C SER A 1685 -31.70 2.11 37.85
N LYS A 1686 -31.32 3.35 37.53
CA LYS A 1686 -30.64 4.20 38.50
C LYS A 1686 -31.54 4.47 39.71
N MET A 1687 -32.82 4.74 39.46
CA MET A 1687 -33.75 5.04 40.55
C MET A 1687 -34.08 3.79 41.37
N ALA A 1688 -33.75 2.61 40.89
CA ALA A 1688 -34.08 1.37 41.59
C ALA A 1688 -32.97 0.90 42.53
N ILE A 1689 -31.85 1.62 42.60
CA ILE A 1689 -30.75 1.21 43.45
C ILE A 1689 -31.13 1.39 44.92
N ASN A 1690 -30.79 0.40 45.74
CA ASN A 1690 -31.04 0.42 47.17
C ASN A 1690 -32.53 0.52 47.49
N HIS A 1691 -33.29 -0.46 46.96
CA HIS A 1691 -34.72 -0.56 47.23
C HIS A 1691 -35.08 -2.03 47.34
N THR A 1692 -36.35 -2.29 47.67
CA THR A 1692 -36.80 -3.67 47.90
C THR A 1692 -36.70 -4.51 46.64
N GLY A 1693 -37.13 -3.96 45.51
CA GLY A 1693 -37.13 -4.70 44.26
C GLY A 1693 -36.00 -4.35 43.33
N GLU A 1694 -34.79 -4.20 43.89
CA GLU A 1694 -33.65 -3.77 43.09
C GLU A 1694 -33.32 -4.79 42.01
N LYS A 1695 -33.16 -6.06 42.39
CA LYS A 1695 -32.71 -7.07 41.43
C LYS A 1695 -33.80 -7.40 40.40
N GLU A 1696 -35.07 -7.39 40.81
CA GLU A 1696 -36.13 -7.69 39.87
C GLU A 1696 -36.21 -6.65 38.76
N VAL A 1697 -36.08 -5.37 39.12
CA VAL A 1697 -36.11 -4.31 38.12
C VAL A 1697 -34.86 -4.37 37.24
N LEU A 1698 -33.70 -4.63 37.86
CA LEU A 1698 -32.45 -4.68 37.09
C LEU A 1698 -32.48 -5.81 36.06
N GLU A 1699 -33.01 -6.98 36.44
CA GLU A 1699 -33.09 -8.09 35.51
C GLU A 1699 -34.00 -7.76 34.33
N ALA A 1700 -35.15 -7.14 34.59
CA ALA A 1700 -36.06 -6.78 33.51
C ALA A 1700 -35.44 -5.72 32.61
N VAL A 1701 -34.74 -4.75 33.18
CA VAL A 1701 -34.08 -3.72 32.37
C VAL A 1701 -33.01 -4.36 31.50
N GLY A 1702 -32.22 -5.27 32.06
CA GLY A 1702 -31.18 -5.97 31.27
C GLY A 1702 -31.80 -6.84 30.20
N SER A 1703 -32.95 -7.45 30.50
CA SER A 1703 -33.67 -8.30 29.53
C SER A 1703 -34.12 -7.46 28.33
N CYS A 1704 -34.62 -6.26 28.57
CA CYS A 1704 -35.13 -5.38 27.49
C CYS A 1704 -33.96 -4.74 26.74
N LEU A 1705 -32.89 -4.36 27.45
CA LEU A 1705 -31.73 -3.81 26.74
C LEU A 1705 -31.01 -4.85 25.90
N GLY A 1706 -31.14 -6.13 26.24
CA GLY A 1706 -30.54 -7.17 25.41
C GLY A 1706 -31.18 -7.27 24.04
N GLU A 1707 -32.44 -6.85 23.92
CA GLU A 1707 -33.12 -6.93 22.64
C GLU A 1707 -32.59 -5.87 21.66
N VAL A 1708 -32.42 -4.65 22.13
CA VAL A 1708 -31.98 -3.57 21.23
C VAL A 1708 -30.53 -3.78 20.82
N GLY A 1709 -29.66 -4.11 21.78
CA GLY A 1709 -28.27 -4.32 21.49
C GLY A 1709 -27.54 -3.03 21.16
N PRO A 1710 -26.29 -3.15 20.70
CA PRO A 1710 -25.47 -1.96 20.39
C PRO A 1710 -25.79 -1.37 19.02
N ILE A 1711 -27.01 -0.86 18.88
CA ILE A 1711 -27.41 -0.20 17.65
C ILE A 1711 -26.73 1.16 17.57
N ASP A 1712 -26.27 1.53 16.37
CA ASP A 1712 -25.69 2.85 16.15
C ASP A 1712 -26.79 3.89 16.16
N PHE A 1713 -26.85 4.69 17.23
CA PHE A 1713 -27.90 5.67 17.40
C PHE A 1713 -27.60 7.01 16.73
N SER A 1714 -26.39 7.18 16.19
CA SER A 1714 -25.98 8.42 15.52
C SER A 1714 -26.05 9.63 16.44
N THR A 1715 -25.86 9.42 17.74
CA THR A 1715 -25.84 10.50 18.71
C THR A 1715 -24.65 10.29 19.65
N ILE A 1716 -24.17 11.40 20.20
CA ILE A 1716 -23.00 11.36 21.09
C ILE A 1716 -23.39 11.91 22.46
N ALA A 1717 -24.39 12.78 22.49
CA ALA A 1717 -24.83 13.44 23.72
C ALA A 1717 -26.15 12.84 24.17
N ILE A 1718 -26.21 12.42 25.43
CA ILE A 1718 -27.43 11.89 26.01
C ILE A 1718 -28.30 13.05 26.48
N GLN A 1719 -29.53 13.10 25.99
CA GLN A 1719 -30.47 14.16 26.34
C GLN A 1719 -31.50 13.61 27.32
N HIS A 1720 -31.40 14.02 28.58
CA HIS A 1720 -32.35 13.60 29.59
C HIS A 1720 -33.71 14.25 29.34
N SER A 1721 -34.77 13.53 29.68
CA SER A 1721 -36.12 14.05 29.49
C SER A 1721 -36.36 15.26 30.36
N LYS A 1722 -36.98 16.28 29.77
CA LYS A 1722 -37.29 17.53 30.46
C LYS A 1722 -38.77 17.85 30.29
N ASP A 1723 -39.39 18.37 31.34
CA ASP A 1723 -40.82 18.69 31.30
C ASP A 1723 -41.06 19.84 30.34
N ALA A 1724 -42.05 19.66 29.45
CA ALA A 1724 -42.38 20.71 28.49
C ALA A 1724 -43.18 21.83 29.14
N SER A 1725 -44.04 21.49 30.11
CA SER A 1725 -44.84 22.52 30.78
C SER A 1725 -43.95 23.44 31.62
N TYR A 1726 -42.90 22.88 32.23
CA TYR A 1726 -42.00 23.70 33.04
C TYR A 1726 -41.32 24.78 32.20
N THR A 1727 -40.84 24.41 31.02
CA THR A 1727 -40.18 25.38 30.15
C THR A 1727 -41.15 26.46 29.69
N LYS A 1728 -42.37 26.08 29.33
CA LYS A 1728 -43.37 27.07 28.92
C LYS A 1728 -43.71 28.02 30.06
N ALA A 1729 -43.87 27.48 31.27
CA ALA A 1729 -44.17 28.32 32.42
C ALA A 1729 -43.03 29.28 32.71
N LEU A 1730 -41.78 28.80 32.59
CA LEU A 1730 -40.64 29.70 32.75
C LEU A 1730 -40.64 30.78 31.69
N LYS A 1731 -40.97 30.42 30.45
CA LYS A 1731 -41.03 31.40 29.37
C LYS A 1731 -42.12 32.44 29.60
N LEU A 1732 -43.19 32.05 30.32
CA LEU A 1732 -44.27 32.98 30.58
C LEU A 1732 -43.80 34.19 31.38
N PHE A 1733 -42.97 33.97 32.40
CA PHE A 1733 -42.48 35.07 33.23
C PHE A 1733 -41.32 35.77 32.53
N GLU A 1734 -41.41 37.10 32.45
CA GLU A 1734 -40.37 37.91 31.82
C GLU A 1734 -39.48 38.61 32.83
N ASP A 1735 -39.77 38.53 34.12
CA ASP A 1735 -38.98 39.18 35.15
C ASP A 1735 -38.19 38.14 35.92
N LYS A 1736 -36.95 38.49 36.27
CA LYS A 1736 -36.07 37.55 36.96
C LYS A 1736 -36.63 37.18 38.33
N GLU A 1737 -37.17 38.15 39.06
CA GLU A 1737 -37.69 37.89 40.40
C GLU A 1737 -38.90 36.96 40.35
N LEU A 1738 -39.75 37.12 39.33
CA LEU A 1738 -40.94 36.28 39.23
C LEU A 1738 -40.58 34.82 38.97
N GLN A 1739 -39.55 34.57 38.15
CA GLN A 1739 -39.13 33.21 37.86
C GLN A 1739 -38.64 32.51 39.12
N TRP A 1740 -37.89 33.22 39.96
CA TRP A 1740 -37.44 32.64 41.23
C TRP A 1740 -38.64 32.26 42.09
N THR A 1741 -39.65 33.13 42.15
CA THR A 1741 -40.85 32.83 42.92
C THR A 1741 -41.54 31.58 42.39
N PHE A 1742 -41.67 31.48 41.05
CA PHE A 1742 -42.32 30.30 40.47
C PHE A 1742 -41.55 29.03 40.81
N ILE A 1743 -40.22 29.07 40.66
CA ILE A 1743 -39.42 27.87 40.92
C ILE A 1743 -39.50 27.48 42.40
N MET A 1744 -39.40 28.45 43.30
CA MET A 1744 -39.46 28.15 44.72
C MET A 1744 -40.83 27.60 45.11
N LEU A 1745 -41.91 28.18 44.58
CA LEU A 1745 -43.23 27.69 44.92
C LEU A 1745 -43.47 26.30 44.36
N THR A 1746 -42.95 26.01 43.15
CA THR A 1746 -43.06 24.66 42.62
C THR A 1746 -42.30 23.67 43.49
N TYR A 1747 -41.11 24.04 43.94
CA TYR A 1747 -40.33 23.16 44.82
C TYR A 1747 -41.06 22.91 46.13
N LEU A 1748 -41.66 23.96 46.72
CA LEU A 1748 -42.40 23.79 47.96
C LEU A 1748 -43.63 22.92 47.76
N ASN A 1749 -44.34 23.10 46.64
CA ASN A 1749 -45.50 22.27 46.37
C ASN A 1749 -45.11 20.80 46.22
N ASN A 1750 -43.99 20.53 45.55
CA ASN A 1750 -43.51 19.16 45.47
C ASN A 1750 -43.10 18.63 46.84
N THR A 1751 -42.52 19.49 47.68
CA THR A 1751 -42.10 19.07 49.01
C THR A 1751 -43.30 18.74 49.90
N LEU A 1752 -44.44 19.41 49.67
CA LEU A 1752 -45.63 19.16 50.47
C LEU A 1752 -46.01 17.69 50.51
N VAL A 1753 -45.79 16.97 49.40
CA VAL A 1753 -46.18 15.57 49.33
C VAL A 1753 -45.22 14.66 50.09
N GLU A 1754 -44.04 15.17 50.47
CA GLU A 1754 -43.02 14.34 51.10
C GLU A 1754 -43.50 13.83 52.46
N ASP A 1755 -42.94 12.69 52.87
CA ASP A 1755 -43.42 11.99 54.06
C ASP A 1755 -43.09 12.75 55.33
N CYS A 1756 -41.90 13.35 55.40
CA CYS A 1756 -41.45 14.00 56.62
C CYS A 1756 -42.39 15.12 57.03
N VAL A 1757 -42.78 15.13 58.31
CA VAL A 1757 -43.71 16.13 58.80
C VAL A 1757 -43.00 17.46 59.07
N LYS A 1758 -41.71 17.41 59.44
CA LYS A 1758 -40.97 18.63 59.72
C LYS A 1758 -40.85 19.51 58.49
N VAL A 1759 -40.61 18.91 57.33
CA VAL A 1759 -40.44 19.70 56.11
C VAL A 1759 -41.78 20.27 55.63
N ARG A 1760 -42.89 19.61 55.98
CA ARG A 1760 -44.20 20.10 55.55
C ARG A 1760 -44.55 21.41 56.26
N SER A 1761 -44.26 21.52 57.55
CA SER A 1761 -44.52 22.77 58.27
C SER A 1761 -43.68 23.91 57.71
N ALA A 1762 -42.40 23.66 57.44
CA ALA A 1762 -41.56 24.67 56.83
C ALA A 1762 -42.07 25.07 55.46
N ALA A 1763 -42.51 24.08 54.67
CA ALA A 1763 -43.02 24.36 53.33
C ALA A 1763 -44.26 25.23 53.38
N VAL A 1764 -45.21 24.91 54.26
CA VAL A 1764 -46.44 25.70 54.33
C VAL A 1764 -46.14 27.09 54.88
N THR A 1765 -45.22 27.21 55.84
CA THR A 1765 -44.84 28.51 56.34
C THR A 1765 -44.22 29.38 55.25
N CYS A 1766 -43.33 28.78 54.45
CA CYS A 1766 -42.71 29.52 53.35
C CYS A 1766 -43.74 29.90 52.30
N LEU A 1767 -44.68 29.00 52.00
CA LEU A 1767 -45.73 29.31 51.03
C LEU A 1767 -46.57 30.50 51.51
N LYS A 1768 -46.98 30.48 52.78
CA LYS A 1768 -47.78 31.57 53.31
C LYS A 1768 -47.01 32.88 53.31
N ASN A 1769 -45.72 32.84 53.66
CA ASN A 1769 -44.92 34.05 53.67
C ASN A 1769 -44.74 34.61 52.26
N ILE A 1770 -44.46 33.74 51.29
CA ILE A 1770 -44.19 34.20 49.93
C ILE A 1770 -45.45 34.74 49.27
N LEU A 1771 -46.57 34.01 49.40
CA LEU A 1771 -47.79 34.42 48.72
C LEU A 1771 -48.39 35.70 49.30
N ALA A 1772 -48.01 36.08 50.53
CA ALA A 1772 -48.54 37.30 51.12
C ALA A 1772 -47.89 38.54 50.53
N THR A 1773 -46.64 38.42 50.07
CA THR A 1773 -45.90 39.59 49.61
C THR A 1773 -46.43 40.06 48.25
N LYS A 1774 -45.96 41.24 47.84
CA LYS A 1774 -46.36 41.80 46.56
C LYS A 1774 -45.86 40.95 45.40
N THR A 1775 -44.67 40.39 45.53
CA THR A 1775 -44.14 39.51 44.50
C THR A 1775 -45.03 38.29 44.31
N GLY A 1776 -45.52 37.71 45.42
CA GLY A 1776 -46.44 36.59 45.31
C GLY A 1776 -47.75 36.98 44.63
N HIS A 1777 -48.26 38.17 44.94
CA HIS A 1777 -49.48 38.64 44.29
C HIS A 1777 -49.28 38.81 42.79
N SER A 1778 -48.14 39.39 42.39
CA SER A 1778 -47.85 39.53 40.96
C SER A 1778 -47.71 38.18 40.29
N PHE A 1779 -47.04 37.24 40.96
CA PHE A 1779 -46.89 35.89 40.41
C PHE A 1779 -48.23 35.23 40.21
N TRP A 1780 -49.12 35.33 41.20
CA TRP A 1780 -50.44 34.72 41.06
C TRP A 1780 -51.26 35.40 39.97
N GLU A 1781 -51.16 36.73 39.86
CA GLU A 1781 -51.88 37.43 38.80
C GLU A 1781 -51.39 36.98 37.43
N ILE A 1782 -50.09 36.76 37.27
CA ILE A 1782 -49.56 36.29 36.00
C ILE A 1782 -49.97 34.85 35.73
N TYR A 1783 -49.93 34.00 36.75
CA TYR A 1783 -50.01 32.56 36.56
C TYR A 1783 -51.42 31.99 36.71
N LYS A 1784 -52.40 32.79 37.12
CA LYS A 1784 -53.75 32.26 37.31
C LYS A 1784 -54.42 31.86 36.01
N MET A 1785 -53.99 32.44 34.88
CA MET A 1785 -54.61 32.09 33.60
C MET A 1785 -54.26 30.66 33.18
N THR A 1786 -53.11 30.15 33.61
CA THR A 1786 -52.69 28.82 33.20
C THR A 1786 -53.51 27.74 33.92
N THR A 1787 -53.42 26.52 33.40
CA THR A 1787 -54.11 25.36 33.96
C THR A 1787 -53.07 24.44 34.59
N ASP A 1788 -53.09 24.33 35.92
CA ASP A 1788 -52.14 23.50 36.63
C ASP A 1788 -52.72 23.16 37.99
N PRO A 1789 -52.56 21.92 38.47
CA PRO A 1789 -53.09 21.58 39.80
C PRO A 1789 -52.47 22.38 40.94
N MET A 1790 -51.28 22.96 40.74
CA MET A 1790 -50.67 23.77 41.78
C MET A 1790 -51.52 24.99 42.11
N LEU A 1791 -52.27 25.50 41.14
CA LEU A 1791 -53.17 26.61 41.40
C LEU A 1791 -54.23 26.22 42.42
N ALA A 1792 -54.83 25.04 42.25
CA ALA A 1792 -55.83 24.56 43.20
C ALA A 1792 -55.20 24.21 44.54
N TYR A 1793 -53.98 23.65 44.52
CA TYR A 1793 -53.35 23.23 45.77
C TYR A 1793 -52.95 24.42 46.62
N LEU A 1794 -52.60 25.56 46.01
CA LEU A 1794 -52.14 26.73 46.74
C LEU A 1794 -53.26 27.73 47.03
N GLN A 1795 -54.50 27.41 46.68
CA GLN A 1795 -55.60 28.34 46.93
C GLN A 1795 -55.81 28.63 48.42
N PRO A 1796 -55.87 27.64 49.32
CA PRO A 1796 -56.08 27.98 50.75
C PRO A 1796 -54.99 28.85 51.34
N PHE A 1797 -53.74 28.68 50.90
CA PHE A 1797 -52.65 29.46 51.48
C PHE A 1797 -52.68 30.91 51.02
N ARG A 1798 -53.17 31.16 49.80
CA ARG A 1798 -53.27 32.54 49.32
C ARG A 1798 -54.43 33.25 50.02
N THR A 1799 -54.13 34.38 50.65
CA THR A 1799 -55.12 35.14 51.39
C THR A 1799 -55.06 36.60 50.95
N SER A 1800 -56.18 37.30 51.12
CA SER A 1800 -56.30 38.70 50.76
C SER A 1800 -56.14 39.56 52.01
N ARG A 1801 -55.18 40.48 51.98
CA ARG A 1801 -54.93 41.39 53.09
C ARG A 1801 -54.78 42.80 52.55
N LYS A 1802 -55.06 43.79 53.41
CA LYS A 1802 -54.98 45.18 53.00
C LYS A 1802 -53.56 45.58 52.61
N LYS A 1803 -52.58 45.12 53.39
CA LYS A 1803 -51.17 45.45 53.15
C LYS A 1803 -50.38 44.18 52.86
N PHE A 1804 -49.54 44.24 51.84
CA PHE A 1804 -48.66 43.12 51.54
C PHE A 1804 -47.65 42.92 52.66
N LEU A 1805 -47.31 41.66 52.92
CA LEU A 1805 -46.30 41.37 53.93
C LEU A 1805 -44.96 41.95 53.52
N GLU A 1806 -44.31 42.65 54.44
CA GLU A 1806 -43.04 43.31 54.18
C GLU A 1806 -41.95 42.65 55.01
N VAL A 1807 -40.83 42.35 54.38
CA VAL A 1807 -39.69 41.74 55.07
C VAL A 1807 -38.87 42.84 55.74
N PRO A 1808 -38.59 42.74 57.03
CA PRO A 1808 -37.75 43.76 57.69
C PRO A 1808 -36.30 43.66 57.26
N ARG A 1809 -35.84 44.61 56.45
CA ARG A 1809 -34.46 44.59 55.97
C ARG A 1809 -33.51 44.97 57.10
N PHE A 1810 -32.58 44.08 57.41
CA PHE A 1810 -31.60 44.29 58.48
C PHE A 1810 -30.22 44.37 57.86
N ASP A 1811 -29.52 45.46 58.14
CA ASP A 1811 -28.18 45.71 57.61
C ASP A 1811 -27.19 45.74 58.76
N LYS A 1812 -26.18 44.89 58.69
CA LYS A 1812 -25.13 44.87 59.71
C LYS A 1812 -24.07 45.92 59.39
N GLU A 1813 -23.19 46.15 60.36
CA GLU A 1813 -22.11 47.11 60.17
C GLU A 1813 -21.17 46.65 59.05
N ASN A 1814 -20.82 45.37 59.04
CA ASN A 1814 -19.95 44.79 58.02
C ASN A 1814 -20.62 43.55 57.44
N PRO A 1815 -21.34 43.68 56.33
CA PRO A 1815 -22.01 42.50 55.74
C PRO A 1815 -21.03 41.43 55.26
N PHE A 1816 -19.77 41.78 55.01
CA PHE A 1816 -18.82 40.85 54.45
C PHE A 1816 -18.13 39.96 55.48
N GLU A 1817 -18.33 40.23 56.78
CA GLU A 1817 -17.61 39.46 57.79
C GLU A 1817 -18.07 38.01 57.84
N GLY A 1818 -19.35 37.75 57.58
CA GLY A 1818 -19.85 36.38 57.66
C GLY A 1818 -19.29 35.48 56.58
N LEU A 1819 -19.12 36.01 55.37
CA LEU A 1819 -18.67 35.22 54.23
C LEU A 1819 -17.18 35.34 53.97
N ASP A 1820 -16.42 35.94 54.89
CA ASP A 1820 -14.99 36.09 54.73
C ASP A 1820 -14.19 34.95 55.36
N ASP A 1821 -14.87 33.94 55.91
CA ASP A 1821 -14.19 32.85 56.59
C ASP A 1821 -13.76 31.79 55.57
N ILE A 1822 -12.48 31.41 55.62
CA ILE A 1822 -11.98 30.38 54.72
C ILE A 1822 -12.56 29.02 55.08
N ASN A 1823 -12.75 28.76 56.37
CA ASN A 1823 -13.32 27.48 56.80
C ASN A 1823 -14.76 27.32 56.34
N LEU A 1824 -15.49 28.44 56.22
CA LEU A 1824 -16.88 28.37 55.80
C LEU A 1824 -17.00 27.88 54.36
N TRP A 1825 -16.10 28.30 53.49
CA TRP A 1825 -16.22 27.99 52.07
C TRP A 1825 -15.68 26.60 51.74
N ILE A 1826 -14.59 26.20 52.38
CA ILE A 1826 -13.95 24.91 52.11
C ILE A 1826 -14.32 23.95 53.22
N PRO A 1827 -15.13 22.93 52.96
CA PRO A 1827 -15.51 21.98 54.00
C PRO A 1827 -14.45 20.90 54.17
N LEU A 1828 -14.77 19.92 55.02
CA LEU A 1828 -13.93 18.75 55.21
C LEU A 1828 -14.28 17.69 54.17
N SER A 1829 -13.68 16.50 54.31
CA SER A 1829 -13.99 15.40 53.40
C SER A 1829 -15.45 14.99 53.55
N GLU A 1830 -15.94 14.89 54.78
CA GLU A 1830 -17.32 14.57 55.07
C GLU A 1830 -18.06 15.84 55.50
N ASN A 1831 -19.30 15.67 55.95
CA ASN A 1831 -20.13 16.78 56.45
C ASN A 1831 -20.43 17.78 55.36
N HIS A 1832 -20.94 17.29 54.23
CA HIS A 1832 -21.35 18.18 53.14
C HIS A 1832 -22.66 18.88 53.46
N ASP A 1833 -23.58 18.18 54.13
CA ASP A 1833 -24.89 18.75 54.42
C ASP A 1833 -24.77 19.95 55.35
N ILE A 1834 -24.01 19.81 56.44
CA ILE A 1834 -23.86 20.93 57.35
C ILE A 1834 -23.11 22.07 56.68
N TRP A 1835 -22.16 21.74 55.79
CA TRP A 1835 -21.42 22.80 55.08
C TRP A 1835 -22.36 23.62 54.20
N ILE A 1836 -23.18 22.95 53.40
CA ILE A 1836 -24.05 23.69 52.49
C ILE A 1836 -25.12 24.44 53.28
N LYS A 1837 -25.62 23.84 54.37
CA LYS A 1837 -26.60 24.53 55.20
C LYS A 1837 -26.00 25.79 55.83
N THR A 1838 -24.78 25.68 56.34
CA THR A 1838 -24.12 26.83 56.95
C THR A 1838 -23.84 27.92 55.93
N LEU A 1839 -23.40 27.53 54.72
CA LEU A 1839 -23.15 28.52 53.68
C LEU A 1839 -24.44 29.24 53.29
N THR A 1840 -25.53 28.48 53.13
CA THR A 1840 -26.80 29.10 52.77
C THR A 1840 -27.29 30.03 53.87
N CYS A 1841 -27.16 29.62 55.13
CA CYS A 1841 -27.58 30.48 56.24
C CYS A 1841 -26.74 31.74 56.30
N ALA A 1842 -25.42 31.62 56.10
CA ALA A 1842 -24.55 32.79 56.12
C ALA A 1842 -24.89 33.75 55.00
N PHE A 1843 -25.18 33.22 53.81
CA PHE A 1843 -25.60 34.08 52.71
C PHE A 1843 -26.93 34.77 53.03
N LEU A 1844 -27.87 34.04 53.61
CA LEU A 1844 -29.19 34.59 53.89
C LEU A 1844 -29.14 35.57 55.06
N ASP A 1845 -28.46 35.21 56.15
CA ASP A 1845 -28.52 36.00 57.36
C ASP A 1845 -27.75 37.31 57.24
N SER A 1846 -26.53 37.24 56.69
CA SER A 1846 -25.64 38.39 56.68
C SER A 1846 -25.79 39.23 55.41
N GLY A 1847 -25.58 38.61 54.26
CA GLY A 1847 -25.59 39.36 53.01
C GLY A 1847 -26.96 39.98 52.75
N GLY A 1848 -26.97 41.27 52.46
CA GLY A 1848 -28.20 41.96 52.13
C GLY A 1848 -28.70 41.51 50.76
N THR A 1849 -29.90 40.94 50.73
CA THR A 1849 -30.50 40.43 49.50
C THR A 1849 -31.70 41.30 49.15
N LYS A 1850 -31.69 41.85 47.94
CA LYS A 1850 -32.78 42.72 47.51
C LYS A 1850 -34.10 41.96 47.40
N CYS A 1851 -34.06 40.74 46.88
CA CYS A 1851 -35.28 39.96 46.70
C CYS A 1851 -35.88 39.57 48.04
N GLU A 1852 -37.18 39.82 48.18
CA GLU A 1852 -37.89 39.45 49.41
C GLU A 1852 -38.18 37.96 49.50
N ILE A 1853 -38.25 37.27 48.36
CA ILE A 1853 -38.57 35.84 48.37
C ILE A 1853 -37.45 35.05 49.05
N LEU A 1854 -36.20 35.46 48.84
CA LEU A 1854 -35.07 34.71 49.37
C LEU A 1854 -35.06 34.71 50.89
N GLN A 1855 -35.40 35.85 51.51
CA GLN A 1855 -35.36 35.95 52.96
C GLN A 1855 -36.35 35.00 53.62
N LEU A 1856 -37.44 34.65 52.92
CA LEU A 1856 -38.45 33.78 53.48
C LEU A 1856 -38.13 32.29 53.32
N LEU A 1857 -37.03 31.95 52.67
CA LEU A 1857 -36.66 30.56 52.43
C LEU A 1857 -35.81 29.97 53.55
N LYS A 1858 -35.53 30.74 54.61
CA LYS A 1858 -34.70 30.23 55.70
C LYS A 1858 -35.28 28.98 56.37
N PRO A 1859 -36.57 28.95 56.77
CA PRO A 1859 -37.08 27.73 57.41
C PRO A 1859 -36.98 26.49 56.55
N MET A 1860 -37.20 26.63 55.24
CA MET A 1860 -37.05 25.48 54.35
C MET A 1860 -35.59 25.11 54.13
N CYS A 1861 -34.71 26.10 54.11
CA CYS A 1861 -33.28 25.80 53.98
C CYS A 1861 -32.76 25.07 55.20
N GLU A 1862 -33.30 25.37 56.38
CA GLU A 1862 -32.79 24.78 57.61
C GLU A 1862 -33.01 23.27 57.64
N VAL A 1863 -34.06 22.78 56.99
CA VAL A 1863 -34.43 21.38 57.16
C VAL A 1863 -33.86 20.51 56.03
N LYS A 1864 -33.89 20.99 54.79
CA LYS A 1864 -33.55 20.18 53.64
C LYS A 1864 -32.26 20.67 53.00
N THR A 1865 -31.34 19.75 52.72
CA THR A 1865 -30.08 20.07 52.05
C THR A 1865 -30.28 20.35 50.57
N ASP A 1866 -31.13 19.56 49.90
CA ASP A 1866 -31.34 19.74 48.47
C ASP A 1866 -31.88 21.12 48.16
N PHE A 1867 -32.73 21.66 49.04
CA PHE A 1867 -33.24 23.01 48.84
C PHE A 1867 -32.11 24.03 48.90
N CYS A 1868 -31.17 23.86 49.84
CA CYS A 1868 -30.02 24.76 49.91
C CYS A 1868 -29.17 24.66 48.64
N GLN A 1869 -28.95 23.44 48.15
CA GLN A 1869 -28.17 23.26 46.93
C GLN A 1869 -28.86 23.94 45.75
N THR A 1870 -30.20 23.87 45.70
CA THR A 1870 -30.93 24.51 44.62
C THR A 1870 -30.88 26.03 44.73
N VAL A 1871 -30.94 26.56 45.95
CA VAL A 1871 -31.13 28.01 46.13
C VAL A 1871 -29.82 28.78 46.17
N LEU A 1872 -28.69 28.12 46.46
CA LEU A 1872 -27.41 28.84 46.55
C LEU A 1872 -27.08 29.64 45.30
N PRO A 1873 -27.19 29.11 44.08
CA PRO A 1873 -26.89 29.95 42.90
C PRO A 1873 -27.76 31.18 42.81
N TYR A 1874 -29.04 31.08 43.16
CA TYR A 1874 -29.92 32.24 43.13
C TYR A 1874 -29.50 33.29 44.15
N LEU A 1875 -29.09 32.85 45.35
CA LEU A 1875 -28.58 33.79 46.34
C LEU A 1875 -27.34 34.51 45.83
N ILE A 1876 -26.40 33.77 45.23
CA ILE A 1876 -25.19 34.39 44.72
C ILE A 1876 -25.51 35.38 43.61
N HIS A 1877 -26.41 35.00 42.70
CA HIS A 1877 -26.77 35.90 41.61
C HIS A 1877 -27.45 37.15 42.12
N ASP A 1878 -28.35 37.01 43.10
CA ASP A 1878 -29.04 38.18 43.64
C ASP A 1878 -28.06 39.12 44.35
N ILE A 1879 -27.12 38.56 45.10
CA ILE A 1879 -26.12 39.39 45.77
C ILE A 1879 -25.26 40.12 44.75
N LEU A 1880 -24.81 39.40 43.71
CA LEU A 1880 -23.96 40.02 42.69
C LEU A 1880 -24.72 41.05 41.86
N LEU A 1881 -26.04 40.95 41.77
CA LEU A 1881 -26.81 41.89 40.95
C LEU A 1881 -26.71 43.31 41.50
N GLN A 1882 -26.80 43.46 42.81
CA GLN A 1882 -26.79 44.77 43.44
C GLN A 1882 -25.41 45.17 43.96
N ASP A 1883 -24.37 44.45 43.57
CA ASP A 1883 -23.02 44.74 44.07
C ASP A 1883 -22.54 46.10 43.58
N THR A 1884 -21.91 46.85 44.48
CA THR A 1884 -21.28 48.13 44.17
C THR A 1884 -19.83 48.10 44.61
N ASN A 1885 -18.97 48.76 43.84
CA ASN A 1885 -17.53 48.82 44.05
C ASN A 1885 -16.86 47.46 43.92
N GLU A 1886 -17.58 46.44 43.46
CA GLU A 1886 -17.03 45.11 43.18
C GLU A 1886 -16.42 44.46 44.41
N SER A 1887 -16.89 44.82 45.61
CA SER A 1887 -16.42 44.16 46.82
C SER A 1887 -16.93 42.73 46.88
N TRP A 1888 -18.23 42.53 46.65
CA TRP A 1888 -18.79 41.18 46.62
C TRP A 1888 -18.15 40.36 45.52
N ARG A 1889 -17.95 40.96 44.35
CA ARG A 1889 -17.35 40.24 43.24
C ARG A 1889 -15.95 39.74 43.60
N ASN A 1890 -15.12 40.62 44.16
CA ASN A 1890 -13.76 40.22 44.53
C ASN A 1890 -13.77 39.15 45.61
N LEU A 1891 -14.59 39.33 46.65
CA LEU A 1891 -14.62 38.37 47.74
C LEU A 1891 -15.07 36.99 47.25
N LEU A 1892 -16.18 36.95 46.49
CA LEU A 1892 -16.69 35.69 46.00
C LEU A 1892 -15.72 35.04 45.02
N SER A 1893 -15.10 35.83 44.15
CA SER A 1893 -14.13 35.26 43.20
C SER A 1893 -12.97 34.63 43.94
N THR A 1894 -12.42 35.33 44.94
CA THR A 1894 -11.30 34.81 45.70
C THR A 1894 -11.68 33.51 46.41
N HIS A 1895 -12.85 33.50 47.06
CA HIS A 1895 -13.24 32.32 47.83
C HIS A 1895 -13.55 31.13 46.91
N VAL A 1896 -14.21 31.38 45.78
CA VAL A 1896 -14.54 30.29 44.86
C VAL A 1896 -13.28 29.74 44.22
N GLN A 1897 -12.33 30.61 43.86
CA GLN A 1897 -11.06 30.14 43.31
C GLN A 1897 -10.29 29.33 44.34
N GLY A 1898 -10.32 29.76 45.61
CA GLY A 1898 -9.69 28.96 46.65
C GLY A 1898 -10.33 27.60 46.81
N PHE A 1899 -11.66 27.56 46.76
CA PHE A 1899 -12.37 26.27 46.85
C PHE A 1899 -11.97 25.35 45.69
N PHE A 1900 -11.97 25.88 44.47
CA PHE A 1900 -11.64 25.05 43.31
C PHE A 1900 -10.18 24.60 43.33
N THR A 1901 -9.28 25.46 43.81
CA THR A 1901 -7.89 25.05 43.96
C THR A 1901 -7.75 23.95 45.01
N SER A 1902 -8.49 24.08 46.12
CA SER A 1902 -8.45 23.04 47.15
C SER A 1902 -9.02 21.72 46.64
N CYS A 1903 -9.98 21.78 45.71
CA CYS A 1903 -10.52 20.55 45.14
C CYS A 1903 -9.49 19.81 44.28
N LEU A 1904 -8.46 20.51 43.80
CA LEU A 1904 -7.52 19.95 42.85
C LEU A 1904 -6.22 19.48 43.48
N ARG A 1905 -6.15 19.38 44.81
CA ARG A 1905 -4.95 18.84 45.44
C ARG A 1905 -4.87 17.34 45.21
N HIS A 1906 -3.76 16.75 45.67
CA HIS A 1906 -3.46 15.34 45.45
C HIS A 1906 -3.43 15.00 43.96
N HIS A 1925 -2.66 13.42 54.08
CA HIS A 1925 -3.42 14.34 53.26
C HIS A 1925 -3.18 15.79 53.69
N PHE A 1926 -3.62 16.73 52.86
CA PHE A 1926 -3.43 18.14 53.14
C PHE A 1926 -4.44 18.62 54.18
N PHE A 1927 -4.32 19.90 54.54
CA PHE A 1927 -5.23 20.47 55.54
C PHE A 1927 -6.67 20.47 55.05
N ARG A 1928 -6.88 20.83 53.78
CA ARG A 1928 -8.20 20.87 53.17
C ARG A 1928 -8.09 20.30 51.76
N CYS A 1929 -8.57 19.08 51.57
CA CYS A 1929 -8.52 18.40 50.28
C CYS A 1929 -9.47 17.22 50.33
N CYS A 1930 -9.56 16.50 49.20
CA CYS A 1930 -10.40 15.30 49.07
C CYS A 1930 -11.85 15.60 49.43
N LEU A 1931 -12.35 16.72 48.91
CA LEU A 1931 -13.73 17.10 49.16
C LEU A 1931 -14.70 16.13 48.49
N ASP A 1932 -15.88 15.98 49.09
CA ASP A 1932 -16.89 15.11 48.54
C ASP A 1932 -17.39 15.65 47.19
N LYS A 1933 -17.74 14.72 46.30
CA LYS A 1933 -18.18 15.12 44.96
C LYS A 1933 -19.49 15.88 44.98
N LYS A 1934 -20.29 15.76 46.04
CA LYS A 1934 -21.54 16.52 46.13
C LYS A 1934 -21.26 18.01 46.21
N SER A 1935 -20.29 18.42 47.04
CA SER A 1935 -19.94 19.84 47.13
C SER A 1935 -19.37 20.36 45.82
N GLN A 1936 -18.51 19.56 45.17
CA GLN A 1936 -17.97 19.95 43.88
C GLN A 1936 -19.08 20.12 42.85
N ARG A 1937 -20.05 19.21 42.84
CA ARG A 1937 -21.16 19.32 41.91
C ARG A 1937 -22.02 20.55 42.22
N THR A 1938 -22.21 20.86 43.51
CA THR A 1938 -22.95 22.05 43.87
C THR A 1938 -22.27 23.31 43.36
N MET A 1939 -20.95 23.40 43.54
CA MET A 1939 -20.22 24.56 43.07
C MET A 1939 -20.21 24.63 41.54
N LEU A 1940 -20.10 23.48 40.88
CA LEU A 1940 -20.18 23.45 39.42
C LEU A 1940 -21.54 23.91 38.94
N ALA A 1941 -22.61 23.52 39.65
CA ALA A 1941 -23.95 23.99 39.30
C ALA A 1941 -24.06 25.50 39.50
N VAL A 1942 -23.44 26.03 40.56
CA VAL A 1942 -23.43 27.48 40.78
C VAL A 1942 -22.75 28.17 39.60
N VAL A 1943 -21.59 27.67 39.19
CA VAL A 1943 -20.85 28.28 38.08
C VAL A 1943 -21.65 28.19 36.80
N ASP A 1944 -22.27 27.04 36.54
CA ASP A 1944 -23.07 26.86 35.32
C ASP A 1944 -24.27 27.80 35.31
N TYR A 1945 -24.93 27.97 36.45
CA TYR A 1945 -26.05 28.91 36.52
C TYR A 1945 -25.58 30.34 36.28
N MET A 1946 -24.46 30.72 36.87
CA MET A 1946 -23.96 32.08 36.70
C MET A 1946 -23.52 32.34 35.26
N ARG A 1947 -23.04 31.30 34.57
CA ARG A 1947 -22.59 31.47 33.19
C ARG A 1947 -23.72 31.89 32.26
N ARG A 1948 -24.96 31.52 32.57
CA ARG A 1948 -26.08 31.74 31.67
C ARG A 1948 -26.85 33.03 31.95
N GLN A 1949 -26.38 33.86 32.88
CA GLN A 1949 -27.11 35.06 33.27
C GLN A 1949 -26.48 36.30 32.63
N LYS A 1950 -27.33 37.15 32.07
CA LYS A 1950 -26.85 38.40 31.47
C LYS A 1950 -26.38 39.35 32.56
N ARG A 1951 -25.18 39.90 32.37
CA ARG A 1951 -24.61 40.81 33.35
C ARG A 1951 -25.31 42.17 33.28
N PRO A 1952 -25.26 42.94 34.37
CA PRO A 1952 -25.94 44.26 34.36
C PRO A 1952 -25.41 45.20 33.30
N SER A 1953 -24.14 45.09 32.94
CA SER A 1953 -23.54 45.95 31.92
C SER A 1953 -23.81 45.46 30.50
N SER A 1954 -24.80 44.59 30.32
CA SER A 1954 -25.15 44.00 29.02
C SER A 1954 -23.91 43.26 28.52
N GLY A 1955 -23.42 43.53 27.31
CA GLY A 1955 -22.23 42.86 26.82
C GLY A 1955 -22.51 41.63 25.99
N THR A 1956 -21.64 40.63 26.10
CA THR A 1956 -21.74 39.40 25.33
C THR A 1956 -21.74 38.20 26.26
N ILE A 1957 -22.01 37.03 25.67
CA ILE A 1957 -22.05 35.80 26.47
C ILE A 1957 -20.68 35.49 27.05
N PHE A 1958 -19.61 35.76 26.29
CA PHE A 1958 -18.26 35.58 26.83
C PHE A 1958 -18.04 36.50 28.03
N ASN A 1959 -18.52 37.74 27.94
CA ASN A 1959 -18.48 38.63 29.10
C ASN A 1959 -19.34 38.09 30.23
N ASP A 1960 -20.52 37.57 29.91
CA ASP A 1960 -21.42 37.02 30.93
C ASP A 1960 -20.83 35.83 31.64
N ALA A 1961 -19.87 35.13 31.01
CA ALA A 1961 -19.24 33.99 31.66
C ALA A 1961 -18.48 34.40 32.92
N PHE A 1962 -17.90 35.59 32.92
CA PHE A 1962 -17.10 36.07 34.04
C PHE A 1962 -17.92 36.97 34.98
N TRP A 1963 -18.94 36.37 35.59
CA TRP A 1963 -19.58 37.01 36.73
C TRP A 1963 -18.61 37.11 37.90
N LEU A 1964 -17.81 36.06 38.11
CA LEU A 1964 -16.74 36.04 39.09
C LEU A 1964 -15.42 35.80 38.39
N ASP A 1965 -14.36 36.42 38.90
CA ASP A 1965 -13.03 36.20 38.36
C ASP A 1965 -12.59 34.77 38.64
N LEU A 1966 -12.62 33.92 37.61
CA LEU A 1966 -12.40 32.49 37.79
C LEU A 1966 -11.29 32.02 36.86
N ASN A 1967 -10.46 31.09 37.34
CA ASN A 1967 -9.49 30.40 36.52
C ASN A 1967 -10.18 29.16 35.97
N TYR A 1968 -10.69 29.26 34.75
CA TYR A 1968 -11.58 28.23 34.20
C TYR A 1968 -10.87 26.93 33.89
N LEU A 1969 -9.53 26.90 33.86
CA LEU A 1969 -8.82 25.64 33.68
C LEU A 1969 -9.06 24.71 34.87
N GLU A 1970 -8.97 25.26 36.08
CA GLU A 1970 -9.23 24.46 37.28
C GLU A 1970 -10.68 23.98 37.32
N VAL A 1971 -11.61 24.86 36.94
CA VAL A 1971 -13.02 24.48 36.91
C VAL A 1971 -13.25 23.36 35.90
N ALA A 1972 -12.61 23.46 34.73
CA ALA A 1972 -12.74 22.41 33.72
C ALA A 1972 -12.17 21.09 34.23
N LYS A 1973 -11.03 21.14 34.91
CA LYS A 1973 -10.45 19.91 35.46
C LYS A 1973 -11.36 19.30 36.51
N VAL A 1974 -11.96 20.13 37.37
CA VAL A 1974 -12.88 19.62 38.38
C VAL A 1974 -14.11 19.00 37.72
N ALA A 1975 -14.63 19.65 36.68
CA ALA A 1975 -15.79 19.10 35.97
C ALA A 1975 -15.44 17.78 35.31
N GLN A 1976 -14.24 17.67 34.76
CA GLN A 1976 -13.79 16.40 34.21
C GLN A 1976 -13.72 15.33 35.28
N SER A 1977 -13.23 15.69 36.47
CA SER A 1977 -13.19 14.74 37.58
C SER A 1977 -14.59 14.33 38.02
N CYS A 1978 -15.60 15.16 37.73
CA CYS A 1978 -16.98 14.86 38.06
C CYS A 1978 -17.74 14.22 36.91
N ALA A 1979 -17.05 13.77 35.88
CA ALA A 1979 -17.60 13.08 34.71
C ALA A 1979 -18.53 13.96 33.88
N ALA A 1980 -18.43 15.29 34.00
CA ALA A 1980 -19.19 16.20 33.15
C ALA A 1980 -18.25 16.69 32.05
N HIS A 1981 -18.14 15.87 31.01
CA HIS A 1981 -17.09 16.04 30.01
C HIS A 1981 -17.37 17.21 29.07
N PHE A 1982 -18.63 17.37 28.65
CA PHE A 1982 -18.95 18.44 27.70
C PHE A 1982 -18.74 19.81 28.31
N THR A 1983 -19.19 20.00 29.55
CA THR A 1983 -18.95 21.28 30.21
C THR A 1983 -17.48 21.48 30.53
N ALA A 1984 -16.74 20.40 30.77
CA ALA A 1984 -15.30 20.51 30.95
C ALA A 1984 -14.63 21.03 29.68
N LEU A 1985 -15.02 20.48 28.53
CA LEU A 1985 -14.48 20.97 27.26
C LEU A 1985 -14.85 22.42 27.02
N LEU A 1986 -16.11 22.79 27.32
CA LEU A 1986 -16.54 24.17 27.14
C LEU A 1986 -15.74 25.12 28.02
N TYR A 1987 -15.51 24.73 29.28
CA TYR A 1987 -14.75 25.57 30.19
C TYR A 1987 -13.28 25.66 29.78
N ALA A 1988 -12.72 24.57 29.25
CA ALA A 1988 -11.35 24.63 28.74
C ALA A 1988 -11.25 25.59 27.56
N GLU A 1989 -12.24 25.56 26.66
CA GLU A 1989 -12.26 26.49 25.55
C GLU A 1989 -12.38 27.94 26.05
N ILE A 1990 -13.23 28.17 27.05
CA ILE A 1990 -13.39 29.50 27.61
C ILE A 1990 -12.09 29.97 28.23
N TYR A 1991 -11.40 29.09 28.96
CA TYR A 1991 -10.13 29.46 29.58
C TYR A 1991 -9.08 29.79 28.53
N ALA A 1992 -9.01 29.00 27.45
CA ALA A 1992 -8.05 29.29 26.39
C ALA A 1992 -8.35 30.63 25.74
N ASP A 1993 -9.63 30.93 25.48
CA ASP A 1993 -10.00 32.21 24.88
C ASP A 1993 -9.65 33.37 25.79
N LYS A 1994 -9.93 33.22 27.10
CA LYS A 1994 -9.61 34.29 28.05
C LYS A 1994 -8.11 34.50 28.15
N LYS A 1995 -7.33 33.42 28.17
CA LYS A 1995 -5.88 33.55 28.23
C LYS A 1995 -5.36 34.26 26.99
N SER A 1996 -5.87 33.90 25.80
CA SER A 1996 -5.44 34.57 24.58
C SER A 1996 -5.80 36.05 24.60
N MET A 1997 -7.01 36.38 25.06
CA MET A 1997 -7.46 37.79 25.12
C MET A 1997 -6.57 38.56 26.09
N ASP A 1998 -6.26 37.99 27.25
CA ASP A 1998 -5.41 38.67 28.23
C ASP A 1998 -4.00 38.86 27.69
N ASP A 1999 -3.46 37.86 27.00
CA ASP A 1999 -2.13 37.99 26.43
C ASP A 1999 -2.09 39.05 25.33
N GLN A 2000 -3.15 39.15 24.53
CA GLN A 2000 -3.17 40.14 23.47
C GLN A 2000 -3.18 41.57 24.02
N GLU A 2001 -3.68 41.76 25.25
CA GLU A 2001 -3.68 43.09 25.84
C GLU A 2001 -2.26 43.60 26.06
N LYS A 2002 -1.37 42.73 26.53
CA LYS A 2002 0.02 43.11 26.78
C LYS A 2002 0.81 43.15 25.48
N ILE A 2016 -1.43 25.75 21.11
CA ILE A 2016 -1.86 24.98 22.26
C ILE A 2016 -0.66 24.59 23.12
N SER A 2017 0.45 24.25 22.47
CA SER A 2017 1.64 23.83 23.19
C SER A 2017 2.17 24.94 24.08
N SER A 2018 2.24 26.16 23.56
CA SER A 2018 2.66 27.30 24.38
C SER A 2018 1.66 27.55 25.51
N LEU A 2019 0.37 27.49 25.20
CA LEU A 2019 -0.64 27.63 26.24
C LEU A 2019 -0.55 26.51 27.25
N SER A 2020 -0.29 25.28 26.78
CA SER A 2020 -0.19 24.15 27.69
C SER A 2020 0.98 24.33 28.65
N GLU A 2021 2.15 24.73 28.13
CA GLU A 2021 3.31 24.88 28.99
C GLU A 2021 3.14 26.07 29.95
N LYS A 2022 2.51 27.16 29.50
CA LYS A 2022 2.24 28.27 30.40
C LYS A 2022 1.28 27.86 31.51
N SER A 2023 0.20 27.15 31.17
CA SER A 2023 -0.74 26.71 32.18
C SER A 2023 -0.09 25.74 33.14
N LYS A 2024 0.81 24.90 32.65
CA LYS A 2024 1.57 24.02 33.54
C LYS A 2024 2.50 24.83 34.45
N GLU A 2025 3.05 25.93 33.94
CA GLU A 2025 3.95 26.74 34.74
C GLU A 2025 3.23 27.42 35.90
N GLU A 2026 2.12 28.12 35.62
CA GLU A 2026 1.41 28.77 36.74
C GLU A 2026 0.47 27.81 37.47
N THR A 2027 -0.53 27.28 36.77
CA THR A 2027 -1.59 26.52 37.44
C THR A 2027 -1.26 25.04 37.60
N GLY A 2028 -0.15 24.58 37.04
CA GLY A 2028 0.23 23.18 37.19
C GLY A 2028 -0.59 22.19 36.39
N ILE A 2029 -1.44 22.66 35.49
CA ILE A 2029 -2.31 21.81 34.68
C ILE A 2029 -1.99 22.08 33.21
N SER A 2030 -1.76 21.03 32.45
CA SER A 2030 -1.47 21.15 31.03
C SER A 2030 -2.79 21.18 30.25
N LEU A 2031 -2.96 22.21 29.43
CA LEU A 2031 -4.19 22.33 28.64
C LEU A 2031 -4.31 21.18 27.64
N GLN A 2032 -3.20 20.83 26.99
CA GLN A 2032 -3.24 19.76 25.99
C GLN A 2032 -3.61 18.41 26.62
N ASP A 2033 -3.02 18.10 27.78
CA ASP A 2033 -3.33 16.85 28.45
C ASP A 2033 -4.78 16.80 28.91
N LEU A 2034 -5.28 17.93 29.44
CA LEU A 2034 -6.68 17.98 29.85
C LEU A 2034 -7.61 17.79 28.66
N LEU A 2035 -7.30 18.44 27.53
CA LEU A 2035 -8.12 18.26 26.33
C LEU A 2035 -8.10 16.83 25.85
N LEU A 2036 -6.91 16.20 25.88
CA LEU A 2036 -6.81 14.80 25.48
C LEU A 2036 -7.65 13.90 26.38
N GLU A 2037 -7.60 14.14 27.69
CA GLU A 2037 -8.39 13.33 28.63
C GLU A 2037 -9.88 13.53 28.39
N ILE A 2038 -10.31 14.78 28.19
CA ILE A 2038 -11.72 15.06 27.97
C ILE A 2038 -12.20 14.40 26.68
N TYR A 2039 -11.40 14.48 25.62
CA TYR A 2039 -11.80 13.88 24.35
C TYR A 2039 -11.80 12.36 24.42
N ARG A 2040 -10.88 11.77 25.19
CA ARG A 2040 -10.93 10.33 25.42
C ARG A 2040 -12.19 9.94 26.16
N SER A 2041 -12.58 10.74 27.17
CA SER A 2041 -13.78 10.43 27.94
C SER A 2041 -15.05 10.60 27.10
N ILE A 2042 -15.06 11.56 26.16
CA ILE A 2042 -16.24 11.78 25.34
C ILE A 2042 -16.51 10.57 24.45
N GLY A 2043 -15.46 10.04 23.82
CA GLY A 2043 -15.57 8.85 22.99
C GLY A 2043 -15.64 9.10 21.50
N GLU A 2044 -15.64 10.36 21.06
CA GLU A 2044 -15.66 10.64 19.63
C GLU A 2044 -14.34 10.19 19.00
N PRO A 2045 -14.36 9.41 17.93
CA PRO A 2045 -13.10 8.88 17.39
C PRO A 2045 -12.26 9.92 16.68
N ASP A 2046 -12.87 10.80 15.88
CA ASP A 2046 -12.10 11.74 15.07
C ASP A 2046 -11.41 12.80 15.94
N SER A 2047 -12.03 13.18 17.06
CA SER A 2047 -11.49 14.26 17.88
C SER A 2047 -10.14 13.88 18.51
N LEU A 2048 -9.88 12.59 18.67
CA LEU A 2048 -8.66 12.16 19.34
C LEU A 2048 -7.42 12.48 18.51
N TYR A 2049 -7.57 12.67 17.21
CA TYR A 2049 -6.41 12.88 16.34
C TYR A 2049 -5.83 14.28 16.50
N GLY A 2050 -6.68 15.27 16.70
CA GLY A 2050 -6.26 16.66 16.79
C GLY A 2050 -6.06 17.19 18.19
N CYS A 2051 -5.98 16.33 19.19
CA CYS A 2051 -5.85 16.80 20.57
C CYS A 2051 -4.54 17.55 20.77
N GLY A 2052 -3.43 16.95 20.35
CA GLY A 2052 -2.13 17.60 20.52
C GLY A 2052 -1.03 16.72 20.01
N GLY A 2053 0.20 17.23 20.14
CA GLY A 2053 1.37 16.50 19.68
C GLY A 2053 2.49 16.47 20.70
N GLY A 2054 2.23 16.99 21.91
CA GLY A 2054 3.26 17.03 22.91
C GLY A 2054 3.68 15.66 23.41
N LYS A 2055 2.72 14.77 23.66
CA LYS A 2055 3.00 13.46 24.24
C LYS A 2055 2.85 12.33 23.23
N MET A 2056 3.09 12.60 21.94
CA MET A 2056 2.99 11.55 20.94
C MET A 2056 4.07 10.50 21.10
N LEU A 2057 5.24 10.89 21.63
CA LEU A 2057 6.36 9.95 21.74
C LEU A 2057 6.15 8.93 22.86
N GLN A 2058 5.31 9.23 23.84
CA GLN A 2058 5.14 8.33 24.97
C GLN A 2058 4.54 7.01 24.49
N PRO A 2059 5.03 5.87 25.01
CA PRO A 2059 4.52 4.58 24.54
C PRO A 2059 3.03 4.37 24.78
N ILE A 2060 2.49 4.94 25.87
CA ILE A 2060 1.07 4.73 26.19
C ILE A 2060 0.19 5.38 25.12
N THR A 2061 0.53 6.60 24.71
CA THR A 2061 -0.26 7.28 23.68
C THR A 2061 -0.17 6.54 22.35
N ARG A 2062 1.02 6.07 22.00
CA ARG A 2062 1.17 5.30 20.75
C ARG A 2062 0.36 4.02 20.80
N LEU A 2063 0.35 3.33 21.95
CA LEU A 2063 -0.42 2.10 22.08
C LEU A 2063 -1.91 2.37 21.99
N ARG A 2064 -2.38 3.46 22.61
CA ARG A 2064 -3.79 3.81 22.50
C ARG A 2064 -4.16 4.13 21.05
N THR A 2065 -3.28 4.83 20.34
CA THR A 2065 -3.53 5.12 18.93
C THR A 2065 -3.58 3.84 18.10
N TYR A 2066 -2.66 2.91 18.37
CA TYR A 2066 -2.66 1.64 17.65
C TYR A 2066 -3.93 0.84 17.92
N GLU A 2067 -4.37 0.80 19.18
CA GLU A 2067 -5.60 0.10 19.51
C GLU A 2067 -6.81 0.74 18.87
N HIS A 2068 -6.83 2.07 18.79
CA HIS A 2068 -7.94 2.77 18.15
C HIS A 2068 -8.03 2.44 16.67
N GLU A 2069 -6.89 2.34 15.99
CA GLU A 2069 -6.86 2.07 14.56
C GLU A 2069 -6.81 0.58 14.23
N ALA A 2070 -6.90 -0.29 15.25
CA ALA A 2070 -6.88 -1.75 15.07
C ALA A 2070 -5.58 -2.22 14.42
N MET A 2071 -4.48 -1.51 14.67
CA MET A 2071 -3.16 -1.95 14.23
C MET A 2071 -2.60 -2.88 15.30
N TRP A 2072 -3.09 -4.12 15.28
CA TRP A 2072 -2.81 -5.05 16.36
C TRP A 2072 -1.37 -5.53 16.37
N GLY A 2073 -0.76 -5.68 15.20
CA GLY A 2073 0.65 -6.08 15.16
C GLY A 2073 1.57 -5.03 15.78
N LYS A 2074 1.36 -3.77 15.43
CA LYS A 2074 2.14 -2.69 16.01
C LYS A 2074 1.91 -2.61 17.52
N ALA A 2075 0.66 -2.74 17.95
CA ALA A 2075 0.37 -2.72 19.37
C ALA A 2075 1.04 -3.85 20.11
N LEU A 2076 1.04 -5.05 19.53
CA LEU A 2076 1.70 -6.19 20.15
C LEU A 2076 3.20 -5.97 20.26
N VAL A 2077 3.81 -5.47 19.18
CA VAL A 2077 5.26 -5.23 19.20
C VAL A 2077 5.61 -4.19 20.25
N THR A 2078 4.84 -3.10 20.33
CA THR A 2078 5.13 -2.05 21.29
C THR A 2078 4.90 -2.53 22.72
N TYR A 2079 3.85 -3.31 22.95
CA TYR A 2079 3.60 -3.85 24.28
C TYR A 2079 4.73 -4.76 24.72
N ASP A 2080 5.22 -5.62 23.81
CA ASP A 2080 6.35 -6.48 24.14
C ASP A 2080 7.61 -5.66 24.42
N LEU A 2081 7.84 -4.62 23.62
CA LEU A 2081 9.10 -3.87 23.72
C LEU A 2081 9.17 -3.04 24.98
N GLU A 2082 8.11 -2.30 25.31
CA GLU A 2082 8.16 -1.35 26.42
C GLU A 2082 7.98 -2.08 27.74
N THR A 2083 8.93 -1.87 28.65
CA THR A 2083 8.88 -2.49 29.97
C THR A 2083 8.49 -1.51 31.09
N ALA A 2084 8.64 -0.21 30.85
CA ALA A 2084 8.26 0.77 31.87
C ALA A 2084 6.76 0.80 32.13
N ILE A 2085 5.97 0.29 31.20
CA ILE A 2085 4.51 0.22 31.40
C ILE A 2085 4.21 -0.73 32.55
N PRO A 2086 3.20 -0.46 33.38
CA PRO A 2086 2.87 -1.39 34.46
C PRO A 2086 2.53 -2.78 33.92
N SER A 2087 2.88 -3.80 34.72
CA SER A 2087 2.77 -5.18 34.26
C SER A 2087 1.33 -5.56 33.93
N SER A 2088 0.37 -5.09 34.73
CA SER A 2088 -1.02 -5.44 34.49
C SER A 2088 -1.50 -4.92 33.14
N THR A 2089 -1.28 -3.64 32.88
CA THR A 2089 -1.71 -3.05 31.61
C THR A 2089 -0.96 -3.68 30.44
N ARG A 2090 0.35 -3.91 30.61
CA ARG A 2090 1.14 -4.51 29.55
C ARG A 2090 0.62 -5.90 29.17
N GLN A 2091 0.37 -6.73 30.19
CA GLN A 2091 -0.10 -8.09 29.93
C GLN A 2091 -1.51 -8.08 29.36
N ALA A 2092 -2.37 -7.19 29.85
CA ALA A 2092 -3.72 -7.10 29.31
C ALA A 2092 -3.69 -6.70 27.84
N GLY A 2093 -2.84 -5.73 27.49
CA GLY A 2093 -2.73 -5.33 26.10
C GLY A 2093 -2.15 -6.43 25.23
N ILE A 2094 -1.16 -7.16 25.74
CA ILE A 2094 -0.58 -8.27 24.99
C ILE A 2094 -1.64 -9.33 24.71
N ILE A 2095 -2.42 -9.68 25.74
CA ILE A 2095 -3.46 -10.69 25.58
C ILE A 2095 -4.52 -10.23 24.59
N GLN A 2096 -4.95 -8.97 24.69
CA GLN A 2096 -5.97 -8.46 23.78
C GLN A 2096 -5.47 -8.45 22.34
N ALA A 2097 -4.22 -8.02 22.13
CA ALA A 2097 -3.66 -7.99 20.79
C ALA A 2097 -3.50 -9.40 20.22
N LEU A 2098 -3.07 -10.35 21.04
CA LEU A 2098 -2.95 -11.72 20.59
C LEU A 2098 -4.32 -12.30 20.22
N GLN A 2099 -5.34 -11.99 21.02
CA GLN A 2099 -6.68 -12.49 20.71
C GLN A 2099 -7.22 -11.88 19.43
N ASN A 2100 -7.01 -10.57 19.24
CA ASN A 2100 -7.51 -9.91 18.03
C ASN A 2100 -6.77 -10.34 16.77
N LEU A 2101 -5.60 -10.97 16.90
CA LEU A 2101 -4.84 -11.45 15.75
C LEU A 2101 -5.16 -12.89 15.38
N GLY A 2102 -6.08 -13.54 16.09
CA GLY A 2102 -6.43 -14.91 15.82
C GLY A 2102 -5.46 -15.94 16.35
N LEU A 2103 -4.44 -15.52 17.11
CA LEU A 2103 -3.44 -16.44 17.65
C LEU A 2103 -3.96 -17.05 18.94
N CYS A 2104 -4.94 -17.95 18.77
CA CYS A 2104 -5.59 -18.58 19.93
C CYS A 2104 -4.65 -19.56 20.62
N HIS A 2105 -3.99 -20.42 19.85
CA HIS A 2105 -3.06 -21.38 20.44
C HIS A 2105 -1.87 -20.67 21.09
N ILE A 2106 -1.33 -19.65 20.41
CA ILE A 2106 -0.24 -18.87 20.99
C ILE A 2106 -0.70 -18.19 22.26
N LEU A 2107 -1.92 -17.65 22.26
CA LEU A 2107 -2.45 -17.01 23.47
C LEU A 2107 -2.58 -18.00 24.61
N SER A 2108 -3.07 -19.21 24.32
CA SER A 2108 -3.23 -20.22 25.36
C SER A 2108 -1.87 -20.62 25.95
N VAL A 2109 -0.88 -20.84 25.08
CA VAL A 2109 0.45 -21.22 25.59
C VAL A 2109 1.07 -20.06 26.37
N TYR A 2110 0.86 -18.83 25.90
CA TYR A 2110 1.37 -17.66 26.62
C TYR A 2110 0.74 -17.55 28.01
N LEU A 2111 -0.56 -17.79 28.10
CA LEU A 2111 -1.24 -17.75 29.39
C LEU A 2111 -0.73 -18.87 30.30
N LYS A 2112 -0.47 -20.05 29.73
CA LYS A 2112 0.13 -21.13 30.51
C LYS A 2112 1.50 -20.73 31.04
N GLY A 2113 2.29 -20.05 30.21
CA GLY A 2113 3.60 -19.59 30.65
C GLY A 2113 3.53 -18.56 31.76
N LEU A 2114 2.50 -17.71 31.75
CA LEU A 2114 2.35 -16.69 32.78
C LEU A 2114 2.02 -17.29 34.14
N ASP A 2115 1.64 -18.57 34.20
CA ASP A 2115 1.26 -19.19 35.46
C ASP A 2115 2.45 -19.32 36.42
N TYR A 2116 3.68 -19.20 35.93
CA TYR A 2116 4.85 -19.27 36.79
C TYR A 2116 4.90 -18.09 37.75
N CYS A 2122 -4.22 -10.14 39.64
CA CYS A 2122 -5.22 -9.11 39.37
C CYS A 2122 -6.47 -9.71 38.75
N PRO A 2123 -7.63 -9.10 39.04
CA PRO A 2123 -8.88 -9.61 38.45
C PRO A 2123 -8.90 -9.58 36.93
N GLU A 2124 -8.18 -8.63 36.31
CA GLU A 2124 -8.17 -8.55 34.85
C GLU A 2124 -7.52 -9.78 34.23
N LEU A 2125 -6.47 -10.31 34.88
CA LEU A 2125 -5.83 -11.51 34.36
C LEU A 2125 -6.78 -12.69 34.35
N GLU A 2126 -7.54 -12.87 35.45
CA GLU A 2126 -8.52 -13.95 35.48
C GLU A 2126 -9.65 -13.72 34.50
N GLU A 2127 -10.04 -12.45 34.31
CA GLU A 2127 -11.06 -12.12 33.32
C GLU A 2127 -10.63 -12.54 31.93
N LEU A 2128 -9.39 -12.21 31.55
CA LEU A 2128 -8.87 -12.62 30.25
C LEU A 2128 -8.71 -14.13 30.17
N HIS A 2129 -8.33 -14.77 31.28
CA HIS A 2129 -8.27 -16.23 31.32
C HIS A 2129 -9.62 -16.84 30.95
N TYR A 2130 -10.69 -16.35 31.60
CA TYR A 2130 -12.02 -16.90 31.33
C TYR A 2130 -12.49 -16.59 29.92
N GLN A 2131 -12.19 -15.38 29.42
CA GLN A 2131 -12.57 -15.04 28.06
C GLN A 2131 -11.89 -15.97 27.05
N ALA A 2132 -10.58 -16.19 27.22
CA ALA A 2132 -9.87 -17.11 26.34
C ALA A 2132 -10.41 -18.52 26.48
N ALA A 2133 -10.75 -18.93 27.70
CA ALA A 2133 -11.24 -20.29 27.93
C ALA A 2133 -12.56 -20.53 27.21
N TRP A 2134 -13.49 -19.58 27.31
CA TRP A 2134 -14.78 -19.80 26.66
C TRP A 2134 -14.69 -19.58 25.14
N ARG A 2135 -13.77 -18.73 24.68
CA ARG A 2135 -13.62 -18.53 23.24
C ARG A 2135 -12.96 -19.73 22.58
N ASN A 2136 -12.02 -20.37 23.28
CA ASN A 2136 -11.32 -21.53 22.73
C ASN A 2136 -12.00 -22.85 23.08
N MET A 2137 -13.09 -22.83 23.85
CA MET A 2137 -13.82 -24.03 24.25
C MET A 2137 -12.92 -25.04 24.94
N GLN A 2138 -12.11 -24.54 25.88
CA GLN A 2138 -11.22 -25.42 26.63
C GLN A 2138 -11.99 -26.32 27.58
N TRP A 2139 -12.95 -25.75 28.32
CA TRP A 2139 -13.82 -26.46 29.25
C TRP A 2139 -13.06 -27.18 30.35
N ASP A 2140 -11.82 -26.79 30.62
CA ASP A 2140 -11.02 -27.41 31.67
C ASP A 2140 -10.41 -26.43 32.66
N HIS A 2141 -10.28 -25.15 32.29
CA HIS A 2141 -9.71 -24.15 33.19
C HIS A 2141 -10.79 -23.70 34.16
N CYS A 2142 -10.71 -24.21 35.39
CA CYS A 2142 -11.70 -23.88 36.41
C CYS A 2142 -11.00 -23.37 37.68
N GLY A 2151 -16.67 -11.65 43.97
CA GLY A 2151 -17.74 -11.41 43.03
C GLY A 2151 -17.45 -11.95 41.64
N THR A 2152 -18.38 -12.73 41.10
CA THR A 2152 -18.20 -13.29 39.77
C THR A 2152 -18.28 -12.20 38.71
N SER A 2153 -17.36 -12.27 37.75
CA SER A 2153 -17.27 -11.26 36.70
C SER A 2153 -18.14 -11.67 35.51
N TYR A 2154 -17.97 -10.99 34.38
CA TYR A 2154 -18.84 -11.21 33.23
C TYR A 2154 -18.43 -12.46 32.46
N HIS A 2155 -17.19 -12.49 31.95
CA HIS A 2155 -16.76 -13.65 31.17
C HIS A 2155 -16.68 -14.90 32.01
N GLU A 2156 -16.40 -14.77 33.31
CA GLU A 2156 -16.49 -15.91 34.21
C GLU A 2156 -17.90 -16.47 34.24
N SER A 2157 -18.90 -15.58 34.33
CA SER A 2157 -20.30 -16.02 34.31
C SER A 2157 -20.64 -16.69 32.98
N LEU A 2158 -20.16 -16.11 31.87
CA LEU A 2158 -20.43 -16.71 30.56
C LEU A 2158 -19.81 -18.09 30.43
N TYR A 2159 -18.57 -18.25 30.90
CA TYR A 2159 -17.91 -19.55 30.85
C TYR A 2159 -18.63 -20.57 31.72
N ASN A 2160 -19.03 -20.17 32.93
CA ASN A 2160 -19.78 -21.07 33.80
C ASN A 2160 -21.11 -21.46 33.18
N ALA A 2161 -21.80 -20.50 32.56
CA ALA A 2161 -23.07 -20.79 31.91
C ALA A 2161 -22.89 -21.78 30.76
N LEU A 2162 -21.85 -21.59 29.95
CA LEU A 2162 -21.61 -22.52 28.85
C LEU A 2162 -21.26 -23.91 29.38
N GLN A 2163 -20.45 -23.98 30.44
CA GLN A 2163 -20.10 -25.27 31.02
C GLN A 2163 -21.33 -25.99 31.57
N SER A 2164 -22.19 -25.27 32.28
CA SER A 2164 -23.41 -25.88 32.80
C SER A 2164 -24.38 -26.25 31.69
N LEU A 2165 -24.39 -25.48 30.61
CA LEU A 2165 -25.22 -25.81 29.45
C LEU A 2165 -24.75 -27.11 28.80
N ARG A 2166 -23.43 -27.29 28.70
CA ARG A 2166 -22.90 -28.57 28.23
C ARG A 2166 -23.23 -29.69 29.21
N ASP A 2167 -23.21 -29.40 30.51
CA ASP A 2167 -23.48 -30.38 31.54
C ASP A 2167 -24.96 -30.59 31.80
N ARG A 2168 -25.84 -29.92 31.05
CA ARG A 2168 -27.29 -30.02 31.17
C ARG A 2168 -27.80 -29.56 32.54
N GLU A 2169 -27.06 -28.68 33.21
CA GLU A 2169 -27.52 -28.10 34.48
C GLU A 2169 -28.17 -26.76 34.16
N PHE A 2170 -29.48 -26.79 33.87
CA PHE A 2170 -30.16 -25.60 33.39
C PHE A 2170 -30.37 -24.58 34.51
N SER A 2171 -30.55 -25.05 35.75
CA SER A 2171 -30.78 -24.12 36.86
C SER A 2171 -29.59 -23.21 37.06
N THR A 2172 -28.38 -23.78 37.11
CA THR A 2172 -27.18 -22.97 37.24
C THR A 2172 -26.97 -22.08 36.03
N PHE A 2173 -27.32 -22.57 34.84
CA PHE A 2173 -27.22 -21.78 33.62
C PHE A 2173 -28.06 -20.51 33.73
N TYR A 2174 -29.33 -20.66 34.07
CA TYR A 2174 -30.22 -19.50 34.17
C TYR A 2174 -29.81 -18.59 35.33
N GLU A 2175 -29.37 -19.17 36.46
CA GLU A 2175 -28.95 -18.35 37.59
C GLU A 2175 -27.73 -17.51 37.23
N SER A 2176 -26.75 -18.11 36.55
CA SER A 2176 -25.57 -17.37 36.15
C SER A 2176 -25.91 -16.28 35.13
N LEU A 2177 -26.80 -16.58 34.18
CA LEU A 2177 -27.20 -15.55 33.23
C LEU A 2177 -27.90 -14.39 33.91
N LYS A 2178 -28.80 -14.69 34.86
CA LYS A 2178 -29.48 -13.63 35.59
C LYS A 2178 -28.50 -12.79 36.42
N TYR A 2179 -27.55 -13.45 37.07
CA TYR A 2179 -26.54 -12.72 37.84
C TYR A 2179 -25.70 -11.83 36.95
N ALA A 2180 -25.32 -12.32 35.77
CA ALA A 2180 -24.55 -11.50 34.84
C ALA A 2180 -25.35 -10.31 34.36
N ARG A 2181 -26.64 -10.52 34.05
CA ARG A 2181 -27.51 -9.41 33.68
C ARG A 2181 -27.53 -8.34 34.77
N VAL A 2182 -27.79 -8.77 36.01
CA VAL A 2182 -27.91 -7.82 37.11
C VAL A 2182 -26.60 -7.07 37.31
N LYS A 2183 -25.47 -7.78 37.30
CA LYS A 2183 -24.19 -7.12 37.52
C LYS A 2183 -23.87 -6.13 36.41
N GLU A 2184 -24.11 -6.50 35.15
CA GLU A 2184 -23.82 -5.59 34.05
C GLU A 2184 -24.69 -4.35 34.11
N VAL A 2185 -25.98 -4.52 34.41
CA VAL A 2185 -26.87 -3.36 34.48
C VAL A 2185 -26.49 -2.46 35.65
N GLU A 2186 -26.14 -3.05 36.80
CA GLU A 2186 -25.74 -2.25 37.94
C GLU A 2186 -24.45 -1.48 37.66
N GLU A 2187 -23.47 -2.14 37.04
CA GLU A 2187 -22.22 -1.46 36.70
C GLU A 2187 -22.47 -0.32 35.71
N MET A 2188 -23.37 -0.54 34.74
CA MET A 2188 -23.67 0.52 33.79
C MET A 2188 -24.35 1.70 34.47
N CYS A 2189 -25.34 1.44 35.33
CA CYS A 2189 -26.09 2.53 35.93
C CYS A 2189 -25.31 3.25 37.02
N LYS A 2190 -24.24 2.64 37.55
CA LYS A 2190 -23.42 3.34 38.52
C LYS A 2190 -22.67 4.51 37.90
N ARG A 2191 -22.44 4.48 36.59
CA ARG A 2191 -21.71 5.53 35.91
C ARG A 2191 -22.59 6.77 35.72
N SER A 2192 -21.95 7.87 35.33
CA SER A 2192 -22.63 9.16 35.20
C SER A 2192 -23.49 9.27 33.96
N LEU A 2193 -23.24 8.44 32.94
CA LEU A 2193 -24.06 8.39 31.73
C LEU A 2193 -24.09 9.75 31.02
N GLU A 2194 -22.92 10.18 30.56
CA GLU A 2194 -22.80 11.45 29.85
C GLU A 2194 -22.87 11.30 28.35
N SER A 2195 -22.19 10.31 27.79
CA SER A 2195 -22.10 10.11 26.35
C SER A 2195 -22.70 8.77 25.96
N VAL A 2196 -23.23 8.71 24.74
CA VAL A 2196 -23.84 7.48 24.24
C VAL A 2196 -22.80 6.39 24.04
N TYR A 2197 -21.56 6.78 23.71
CA TYR A 2197 -20.53 5.79 23.43
C TYR A 2197 -20.17 4.94 24.64
N SER A 2198 -20.56 5.35 25.84
CA SER A 2198 -20.27 4.56 27.03
C SER A 2198 -21.28 3.43 27.22
N LEU A 2199 -22.33 3.38 26.40
CA LEU A 2199 -23.37 2.37 26.57
C LEU A 2199 -23.17 1.15 25.70
N TYR A 2200 -22.38 1.26 24.63
CA TYR A 2200 -22.30 0.21 23.63
C TYR A 2200 -21.76 -1.12 24.18
N PRO A 2201 -20.65 -1.18 24.91
CA PRO A 2201 -20.18 -2.48 25.41
C PRO A 2201 -21.19 -3.19 26.30
N THR A 2202 -21.88 -2.44 27.16
CA THR A 2202 -22.91 -3.04 28.00
C THR A 2202 -24.04 -3.61 27.15
N LEU A 2203 -24.44 -2.88 26.12
CA LEU A 2203 -25.50 -3.36 25.23
C LEU A 2203 -25.07 -4.64 24.52
N SER A 2204 -23.82 -4.69 24.06
CA SER A 2204 -23.32 -5.89 23.39
C SER A 2204 -23.31 -7.09 24.34
N ARG A 2205 -22.83 -6.89 25.56
CA ARG A 2205 -22.80 -7.97 26.53
C ARG A 2205 -24.20 -8.45 26.88
N LEU A 2206 -25.14 -7.51 27.04
CA LEU A 2206 -26.52 -7.89 27.33
C LEU A 2206 -27.14 -8.65 26.17
N GLN A 2207 -26.84 -8.25 24.93
CA GLN A 2207 -27.34 -8.98 23.77
C GLN A 2207 -26.80 -10.40 23.74
N ALA A 2208 -25.50 -10.57 24.04
CA ALA A 2208 -24.92 -11.91 24.07
C ALA A 2208 -25.58 -12.77 25.14
N ILE A 2209 -25.79 -12.20 26.33
CA ILE A 2209 -26.46 -12.94 27.40
C ILE A 2209 -27.88 -13.33 26.99
N GLY A 2210 -28.59 -12.40 26.33
CA GLY A 2210 -29.93 -12.70 25.88
C GLY A 2210 -29.98 -13.82 24.87
N GLU A 2211 -29.04 -13.83 23.92
CA GLU A 2211 -29.00 -14.90 22.92
C GLU A 2211 -28.69 -16.25 23.58
N LEU A 2212 -27.78 -16.25 24.57
CA LEU A 2212 -27.49 -17.49 25.29
C LEU A 2212 -28.73 -18.00 26.02
N GLU A 2213 -29.45 -17.09 26.68
CA GLU A 2213 -30.68 -17.50 27.37
C GLU A 2213 -31.73 -17.98 26.36
N SER A 2214 -31.74 -17.39 25.17
CA SER A 2214 -32.68 -17.83 24.14
C SER A 2214 -32.38 -19.26 23.69
N ILE A 2215 -31.10 -19.59 23.48
CA ILE A 2215 -30.79 -20.96 23.07
C ILE A 2215 -30.91 -21.95 24.22
N GLY A 2216 -30.94 -21.46 25.47
CA GLY A 2216 -31.08 -22.38 26.60
C GLY A 2216 -32.33 -23.24 26.50
N GLU A 2217 -33.47 -22.62 26.19
CA GLU A 2217 -34.71 -23.38 26.06
C GLU A 2217 -34.68 -24.32 24.85
N LEU A 2218 -34.02 -23.92 23.77
CA LEU A 2218 -33.89 -24.79 22.61
C LEU A 2218 -33.08 -26.04 22.96
N PHE A 2219 -32.02 -25.87 23.76
CA PHE A 2219 -31.25 -27.03 24.21
C PHE A 2219 -32.07 -27.86 25.19
N SER A 2220 -32.91 -27.22 26.00
CA SER A 2220 -33.66 -27.94 27.03
C SER A 2220 -34.59 -28.99 26.44
N ARG A 2221 -35.31 -28.63 25.38
CA ARG A 2221 -36.28 -29.53 24.78
C ARG A 2221 -35.68 -30.24 23.57
N SER A 2222 -36.51 -31.01 22.89
CA SER A 2222 -36.08 -31.70 21.67
C SER A 2222 -35.79 -30.70 20.57
N VAL A 2223 -34.71 -30.93 19.82
CA VAL A 2223 -34.29 -30.02 18.77
C VAL A 2223 -34.99 -30.40 17.47
N THR A 2224 -35.61 -29.41 16.83
CA THR A 2224 -36.27 -29.59 15.54
C THR A 2224 -35.66 -28.64 14.52
N HIS A 2225 -35.80 -29.01 13.25
CA HIS A 2225 -35.24 -28.19 12.17
C HIS A 2225 -35.90 -26.82 12.12
N ARG A 2226 -37.21 -26.76 12.32
CA ARG A 2226 -37.92 -25.49 12.25
C ARG A 2226 -37.44 -24.53 13.32
N GLN A 2227 -37.23 -25.02 14.54
CA GLN A 2227 -36.77 -24.15 15.63
C GLN A 2227 -35.38 -23.58 15.33
N LEU A 2228 -34.47 -24.42 14.81
CA LEU A 2228 -33.15 -23.94 14.46
C LEU A 2228 -33.19 -22.92 13.34
N SER A 2229 -34.03 -23.17 12.32
CA SER A 2229 -34.18 -22.20 11.24
C SER A 2229 -34.72 -20.87 11.78
N GLU A 2230 -35.71 -20.94 12.68
CA GLU A 2230 -36.29 -19.72 13.23
C GLU A 2230 -35.27 -18.94 14.06
N VAL A 2231 -34.48 -19.64 14.88
CA VAL A 2231 -33.51 -18.93 15.71
C VAL A 2231 -32.40 -18.33 14.84
N TYR A 2232 -32.01 -19.02 13.76
CA TYR A 2232 -31.03 -18.45 12.85
C TYR A 2232 -31.60 -17.23 12.12
N ILE A 2233 -32.88 -17.27 11.76
CA ILE A 2233 -33.52 -16.11 11.13
C ILE A 2233 -33.54 -14.93 12.10
N LYS A 2234 -33.85 -15.21 13.37
CA LYS A 2234 -33.82 -14.15 14.37
C LYS A 2234 -32.42 -13.56 14.52
N TRP A 2235 -31.40 -14.42 14.54
CA TRP A 2235 -30.03 -13.94 14.61
C TRP A 2235 -29.68 -13.07 13.41
N GLN A 2236 -30.08 -13.49 12.21
CA GLN A 2236 -29.78 -12.70 11.02
C GLN A 2236 -30.48 -11.36 11.05
N LYS A 2237 -31.75 -11.33 11.49
CA LYS A 2237 -32.46 -10.07 11.59
C LYS A 2237 -31.79 -9.13 12.60
N HIS A 2238 -31.42 -9.66 13.76
CA HIS A 2238 -30.86 -8.79 14.79
C HIS A 2238 -29.45 -8.36 14.45
N SER A 2239 -28.76 -9.15 13.62
CA SER A 2239 -27.47 -8.71 13.06
C SER A 2239 -27.68 -7.63 12.00
N GLN A 2240 -28.74 -7.75 11.21
CA GLN A 2240 -29.09 -6.66 10.28
C GLN A 2240 -29.40 -5.38 11.04
N LEU A 2241 -29.92 -5.49 12.26
CA LEU A 2241 -30.12 -4.31 13.09
C LEU A 2241 -28.80 -3.64 13.44
N LEU A 2242 -27.71 -4.40 13.49
CA LEU A 2242 -26.40 -3.90 13.87
C LEU A 2242 -25.51 -3.62 12.67
N LYS A 2243 -26.09 -3.14 11.56
CA LYS A 2243 -25.30 -2.94 10.34
C LYS A 2243 -24.20 -1.91 10.53
N ASP A 2244 -24.49 -0.80 11.21
CA ASP A 2244 -23.55 0.29 11.33
C ASP A 2244 -22.80 0.30 12.66
N SER A 2245 -22.91 -0.78 13.44
CA SER A 2245 -22.19 -0.85 14.70
C SER A 2245 -20.71 -1.10 14.46
N ASP A 2246 -19.89 -0.71 15.43
CA ASP A 2246 -18.46 -0.93 15.35
C ASP A 2246 -18.13 -2.41 15.48
N PHE A 2247 -17.03 -2.82 14.85
CA PHE A 2247 -16.63 -4.22 14.88
C PHE A 2247 -16.33 -4.69 16.30
N SER A 2248 -15.82 -3.79 17.15
CA SER A 2248 -15.51 -4.16 18.53
C SER A 2248 -16.73 -4.56 19.33
N PHE A 2249 -17.93 -4.21 18.85
CA PHE A 2249 -19.17 -4.61 19.50
C PHE A 2249 -19.84 -5.79 18.83
N GLN A 2250 -19.68 -5.94 17.51
CA GLN A 2250 -20.27 -7.07 16.80
C GLN A 2250 -19.48 -8.36 17.02
N GLU A 2251 -18.15 -8.26 17.14
CA GLU A 2251 -17.31 -9.45 17.15
C GLU A 2251 -17.60 -10.39 18.32
N PRO A 2252 -17.72 -9.93 19.57
CA PRO A 2252 -18.01 -10.88 20.66
C PRO A 2252 -19.31 -11.64 20.47
N ILE A 2253 -20.32 -10.99 19.90
CA ILE A 2253 -21.60 -11.66 19.66
C ILE A 2253 -21.43 -12.78 18.65
N MET A 2254 -20.68 -12.52 17.57
CA MET A 2254 -20.43 -13.57 16.58
C MET A 2254 -19.61 -14.70 17.17
N ALA A 2255 -18.63 -14.37 18.01
CA ALA A 2255 -17.84 -15.42 18.66
C ALA A 2255 -18.72 -16.30 19.55
N LEU A 2256 -19.62 -15.68 20.32
CA LEU A 2256 -20.51 -16.46 21.17
C LEU A 2256 -21.45 -17.31 20.32
N ARG A 2257 -21.93 -16.78 19.20
CA ARG A 2257 -22.78 -17.57 18.30
C ARG A 2257 -22.02 -18.77 17.76
N THR A 2258 -20.76 -18.59 17.38
CA THR A 2258 -19.96 -19.70 16.87
C THR A 2258 -19.77 -20.77 17.94
N VAL A 2259 -19.44 -20.36 19.16
CA VAL A 2259 -19.27 -21.34 20.24
C VAL A 2259 -20.59 -22.04 20.53
N ILE A 2260 -21.70 -21.31 20.47
CA ILE A 2260 -23.02 -21.88 20.69
C ILE A 2260 -23.30 -22.98 19.67
N LEU A 2261 -23.08 -22.67 18.39
CA LEU A 2261 -23.34 -23.64 17.33
C LEU A 2261 -22.43 -24.85 17.45
N GLU A 2262 -21.16 -24.62 17.80
CA GLU A 2262 -20.24 -25.74 17.96
C GLU A 2262 -20.67 -26.65 19.10
N ILE A 2263 -21.11 -26.07 20.22
CA ILE A 2263 -21.59 -26.88 21.35
C ILE A 2263 -22.83 -27.67 20.94
N LEU A 2264 -23.76 -27.01 20.24
CA LEU A 2264 -24.97 -27.69 19.81
C LEU A 2264 -24.66 -28.85 18.87
N MET A 2265 -23.72 -28.66 17.95
CA MET A 2265 -23.31 -29.74 17.06
C MET A 2265 -22.66 -30.87 17.84
N GLU A 2266 -21.83 -30.54 18.83
CA GLU A 2266 -21.17 -31.56 19.63
C GLU A 2266 -22.18 -32.41 20.40
N LYS A 2267 -23.21 -31.78 20.95
CA LYS A 2267 -24.18 -32.46 21.80
C LYS A 2267 -25.46 -32.83 21.04
N GLU A 2268 -25.35 -33.21 19.77
CA GLU A 2268 -26.53 -33.54 18.98
C GLU A 2268 -26.87 -35.04 19.04
N MET A 2269 -25.92 -35.89 18.62
CA MET A 2269 -26.12 -37.34 18.58
C MET A 2269 -27.31 -37.72 17.70
N ASP A 2270 -27.45 -37.04 16.57
CA ASP A 2270 -28.50 -37.35 15.60
C ASP A 2270 -28.06 -36.85 14.24
N ASN A 2271 -27.91 -37.78 13.28
CA ASN A 2271 -27.35 -37.42 11.98
C ASN A 2271 -28.25 -36.45 11.23
N SER A 2272 -29.57 -36.66 11.30
CA SER A 2272 -30.49 -35.81 10.54
C SER A 2272 -30.41 -34.35 10.98
N GLN A 2273 -30.41 -34.11 12.29
CA GLN A 2273 -30.27 -32.75 12.80
C GLN A 2273 -28.84 -32.23 12.68
N ARG A 2274 -27.86 -33.13 12.71
CA ARG A 2274 -26.47 -32.72 12.65
C ARG A 2274 -26.15 -32.03 11.33
N GLU A 2275 -26.76 -32.49 10.23
CA GLU A 2275 -26.54 -31.84 8.94
C GLU A 2275 -27.10 -30.42 8.94
N CYS A 2276 -28.28 -30.22 9.53
CA CYS A 2276 -28.86 -28.89 9.62
C CYS A 2276 -28.00 -27.98 10.48
N ILE A 2277 -27.50 -28.50 11.61
CA ILE A 2277 -26.62 -27.70 12.46
C ILE A 2277 -25.34 -27.34 11.73
N LYS A 2278 -24.80 -28.28 10.96
CA LYS A 2278 -23.59 -28.00 10.17
C LYS A 2278 -23.85 -26.93 9.13
N ASP A 2279 -25.00 -26.98 8.46
CA ASP A 2279 -25.34 -25.94 7.49
C ASP A 2279 -25.48 -24.58 8.17
N ILE A 2280 -26.12 -24.54 9.34
CA ILE A 2280 -26.26 -23.29 10.06
C ILE A 2280 -24.90 -22.74 10.46
N LEU A 2281 -24.02 -23.60 10.96
CA LEU A 2281 -22.68 -23.16 11.35
C LEU A 2281 -21.89 -22.66 10.15
N THR A 2282 -22.00 -23.34 9.01
CA THR A 2282 -21.31 -22.90 7.80
C THR A 2282 -21.80 -21.53 7.35
N LYS A 2283 -23.11 -21.32 7.36
CA LYS A 2283 -23.66 -20.01 6.98
C LYS A 2283 -23.20 -18.93 7.95
N HIS A 2284 -23.22 -19.23 9.25
CA HIS A 2284 -22.77 -18.26 10.25
C HIS A 2284 -21.31 -17.90 10.08
N LEU A 2285 -20.47 -18.91 9.80
CA LEU A 2285 -19.04 -18.64 9.63
C LEU A 2285 -18.76 -17.88 8.35
N VAL A 2286 -19.51 -18.16 7.28
CA VAL A 2286 -19.36 -17.36 6.06
C VAL A 2286 -19.75 -15.91 6.33
N GLU A 2287 -20.84 -15.70 7.06
CA GLU A 2287 -21.24 -14.34 7.41
C GLU A 2287 -20.19 -13.66 8.27
N LEU A 2288 -19.60 -14.39 9.21
CA LEU A 2288 -18.53 -13.83 10.03
C LEU A 2288 -17.32 -13.44 9.20
N SER A 2289 -16.95 -14.29 8.22
CA SER A 2289 -15.84 -13.97 7.33
C SER A 2289 -16.14 -12.70 6.53
N ILE A 2290 -17.36 -12.59 6.01
CA ILE A 2290 -17.73 -11.39 5.24
C ILE A 2290 -17.67 -10.15 6.13
N LEU A 2291 -18.19 -10.26 7.36
CA LEU A 2291 -18.18 -9.12 8.27
C LEU A 2291 -16.77 -8.70 8.62
N ALA A 2292 -15.88 -9.66 8.88
CA ALA A 2292 -14.50 -9.33 9.19
C ALA A 2292 -13.78 -8.75 7.98
N ARG A 2293 -14.11 -9.20 6.77
CA ARG A 2293 -13.51 -8.62 5.58
C ARG A 2293 -13.99 -7.19 5.35
N THR A 2294 -15.24 -6.89 5.69
CA THR A 2294 -15.74 -5.53 5.51
C THR A 2294 -15.01 -4.53 6.41
N PHE A 2295 -14.39 -5.00 7.49
CA PHE A 2295 -13.67 -4.15 8.41
C PHE A 2295 -12.15 -4.24 8.24
N LYS A 2296 -11.69 -4.69 7.06
CA LYS A 2296 -10.27 -4.79 6.75
C LYS A 2296 -9.52 -5.68 7.74
N ASN A 2297 -10.17 -6.77 8.15
CA ASN A 2297 -9.55 -7.76 9.01
C ASN A 2297 -9.32 -9.03 8.20
N THR A 2298 -8.14 -9.63 8.36
CA THR A 2298 -7.73 -10.77 7.54
C THR A 2298 -7.53 -12.05 8.32
N GLN A 2299 -7.17 -11.98 9.60
CA GLN A 2299 -6.92 -13.20 10.38
C GLN A 2299 -8.23 -13.93 10.70
N LEU A 2300 -9.24 -13.18 11.12
CA LEU A 2300 -10.52 -13.80 11.45
C LEU A 2300 -11.19 -14.51 10.28
N PRO A 2301 -11.23 -13.95 9.06
CA PRO A 2301 -11.78 -14.73 7.94
C PRO A 2301 -11.03 -16.03 7.69
N GLU A 2302 -9.69 -16.01 7.82
CA GLU A 2302 -8.92 -17.23 7.63
C GLU A 2302 -9.25 -18.26 8.70
N ARG A 2303 -9.38 -17.81 9.95
CA ARG A 2303 -9.75 -18.74 11.02
C ARG A 2303 -11.14 -19.33 10.78
N ALA A 2304 -12.08 -18.50 10.33
CA ALA A 2304 -13.43 -19.00 10.06
C ALA A 2304 -13.42 -20.02 8.91
N ILE A 2305 -12.64 -19.75 7.86
CA ILE A 2305 -12.55 -20.70 6.75
C ILE A 2305 -11.92 -22.01 7.24
N PHE A 2306 -10.91 -21.91 8.11
CA PHE A 2306 -10.31 -23.12 8.67
C PHE A 2306 -11.32 -23.92 9.48
N GLN A 2307 -12.14 -23.26 10.28
CA GLN A 2307 -13.17 -23.96 11.03
C GLN A 2307 -14.20 -24.60 10.09
N ILE A 2308 -14.58 -23.90 9.02
CA ILE A 2308 -15.48 -24.48 8.03
C ILE A 2308 -14.89 -25.75 7.44
N LYS A 2309 -13.60 -25.71 7.10
CA LYS A 2309 -12.93 -26.90 6.57
C LYS A 2309 -12.92 -28.03 7.60
N GLN A 2310 -12.70 -27.68 8.87
CA GLN A 2310 -12.67 -28.69 9.92
C GLN A 2310 -14.03 -29.39 10.06
N TYR A 2311 -15.11 -28.62 10.03
CA TYR A 2311 -16.44 -29.22 10.16
C TYR A 2311 -16.99 -29.69 8.81
N ASN A 2312 -17.08 -28.78 7.84
CA ASN A 2312 -17.66 -29.11 6.54
C ASN A 2312 -16.57 -29.72 5.64
N SER A 2313 -16.19 -30.95 5.98
CA SER A 2313 -15.29 -31.71 5.12
C SER A 2313 -15.94 -31.89 3.76
N VAL A 2314 -15.20 -31.57 2.70
CA VAL A 2314 -15.75 -31.47 1.36
C VAL A 2314 -15.06 -32.47 0.45
N SER A 2315 -15.85 -33.21 -0.33
CA SER A 2315 -15.35 -34.05 -1.40
C SER A 2315 -16.01 -33.76 -2.74
N CYS A 2316 -17.21 -33.17 -2.74
CA CYS A 2316 -17.83 -32.76 -4.00
C CYS A 2316 -17.04 -31.64 -4.66
N GLY A 2317 -16.50 -30.71 -3.86
CA GLY A 2317 -15.64 -29.67 -4.36
C GLY A 2317 -16.34 -28.42 -4.85
N VAL A 2318 -17.65 -28.29 -4.67
CA VAL A 2318 -18.39 -27.10 -5.08
C VAL A 2318 -19.23 -26.63 -3.90
N SER A 2319 -19.02 -25.39 -3.47
CA SER A 2319 -19.77 -24.82 -2.36
C SER A 2319 -19.55 -23.31 -2.34
N GLU A 2320 -20.45 -22.61 -1.64
CA GLU A 2320 -20.34 -21.16 -1.52
C GLU A 2320 -19.19 -20.76 -0.60
N TRP A 2321 -18.93 -21.55 0.45
CA TRP A 2321 -17.84 -21.21 1.34
C TRP A 2321 -16.48 -21.29 0.66
N GLN A 2322 -16.35 -22.07 -0.40
CA GLN A 2322 -15.11 -22.04 -1.18
C GLN A 2322 -14.98 -20.71 -1.92
N LEU A 2323 -16.09 -20.18 -2.43
CA LEU A 2323 -16.06 -18.84 -3.02
C LEU A 2323 -15.70 -17.80 -1.96
N GLU A 2324 -16.21 -17.95 -0.75
CA GLU A 2324 -15.84 -17.03 0.32
C GLU A 2324 -14.35 -17.15 0.65
N GLU A 2325 -13.81 -18.37 0.63
CA GLU A 2325 -12.37 -18.56 0.83
C GLU A 2325 -11.56 -17.87 -0.26
N ALA A 2326 -12.03 -17.96 -1.51
CA ALA A 2326 -11.35 -17.27 -2.60
C ALA A 2326 -11.38 -15.75 -2.37
N GLN A 2327 -12.53 -15.22 -1.93
CA GLN A 2327 -12.61 -13.80 -1.63
C GLN A 2327 -11.65 -13.41 -0.50
N VAL A 2328 -11.56 -14.26 0.53
CA VAL A 2328 -10.66 -13.99 1.65
C VAL A 2328 -9.21 -13.96 1.19
N PHE A 2329 -8.83 -14.93 0.36
CA PHE A 2329 -7.46 -14.95 -0.16
C PHE A 2329 -7.19 -13.73 -1.03
N TRP A 2330 -8.16 -13.30 -1.82
CA TRP A 2330 -8.01 -12.08 -2.61
C TRP A 2330 -7.83 -10.87 -1.71
N ALA A 2331 -8.57 -10.81 -0.60
CA ALA A 2331 -8.47 -9.66 0.29
C ALA A 2331 -7.09 -9.55 0.92
N LYS A 2332 -6.35 -10.65 1.02
CA LYS A 2332 -5.00 -10.66 1.56
C LYS A 2332 -3.94 -10.40 0.50
N LYS A 2333 -4.33 -9.92 -0.67
CA LYS A 2333 -3.43 -9.61 -1.79
C LYS A 2333 -2.69 -10.84 -2.31
N GLU A 2334 -3.20 -12.03 -2.03
CA GLU A 2334 -2.66 -13.26 -2.60
C GLU A 2334 -3.54 -13.65 -3.78
N GLN A 2335 -3.32 -12.96 -4.90
CA GLN A 2335 -4.21 -13.10 -6.05
C GLN A 2335 -4.04 -14.44 -6.74
N SER A 2336 -2.84 -14.99 -6.74
CA SER A 2336 -2.59 -16.26 -7.43
C SER A 2336 -3.41 -17.39 -6.82
N LEU A 2337 -3.39 -17.49 -5.49
CA LEU A 2337 -4.14 -18.55 -4.82
C LEU A 2337 -5.64 -18.41 -5.06
N ALA A 2338 -6.16 -17.18 -4.95
CA ALA A 2338 -7.59 -16.97 -5.16
C ALA A 2338 -8.00 -17.31 -6.58
N LEU A 2339 -7.20 -16.89 -7.56
CA LEU A 2339 -7.51 -17.19 -8.95
C LEU A 2339 -7.45 -18.69 -9.23
N SER A 2340 -6.45 -19.38 -8.65
CA SER A 2340 -6.35 -20.81 -8.84
C SER A 2340 -7.56 -21.53 -8.25
N ILE A 2341 -7.95 -21.14 -7.03
CA ILE A 2341 -9.12 -21.75 -6.39
C ILE A 2341 -10.37 -21.52 -7.22
N LEU A 2342 -10.55 -20.29 -7.71
CA LEU A 2342 -11.78 -19.98 -8.44
C LEU A 2342 -11.81 -20.69 -9.80
N LYS A 2343 -10.67 -20.80 -10.47
CA LYS A 2343 -10.62 -21.53 -11.73
C LYS A 2343 -10.86 -23.02 -11.52
N GLN A 2344 -10.33 -23.58 -10.43
CA GLN A 2344 -10.60 -24.97 -10.11
C GLN A 2344 -12.09 -25.19 -9.85
N MET A 2345 -12.71 -24.27 -9.11
CA MET A 2345 -14.15 -24.36 -8.87
C MET A 2345 -14.93 -24.28 -10.19
N ILE A 2346 -14.50 -23.39 -11.08
CA ILE A 2346 -15.20 -23.23 -12.36
C ILE A 2346 -15.09 -24.51 -13.19
N LYS A 2347 -13.90 -25.10 -13.24
CA LYS A 2347 -13.73 -26.33 -14.02
C LYS A 2347 -14.52 -27.47 -13.40
N LYS A 2348 -14.56 -27.56 -12.07
CA LYS A 2348 -15.34 -28.62 -11.43
C LYS A 2348 -16.83 -28.44 -11.69
N LEU A 2349 -17.32 -27.20 -11.64
CA LEU A 2349 -18.72 -26.93 -11.92
C LEU A 2349 -19.07 -27.27 -13.36
N ASP A 2350 -18.18 -26.93 -14.30
CA ASP A 2350 -18.41 -27.25 -15.70
C ASP A 2350 -18.42 -28.76 -15.93
N ALA A 2351 -17.50 -29.48 -15.29
CA ALA A 2351 -17.43 -30.92 -15.46
C ALA A 2351 -18.64 -31.61 -14.85
N SER A 2352 -19.09 -31.15 -13.68
CA SER A 2352 -20.15 -31.84 -12.95
C SER A 2352 -21.46 -31.82 -13.73
N CYS A 2353 -21.83 -30.65 -14.26
CA CYS A 2353 -23.09 -30.51 -14.96
C CYS A 2353 -23.02 -29.28 -15.85
N ALA A 2354 -23.98 -29.19 -16.78
CA ALA A 2354 -24.08 -28.04 -17.68
C ALA A 2354 -24.98 -26.97 -17.09
N ALA A 2355 -24.69 -26.57 -15.85
CA ALA A 2355 -25.44 -25.53 -15.15
C ALA A 2355 -26.93 -25.86 -15.08
N ASN A 2356 -27.24 -27.12 -14.80
CA ASN A 2356 -28.63 -27.57 -14.74
C ASN A 2356 -29.16 -27.70 -13.32
N ASN A 2357 -28.29 -27.81 -12.33
CA ASN A 2357 -28.74 -27.90 -10.94
C ASN A 2357 -29.24 -26.55 -10.46
N PRO A 2358 -30.49 -26.43 -10.00
CA PRO A 2358 -30.98 -25.13 -9.52
C PRO A 2358 -30.19 -24.59 -8.34
N SER A 2359 -29.66 -25.44 -7.48
CA SER A 2359 -28.93 -24.98 -6.31
C SER A 2359 -27.57 -24.39 -6.68
N LEU A 2360 -26.90 -24.98 -7.67
CA LEU A 2360 -25.55 -24.58 -8.02
C LEU A 2360 -25.49 -23.55 -9.13
N LYS A 2361 -26.63 -23.13 -9.68
CA LYS A 2361 -26.62 -22.13 -10.75
C LYS A 2361 -26.07 -20.79 -10.24
N LEU A 2362 -26.52 -20.37 -9.07
CA LEU A 2362 -26.07 -19.10 -8.52
C LEU A 2362 -24.57 -19.14 -8.22
N THR A 2363 -24.10 -20.23 -7.63
CA THR A 2363 -22.67 -20.36 -7.34
C THR A 2363 -21.84 -20.35 -8.62
N TYR A 2364 -22.30 -21.06 -9.65
CA TYR A 2364 -21.58 -21.08 -10.91
C TYR A 2364 -21.50 -19.70 -11.53
N THR A 2365 -22.64 -18.99 -11.57
CA THR A 2365 -22.66 -17.65 -12.14
C THR A 2365 -21.76 -16.69 -11.37
N GLU A 2366 -21.83 -16.75 -10.03
CA GLU A 2366 -21.00 -15.86 -9.21
C GLU A 2366 -19.52 -16.17 -9.40
N CYS A 2367 -19.15 -17.46 -9.46
CA CYS A 2367 -17.75 -17.80 -9.66
C CYS A 2367 -17.26 -17.31 -11.00
N LEU A 2368 -18.04 -17.50 -12.06
CA LEU A 2368 -17.63 -17.03 -13.39
C LEU A 2368 -17.46 -15.52 -13.39
N ARG A 2369 -18.43 -14.79 -12.83
CA ARG A 2369 -18.37 -13.33 -12.83
C ARG A 2369 -17.19 -12.82 -12.03
N VAL A 2370 -16.96 -13.38 -10.83
CA VAL A 2370 -15.86 -12.93 -10.00
C VAL A 2370 -14.52 -13.24 -10.63
N CYS A 2371 -14.38 -14.43 -11.24
CA CYS A 2371 -13.12 -14.76 -11.88
C CYS A 2371 -12.86 -13.84 -13.09
N GLY A 2372 -13.89 -13.55 -13.88
CA GLY A 2372 -13.72 -12.62 -14.98
C GLY A 2372 -13.31 -11.24 -14.51
N ASN A 2373 -13.95 -10.73 -13.46
CA ASN A 2373 -13.61 -9.42 -12.94
C ASN A 2373 -12.19 -9.40 -12.40
N TRP A 2374 -11.78 -10.45 -11.69
CA TRP A 2374 -10.42 -10.50 -11.14
C TRP A 2374 -9.38 -10.57 -12.25
N LEU A 2375 -9.64 -11.36 -13.29
CA LEU A 2375 -8.71 -11.43 -14.41
C LEU A 2375 -8.62 -10.09 -15.15
N ALA A 2376 -9.75 -9.40 -15.28
CA ALA A 2376 -9.73 -8.07 -15.88
C ALA A 2376 -8.92 -7.10 -15.02
N GLU A 2377 -9.05 -7.20 -13.69
CA GLU A 2377 -8.33 -6.30 -12.80
C GLU A 2377 -6.83 -6.54 -12.85
N THR A 2378 -6.41 -7.82 -12.82
CA THR A 2378 -4.99 -8.13 -12.79
C THR A 2378 -4.35 -8.13 -14.16
N CYS A 2379 -5.12 -7.98 -15.24
CA CYS A 2379 -4.61 -7.97 -16.60
C CYS A 2379 -3.85 -9.26 -16.93
N LEU A 2380 -4.27 -10.38 -16.33
CA LEU A 2380 -3.62 -11.66 -16.58
C LEU A 2380 -4.19 -12.38 -17.80
N GLU A 2381 -5.25 -11.86 -18.40
CA GLU A 2381 -5.85 -12.47 -19.58
C GLU A 2381 -6.30 -11.38 -20.54
N ASN A 2382 -6.29 -11.71 -21.83
CA ASN A 2382 -6.72 -10.76 -22.84
C ASN A 2382 -8.22 -10.54 -22.76
N PRO A 2383 -8.70 -9.38 -23.23
CA PRO A 2383 -10.15 -9.10 -23.14
C PRO A 2383 -11.01 -10.12 -23.86
N ALA A 2384 -10.55 -10.67 -24.98
CA ALA A 2384 -11.36 -11.63 -25.72
C ALA A 2384 -11.62 -12.89 -24.90
N VAL A 2385 -10.58 -13.43 -24.26
CA VAL A 2385 -10.74 -14.62 -23.45
C VAL A 2385 -11.64 -14.34 -22.25
N ILE A 2386 -11.45 -13.20 -21.60
CA ILE A 2386 -12.26 -12.86 -20.44
C ILE A 2386 -13.73 -12.73 -20.83
N MET A 2387 -14.00 -12.08 -21.96
CA MET A 2387 -15.38 -11.91 -22.41
C MET A 2387 -16.01 -13.23 -22.79
N GLN A 2388 -15.31 -14.04 -23.59
CA GLN A 2388 -15.91 -15.25 -24.14
C GLN A 2388 -16.02 -16.37 -23.12
N THR A 2389 -15.11 -16.42 -22.14
CA THR A 2389 -15.04 -17.55 -21.24
C THR A 2389 -15.76 -17.34 -19.92
N TYR A 2390 -15.76 -16.12 -19.39
CA TYR A 2390 -16.22 -15.88 -18.03
C TYR A 2390 -17.49 -15.04 -17.95
N LEU A 2391 -17.48 -13.84 -18.55
CA LEU A 2391 -18.59 -12.92 -18.34
C LEU A 2391 -19.80 -13.26 -19.20
N GLU A 2392 -19.59 -13.48 -20.50
CA GLU A 2392 -20.68 -13.92 -21.36
C GLU A 2392 -21.21 -15.27 -20.91
N LYS A 2393 -20.31 -16.17 -20.50
CA LYS A 2393 -20.74 -17.46 -19.97
C LYS A 2393 -21.54 -17.28 -18.68
N ALA A 2394 -21.12 -16.36 -17.81
CA ALA A 2394 -21.87 -16.11 -16.58
C ALA A 2394 -23.27 -15.59 -16.89
N VAL A 2395 -23.39 -14.71 -17.87
CA VAL A 2395 -24.72 -14.23 -18.27
C VAL A 2395 -25.55 -15.38 -18.84
N GLU A 2396 -24.93 -16.23 -19.66
CA GLU A 2396 -25.67 -17.31 -20.31
C GLU A 2396 -26.14 -18.36 -19.30
N VAL A 2397 -25.34 -18.61 -18.25
CA VAL A 2397 -25.76 -19.58 -17.24
C VAL A 2397 -27.03 -19.12 -16.54
N ALA A 2398 -27.09 -17.84 -16.17
CA ALA A 2398 -28.25 -17.30 -15.49
C ALA A 2398 -29.35 -16.95 -16.49
N SER A 2406 -37.30 -16.55 -6.33
CA SER A 2406 -36.20 -16.45 -7.29
C SER A 2406 -35.51 -15.09 -7.19
N ASP A 2407 -35.58 -14.48 -6.01
CA ASP A 2407 -34.94 -13.18 -5.80
C ASP A 2407 -33.42 -13.28 -5.92
N GLU A 2408 -32.84 -14.35 -5.39
CA GLU A 2408 -31.39 -14.54 -5.47
C GLU A 2408 -30.95 -14.70 -6.93
N LEU A 2409 -31.72 -15.44 -7.72
CA LEU A 2409 -31.40 -15.58 -9.14
C LEU A 2409 -31.52 -14.23 -9.85
N ARG A 2410 -32.52 -13.43 -9.49
CA ARG A 2410 -32.66 -12.11 -10.08
C ARG A 2410 -31.47 -11.22 -9.74
N ASN A 2411 -31.00 -11.26 -8.49
CA ASN A 2411 -29.85 -10.47 -8.09
C ASN A 2411 -28.59 -10.93 -8.83
N GLY A 2412 -28.41 -12.24 -8.96
CA GLY A 2412 -27.28 -12.74 -9.71
C GLY A 2412 -27.32 -12.34 -11.18
N LYS A 2413 -28.51 -12.38 -11.78
CA LYS A 2413 -28.67 -11.91 -13.15
C LYS A 2413 -28.29 -10.44 -13.27
N MET A 2414 -28.74 -9.62 -12.32
CA MET A 2414 -28.40 -8.20 -12.36
C MET A 2414 -26.91 -7.99 -12.26
N LYS A 2415 -26.25 -8.70 -11.34
CA LYS A 2415 -24.81 -8.53 -11.17
C LYS A 2415 -24.05 -8.98 -12.41
N ALA A 2416 -24.42 -10.12 -13.00
CA ALA A 2416 -23.75 -10.58 -14.20
C ALA A 2416 -23.95 -9.63 -15.37
N PHE A 2417 -25.18 -9.11 -15.53
CA PHE A 2417 -25.45 -8.14 -16.59
C PHE A 2417 -24.61 -6.89 -16.40
N LEU A 2418 -24.51 -6.40 -15.15
CA LEU A 2418 -23.70 -5.21 -14.89
C LEU A 2418 -22.23 -5.47 -15.21
N SER A 2419 -21.70 -6.63 -14.81
CA SER A 2419 -20.30 -6.92 -15.08
C SER A 2419 -20.01 -6.98 -16.57
N LEU A 2420 -20.89 -7.67 -17.32
CA LEU A 2420 -20.70 -7.76 -18.77
C LEU A 2420 -20.79 -6.39 -19.42
N ALA A 2421 -21.76 -5.58 -18.99
CA ALA A 2421 -21.91 -4.23 -19.53
C ALA A 2421 -20.67 -3.38 -19.24
N ARG A 2422 -20.13 -3.49 -18.02
CA ARG A 2422 -18.95 -2.72 -17.66
C ARG A 2422 -17.74 -3.12 -18.51
N PHE A 2423 -17.56 -4.42 -18.71
CA PHE A 2423 -16.42 -4.85 -19.53
C PHE A 2423 -16.58 -4.39 -20.98
N SER A 2424 -17.78 -4.53 -21.54
CA SER A 2424 -18.01 -4.07 -22.91
C SER A 2424 -17.81 -2.56 -23.02
N ASP A 2425 -18.27 -1.80 -22.02
CA ASP A 2425 -18.06 -0.36 -22.02
C ASP A 2425 -16.58 -0.02 -21.93
N THR A 2426 -15.81 -0.77 -21.15
CA THR A 2426 -14.38 -0.55 -21.06
C THR A 2426 -13.71 -0.75 -22.42
N GLN A 2427 -14.07 -1.85 -23.11
CA GLN A 2427 -13.48 -2.10 -24.42
C GLN A 2427 -13.88 -1.01 -25.42
N TYR A 2428 -15.15 -0.60 -25.41
CA TYR A 2428 -15.61 0.46 -26.30
C TYR A 2428 -14.89 1.76 -26.03
N GLN A 2429 -14.69 2.08 -24.76
CA GLN A 2429 -13.99 3.31 -24.39
C GLN A 2429 -12.53 3.26 -24.82
N ARG A 2430 -11.88 2.10 -24.68
CA ARG A 2430 -10.47 1.92 -25.13
C ARG A 2430 -10.38 2.14 -26.63
N ILE A 2431 -11.28 1.52 -27.38
CA ILE A 2431 -11.28 1.63 -28.87
C ILE A 2431 -11.56 3.07 -29.29
N GLU A 2432 -12.44 3.79 -28.59
CA GLU A 2432 -12.76 5.21 -28.91
C GLU A 2432 -11.59 6.12 -28.53
N ASN A 2433 -10.97 5.93 -27.35
CA ASN A 2433 -9.79 6.69 -26.97
C ASN A 2433 -8.67 6.53 -28.00
N TYR A 2434 -8.48 5.32 -28.50
CA TYR A 2434 -7.49 5.12 -29.55
C TYR A 2434 -7.87 5.89 -30.81
N MET A 2435 -9.14 5.87 -31.19
CA MET A 2435 -9.56 6.55 -32.40
C MET A 2435 -9.43 8.07 -32.27
N LYS A 2436 -9.59 8.60 -31.06
CA LYS A 2436 -9.52 10.04 -30.83
C LYS A 2436 -8.13 10.50 -30.42
N SER A 2437 -7.18 9.57 -30.26
CA SER A 2437 -5.86 9.92 -29.76
C SER A 2437 -5.02 10.56 -30.87
N SER A 2438 -3.93 11.21 -30.44
CA SER A 2438 -3.03 11.88 -31.37
C SER A 2438 -2.15 10.89 -32.13
N GLU A 2439 -1.89 9.72 -31.54
CA GLU A 2439 -1.11 8.70 -32.25
C GLU A 2439 -1.83 8.24 -33.50
N PHE A 2440 -3.15 8.02 -33.40
CA PHE A 2440 -3.92 7.60 -34.57
C PHE A 2440 -3.92 8.66 -35.65
N GLU A 2441 -4.07 9.94 -35.27
CA GLU A 2441 -4.07 11.00 -36.26
C GLU A 2441 -2.70 11.17 -36.90
N ASN A 2442 -1.62 10.99 -36.13
CA ASN A 2442 -0.28 11.02 -36.71
C ASN A 2442 -0.08 9.88 -37.70
N LYS A 2443 -0.54 8.68 -37.35
CA LYS A 2443 -0.43 7.55 -38.27
C LYS A 2443 -1.23 7.81 -39.54
N GLN A 2444 -2.43 8.39 -39.41
CA GLN A 2444 -3.23 8.70 -40.58
C GLN A 2444 -2.56 9.77 -41.44
N ALA A 2445 -1.97 10.79 -40.81
CA ALA A 2445 -1.34 11.86 -41.56
C ALA A 2445 -0.05 11.40 -42.24
N LEU A 2446 0.62 10.40 -41.68
CA LEU A 2446 1.82 9.87 -42.32
C LEU A 2446 1.51 9.31 -43.70
N LEU A 2447 0.40 8.57 -43.82
CA LEU A 2447 0.00 8.05 -45.13
C LEU A 2447 -0.60 9.13 -46.01
N LYS A 2448 -1.00 10.27 -45.43
CA LYS A 2448 -1.57 11.34 -46.24
C LYS A 2448 -0.53 11.93 -47.20
N ARG A 2449 0.71 12.07 -46.75
CA ARG A 2449 1.78 12.59 -47.60
C ARG A 2449 2.08 11.65 -48.75
N GLN A 2472 0.49 2.09 -52.82
CA GLN A 2472 -0.95 2.37 -52.78
C GLN A 2472 -1.68 1.36 -51.89
N ARG A 2473 -1.07 0.18 -51.73
CA ARG A 2473 -1.66 -0.85 -50.88
C ARG A 2473 -1.72 -0.43 -49.43
N GLU A 2474 -0.89 0.53 -49.01
CA GLU A 2474 -0.94 1.01 -47.63
C GLU A 2474 -2.28 1.66 -47.33
N LEU A 2475 -2.81 2.44 -48.29
CA LEU A 2475 -4.11 3.06 -48.08
C LEU A 2475 -5.22 2.01 -47.98
N GLU A 2476 -5.14 0.96 -48.80
CA GLU A 2476 -6.13 -0.11 -48.73
C GLU A 2476 -6.07 -0.81 -47.37
N LEU A 2477 -4.86 -1.11 -46.88
CA LEU A 2477 -4.72 -1.73 -45.57
C LEU A 2477 -5.26 -0.82 -44.47
N ASP A 2478 -4.98 0.49 -44.56
CA ASP A 2478 -5.50 1.42 -43.58
C ASP A 2478 -7.02 1.46 -43.60
N GLU A 2479 -7.62 1.46 -44.79
CA GLU A 2479 -9.08 1.46 -44.88
C GLU A 2479 -9.67 0.18 -44.28
N LEU A 2480 -9.06 -0.97 -44.56
CA LEU A 2480 -9.54 -2.22 -43.99
C LEU A 2480 -9.44 -2.19 -42.46
N ALA A 2481 -8.31 -1.71 -41.94
CA ALA A 2481 -8.14 -1.63 -40.49
C ALA A 2481 -9.15 -0.69 -39.86
N LEU A 2482 -9.41 0.45 -40.50
CA LEU A 2482 -10.38 1.40 -39.98
C LEU A 2482 -11.78 0.81 -39.96
N ARG A 2483 -12.16 0.10 -41.03
CA ARG A 2483 -13.48 -0.53 -41.06
C ARG A 2483 -13.61 -1.59 -39.97
N ALA A 2484 -12.56 -2.41 -39.79
CA ALA A 2484 -12.59 -3.42 -38.74
C ALA A 2484 -12.70 -2.78 -37.35
N LEU A 2485 -11.96 -1.69 -37.13
CA LEU A 2485 -12.02 -1.00 -35.85
C LEU A 2485 -13.41 -0.44 -35.59
N LYS A 2486 -14.02 0.17 -36.62
CA LYS A 2486 -15.37 0.71 -36.46
C LYS A 2486 -16.37 -0.40 -36.17
N GLU A 2487 -16.25 -1.55 -36.85
CA GLU A 2487 -17.14 -2.66 -36.59
C GLU A 2487 -17.00 -3.17 -35.16
N ASP A 2488 -15.75 -3.31 -34.69
CA ASP A 2488 -15.54 -3.75 -33.31
C ASP A 2488 -16.11 -2.75 -32.32
N ARG A 2489 -15.93 -1.46 -32.59
CA ARG A 2489 -16.47 -0.43 -31.71
C ARG A 2489 -17.99 -0.51 -31.64
N LYS A 2490 -18.64 -0.69 -32.79
CA LYS A 2490 -20.10 -0.79 -32.80
C LYS A 2490 -20.57 -2.03 -32.06
N ARG A 2491 -19.86 -3.15 -32.23
CA ARG A 2491 -20.24 -4.37 -31.54
C ARG A 2491 -20.13 -4.20 -30.02
N PHE A 2492 -19.02 -3.61 -29.56
CA PHE A 2492 -18.86 -3.38 -28.13
C PHE A 2492 -19.92 -2.42 -27.61
N LEU A 2493 -20.24 -1.37 -28.37
CA LEU A 2493 -21.28 -0.44 -27.98
C LEU A 2493 -22.62 -1.14 -27.82
N CYS A 2494 -23.00 -1.96 -28.81
CA CYS A 2494 -24.28 -2.64 -28.75
C CYS A 2494 -24.34 -3.60 -27.57
N LYS A 2495 -23.27 -4.36 -27.33
CA LYS A 2495 -23.25 -5.28 -26.20
C LYS A 2495 -23.37 -4.53 -24.88
N ALA A 2496 -22.63 -3.43 -24.74
CA ALA A 2496 -22.68 -2.66 -23.50
C ALA A 2496 -24.07 -2.08 -23.26
N VAL A 2497 -24.69 -1.52 -24.29
CA VAL A 2497 -26.02 -0.92 -24.12
C VAL A 2497 -27.04 -1.99 -23.77
N GLU A 2498 -27.00 -3.14 -24.46
CA GLU A 2498 -27.95 -4.20 -24.18
C GLU A 2498 -27.80 -4.71 -22.76
N ASN A 2499 -26.56 -4.92 -22.31
CA ASN A 2499 -26.37 -5.43 -20.96
C ASN A 2499 -26.71 -4.39 -19.89
N TYR A 2500 -26.49 -3.10 -20.17
CA TYR A 2500 -26.95 -2.07 -19.25
C TYR A 2500 -28.47 -2.07 -19.13
N ILE A 2501 -29.17 -2.20 -20.26
CA ILE A 2501 -30.63 -2.25 -20.24
C ILE A 2501 -31.10 -3.45 -19.44
N ASN A 2502 -30.48 -4.61 -19.66
CA ASN A 2502 -30.85 -5.81 -18.92
C ASN A 2502 -30.56 -5.66 -17.42
N CYS A 2503 -29.46 -4.99 -17.07
CA CYS A 2503 -29.13 -4.77 -15.66
C CYS A 2503 -30.16 -3.88 -14.99
N LEU A 2504 -30.63 -2.84 -15.69
CA LEU A 2504 -31.62 -1.95 -15.08
C LEU A 2504 -32.96 -2.65 -14.87
N LEU A 2505 -33.25 -3.69 -15.65
CA LEU A 2505 -34.53 -4.37 -15.54
C LEU A 2505 -34.60 -5.25 -14.29
N SER A 2506 -33.51 -5.95 -13.98
CA SER A 2506 -33.57 -7.02 -12.98
C SER A 2506 -33.24 -6.56 -11.57
N GLY A 2507 -33.00 -5.27 -11.35
CA GLY A 2507 -32.69 -4.83 -10.00
C GLY A 2507 -32.79 -3.32 -9.85
N GLU A 2508 -32.48 -2.85 -8.64
CA GLU A 2508 -32.55 -1.39 -8.35
C GLU A 2508 -31.27 -0.92 -7.65
N GLU A 2509 -30.39 -1.83 -7.26
CA GLU A 2509 -29.13 -1.47 -6.54
C GLU A 2509 -28.23 -0.63 -7.43
N HIS A 2510 -28.20 -0.92 -8.73
CA HIS A 2510 -27.25 -0.25 -9.66
C HIS A 2510 -27.96 0.83 -10.47
N ASP A 2511 -28.95 1.51 -9.91
CA ASP A 2511 -29.77 2.49 -10.68
C ASP A 2511 -28.95 3.65 -11.23
N MET A 2512 -27.86 4.04 -10.58
CA MET A 2512 -27.08 5.23 -11.03
C MET A 2512 -26.35 4.95 -12.34
N TRP A 2513 -26.40 3.70 -12.80
CA TRP A 2513 -25.79 3.35 -14.10
C TRP A 2513 -26.71 3.79 -15.23
N VAL A 2514 -27.87 4.37 -14.92
CA VAL A 2514 -28.76 4.92 -15.99
C VAL A 2514 -28.06 6.12 -16.62
N PHE A 2515 -27.17 6.79 -15.87
CA PHE A 2515 -26.38 7.90 -16.41
C PHE A 2515 -25.48 7.43 -17.54
N ARG A 2516 -24.73 6.35 -17.30
CA ARG A 2516 -23.86 5.80 -18.34
C ARG A 2516 -24.67 5.30 -19.53
N LEU A 2517 -25.80 4.63 -19.27
CA LEU A 2517 -26.62 4.15 -20.36
C LEU A 2517 -27.14 5.30 -21.23
N CYS A 2518 -27.60 6.38 -20.59
CA CYS A 2518 -28.11 7.51 -21.34
C CYS A 2518 -27.01 8.25 -22.08
N SER A 2519 -25.82 8.31 -21.49
CA SER A 2519 -24.69 8.91 -22.20
C SER A 2519 -24.35 8.12 -23.45
N LEU A 2520 -24.33 6.79 -23.33
CA LEU A 2520 -24.05 5.93 -24.49
C LEU A 2520 -25.12 6.09 -25.55
N TRP A 2521 -26.39 6.20 -25.13
CA TRP A 2521 -27.47 6.38 -26.10
C TRP A 2521 -27.38 7.75 -26.79
N LEU A 2522 -27.13 8.80 -26.01
CA LEU A 2522 -27.12 10.15 -26.55
C LEU A 2522 -25.95 10.36 -27.52
N GLU A 2523 -24.76 9.90 -27.15
CA GLU A 2523 -23.60 10.10 -28.02
C GLU A 2523 -23.79 9.40 -29.36
N ASN A 2524 -24.26 8.15 -29.34
CA ASN A 2524 -24.49 7.39 -30.56
C ASN A 2524 -25.97 7.43 -30.95
N SER A 2525 -26.46 8.65 -31.18
CA SER A 2525 -27.86 8.83 -31.55
C SER A 2525 -28.15 8.21 -32.91
N GLY A 2526 -27.22 8.32 -33.86
CA GLY A 2526 -27.48 7.86 -35.21
C GLY A 2526 -27.43 6.35 -35.38
N VAL A 2527 -26.96 5.63 -34.36
CA VAL A 2527 -26.86 4.18 -34.46
C VAL A 2527 -28.26 3.57 -34.32
N SER A 2528 -28.67 2.81 -35.34
CA SER A 2528 -30.00 2.22 -35.32
C SER A 2528 -30.13 1.10 -34.30
N GLU A 2529 -29.08 0.31 -34.11
CA GLU A 2529 -29.15 -0.81 -33.17
C GLU A 2529 -29.38 -0.32 -31.74
N VAL A 2530 -28.66 0.74 -31.33
CA VAL A 2530 -28.84 1.28 -29.99
C VAL A 2530 -30.25 1.83 -29.82
N ASN A 2531 -30.72 2.60 -30.81
CA ASN A 2531 -32.08 3.12 -30.77
C ASN A 2531 -33.10 1.98 -30.79
N GLY A 2532 -32.84 0.94 -31.59
CA GLY A 2532 -33.77 -0.18 -31.64
C GLY A 2532 -33.89 -0.89 -30.31
N MET A 2533 -32.76 -1.17 -29.66
CA MET A 2533 -32.81 -1.86 -28.37
C MET A 2533 -33.28 -0.95 -27.25
N MET A 2534 -33.16 0.37 -27.40
CA MET A 2534 -33.78 1.28 -26.44
C MET A 2534 -35.30 1.31 -26.63
N LYS A 2535 -35.76 1.18 -27.88
CA LYS A 2535 -37.19 1.17 -28.15
C LYS A 2535 -37.84 -0.13 -27.70
N ARG A 2536 -37.17 -1.26 -27.91
CA ARG A 2536 -37.77 -2.55 -27.60
C ARG A 2536 -37.73 -2.85 -26.10
N ASP A 2537 -36.52 -2.95 -25.54
CA ASP A 2537 -36.36 -3.34 -24.14
C ASP A 2537 -36.08 -2.16 -23.21
N GLY A 2538 -35.59 -1.05 -23.74
CA GLY A 2538 -35.37 0.12 -22.89
C GLY A 2538 -36.64 0.70 -22.33
N MET A 2539 -37.74 0.62 -23.09
CA MET A 2539 -39.02 1.15 -22.61
C MET A 2539 -39.59 0.33 -21.46
N LYS A 2540 -39.16 -0.92 -21.30
CA LYS A 2540 -39.63 -1.75 -20.20
C LYS A 2540 -38.99 -1.39 -18.87
N ILE A 2541 -37.97 -0.53 -18.88
CA ILE A 2541 -37.36 -0.07 -17.63
C ILE A 2541 -38.36 0.77 -16.85
N PRO A 2542 -38.43 0.63 -15.52
CA PRO A 2542 -39.33 1.49 -14.74
C PRO A 2542 -39.02 2.97 -14.96
N THR A 2543 -40.08 3.77 -15.04
CA THR A 2543 -39.94 5.17 -15.43
C THR A 2543 -39.23 5.99 -14.36
N TYR A 2544 -39.37 5.63 -13.09
CA TYR A 2544 -38.81 6.45 -12.02
C TYR A 2544 -37.28 6.45 -12.02
N LYS A 2545 -36.65 5.50 -12.74
CA LYS A 2545 -35.20 5.45 -12.78
C LYS A 2545 -34.60 6.52 -13.70
N PHE A 2546 -35.40 7.11 -14.58
CA PHE A 2546 -34.95 8.17 -15.46
C PHE A 2546 -35.13 9.56 -14.87
N LEU A 2547 -35.69 9.66 -13.67
CA LEU A 2547 -35.96 10.97 -13.08
C LEU A 2547 -34.71 11.81 -12.84
N PRO A 2548 -33.60 11.27 -12.33
CA PRO A 2548 -32.41 12.13 -12.13
C PRO A 2548 -31.87 12.75 -13.40
N LEU A 2549 -32.15 12.16 -14.56
CA LEU A 2549 -31.67 12.67 -15.84
C LEU A 2549 -32.78 13.37 -16.64
N MET A 2550 -33.84 13.80 -15.96
CA MET A 2550 -34.98 14.38 -16.67
C MET A 2550 -34.61 15.67 -17.37
N TYR A 2551 -33.77 16.51 -16.74
CA TYR A 2551 -33.37 17.76 -17.36
C TYR A 2551 -32.65 17.52 -18.68
N GLN A 2552 -31.66 16.63 -18.68
CA GLN A 2552 -30.90 16.35 -19.89
C GLN A 2552 -31.77 15.67 -20.94
N LEU A 2553 -32.61 14.71 -20.52
CA LEU A 2553 -33.47 14.03 -21.49
C LEU A 2553 -34.47 14.97 -22.14
N ALA A 2554 -34.97 15.95 -21.37
CA ALA A 2554 -35.88 16.93 -21.94
C ALA A 2554 -35.16 17.94 -22.81
N ALA A 2555 -33.93 18.32 -22.45
CA ALA A 2555 -33.19 19.27 -23.28
C ALA A 2555 -32.71 18.64 -24.58
N ARG A 2556 -32.55 17.32 -24.61
CA ARG A 2556 -32.06 16.65 -25.80
C ARG A 2556 -33.14 16.37 -26.84
N MET A 2557 -34.41 16.51 -26.49
CA MET A 2557 -35.48 16.11 -27.39
C MET A 2557 -35.70 17.14 -28.49
N GLY A 2558 -36.16 16.66 -29.64
CA GLY A 2558 -36.41 17.51 -30.77
C GLY A 2558 -37.39 16.84 -31.72
N THR A 2559 -37.50 17.44 -32.92
CA THR A 2559 -38.41 16.95 -33.95
C THR A 2559 -37.72 16.74 -35.29
N LYS A 2560 -36.39 16.55 -35.30
CA LYS A 2560 -35.67 16.38 -36.55
C LYS A 2560 -35.74 14.94 -37.03
N MET A 2561 -35.23 14.00 -36.24
CA MET A 2561 -35.15 12.59 -36.63
C MET A 2561 -36.46 11.90 -36.24
N MET A 2562 -37.44 11.98 -37.13
CA MET A 2562 -38.74 11.35 -36.94
C MET A 2562 -38.81 10.08 -37.77
N GLY A 2563 -39.11 8.96 -37.12
CA GLY A 2563 -39.20 7.69 -37.82
C GLY A 2563 -39.52 6.57 -36.86
N GLY A 2564 -39.58 5.36 -37.40
CA GLY A 2564 -39.85 4.19 -36.58
C GLY A 2564 -38.78 3.95 -35.54
N LEU A 2565 -37.51 4.05 -35.96
CA LEU A 2565 -36.37 3.91 -35.05
C LEU A 2565 -35.61 5.22 -34.90
N GLY A 2566 -36.23 6.35 -35.26
CA GLY A 2566 -35.59 7.63 -35.08
C GLY A 2566 -35.36 7.94 -33.60
N PHE A 2567 -34.25 8.62 -33.33
CA PHE A 2567 -33.90 8.92 -31.95
C PHE A 2567 -34.93 9.82 -31.29
N HIS A 2568 -35.39 10.85 -32.01
CA HIS A 2568 -36.31 11.82 -31.41
C HIS A 2568 -37.66 11.18 -31.09
N GLU A 2569 -38.14 10.28 -31.95
CA GLU A 2569 -39.42 9.62 -31.67
C GLU A 2569 -39.34 8.78 -30.40
N VAL A 2570 -38.28 7.98 -30.27
CA VAL A 2570 -38.12 7.15 -29.08
C VAL A 2570 -37.95 8.01 -27.84
N LEU A 2571 -37.18 9.09 -27.95
CA LEU A 2571 -36.99 9.98 -26.81
C LEU A 2571 -38.30 10.64 -26.39
N ASN A 2572 -39.10 11.07 -27.37
CA ASN A 2572 -40.40 11.66 -27.07
C ASN A 2572 -41.32 10.65 -26.40
N ASN A 2573 -41.32 9.42 -26.88
CA ASN A 2573 -42.13 8.38 -26.24
C ASN A 2573 -41.69 8.14 -24.79
N LEU A 2574 -40.38 8.08 -24.57
CA LEU A 2574 -39.87 7.88 -23.22
C LEU A 2574 -40.25 9.04 -22.30
N ILE A 2575 -40.11 10.27 -22.79
CA ILE A 2575 -40.46 11.44 -21.99
C ILE A 2575 -41.95 11.44 -21.68
N SER A 2576 -42.78 11.11 -22.67
CA SER A 2576 -44.22 11.05 -22.44
C SER A 2576 -44.57 10.01 -21.40
N ARG A 2577 -43.96 8.82 -21.47
CA ARG A 2577 -44.24 7.79 -20.48
C ARG A 2577 -43.81 8.21 -19.09
N ILE A 2578 -42.62 8.84 -18.98
CA ILE A 2578 -42.15 9.30 -17.68
C ILE A 2578 -43.08 10.35 -17.10
N SER A 2579 -43.51 11.30 -17.93
CA SER A 2579 -44.42 12.34 -17.46
C SER A 2579 -45.78 11.75 -17.06
N MET A 2580 -46.27 10.76 -17.81
CA MET A 2580 -47.52 10.12 -17.46
C MET A 2580 -47.43 9.40 -16.12
N ASP A 2581 -46.32 8.70 -15.88
CA ASP A 2581 -46.18 7.96 -14.63
C ASP A 2581 -45.88 8.86 -13.45
N HIS A 2582 -45.09 9.92 -13.64
CA HIS A 2582 -44.69 10.83 -12.56
C HIS A 2582 -44.93 12.27 -13.00
N PRO A 2583 -46.19 12.71 -13.03
CA PRO A 2583 -46.47 14.09 -13.45
C PRO A 2583 -45.87 15.15 -12.53
N HIS A 2584 -45.75 14.86 -11.23
CA HIS A 2584 -45.27 15.88 -10.31
C HIS A 2584 -43.78 16.14 -10.46
N HIS A 2585 -43.02 15.18 -10.98
CA HIS A 2585 -41.57 15.33 -11.06
C HIS A 2585 -41.11 15.91 -12.37
N THR A 2586 -41.95 15.87 -13.42
CA THR A 2586 -41.53 16.22 -14.77
C THR A 2586 -42.33 17.34 -15.41
N LEU A 2587 -43.55 17.63 -14.95
CA LEU A 2587 -44.39 18.61 -15.63
C LEU A 2587 -43.76 20.00 -15.61
N PHE A 2588 -43.15 20.38 -14.48
CA PHE A 2588 -42.54 21.69 -14.38
C PHE A 2588 -41.38 21.85 -15.35
N ILE A 2589 -40.55 20.81 -15.50
CA ILE A 2589 -39.41 20.89 -16.40
C ILE A 2589 -39.87 21.06 -17.85
N ILE A 2590 -40.83 20.25 -18.27
CA ILE A 2590 -41.33 20.32 -19.64
C ILE A 2590 -42.00 21.66 -19.89
N LEU A 2591 -42.80 22.14 -18.93
CA LEU A 2591 -43.49 23.41 -19.12
C LEU A 2591 -42.50 24.56 -19.18
N ALA A 2592 -41.46 24.53 -18.34
CA ALA A 2592 -40.42 25.55 -18.40
C ALA A 2592 -39.69 25.51 -19.73
N LEU A 2593 -39.50 24.31 -20.29
CA LEU A 2593 -38.98 24.21 -21.65
C LEU A 2593 -39.91 24.89 -22.64
N ALA A 2594 -41.22 24.71 -22.47
CA ALA A 2594 -42.18 25.34 -23.37
C ALA A 2594 -42.26 26.84 -23.14
N ASN A 2595 -42.12 27.29 -21.89
CA ASN A 2595 -42.25 28.70 -21.54
C ASN A 2595 -40.91 29.41 -21.45
N ALA A 2596 -39.95 29.07 -22.31
CA ALA A 2596 -38.65 29.72 -22.26
C ALA A 2596 -38.76 31.21 -22.58
N ASN A 2597 -39.61 31.57 -23.55
CA ASN A 2597 -39.75 32.94 -24.02
C ASN A 2597 -41.12 33.52 -23.71
N ARG A 2598 -41.72 33.13 -22.58
CA ARG A 2598 -43.03 33.67 -22.20
C ARG A 2598 -42.92 34.92 -21.32
N ASP A 2599 -41.72 35.30 -20.90
CA ASP A 2599 -41.58 36.48 -20.07
C ASP A 2599 -42.01 37.74 -20.82
N GLU A 2600 -41.48 37.94 -22.02
CA GLU A 2600 -41.85 39.11 -22.81
C GLU A 2600 -43.32 39.08 -23.21
N PHE A 2601 -43.84 37.88 -23.53
CA PHE A 2601 -45.25 37.78 -23.89
C PHE A 2601 -46.15 38.14 -22.73
N LEU A 2602 -45.80 37.71 -21.51
CA LEU A 2602 -46.63 38.02 -20.35
C LEU A 2602 -46.50 39.49 -19.97
N THR A 2603 -45.31 40.06 -20.06
CA THR A 2603 -45.14 41.47 -19.71
C THR A 2603 -45.88 42.36 -20.70
N LYS A 2604 -45.66 42.14 -21.99
CA LYS A 2604 -46.32 42.94 -23.04
C LYS A 2604 -46.17 42.27 -24.40
N SER A 2622 -33.07 29.89 -32.92
CA SER A 2622 -32.36 28.79 -33.55
C SER A 2622 -33.30 27.63 -33.86
N GLN A 2623 -32.88 26.77 -34.80
CA GLN A 2623 -33.70 25.61 -35.15
C GLN A 2623 -33.82 24.65 -33.97
N LEU A 2624 -32.72 24.45 -33.22
CA LEU A 2624 -32.77 23.58 -32.06
C LEU A 2624 -33.75 24.08 -31.02
N ASP A 2625 -33.75 25.39 -30.76
CA ASP A 2625 -34.64 25.95 -29.75
C ASP A 2625 -36.11 25.78 -30.13
N GLU A 2626 -36.45 26.05 -31.39
CA GLU A 2626 -37.84 25.93 -31.82
C GLU A 2626 -38.27 24.46 -31.87
N ASP A 2627 -37.35 23.56 -32.26
CA ASP A 2627 -37.67 22.13 -32.22
C ASP A 2627 -37.91 21.66 -30.80
N ARG A 2628 -37.10 22.13 -29.85
CA ARG A 2628 -37.29 21.78 -28.44
C ARG A 2628 -38.63 22.32 -27.95
N THR A 2629 -38.97 23.55 -28.32
CA THR A 2629 -40.26 24.13 -27.93
C THR A 2629 -41.42 23.32 -28.50
N GLU A 2630 -41.31 22.91 -29.77
CA GLU A 2630 -42.37 22.11 -30.38
C GLU A 2630 -42.53 20.75 -29.68
N ALA A 2631 -41.41 20.10 -29.37
CA ALA A 2631 -41.48 18.82 -28.66
C ALA A 2631 -42.09 18.99 -27.28
N ALA A 2632 -41.70 20.05 -26.57
CA ALA A 2632 -42.28 20.31 -25.25
C ALA A 2632 -43.77 20.57 -25.36
N ASN A 2633 -44.20 21.31 -26.38
CA ASN A 2633 -45.62 21.56 -26.57
C ASN A 2633 -46.37 20.28 -26.89
N ARG A 2634 -45.76 19.39 -27.67
CA ARG A 2634 -46.40 18.11 -27.97
C ARG A 2634 -46.57 17.27 -26.71
N ILE A 2635 -45.53 17.19 -25.87
CA ILE A 2635 -45.65 16.43 -24.64
C ILE A 2635 -46.68 17.06 -23.71
N ILE A 2636 -46.72 18.40 -23.68
CA ILE A 2636 -47.71 19.09 -22.85
C ILE A 2636 -49.12 18.77 -23.35
N CYS A 2637 -49.31 18.75 -24.66
CA CYS A 2637 -50.61 18.41 -25.22
C CYS A 2637 -51.00 16.98 -24.85
N THR A 2638 -50.05 16.05 -24.92
CA THR A 2638 -50.35 14.67 -24.53
C THR A 2638 -50.76 14.58 -23.06
N ILE A 2639 -50.01 15.25 -22.18
CA ILE A 2639 -50.33 15.20 -20.75
C ILE A 2639 -51.68 15.85 -20.48
N ARG A 2640 -51.96 16.97 -21.15
CA ARG A 2640 -53.25 17.62 -20.99
C ARG A 2640 -54.39 16.74 -21.47
N SER A 2641 -54.16 16.00 -22.56
CA SER A 2641 -55.13 15.00 -22.99
C SER A 2641 -55.34 13.94 -21.93
N ARG A 2642 -54.28 13.62 -21.18
CA ARG A 2642 -54.43 12.70 -20.06
C ARG A 2642 -55.00 13.40 -18.83
N ARG A 2643 -54.37 14.50 -18.40
CA ARG A 2643 -54.79 15.25 -17.21
C ARG A 2643 -54.95 16.72 -17.57
N PRO A 2644 -56.14 17.14 -17.98
CA PRO A 2644 -56.33 18.54 -18.41
C PRO A 2644 -56.31 19.54 -17.25
N GLN A 2645 -57.01 19.23 -16.16
CA GLN A 2645 -57.14 20.19 -15.07
C GLN A 2645 -55.80 20.47 -14.40
N MET A 2646 -54.99 19.43 -14.17
CA MET A 2646 -53.69 19.63 -13.55
C MET A 2646 -52.79 20.48 -14.43
N VAL A 2647 -52.78 20.21 -15.73
CA VAL A 2647 -51.95 20.99 -16.65
C VAL A 2647 -52.41 22.45 -16.67
N ARG A 2648 -53.72 22.68 -16.72
CA ARG A 2648 -54.23 24.06 -16.72
C ARG A 2648 -53.84 24.79 -15.44
N SER A 2649 -54.00 24.13 -14.30
CA SER A 2649 -53.66 24.78 -13.03
C SER A 2649 -52.17 25.06 -12.93
N VAL A 2650 -51.33 24.12 -13.38
CA VAL A 2650 -49.89 24.33 -13.33
C VAL A 2650 -49.49 25.48 -14.26
N GLU A 2651 -50.11 25.55 -15.44
CA GLU A 2651 -49.83 26.68 -16.34
C GLU A 2651 -50.23 28.00 -15.72
N ALA A 2652 -51.40 28.04 -15.06
CA ALA A 2652 -51.82 29.27 -14.40
C ALA A 2652 -50.86 29.67 -13.28
N LEU A 2653 -50.41 28.69 -12.50
CA LEU A 2653 -49.45 28.98 -11.43
C LEU A 2653 -48.14 29.50 -11.99
N CYS A 2654 -47.64 28.89 -13.06
CA CYS A 2654 -46.39 29.35 -13.66
C CYS A 2654 -46.54 30.76 -14.23
N ASP A 2655 -47.67 31.04 -14.87
CA ASP A 2655 -47.90 32.39 -15.40
C ASP A 2655 -47.96 33.41 -14.26
N ALA A 2656 -48.63 33.07 -13.16
CA ALA A 2656 -48.69 33.98 -12.02
C ALA A 2656 -47.30 34.22 -11.43
N TYR A 2657 -46.50 33.15 -11.31
CA TYR A 2657 -45.14 33.31 -10.81
C TYR A 2657 -44.31 34.21 -11.71
N ILE A 2658 -44.41 34.01 -13.03
CA ILE A 2658 -43.63 34.82 -13.97
C ILE A 2658 -44.05 36.29 -13.89
N ILE A 2659 -45.37 36.53 -13.83
CA ILE A 2659 -45.85 37.91 -13.73
C ILE A 2659 -45.38 38.54 -12.43
N LEU A 2660 -45.39 37.79 -11.34
CA LEU A 2660 -44.90 38.31 -10.06
C LEU A 2660 -43.42 38.66 -10.14
N ALA A 2661 -42.62 37.81 -10.81
CA ALA A 2661 -41.20 38.07 -10.91
C ALA A 2661 -40.91 39.35 -11.68
N ASN A 2662 -41.64 39.60 -12.76
CA ASN A 2662 -41.41 40.77 -13.60
C ASN A 2662 -41.85 42.07 -12.94
N LEU A 2663 -42.60 42.01 -11.84
CA LEU A 2663 -43.05 43.22 -11.16
C LEU A 2663 -41.86 44.02 -10.64
N ASP A 2664 -41.88 45.33 -10.90
CA ASP A 2664 -40.83 46.20 -10.41
C ASP A 2664 -40.91 46.32 -8.89
N ALA A 2665 -39.75 46.27 -8.24
CA ALA A 2665 -39.67 46.34 -6.78
C ALA A 2665 -38.75 47.44 -6.27
N THR A 2666 -38.28 48.33 -7.16
CA THR A 2666 -37.40 49.39 -6.72
C THR A 2666 -38.13 50.46 -5.91
N GLN A 2667 -39.45 50.49 -5.97
CA GLN A 2667 -40.21 51.48 -5.19
C GLN A 2667 -40.05 51.23 -3.70
N TRP A 2668 -40.07 49.97 -3.27
CA TRP A 2668 -39.94 49.60 -1.87
C TRP A 2668 -38.57 49.01 -1.56
N LYS A 2669 -37.52 49.53 -2.21
CA LYS A 2669 -36.18 49.01 -1.99
C LYS A 2669 -35.73 49.22 -0.55
N THR A 2670 -36.00 50.41 0.00
CA THR A 2670 -35.62 50.69 1.38
C THR A 2670 -36.55 49.99 2.37
N GLN A 2671 -37.74 49.60 1.95
CA GLN A 2671 -38.70 48.96 2.84
C GLN A 2671 -38.22 47.57 3.24
N ARG A 2672 -38.39 47.24 4.51
CA ARG A 2672 -37.99 45.94 5.03
C ARG A 2672 -39.03 45.30 5.93
N LYS A 2673 -40.22 45.89 6.08
CA LYS A 2673 -41.26 45.37 6.95
C LYS A 2673 -42.30 44.56 6.22
N GLY A 2674 -42.15 44.35 4.91
CA GLY A 2674 -43.14 43.63 4.14
C GLY A 2674 -44.02 44.54 3.31
N ILE A 2675 -44.32 44.13 2.08
CA ILE A 2675 -45.10 44.92 1.15
C ILE A 2675 -46.29 44.09 0.67
N ASN A 2676 -47.46 44.71 0.64
CA ASN A 2676 -48.65 44.03 0.14
C ASN A 2676 -48.57 43.86 -1.37
N ILE A 2677 -48.86 42.66 -1.84
CA ILE A 2677 -48.87 42.38 -3.28
C ILE A 2677 -50.00 43.16 -3.93
N PRO A 2678 -49.76 43.85 -5.06
CA PRO A 2678 -50.85 44.58 -5.71
C PRO A 2678 -51.98 43.66 -6.14
N ALA A 2679 -53.20 44.19 -6.08
CA ALA A 2679 -54.39 43.40 -6.41
C ALA A 2679 -54.43 42.98 -7.87
N ASP A 2680 -53.75 43.70 -8.75
CA ASP A 2680 -53.75 43.34 -10.17
C ASP A 2680 -52.91 42.09 -10.45
N GLN A 2681 -52.08 41.67 -9.50
CA GLN A 2681 -51.28 40.48 -9.70
C GLN A 2681 -52.15 39.24 -9.71
N PRO A 2682 -52.06 38.39 -10.75
CA PRO A 2682 -52.91 37.19 -10.79
C PRO A 2682 -52.65 36.21 -9.66
N ILE A 2683 -51.49 36.26 -9.02
CA ILE A 2683 -51.13 35.26 -8.01
C ILE A 2683 -52.11 35.29 -6.84
N THR A 2684 -52.53 36.50 -6.45
CA THR A 2684 -53.47 36.67 -5.31
C THR A 2684 -54.79 35.96 -5.59
N LYS A 2685 -55.27 36.02 -6.82
CA LYS A 2685 -56.55 35.39 -7.20
C LYS A 2685 -56.50 33.87 -7.03
N LEU A 2686 -55.37 33.23 -7.36
CA LEU A 2686 -55.31 31.74 -7.32
C LEU A 2686 -55.68 31.23 -5.93
N LYS A 2687 -56.56 30.23 -5.87
CA LYS A 2687 -57.01 29.70 -4.55
C LYS A 2687 -57.40 28.22 -4.68
N ASN A 2688 -57.08 27.40 -3.68
CA ASN A 2688 -57.50 25.97 -3.67
C ASN A 2688 -57.08 25.21 -4.93
N LEU A 2689 -55.81 25.28 -5.32
CA LEU A 2689 -55.34 24.46 -6.47
C LEU A 2689 -55.01 23.08 -5.90
N GLU A 2690 -55.99 22.16 -5.90
CA GLU A 2690 -55.81 20.83 -5.25
C GLU A 2690 -55.11 19.85 -6.20
N ASP A 2691 -55.03 20.17 -7.48
CA ASP A 2691 -54.29 19.32 -8.41
C ASP A 2691 -52.82 19.71 -8.55
N VAL A 2692 -52.35 20.72 -7.81
CA VAL A 2692 -50.98 21.20 -7.91
C VAL A 2692 -50.31 21.04 -6.56
N VAL A 2693 -49.16 20.38 -6.55
CA VAL A 2693 -48.34 20.26 -5.35
C VAL A 2693 -47.41 21.46 -5.29
N VAL A 2694 -47.02 21.84 -4.07
CA VAL A 2694 -46.13 22.98 -3.85
C VAL A 2694 -44.84 22.76 -4.63
N PRO A 2695 -44.53 23.59 -5.62
CA PRO A 2695 -43.35 23.34 -6.46
C PRO A 2695 -42.03 23.33 -5.72
N THR A 2696 -41.88 24.16 -4.69
CA THR A 2696 -40.62 24.27 -3.97
C THR A 2696 -40.45 23.22 -2.89
N MET A 2697 -41.43 22.33 -2.75
CA MET A 2697 -41.39 21.27 -1.71
C MET A 2697 -40.86 20.01 -2.37
N GLU A 2698 -39.86 19.37 -1.76
CA GLU A 2698 -39.35 18.11 -2.29
C GLU A 2698 -40.40 17.02 -2.16
N ILE A 2699 -40.49 16.17 -3.19
CA ILE A 2699 -41.49 15.11 -3.27
C ILE A 2699 -40.77 13.78 -3.31
N LYS A 2700 -41.14 12.88 -2.40
CA LYS A 2700 -40.59 11.54 -2.41
C LYS A 2700 -41.04 10.79 -3.65
N VAL A 2701 -40.10 10.09 -4.29
CA VAL A 2701 -40.41 9.36 -5.51
C VAL A 2701 -41.24 8.13 -5.16
N ASP A 2702 -42.37 7.98 -5.84
CA ASP A 2702 -43.27 6.84 -5.64
C ASP A 2702 -43.20 5.94 -6.86
N HIS A 2703 -42.88 4.66 -6.63
CA HIS A 2703 -42.87 3.70 -7.74
C HIS A 2703 -44.25 3.55 -8.34
N THR A 2704 -45.28 3.48 -7.49
CA THR A 2704 -46.65 3.52 -7.96
C THR A 2704 -47.03 4.95 -8.35
N GLY A 2705 -47.95 5.06 -9.30
CA GLY A 2705 -48.34 6.37 -9.82
C GLY A 2705 -49.57 6.96 -9.15
N GLU A 2706 -49.80 6.61 -7.88
CA GLU A 2706 -50.98 7.10 -7.18
C GLU A 2706 -50.80 8.56 -6.77
N TYR A 2707 -49.82 8.83 -5.90
CA TYR A 2707 -49.58 10.17 -5.35
C TYR A 2707 -50.85 10.76 -4.75
N GLY A 2708 -51.59 9.93 -4.01
CA GLY A 2708 -52.88 10.36 -3.50
C GLY A 2708 -52.76 11.42 -2.41
N ASN A 2709 -51.88 11.20 -1.44
CA ASN A 2709 -51.76 12.06 -0.27
C ASN A 2709 -50.52 12.94 -0.42
N LEU A 2710 -50.72 14.12 -1.00
CA LEU A 2710 -49.66 15.12 -1.15
C LEU A 2710 -50.21 16.49 -0.82
N VAL A 2711 -49.37 17.31 -0.19
CA VAL A 2711 -49.77 18.67 0.16
C VAL A 2711 -49.96 19.48 -1.13
N THR A 2712 -51.05 20.25 -1.19
CA THR A 2712 -51.39 21.02 -2.37
C THR A 2712 -51.49 22.49 -2.02
N ILE A 2713 -51.29 23.34 -3.03
CA ILE A 2713 -51.33 24.78 -2.83
C ILE A 2713 -52.76 25.22 -2.53
N GLN A 2714 -52.92 26.02 -1.47
CA GLN A 2714 -54.22 26.56 -1.10
C GLN A 2714 -54.35 28.04 -1.40
N SER A 2715 -53.43 28.87 -0.93
CA SER A 2715 -53.49 30.30 -1.15
C SER A 2715 -52.11 30.89 -0.92
N PHE A 2716 -51.98 32.17 -1.26
CA PHE A 2716 -50.75 32.94 -1.07
C PHE A 2716 -51.04 34.12 -0.15
N LYS A 2717 -50.17 34.32 0.85
CA LYS A 2717 -50.34 35.44 1.74
C LYS A 2717 -50.15 36.76 1.01
N ALA A 2718 -50.88 37.79 1.45
CA ALA A 2718 -50.90 39.06 0.74
C ALA A 2718 -49.53 39.74 0.77
N GLU A 2719 -48.84 39.68 1.90
CA GLU A 2719 -47.58 40.40 2.04
C GLU A 2719 -46.44 39.64 1.40
N PHE A 2720 -45.48 40.40 0.86
CA PHE A 2720 -44.23 39.85 0.33
C PHE A 2720 -43.08 40.74 0.77
N ARG A 2721 -41.94 40.13 1.03
CA ARG A 2721 -40.76 40.83 1.53
C ARG A 2721 -39.68 40.88 0.46
N LEU A 2722 -38.57 41.53 0.79
CA LEU A 2722 -37.41 41.64 -0.08
C LEU A 2722 -36.17 41.11 0.63
N ALA A 2723 -35.36 40.36 -0.10
CA ALA A 2723 -34.17 39.73 0.45
C ALA A 2723 -32.89 40.52 0.16
N GLY A 2724 -33.00 41.68 -0.48
CA GLY A 2724 -31.83 42.46 -0.84
C GLY A 2724 -31.17 41.93 -2.10
N GLY A 2725 -30.15 42.66 -2.54
CA GLY A 2725 -29.45 42.34 -3.76
C GLY A 2725 -29.73 43.35 -4.87
N VAL A 2726 -29.04 43.13 -5.99
CA VAL A 2726 -29.16 44.06 -7.11
C VAL A 2726 -30.55 43.97 -7.74
N ASN A 2727 -31.03 42.76 -7.98
CA ASN A 2727 -32.30 42.56 -8.68
C ASN A 2727 -33.51 42.58 -7.76
N LEU A 2728 -33.31 42.63 -6.44
CA LEU A 2728 -34.38 42.70 -5.45
C LEU A 2728 -35.36 41.54 -5.60
N PRO A 2729 -34.96 40.32 -5.28
CA PRO A 2729 -35.91 39.19 -5.33
C PRO A 2729 -36.98 39.32 -4.26
N LYS A 2730 -38.13 38.71 -4.53
CA LYS A 2730 -39.30 38.80 -3.68
C LYS A 2730 -39.50 37.48 -2.93
N ILE A 2731 -39.78 37.58 -1.64
CA ILE A 2731 -40.09 36.42 -0.80
C ILE A 2731 -41.58 36.37 -0.56
N ILE A 2732 -42.21 35.24 -0.85
CA ILE A 2732 -43.64 35.07 -0.67
C ILE A 2732 -43.89 33.82 0.18
N ASP A 2733 -45.07 33.78 0.79
CA ASP A 2733 -45.48 32.68 1.64
C ASP A 2733 -46.60 31.90 0.96
N CYS A 2734 -46.45 30.58 0.89
CA CYS A 2734 -47.42 29.71 0.24
C CYS A 2734 -47.96 28.73 1.27
N VAL A 2735 -49.19 28.94 1.72
CA VAL A 2735 -49.85 28.04 2.65
C VAL A 2735 -50.44 26.88 1.86
N GLY A 2736 -50.16 25.66 2.30
CA GLY A 2736 -50.59 24.47 1.61
C GLY A 2736 -51.95 23.98 2.08
N SER A 2737 -52.21 22.70 1.80
CA SER A 2737 -53.46 22.09 2.25
C SER A 2737 -53.55 22.10 3.77
N ASP A 2738 -52.44 21.81 4.45
CA ASP A 2738 -52.39 21.89 5.89
C ASP A 2738 -52.16 23.34 6.32
N GLY A 2739 -52.03 23.56 7.63
CA GLY A 2739 -51.83 24.90 8.13
C GLY A 2739 -50.45 25.44 7.87
N LYS A 2740 -49.47 24.56 7.66
CA LYS A 2740 -48.10 25.00 7.45
C LYS A 2740 -47.95 25.77 6.15
N GLU A 2741 -47.03 26.73 6.15
CA GLU A 2741 -46.74 27.55 4.99
C GLU A 2741 -45.25 27.50 4.68
N ARG A 2742 -44.92 27.66 3.40
CA ARG A 2742 -43.54 27.59 2.93
C ARG A 2742 -43.16 28.91 2.29
N ARG A 2743 -42.00 29.44 2.67
CA ARG A 2743 -41.48 30.67 2.08
C ARG A 2743 -40.77 30.33 0.77
N GLN A 2744 -41.10 31.07 -0.29
CA GLN A 2744 -40.53 30.85 -1.61
C GLN A 2744 -39.85 32.13 -2.09
N LEU A 2745 -38.70 31.96 -2.74
CA LEU A 2745 -37.94 33.07 -3.29
C LEU A 2745 -38.16 33.13 -4.79
N VAL A 2746 -38.84 34.17 -5.25
CA VAL A 2746 -39.13 34.37 -6.67
C VAL A 2746 -38.06 35.29 -7.24
N LYS A 2747 -37.31 34.78 -8.22
CA LYS A 2747 -36.19 35.51 -8.80
C LYS A 2747 -36.51 35.86 -10.25
N GLY A 2748 -36.28 37.11 -10.61
CA GLY A 2748 -36.42 37.56 -11.99
C GLY A 2748 -35.10 38.04 -12.55
N ARG A 2749 -34.97 38.00 -13.88
CA ARG A 2749 -33.74 38.42 -14.55
C ARG A 2749 -32.53 37.63 -14.05
N ASP A 2750 -32.73 36.33 -13.84
CA ASP A 2750 -31.66 35.46 -13.36
C ASP A 2750 -31.92 34.04 -13.85
N ASP A 2751 -30.83 33.31 -14.09
CA ASP A 2751 -30.91 31.95 -14.60
C ASP A 2751 -30.73 30.97 -13.44
N LEU A 2752 -31.74 30.12 -13.22
CA LEU A 2752 -31.72 29.16 -12.12
C LEU A 2752 -31.48 27.73 -12.59
N ARG A 2753 -31.36 27.50 -13.89
CA ARG A 2753 -31.14 26.14 -14.38
C ARG A 2753 -29.79 25.60 -13.94
N GLN A 2754 -28.76 26.47 -13.91
CA GLN A 2754 -27.47 26.06 -13.37
C GLN A 2754 -27.59 25.63 -11.92
N ASP A 2755 -28.35 26.38 -11.12
CA ASP A 2755 -28.59 25.99 -9.74
C ASP A 2755 -29.32 24.66 -9.67
N ALA A 2756 -30.28 24.44 -10.56
CA ALA A 2756 -31.03 23.18 -10.55
C ALA A 2756 -30.12 21.99 -10.84
N VAL A 2757 -29.28 22.09 -11.87
CA VAL A 2757 -28.41 20.97 -12.20
C VAL A 2757 -27.35 20.77 -11.12
N MET A 2758 -26.86 21.87 -10.52
CA MET A 2758 -25.92 21.73 -9.41
C MET A 2758 -26.57 21.04 -8.22
N GLN A 2759 -27.84 21.34 -7.95
CA GLN A 2759 -28.56 20.65 -6.89
C GLN A 2759 -28.75 19.17 -7.23
N GLN A 2760 -28.93 18.85 -8.51
CA GLN A 2760 -28.98 17.44 -8.91
C GLN A 2760 -27.65 16.75 -8.62
N VAL A 2761 -26.54 17.42 -8.92
CA VAL A 2761 -25.22 16.86 -8.59
C VAL A 2761 -25.10 16.66 -7.09
N PHE A 2762 -25.55 17.64 -6.31
CA PHE A 2762 -25.47 17.54 -4.86
C PHE A 2762 -26.31 16.38 -4.33
N GLN A 2763 -27.48 16.15 -4.93
CA GLN A 2763 -28.30 15.00 -4.54
C GLN A 2763 -27.61 13.68 -4.86
N MET A 2764 -26.98 13.60 -6.03
CA MET A 2764 -26.24 12.39 -6.38
C MET A 2764 -25.09 12.15 -5.41
N CYS A 2765 -24.37 13.22 -5.06
CA CYS A 2765 -23.27 13.10 -4.11
C CYS A 2765 -23.79 12.71 -2.73
N ASN A 2766 -24.96 13.22 -2.34
CA ASN A 2766 -25.57 12.82 -1.07
C ASN A 2766 -25.92 11.34 -1.08
N THR A 2767 -26.45 10.85 -2.19
CA THR A 2767 -26.72 9.41 -2.31
C THR A 2767 -25.43 8.60 -2.17
N LEU A 2768 -24.37 9.04 -2.84
CA LEU A 2768 -23.09 8.36 -2.74
C LEU A 2768 -22.57 8.36 -1.30
N LEU A 2769 -22.68 9.49 -0.61
CA LEU A 2769 -22.18 9.59 0.76
C LEU A 2769 -23.00 8.72 1.71
N GLN A 2770 -24.33 8.71 1.54
CA GLN A 2770 -25.18 7.92 2.42
C GLN A 2770 -25.02 6.43 2.17
N ARG A 2771 -24.69 6.04 0.93
CA ARG A 2771 -24.48 4.63 0.63
C ARG A 2771 -23.27 4.07 1.37
N ASN A 2772 -22.18 4.84 1.45
CA ASN A 2772 -20.97 4.38 2.11
C ASN A 2772 -21.13 4.39 3.61
N THR A 2773 -20.59 3.36 4.27
CA THR A 2773 -20.78 3.18 5.71
C THR A 2773 -20.08 4.28 6.51
N GLU A 2774 -18.83 4.59 6.16
CA GLU A 2774 -18.05 5.52 6.96
C GLU A 2774 -18.65 6.92 6.94
N THR A 2775 -19.11 7.37 5.78
CA THR A 2775 -19.74 8.70 5.65
C THR A 2775 -21.17 8.67 6.20
N ARG A 2776 -21.85 7.51 6.22
CA ARG A 2776 -23.17 7.39 6.81
C ARG A 2776 -23.11 7.49 8.33
N LYS A 2777 -22.07 6.90 8.94
CA LYS A 2777 -21.94 6.97 10.39
C LYS A 2777 -21.71 8.40 10.85
N ARG A 2778 -20.93 9.17 10.11
CA ARG A 2778 -20.66 10.56 10.46
C ARG A 2778 -21.73 11.53 9.97
N LYS A 2779 -22.76 11.03 9.29
CA LYS A 2779 -23.86 11.86 8.81
C LYS A 2779 -23.37 12.97 7.89
N LEU A 2780 -22.37 12.66 7.08
CA LEU A 2780 -21.82 13.64 6.14
C LEU A 2780 -22.79 13.83 4.99
N THR A 2781 -23.35 15.03 4.86
CA THR A 2781 -24.33 15.32 3.82
C THR A 2781 -24.08 16.71 3.28
N ILE A 2782 -24.68 16.98 2.12
CA ILE A 2782 -24.65 18.30 1.48
C ILE A 2782 -26.06 18.87 1.55
N CYS A 2783 -26.18 20.04 2.19
CA CYS A 2783 -27.49 20.68 2.30
C CYS A 2783 -27.96 21.14 0.92
N THR A 2784 -29.21 20.83 0.60
CA THR A 2784 -29.77 21.11 -0.71
C THR A 2784 -31.12 21.82 -0.56
N TYR A 2785 -31.44 22.63 -1.56
CA TYR A 2785 -32.73 23.31 -1.64
C TYR A 2785 -33.27 23.16 -3.05
N LYS A 2786 -34.58 22.93 -3.15
CA LYS A 2786 -35.20 22.67 -4.44
C LYS A 2786 -35.28 23.96 -5.27
N VAL A 2787 -34.92 23.86 -6.53
CA VAL A 2787 -34.97 24.98 -7.47
C VAL A 2787 -35.88 24.58 -8.63
N VAL A 2788 -36.82 25.46 -8.97
CA VAL A 2788 -37.78 25.18 -10.04
C VAL A 2788 -37.70 26.29 -11.08
N PRO A 2789 -36.78 26.21 -12.04
CA PRO A 2789 -36.72 27.23 -13.09
C PRO A 2789 -38.01 27.29 -13.89
N LEU A 2790 -38.38 28.50 -14.29
CA LEU A 2790 -39.63 28.74 -14.99
C LEU A 2790 -39.45 29.23 -16.42
N SER A 2791 -38.38 29.95 -16.71
CA SER A 2791 -38.14 30.48 -18.05
C SER A 2791 -36.63 30.68 -18.21
N GLN A 2792 -36.25 31.41 -19.26
CA GLN A 2792 -34.84 31.68 -19.49
C GLN A 2792 -34.25 32.53 -18.36
N ARG A 2793 -35.01 33.53 -17.89
CA ARG A 2793 -34.52 34.44 -16.86
C ARG A 2793 -35.47 34.54 -15.67
N SER A 2794 -36.37 33.58 -15.51
CA SER A 2794 -37.30 33.57 -14.40
C SER A 2794 -37.32 32.20 -13.74
N GLY A 2795 -37.48 32.18 -12.42
CA GLY A 2795 -37.52 30.94 -11.68
C GLY A 2795 -37.97 31.16 -10.26
N VAL A 2796 -38.16 30.05 -9.55
CA VAL A 2796 -38.57 30.07 -8.15
C VAL A 2796 -37.81 28.96 -7.43
N LEU A 2797 -37.40 29.23 -6.19
CA LEU A 2797 -36.63 28.27 -5.42
C LEU A 2797 -37.03 28.33 -3.96
N GLU A 2798 -36.81 27.23 -3.26
CA GLU A 2798 -37.15 27.14 -1.84
C GLU A 2798 -36.29 28.09 -1.03
N TRP A 2799 -36.93 28.84 -0.13
CA TRP A 2799 -36.23 29.75 0.77
C TRP A 2799 -35.90 29.00 2.06
N CYS A 2800 -34.62 28.93 2.40
CA CYS A 2800 -34.20 28.26 3.62
C CYS A 2800 -34.65 29.06 4.84
N THR A 2801 -35.29 28.38 5.80
CA THR A 2801 -35.79 29.01 7.00
C THR A 2801 -34.84 28.76 8.16
N GLY A 2802 -34.60 29.81 8.95
CA GLY A 2802 -33.68 29.71 10.06
C GLY A 2802 -32.22 29.81 9.68
N THR A 2803 -31.91 30.25 8.46
CA THR A 2803 -30.54 30.36 7.99
C THR A 2803 -30.18 31.84 7.83
N VAL A 2804 -29.01 32.21 8.35
CA VAL A 2804 -28.51 33.59 8.23
C VAL A 2804 -27.17 33.53 7.51
N PRO A 2805 -26.90 34.44 6.58
CA PRO A 2805 -25.59 34.44 5.92
C PRO A 2805 -24.47 34.67 6.93
N ILE A 2806 -23.33 34.01 6.69
CA ILE A 2806 -22.19 34.15 7.59
C ILE A 2806 -21.65 35.57 7.57
N GLY A 2807 -21.68 36.21 6.40
CA GLY A 2807 -21.26 37.60 6.32
C GLY A 2807 -22.17 38.53 7.09
N GLU A 2808 -23.48 38.23 7.10
CA GLU A 2808 -24.41 39.03 7.88
C GLU A 2808 -24.15 38.88 9.38
N PHE A 2809 -23.78 37.68 9.82
CA PHE A 2809 -23.52 37.46 11.23
C PHE A 2809 -22.18 38.03 11.66
N LEU A 2810 -21.18 38.00 10.77
CA LEU A 2810 -19.81 38.33 11.15
C LEU A 2810 -19.48 39.81 10.97
N VAL A 2811 -19.69 40.36 9.78
CA VAL A 2811 -19.17 41.69 9.46
C VAL A 2811 -20.30 42.68 9.24
N ASN A 2812 -21.42 42.50 9.94
CA ASN A 2812 -22.49 43.47 9.89
C ASN A 2812 -22.04 44.78 10.54
N ASN A 2813 -22.41 45.90 9.92
CA ASN A 2813 -21.97 47.19 10.42
C ASN A 2813 -22.64 47.54 11.74
N GLU A 2814 -23.90 47.14 11.92
CA GLU A 2814 -24.66 47.55 13.10
C GLU A 2814 -24.39 46.64 14.29
N ASP A 2815 -24.65 45.34 14.14
CA ASP A 2815 -24.55 44.40 15.24
C ASP A 2815 -23.76 43.16 14.83
N GLY A 2816 -22.71 43.36 14.03
CA GLY A 2816 -21.88 42.24 13.64
C GLY A 2816 -21.07 41.68 14.78
N ALA A 2817 -20.65 40.42 14.63
CA ALA A 2817 -19.85 39.77 15.66
C ALA A 2817 -18.50 40.45 15.84
N HIS A 2818 -17.92 40.97 14.76
CA HIS A 2818 -16.64 41.66 14.85
C HIS A 2818 -16.76 43.00 15.57
N LYS A 2819 -17.97 43.51 15.77
CA LYS A 2819 -18.18 44.75 16.49
C LYS A 2819 -18.54 44.50 17.95
N ARG A 2820 -19.46 43.55 18.20
CA ARG A 2820 -19.84 43.23 19.58
C ARG A 2820 -18.66 42.65 20.33
N TYR A 2821 -17.91 41.75 19.70
CA TYR A 2821 -16.66 41.25 20.25
C TYR A 2821 -15.50 41.98 19.59
N ARG A 2822 -14.47 42.28 20.39
CA ARG A 2822 -13.29 43.00 19.92
C ARG A 2822 -13.66 44.32 19.24
N PRO A 2823 -14.20 45.28 19.99
CA PRO A 2823 -14.56 46.56 19.36
C PRO A 2823 -13.37 47.45 19.06
N ASN A 2824 -12.19 47.16 19.62
CA ASN A 2824 -11.01 47.98 19.38
C ASN A 2824 -10.25 47.61 18.12
N ASP A 2825 -10.61 46.50 17.48
CA ASP A 2825 -9.94 46.08 16.26
C ASP A 2825 -10.41 46.93 15.07
N PHE A 2826 -9.81 46.68 13.92
CA PHE A 2826 -10.21 47.37 12.71
C PHE A 2826 -11.64 47.00 12.33
N SER A 2827 -12.39 47.98 11.83
CA SER A 2827 -13.70 47.70 11.30
C SER A 2827 -13.59 47.01 9.95
N ALA A 2828 -14.67 46.34 9.56
CA ALA A 2828 -14.70 45.68 8.25
C ALA A 2828 -14.55 46.69 7.12
N PHE A 2829 -15.09 47.90 7.30
CA PHE A 2829 -14.94 48.94 6.29
C PHE A 2829 -13.47 49.30 6.09
N GLN A 2830 -12.72 49.43 7.18
CA GLN A 2830 -11.30 49.77 7.06
C GLN A 2830 -10.52 48.67 6.34
N CYS A 2831 -10.81 47.40 6.67
CA CYS A 2831 -10.13 46.29 6.01
C CYS A 2831 -10.45 46.26 4.53
N GLN A 2832 -11.73 46.43 4.18
CA GLN A 2832 -12.11 46.44 2.77
C GLN A 2832 -11.45 47.59 2.03
N LYS A 2833 -11.43 48.78 2.64
CA LYS A 2833 -10.81 49.94 2.01
C LYS A 2833 -9.33 49.72 1.78
N LYS A 2834 -8.63 49.18 2.78
CA LYS A 2834 -7.19 48.93 2.63
C LYS A 2834 -6.92 47.90 1.53
N MET A 2835 -7.68 46.81 1.52
CA MET A 2835 -7.46 45.78 0.53
C MET A 2835 -7.82 46.25 -0.88
N MET A 2836 -8.80 47.14 -1.01
CA MET A 2836 -9.10 47.73 -2.31
C MET A 2836 -8.01 48.71 -2.74
N GLU A 2837 -7.43 49.43 -1.78
CA GLU A 2837 -6.37 50.37 -2.10
C GLU A 2837 -5.10 49.66 -2.55
N VAL A 2838 -4.82 48.49 -1.98
CA VAL A 2838 -3.58 47.79 -2.27
C VAL A 2838 -3.74 46.93 -3.52
N GLN A 2839 -4.88 47.07 -4.21
CA GLN A 2839 -5.14 46.24 -5.38
C GLN A 2839 -4.16 46.51 -6.51
N LYS A 2840 -3.82 47.78 -6.74
CA LYS A 2840 -2.98 48.14 -7.88
C LYS A 2840 -1.50 47.89 -7.63
N LYS A 2841 -1.09 47.65 -6.39
CA LYS A 2841 0.33 47.52 -6.08
C LYS A 2841 0.81 46.09 -6.37
N SER A 2842 2.07 45.83 -6.06
CA SER A 2842 2.71 44.56 -6.35
C SER A 2842 2.27 43.49 -5.35
N PHE A 2843 2.78 42.27 -5.54
CA PHE A 2843 2.40 41.17 -4.66
C PHE A 2843 2.96 41.35 -3.26
N GLU A 2844 4.16 41.92 -3.13
CA GLU A 2844 4.74 42.15 -1.82
C GLU A 2844 3.89 43.12 -1.00
N GLU A 2845 3.45 44.21 -1.62
CA GLU A 2845 2.59 45.16 -0.94
C GLU A 2845 1.28 44.53 -0.54
N LYS A 2846 0.70 43.72 -1.42
CA LYS A 2846 -0.54 43.01 -1.09
C LYS A 2846 -0.35 42.09 0.11
N TYR A 2847 0.75 41.34 0.12
CA TYR A 2847 1.01 40.43 1.24
C TYR A 2847 1.20 41.20 2.53
N GLU A 2848 1.96 42.30 2.50
CA GLU A 2848 2.19 43.07 3.71
C GLU A 2848 0.90 43.68 4.25
N VAL A 2849 0.08 44.26 3.36
CA VAL A 2849 -1.17 44.86 3.79
C VAL A 2849 -2.13 43.79 4.32
N PHE A 2850 -2.18 42.62 3.66
CA PHE A 2850 -3.05 41.56 4.12
C PHE A 2850 -2.63 41.06 5.51
N MET A 2851 -1.32 40.91 5.72
CA MET A 2851 -0.84 40.49 7.03
C MET A 2851 -1.15 41.54 8.10
N ASP A 2852 -1.01 42.82 7.75
CA ASP A 2852 -1.33 43.88 8.70
C ASP A 2852 -2.81 43.87 9.05
N VAL A 2853 -3.67 43.66 8.05
CA VAL A 2853 -5.11 43.58 8.31
C VAL A 2853 -5.44 42.38 9.19
N CYS A 2854 -4.86 41.23 8.88
CA CYS A 2854 -5.10 40.04 9.68
C CYS A 2854 -4.60 40.20 11.11
N GLN A 2855 -3.56 41.02 11.30
CA GLN A 2855 -3.08 41.28 12.65
C GLN A 2855 -4.11 42.06 13.46
N ASN A 2856 -4.85 42.96 12.80
CA ASN A 2856 -5.82 43.81 13.47
C ASN A 2856 -7.26 43.38 13.23
N PHE A 2857 -7.48 42.15 12.73
CA PHE A 2857 -8.82 41.62 12.48
C PHE A 2857 -8.81 40.16 12.91
N GLN A 2858 -9.19 39.92 14.17
CA GLN A 2858 -9.13 38.57 14.71
C GLN A 2858 -10.45 37.83 14.48
N PRO A 2859 -10.40 36.50 14.38
CA PRO A 2859 -11.64 35.72 14.17
C PRO A 2859 -12.57 35.82 15.36
N VAL A 2860 -13.88 35.79 15.09
CA VAL A 2860 -14.90 35.97 16.11
C VAL A 2860 -15.95 34.87 15.98
N PHE A 2861 -15.86 34.05 14.92
CA PHE A 2861 -16.92 33.12 14.58
C PHE A 2861 -17.10 31.99 15.59
N ARG A 2862 -16.17 31.81 16.53
CA ARG A 2862 -16.32 30.75 17.52
C ARG A 2862 -17.44 31.00 18.51
N TYR A 2863 -17.98 32.21 18.57
CA TYR A 2863 -19.01 32.56 19.52
C TYR A 2863 -20.42 32.26 19.03
N PHE A 2864 -20.59 31.88 17.77
CA PHE A 2864 -21.92 31.58 17.24
C PHE A 2864 -22.58 30.45 18.03
N CYS A 2865 -21.89 29.32 18.16
CA CYS A 2865 -22.45 28.20 18.91
C CYS A 2865 -22.41 28.44 20.41
N MET A 2866 -21.47 29.26 20.88
CA MET A 2866 -21.41 29.57 22.31
C MET A 2866 -22.62 30.39 22.74
N GLU A 2867 -23.06 31.32 21.91
CA GLU A 2867 -24.17 32.19 22.27
C GLU A 2867 -25.52 31.62 21.84
N LYS A 2868 -25.56 30.74 20.83
CA LYS A 2868 -26.84 30.21 20.40
C LYS A 2868 -27.23 28.94 21.16
N PHE A 2869 -26.25 28.19 21.65
CA PHE A 2869 -26.50 26.95 22.38
C PHE A 2869 -25.76 27.02 23.71
N LEU A 2870 -26.51 27.20 24.80
CA LEU A 2870 -25.92 27.33 26.12
C LEU A 2870 -25.66 26.00 26.80
N ASP A 2871 -26.37 24.95 26.41
CA ASP A 2871 -26.14 23.63 26.99
C ASP A 2871 -24.86 23.03 26.42
N PRO A 2872 -23.91 22.60 27.26
CA PRO A 2872 -22.64 22.09 26.72
C PRO A 2872 -22.79 20.93 25.76
N ALA A 2873 -23.71 20.01 26.02
CA ALA A 2873 -23.90 18.87 25.13
C ALA A 2873 -24.45 19.32 23.77
N ILE A 2874 -25.47 20.18 23.79
CA ILE A 2874 -26.03 20.69 22.55
C ILE A 2874 -24.99 21.52 21.80
N TRP A 2875 -24.20 22.31 22.54
CA TRP A 2875 -23.15 23.10 21.92
C TRP A 2875 -22.12 22.21 21.23
N PHE A 2876 -21.70 21.14 21.90
CA PHE A 2876 -20.75 20.21 21.30
C PHE A 2876 -21.32 19.55 20.05
N GLU A 2877 -22.58 19.11 20.12
CA GLU A 2877 -23.20 18.47 18.97
C GLU A 2877 -23.30 19.42 17.78
N LYS A 2878 -23.72 20.67 18.04
CA LYS A 2878 -23.85 21.63 16.96
C LYS A 2878 -22.49 21.99 16.35
N ARG A 2879 -21.46 22.13 17.20
CA ARG A 2879 -20.13 22.42 16.68
C ARG A 2879 -19.60 21.27 15.84
N LEU A 2880 -19.83 20.02 16.27
CA LEU A 2880 -19.40 18.88 15.48
C LEU A 2880 -20.15 18.82 14.15
N ALA A 2881 -21.44 19.11 14.17
CA ALA A 2881 -22.20 19.16 12.92
C ALA A 2881 -21.67 20.24 12.00
N TYR A 2882 -21.33 21.40 12.55
CA TYR A 2882 -20.76 22.48 11.75
C TYR A 2882 -19.44 22.06 11.11
N THR A 2883 -18.56 21.43 11.88
CA THR A 2883 -17.28 21.01 11.34
C THR A 2883 -17.45 19.97 10.23
N ARG A 2884 -18.33 18.99 10.45
CA ARG A 2884 -18.58 17.99 9.43
C ARG A 2884 -19.18 18.60 8.18
N SER A 2885 -20.10 19.55 8.35
CA SER A 2885 -20.68 20.23 7.18
C SER A 2885 -19.62 20.99 6.41
N VAL A 2886 -18.72 21.69 7.11
CA VAL A 2886 -17.65 22.42 6.44
C VAL A 2886 -16.77 21.47 5.65
N ALA A 2887 -16.38 20.35 6.27
CA ALA A 2887 -15.50 19.40 5.59
C ALA A 2887 -16.16 18.84 4.34
N THR A 2888 -17.40 18.38 4.46
CA THR A 2888 -18.09 17.78 3.33
C THR A 2888 -18.29 18.80 2.22
N SER A 2889 -18.73 20.01 2.56
CA SER A 2889 -18.95 21.03 1.55
C SER A 2889 -17.66 21.41 0.85
N SER A 2890 -16.56 21.54 1.60
CA SER A 2890 -15.28 21.89 0.99
C SER A 2890 -14.84 20.81 0.01
N ILE A 2891 -14.90 19.54 0.44
CA ILE A 2891 -14.42 18.47 -0.44
C ILE A 2891 -15.29 18.37 -1.69
N VAL A 2892 -16.61 18.42 -1.52
CA VAL A 2892 -17.51 18.29 -2.66
C VAL A 2892 -17.35 19.47 -3.61
N GLY A 2893 -17.19 20.68 -3.07
CA GLY A 2893 -16.99 21.83 -3.93
C GLY A 2893 -15.67 21.78 -4.68
N TYR A 2894 -14.61 21.27 -4.03
CA TYR A 2894 -13.36 21.10 -4.73
C TYR A 2894 -13.47 20.10 -5.87
N ILE A 2895 -14.16 18.98 -5.62
CA ILE A 2895 -14.33 17.96 -6.66
C ILE A 2895 -15.05 18.55 -7.87
N LEU A 2896 -16.04 19.40 -7.63
CA LEU A 2896 -16.78 20.05 -8.69
C LEU A 2896 -16.17 21.37 -9.15
N GLY A 2897 -15.05 21.78 -8.56
CA GLY A 2897 -14.43 23.03 -8.93
C GLY A 2897 -15.29 24.24 -8.61
N LEU A 2898 -15.92 24.24 -7.43
CA LEU A 2898 -16.83 25.31 -7.07
C LEU A 2898 -16.07 26.60 -6.75
N GLY A 2899 -16.58 27.72 -7.25
CA GLY A 2899 -15.98 29.01 -7.01
C GLY A 2899 -17.00 30.02 -6.51
N ASP A 2900 -16.55 31.26 -6.38
CA ASP A 2900 -17.38 32.37 -5.91
C ASP A 2900 -17.96 32.09 -4.53
N ARG A 2901 -17.15 31.49 -3.67
CA ARG A 2901 -17.58 31.12 -2.32
C ARG A 2901 -17.30 32.25 -1.33
N HIS A 2902 -17.92 33.40 -1.59
CA HIS A 2902 -17.76 34.53 -0.69
C HIS A 2902 -18.74 34.42 0.48
N VAL A 2903 -18.72 35.43 1.37
CA VAL A 2903 -19.44 35.34 2.63
C VAL A 2903 -20.96 35.38 2.38
N GLN A 2904 -21.41 36.15 1.41
CA GLN A 2904 -22.84 36.27 1.15
C GLN A 2904 -23.42 35.07 0.42
N ASN A 2905 -22.58 34.16 -0.07
CA ASN A 2905 -23.04 32.97 -0.77
C ASN A 2905 -23.08 31.74 0.12
N ILE A 2906 -22.82 31.89 1.40
CA ILE A 2906 -22.84 30.78 2.36
C ILE A 2906 -23.78 31.15 3.50
N LEU A 2907 -24.73 30.26 3.78
CA LEU A 2907 -25.68 30.45 4.87
C LEU A 2907 -25.43 29.39 5.94
N ILE A 2908 -25.76 29.73 7.18
CA ILE A 2908 -25.65 28.81 8.30
C ILE A 2908 -27.00 28.73 9.00
N ASN A 2909 -27.48 27.51 9.21
CA ASN A 2909 -28.76 27.31 9.88
C ASN A 2909 -28.60 27.55 11.37
N GLU A 2910 -29.46 28.40 11.93
CA GLU A 2910 -29.36 28.73 13.35
C GLU A 2910 -29.73 27.54 14.22
N GLN A 2911 -30.67 26.70 13.79
CA GLN A 2911 -31.09 25.58 14.61
C GLN A 2911 -30.06 24.46 14.61
N SER A 2912 -29.49 24.14 13.46
CA SER A 2912 -28.61 22.99 13.31
C SER A 2912 -27.14 23.34 13.21
N ALA A 2913 -26.81 24.63 13.02
CA ALA A 2913 -25.42 25.08 12.88
C ALA A 2913 -24.73 24.38 11.71
N GLU A 2914 -25.43 24.24 10.60
CA GLU A 2914 -24.89 23.66 9.38
C GLU A 2914 -24.88 24.69 8.27
N LEU A 2915 -23.92 24.56 7.36
CA LEU A 2915 -23.74 25.51 6.26
C LEU A 2915 -24.47 25.06 5.00
N VAL A 2916 -25.10 26.01 4.32
CA VAL A 2916 -25.79 25.79 3.06
C VAL A 2916 -25.13 26.67 2.01
N HIS A 2917 -24.71 26.07 0.91
CA HIS A 2917 -24.06 26.80 -0.17
C HIS A 2917 -25.09 27.18 -1.23
N ILE A 2918 -25.16 28.47 -1.55
CA ILE A 2918 -26.11 28.98 -2.53
C ILE A 2918 -25.33 29.69 -3.64
N ASP A 2919 -26.07 30.12 -4.67
CA ASP A 2919 -25.49 30.81 -5.82
C ASP A 2919 -24.43 29.95 -6.51
N LEU A 2920 -24.89 28.85 -7.09
CA LEU A 2920 -24.03 27.82 -7.66
C LEU A 2920 -23.66 28.09 -9.12
N GLY A 2921 -23.64 29.36 -9.53
CA GLY A 2921 -23.42 29.67 -10.94
C GLY A 2921 -22.03 29.31 -11.42
N VAL A 2922 -21.01 29.59 -10.61
CA VAL A 2922 -19.61 29.40 -11.00
C VAL A 2922 -19.15 28.06 -10.47
N ALA A 2923 -18.69 27.19 -11.36
CA ALA A 2923 -18.22 25.85 -10.99
C ALA A 2923 -17.25 25.36 -12.06
N PHE A 2924 -16.70 24.17 -11.83
CA PHE A 2924 -15.75 23.53 -12.74
C PHE A 2924 -14.53 24.41 -12.99
N GLU A 2925 -14.06 25.07 -11.93
CA GLU A 2925 -12.86 25.90 -11.97
C GLU A 2925 -12.94 27.01 -13.01
N GLN A 2926 -14.14 27.52 -13.25
CA GLN A 2926 -14.29 28.68 -14.12
C GLN A 2926 -13.95 29.98 -13.43
N GLY A 2927 -13.81 29.98 -12.10
CA GLY A 2927 -13.38 31.16 -11.39
C GLY A 2927 -11.90 31.43 -11.48
N LYS A 2928 -11.11 30.43 -11.89
CA LYS A 2928 -9.69 30.62 -12.10
C LYS A 2928 -9.38 31.27 -13.45
N ILE A 2929 -10.35 31.32 -14.35
CA ILE A 2929 -10.21 32.06 -15.60
C ILE A 2929 -10.53 33.53 -15.43
N LEU A 2930 -11.15 33.91 -14.32
CA LEU A 2930 -11.52 35.30 -14.08
C LEU A 2930 -10.27 36.15 -13.87
N PRO A 2931 -10.38 37.46 -14.15
CA PRO A 2931 -9.34 38.39 -13.68
C PRO A 2931 -9.23 38.32 -12.16
N THR A 2932 -8.00 38.45 -11.67
CA THR A 2932 -7.70 38.16 -10.27
C THR A 2932 -8.21 36.76 -9.95
N PRO A 2933 -7.58 35.72 -10.47
CA PRO A 2933 -8.17 34.37 -10.38
C PRO A 2933 -8.26 33.87 -8.96
N GLU A 2934 -9.25 33.02 -8.71
CA GLU A 2934 -9.39 32.39 -7.41
C GLU A 2934 -8.34 31.29 -7.25
N THR A 2935 -7.51 31.42 -6.23
CA THR A 2935 -6.37 30.53 -6.03
C THR A 2935 -6.56 29.59 -4.86
N VAL A 2936 -7.81 29.34 -4.44
CA VAL A 2936 -8.08 28.45 -3.32
C VAL A 2936 -9.06 27.37 -3.77
N PRO A 2937 -8.88 26.12 -3.34
CA PRO A 2937 -9.89 25.09 -3.67
C PRO A 2937 -11.25 25.38 -3.07
N PHE A 2938 -11.28 25.98 -1.89
CA PHE A 2938 -12.53 26.30 -1.19
C PHE A 2938 -12.23 27.40 -0.20
N ARG A 2939 -13.27 27.82 0.53
CA ARG A 2939 -13.12 28.86 1.55
C ARG A 2939 -12.79 28.20 2.88
N LEU A 2940 -11.58 28.44 3.38
CA LEU A 2940 -11.12 27.95 4.67
C LEU A 2940 -10.41 29.07 5.42
N THR A 2941 -11.07 30.24 5.47
CA THR A 2941 -10.48 31.42 6.08
C THR A 2941 -10.40 31.25 7.59
N ARG A 2942 -9.93 32.30 8.27
CA ARG A 2942 -9.67 32.20 9.70
C ARG A 2942 -10.96 32.06 10.51
N ASP A 2943 -12.06 32.68 10.07
CA ASP A 2943 -13.32 32.52 10.78
C ASP A 2943 -13.85 31.10 10.67
N ILE A 2944 -13.75 30.49 9.49
CA ILE A 2944 -14.25 29.14 9.29
C ILE A 2944 -13.50 28.16 10.19
N VAL A 2945 -12.16 28.29 10.24
CA VAL A 2945 -11.37 27.42 11.09
C VAL A 2945 -11.62 27.72 12.57
N ASP A 2946 -11.82 29.00 12.91
CA ASP A 2946 -12.08 29.38 14.29
C ASP A 2946 -13.39 28.80 14.80
N GLY A 2947 -14.39 28.70 13.92
CA GLY A 2947 -15.64 28.07 14.30
C GLY A 2947 -15.51 26.60 14.65
N MET A 2948 -14.42 25.96 14.26
CA MET A 2948 -14.24 24.54 14.50
C MET A 2948 -13.77 24.22 15.90
N GLY A 2949 -13.30 25.22 16.65
CA GLY A 2949 -12.84 25.02 18.01
C GLY A 2949 -11.36 25.28 18.15
N ILE A 2950 -10.83 24.89 19.31
CA ILE A 2950 -9.42 25.15 19.61
C ILE A 2950 -8.51 24.35 18.70
N THR A 2951 -8.92 23.13 18.31
CA THR A 2951 -8.07 22.29 17.47
C THR A 2951 -7.95 22.81 16.05
N GLY A 2952 -8.94 23.55 15.57
CA GLY A 2952 -8.87 24.06 14.21
C GLY A 2952 -9.17 22.99 13.18
N VAL A 2953 -8.40 23.01 12.09
CA VAL A 2953 -8.60 22.04 11.02
C VAL A 2953 -8.15 20.64 11.44
N GLU A 2954 -7.37 20.52 12.50
CA GLU A 2954 -6.92 19.22 12.95
C GLU A 2954 -8.04 18.46 13.63
N GLY A 2955 -7.96 17.14 13.57
CA GLY A 2955 -8.92 16.27 14.26
C GLY A 2955 -10.13 15.94 13.38
N VAL A 2956 -11.29 16.47 13.74
CA VAL A 2956 -12.54 16.08 13.08
C VAL A 2956 -12.53 16.51 11.63
N PHE A 2957 -12.11 17.75 11.36
CA PHE A 2957 -12.19 18.29 10.00
C PHE A 2957 -11.34 17.49 9.03
N ARG A 2958 -10.09 17.21 9.40
CA ARG A 2958 -9.18 16.51 8.51
C ARG A 2958 -9.68 15.09 8.22
N ARG A 2959 -10.16 14.40 9.26
CA ARG A 2959 -10.61 13.03 9.05
C ARG A 2959 -11.90 12.98 8.24
N CYS A 2960 -12.81 13.94 8.46
CA CYS A 2960 -14.02 13.98 7.64
C CYS A 2960 -13.69 14.30 6.19
N CYS A 2961 -12.74 15.20 5.95
CA CYS A 2961 -12.29 15.47 4.59
C CYS A 2961 -11.69 14.23 3.95
N GLU A 2962 -10.89 13.47 4.73
CA GLU A 2962 -10.31 12.25 4.21
C GLU A 2962 -11.38 11.22 3.87
N LYS A 2963 -12.39 11.07 4.72
CA LYS A 2963 -13.47 10.13 4.44
C LYS A 2963 -14.24 10.53 3.18
N THR A 2964 -14.56 11.82 3.05
CA THR A 2964 -15.29 12.27 1.87
C THR A 2964 -14.46 12.07 0.61
N MET A 2965 -13.16 12.37 0.67
CA MET A 2965 -12.30 12.17 -0.49
C MET A 2965 -12.16 10.71 -0.85
N GLU A 2966 -12.09 9.83 0.15
CA GLU A 2966 -12.05 8.40 -0.11
C GLU A 2966 -13.33 7.93 -0.80
N VAL A 2967 -14.48 8.41 -0.34
CA VAL A 2967 -15.74 8.05 -0.98
C VAL A 2967 -15.77 8.57 -2.41
N MET A 2968 -15.28 9.79 -2.65
CA MET A 2968 -15.22 10.31 -4.00
C MET A 2968 -14.30 9.46 -4.88
N ARG A 2969 -13.18 9.01 -4.33
CA ARG A 2969 -12.26 8.17 -5.09
C ARG A 2969 -12.88 6.83 -5.45
N ASN A 2970 -13.60 6.21 -4.50
CA ASN A 2970 -14.19 4.90 -4.75
C ASN A 2970 -15.31 4.94 -5.78
N SER A 2971 -15.88 6.11 -6.03
CA SER A 2971 -16.98 6.27 -6.98
C SER A 2971 -16.60 7.22 -8.11
N GLN A 2972 -15.37 7.07 -8.64
CA GLN A 2972 -14.91 7.99 -9.68
C GLN A 2972 -15.66 7.78 -10.99
N GLU A 2973 -15.97 6.52 -11.33
CA GLU A 2973 -16.65 6.26 -12.59
C GLU A 2973 -18.06 6.85 -12.61
N THR A 2974 -18.81 6.68 -11.52
CA THR A 2974 -20.17 7.21 -11.46
C THR A 2974 -20.16 8.74 -11.56
N LEU A 2975 -19.28 9.38 -10.80
CA LEU A 2975 -19.19 10.84 -10.85
C LEU A 2975 -18.77 11.32 -12.23
N LEU A 2976 -17.82 10.61 -12.85
CA LEU A 2976 -17.39 10.98 -14.20
C LEU A 2976 -18.53 10.87 -15.20
N THR A 2977 -19.32 9.80 -15.11
CA THR A 2977 -20.47 9.65 -16.01
C THR A 2977 -21.49 10.76 -15.78
N ILE A 2978 -21.78 11.07 -14.52
CA ILE A 2978 -22.76 12.11 -14.22
C ILE A 2978 -22.30 13.46 -14.77
N VAL A 2979 -21.03 13.81 -14.52
CA VAL A 2979 -20.52 15.10 -14.98
C VAL A 2979 -20.43 15.14 -16.50
N GLU A 2980 -20.12 14.01 -17.14
CA GLU A 2980 -20.10 13.96 -18.60
C GLU A 2980 -21.49 14.19 -19.18
N VAL A 2981 -22.52 13.61 -18.55
CA VAL A 2981 -23.88 13.85 -18.99
C VAL A 2981 -24.26 15.32 -18.80
N LEU A 2982 -23.86 15.89 -17.66
CA LEU A 2982 -24.23 17.28 -17.35
C LEU A 2982 -23.55 18.28 -18.28
N LEU A 2983 -22.25 18.13 -18.49
CA LEU A 2983 -21.49 19.12 -19.24
C LEU A 2983 -21.93 19.18 -20.70
N TYR A 2984 -22.22 18.03 -21.29
CA TYR A 2984 -22.63 17.98 -22.69
C TYR A 2984 -24.11 18.29 -22.88
N ASP A 2985 -24.81 18.67 -21.82
CA ASP A 2985 -26.19 19.12 -21.98
C ASP A 2985 -26.21 20.43 -22.74
N PRO A 2986 -26.95 20.53 -23.85
CA PRO A 2986 -26.91 21.76 -24.65
C PRO A 2986 -27.37 23.00 -23.91
N LEU A 2987 -28.31 22.87 -22.98
CA LEU A 2987 -28.88 24.03 -22.30
C LEU A 2987 -28.10 24.44 -21.05
N PHE A 2988 -27.10 23.66 -20.64
CA PHE A 2988 -26.32 23.99 -19.46
C PHE A 2988 -25.22 24.96 -19.86
N ASP A 2989 -25.37 26.23 -19.47
CA ASP A 2989 -24.36 27.25 -19.71
C ASP A 2989 -23.44 27.29 -18.51
N TRP A 2990 -22.22 26.78 -18.68
CA TRP A 2990 -21.27 26.67 -17.58
C TRP A 2990 -19.89 27.25 -17.90
N THR A 2991 -19.65 27.67 -19.13
CA THR A 2991 -18.35 28.21 -19.52
C THR A 2991 -18.32 29.71 -19.25
N MET A 2992 -17.20 30.17 -18.67
CA MET A 2992 -17.06 31.58 -18.35
C MET A 2992 -16.96 32.42 -19.62
N ASN A 2993 -17.56 33.59 -19.59
CA ASN A 2993 -17.60 34.53 -20.70
C ASN A 2993 -17.18 35.90 -20.21
N PRO A 2994 -16.68 36.76 -21.11
CA PRO A 2994 -16.23 38.09 -20.66
C PRO A 2994 -17.32 38.91 -19.98
N LEU A 2995 -18.58 38.79 -20.44
CA LEU A 2995 -19.66 39.54 -19.80
C LEU A 2995 -19.88 39.06 -18.36
N LYS A 2996 -19.93 37.74 -18.16
CA LYS A 2996 -20.08 37.21 -16.81
C LYS A 2996 -18.86 37.52 -15.96
N ALA A 2997 -17.67 37.50 -16.56
CA ALA A 2997 -16.46 37.84 -15.83
C ALA A 2997 -16.51 39.29 -15.34
N LEU A 2998 -16.95 40.21 -16.20
CA LEU A 2998 -17.09 41.60 -15.78
C LEU A 2998 -18.15 41.76 -14.71
N TYR A 2999 -19.26 41.04 -14.84
CA TYR A 2999 -20.35 41.16 -13.86
C TYR A 2999 -19.93 40.63 -12.50
N LEU A 3000 -19.14 39.55 -12.47
CA LEU A 3000 -18.81 38.90 -11.21
C LEU A 3000 -18.00 39.82 -10.30
N GLN A 3001 -17.04 40.55 -10.87
CA GLN A 3001 -16.18 41.46 -10.10
C GLN A 3001 -16.39 42.87 -10.62
N GLN A 3002 -17.04 43.70 -9.81
CA GLN A 3002 -17.31 45.08 -10.18
C GLN A 3002 -16.09 45.96 -9.91
N GLN A 3030 -15.00 22.83 -32.72
CA GLN A 3030 -15.45 23.85 -31.78
C GLN A 3030 -14.62 23.83 -30.51
N SER A 3031 -14.34 25.02 -29.98
CA SER A 3031 -13.56 25.13 -28.74
C SER A 3031 -14.33 24.59 -27.55
N PHE A 3032 -15.66 24.55 -27.61
CA PHE A 3032 -16.44 24.03 -26.49
C PHE A 3032 -16.13 22.56 -26.23
N ASN A 3033 -15.97 21.78 -27.30
CA ASN A 3033 -15.68 20.35 -27.13
C ASN A 3033 -14.36 20.13 -26.43
N LYS A 3034 -13.32 20.86 -26.85
CA LYS A 3034 -12.01 20.68 -26.22
C LYS A 3034 -11.99 21.23 -24.80
N VAL A 3035 -12.72 22.32 -24.54
CA VAL A 3035 -12.82 22.83 -23.17
C VAL A 3035 -13.49 21.81 -22.27
N ALA A 3036 -14.58 21.21 -22.74
CA ALA A 3036 -15.27 20.19 -21.95
C ALA A 3036 -14.38 18.97 -21.73
N GLU A 3037 -13.63 18.56 -22.76
CA GLU A 3037 -12.72 17.44 -22.61
C GLU A 3037 -11.63 17.74 -21.58
N ARG A 3038 -11.07 18.96 -21.62
CA ARG A 3038 -10.06 19.34 -20.64
C ARG A 3038 -10.63 19.34 -19.23
N VAL A 3039 -11.86 19.86 -19.07
CA VAL A 3039 -12.50 19.88 -17.76
C VAL A 3039 -12.73 18.46 -17.25
N LEU A 3040 -13.20 17.56 -18.13
CA LEU A 3040 -13.41 16.18 -17.73
C LEU A 3040 -12.10 15.51 -17.34
N MET A 3041 -11.03 15.78 -18.09
CA MET A 3041 -9.72 15.22 -17.74
C MET A 3041 -9.23 15.74 -16.40
N ARG A 3042 -9.42 17.03 -16.14
CA ARG A 3042 -9.03 17.60 -14.85
C ARG A 3042 -9.82 16.98 -13.71
N LEU A 3043 -11.12 16.78 -13.91
CA LEU A 3043 -11.94 16.13 -12.89
C LEU A 3043 -11.50 14.69 -12.65
N GLN A 3044 -11.15 13.98 -13.73
CA GLN A 3044 -10.65 12.61 -13.57
C GLN A 3044 -9.34 12.58 -12.81
N GLU A 3045 -8.46 13.56 -13.08
CA GLU A 3045 -7.22 13.66 -12.32
C GLU A 3045 -7.48 13.93 -10.85
N LYS A 3046 -8.45 14.82 -10.56
CA LYS A 3046 -8.80 15.09 -9.17
C LYS A 3046 -9.31 13.83 -8.47
N LEU A 3047 -10.19 13.09 -9.15
CA LEU A 3047 -10.78 11.90 -8.54
C LEU A 3047 -9.74 10.80 -8.36
N LYS A 3048 -8.81 10.67 -9.30
CA LYS A 3048 -7.78 9.66 -9.19
C LYS A 3048 -6.70 10.05 -8.18
N GLY A 3049 -6.57 11.36 -7.91
CA GLY A 3049 -5.57 11.84 -6.98
C GLY A 3049 -4.31 12.39 -7.61
N VAL A 3050 -4.27 12.54 -8.94
CA VAL A 3050 -3.10 13.03 -9.63
C VAL A 3050 -3.08 14.56 -9.52
N GLU A 3051 -2.12 15.09 -8.76
CA GLU A 3051 -1.98 16.53 -8.56
C GLU A 3051 -0.64 16.97 -9.12
N GLU A 3052 -0.67 17.78 -10.18
CA GLU A 3052 0.59 18.29 -10.80
C GLU A 3052 1.50 17.14 -11.20
N GLY A 3053 0.95 16.10 -11.83
CA GLY A 3053 1.76 15.01 -12.34
C GLY A 3053 2.21 13.99 -11.31
N THR A 3054 1.83 14.15 -10.04
CA THR A 3054 2.21 13.23 -8.99
C THR A 3054 0.96 12.62 -8.38
N VAL A 3055 0.94 11.29 -8.29
CA VAL A 3055 -0.18 10.59 -7.67
C VAL A 3055 -0.04 10.65 -6.16
N LEU A 3056 -1.10 11.08 -5.47
CA LEU A 3056 -1.09 11.28 -4.03
C LEU A 3056 -2.14 10.40 -3.38
N SER A 3057 -1.91 10.05 -2.12
CA SER A 3057 -2.90 9.36 -1.33
C SER A 3057 -4.01 10.33 -0.93
N VAL A 3058 -5.05 9.78 -0.29
CA VAL A 3058 -6.16 10.61 0.16
C VAL A 3058 -5.68 11.61 1.21
N GLY A 3059 -4.89 11.13 2.17
CA GLY A 3059 -4.38 12.02 3.20
C GLY A 3059 -3.48 13.11 2.64
N GLY A 3060 -2.59 12.74 1.72
CA GLY A 3060 -1.71 13.74 1.11
C GLY A 3060 -2.48 14.77 0.31
N GLN A 3061 -3.48 14.34 -0.45
CA GLN A 3061 -4.29 15.27 -1.22
C GLN A 3061 -5.07 16.21 -0.29
N VAL A 3062 -5.61 15.68 0.80
CA VAL A 3062 -6.33 16.52 1.76
C VAL A 3062 -5.39 17.53 2.40
N ASN A 3063 -4.16 17.09 2.72
CA ASN A 3063 -3.12 17.96 3.32
C ASN A 3063 -2.75 19.08 2.34
N LEU A 3064 -2.63 18.75 1.06
CA LEU A 3064 -2.32 19.76 0.03
C LEU A 3064 -3.47 20.75 -0.12
N LEU A 3065 -4.71 20.27 -0.16
CA LEU A 3065 -5.86 21.16 -0.29
C LEU A 3065 -5.97 22.09 0.90
N ILE A 3066 -5.79 21.57 2.11
CA ILE A 3066 -5.89 22.40 3.31
C ILE A 3066 -4.81 23.47 3.32
N GLN A 3067 -3.57 23.08 3.00
CA GLN A 3067 -2.48 24.05 3.05
C GLN A 3067 -2.59 25.06 1.92
N GLN A 3068 -3.22 24.70 0.79
CA GLN A 3068 -3.47 25.69 -0.25
C GLN A 3068 -4.61 26.63 0.12
N ALA A 3069 -5.60 26.14 0.85
CA ALA A 3069 -6.74 26.98 1.23
C ALA A 3069 -6.38 27.95 2.35
N ILE A 3070 -5.55 27.53 3.31
CA ILE A 3070 -5.23 28.37 4.46
C ILE A 3070 -3.97 29.19 4.24
N ASP A 3071 -3.35 29.14 3.08
CA ASP A 3071 -2.12 29.87 2.84
C ASP A 3071 -2.42 31.36 2.70
N PRO A 3072 -1.84 32.22 3.55
CA PRO A 3072 -2.04 33.66 3.37
C PRO A 3072 -1.49 34.21 2.07
N LYS A 3073 -0.50 33.54 1.47
CA LYS A 3073 0.04 33.99 0.19
C LYS A 3073 -1.03 33.95 -0.89
N ASN A 3074 -1.81 32.88 -0.94
CA ASN A 3074 -2.90 32.80 -1.91
C ASN A 3074 -4.05 33.71 -1.53
N LEU A 3075 -4.30 33.87 -0.22
CA LEU A 3075 -5.42 34.68 0.23
C LEU A 3075 -5.20 36.16 -0.05
N SER A 3076 -3.95 36.62 -0.03
CA SER A 3076 -3.68 38.03 -0.26
C SER A 3076 -3.95 38.44 -1.71
N ARG A 3077 -3.71 37.54 -2.66
CA ARG A 3077 -3.88 37.83 -4.07
C ARG A 3077 -5.33 37.72 -4.52
N LEU A 3078 -6.23 37.27 -3.66
CA LEU A 3078 -7.62 37.10 -4.04
C LEU A 3078 -8.33 38.45 -4.16
N PHE A 3079 -9.51 38.42 -4.78
CA PHE A 3079 -10.30 39.63 -4.98
C PHE A 3079 -10.73 40.19 -3.62
N PRO A 3080 -10.68 41.51 -3.45
CA PRO A 3080 -11.11 42.09 -2.17
C PRO A 3080 -12.57 41.83 -1.84
N GLY A 3081 -13.42 41.61 -2.85
CA GLY A 3081 -14.80 41.29 -2.58
C GLY A 3081 -14.99 39.92 -1.96
N TRP A 3082 -14.00 39.05 -2.10
CA TRP A 3082 -14.09 37.72 -1.52
C TRP A 3082 -13.94 37.75 -0.01
N LYS A 3083 -13.31 38.80 0.53
CA LYS A 3083 -13.16 38.99 1.98
C LYS A 3083 -12.38 37.85 2.62
N ALA A 3084 -11.13 37.69 2.20
CA ALA A 3084 -10.29 36.61 2.74
C ALA A 3084 -9.96 36.84 4.20
N TRP A 3085 -9.95 38.10 4.66
CA TRP A 3085 -9.62 38.38 6.04
C TRP A 3085 -10.71 37.94 7.01
N VAL A 3086 -11.96 37.84 6.53
CA VAL A 3086 -13.07 37.43 7.38
C VAL A 3086 -12.98 35.95 7.70
N HIS B 1546 58.38 -34.82 -7.36
CA HIS B 1546 58.46 -35.78 -6.26
C HIS B 1546 58.90 -35.09 -4.97
N LEU B 1547 59.39 -33.84 -5.10
CA LEU B 1547 59.91 -33.14 -3.94
C LEU B 1547 58.83 -32.85 -2.91
N HIS B 1548 57.63 -32.47 -3.36
CA HIS B 1548 56.56 -32.13 -2.43
C HIS B 1548 56.13 -33.34 -1.62
N VAL B 1549 56.03 -34.51 -2.27
CA VAL B 1549 55.65 -35.73 -1.55
C VAL B 1549 56.70 -36.08 -0.51
N ILE B 1550 57.98 -35.99 -0.87
CA ILE B 1550 59.06 -36.32 0.05
C ILE B 1550 59.04 -35.37 1.24
N VAL B 1551 58.86 -34.08 0.99
CA VAL B 1551 58.82 -33.09 2.07
C VAL B 1551 57.64 -33.36 2.99
N GLY B 1552 56.46 -33.62 2.42
CA GLY B 1552 55.29 -33.90 3.23
C GLY B 1552 55.40 -35.18 4.03
N THR B 1553 56.15 -36.15 3.51
CA THR B 1553 56.39 -37.38 4.28
C THR B 1553 57.40 -37.15 5.41
N LEU B 1554 58.46 -36.38 5.14
CA LEU B 1554 59.53 -36.21 6.11
C LEU B 1554 59.15 -35.24 7.23
N ILE B 1555 58.27 -34.27 6.96
CA ILE B 1555 57.97 -33.25 7.97
C ILE B 1555 57.41 -33.84 9.26
N PRO B 1556 56.41 -34.73 9.24
CA PRO B 1556 55.90 -35.25 10.52
C PRO B 1556 56.92 -36.05 11.32
N LEU B 1557 57.94 -36.60 10.67
CA LEU B 1557 58.91 -37.45 11.36
C LEU B 1557 59.83 -36.67 12.30
N VAL B 1558 59.79 -35.34 12.25
CA VAL B 1558 60.68 -34.55 13.11
C VAL B 1558 60.32 -34.73 14.58
N TYR B 1559 59.02 -34.84 14.88
CA TYR B 1559 58.56 -34.89 16.26
C TYR B 1559 58.61 -36.30 16.86
N GLU B 1560 59.06 -37.30 16.11
CA GLU B 1560 58.99 -38.67 16.60
C GLU B 1560 60.12 -38.98 17.59
N GLN B 1561 61.36 -38.92 17.12
CA GLN B 1561 62.51 -39.25 17.97
C GLN B 1561 63.71 -38.45 17.51
N VAL B 1562 64.67 -38.27 18.43
CA VAL B 1562 65.80 -37.38 18.18
C VAL B 1562 66.72 -37.96 17.11
N GLU B 1563 67.04 -39.26 17.21
CA GLU B 1563 68.00 -39.86 16.29
C GLU B 1563 67.49 -39.81 14.85
N VAL B 1564 66.23 -40.17 14.64
CA VAL B 1564 65.64 -40.04 13.31
C VAL B 1564 65.44 -38.57 12.94
N GLN B 1565 65.21 -37.70 13.93
CA GLN B 1565 65.07 -36.28 13.66
C GLN B 1565 66.34 -35.72 13.03
N LYS B 1566 67.51 -36.13 13.52
CA LYS B 1566 68.76 -35.66 12.95
C LYS B 1566 68.85 -36.00 11.46
N GLN B 1567 68.56 -37.25 11.11
CA GLN B 1567 68.63 -37.66 9.70
C GLN B 1567 67.59 -36.95 8.85
N VAL B 1568 66.37 -36.80 9.36
CA VAL B 1568 65.32 -36.13 8.59
C VAL B 1568 65.68 -34.67 8.35
N LEU B 1569 66.17 -33.98 9.39
CA LEU B 1569 66.57 -32.59 9.23
C LEU B 1569 67.76 -32.45 8.28
N ASP B 1570 68.72 -33.39 8.34
CA ASP B 1570 69.84 -33.33 7.42
C ASP B 1570 69.37 -33.51 5.98
N LEU B 1571 68.47 -34.47 5.74
CA LEU B 1571 67.96 -34.67 4.39
C LEU B 1571 67.17 -33.46 3.90
N LEU B 1572 66.33 -32.89 4.75
CA LEU B 1572 65.57 -31.69 4.36
C LEU B 1572 66.50 -30.52 4.07
N LYS B 1573 67.54 -30.35 4.89
CA LYS B 1573 68.50 -29.27 4.67
C LYS B 1573 69.20 -29.45 3.34
N TYR B 1574 69.65 -30.68 3.05
CA TYR B 1574 70.30 -30.94 1.77
C TYR B 1574 69.35 -30.68 0.61
N LEU B 1575 68.08 -31.05 0.76
CA LEU B 1575 67.11 -30.87 -0.33
C LEU B 1575 66.81 -29.40 -0.56
N VAL B 1576 66.76 -28.58 0.49
CA VAL B 1576 66.29 -27.21 0.35
C VAL B 1576 67.43 -26.20 0.37
N ILE B 1577 68.15 -26.12 1.48
CA ILE B 1577 69.12 -25.04 1.67
C ILE B 1577 70.30 -25.22 0.74
N ASP B 1578 70.85 -26.44 0.66
CA ASP B 1578 72.01 -26.67 -0.19
C ASP B 1578 71.65 -26.58 -1.67
N ASN B 1579 70.39 -26.80 -2.01
CA ASN B 1579 69.92 -26.75 -3.39
C ASN B 1579 69.19 -25.45 -3.72
N LYS B 1580 69.31 -24.43 -2.86
CA LYS B 1580 68.66 -23.16 -3.14
C LYS B 1580 69.22 -22.50 -4.38
N ASP B 1581 70.49 -22.73 -4.69
CA ASP B 1581 71.11 -22.21 -5.91
C ASP B 1581 71.03 -23.22 -7.05
N ASN B 1582 69.81 -23.70 -7.32
CA ASN B 1582 69.57 -24.64 -8.40
C ASN B 1582 68.42 -24.14 -9.24
N GLU B 1583 68.64 -24.04 -10.56
CA GLU B 1583 67.61 -23.55 -11.45
C GLU B 1583 66.40 -24.48 -11.49
N ASN B 1584 66.65 -25.80 -11.52
CA ASN B 1584 65.55 -26.75 -11.62
C ASN B 1584 64.69 -26.75 -10.36
N LEU B 1585 65.33 -26.71 -9.19
CA LEU B 1585 64.61 -26.83 -7.92
C LEU B 1585 64.10 -25.49 -7.39
N TYR B 1586 64.44 -24.38 -8.03
CA TYR B 1586 64.02 -23.07 -7.52
C TYR B 1586 62.50 -22.93 -7.49
N ILE B 1587 61.85 -23.20 -8.63
CA ILE B 1587 60.41 -23.06 -8.71
C ILE B 1587 59.72 -24.09 -7.83
N THR B 1588 60.28 -25.31 -7.74
CA THR B 1588 59.68 -26.34 -6.91
C THR B 1588 59.73 -25.95 -5.44
N ILE B 1589 60.84 -25.37 -5.00
CA ILE B 1589 60.94 -24.92 -3.61
C ILE B 1589 60.02 -23.73 -3.37
N LYS B 1590 59.92 -22.82 -4.34
CA LYS B 1590 59.04 -21.67 -4.17
C LYS B 1590 57.57 -22.08 -4.12
N LEU B 1591 57.20 -23.16 -4.79
CA LEU B 1591 55.84 -23.70 -4.73
C LEU B 1591 55.77 -24.87 -3.75
N LEU B 1592 56.03 -24.56 -2.48
CA LEU B 1592 56.04 -25.57 -1.42
C LEU B 1592 55.29 -25.05 -0.21
N ASP B 1593 54.78 -25.97 0.59
CA ASP B 1593 54.08 -25.60 1.81
C ASP B 1593 55.07 -25.05 2.83
N PRO B 1594 54.74 -23.96 3.51
CA PRO B 1594 55.64 -23.44 4.55
C PRO B 1594 55.84 -24.44 5.67
N PHE B 1595 57.05 -24.46 6.20
CA PHE B 1595 57.37 -25.38 7.28
C PHE B 1595 56.70 -24.91 8.58
N PRO B 1596 56.43 -25.84 9.51
CA PRO B 1596 55.82 -25.45 10.79
C PRO B 1596 56.72 -24.46 11.55
N ASP B 1597 56.07 -23.52 12.23
CA ASP B 1597 56.78 -22.46 12.96
C ASP B 1597 57.36 -23.05 14.24
N HIS B 1598 58.53 -23.68 14.10
CA HIS B 1598 59.26 -24.26 15.21
C HIS B 1598 60.73 -23.89 15.11
N VAL B 1599 61.42 -23.99 16.23
CA VAL B 1599 62.85 -23.69 16.26
C VAL B 1599 63.63 -24.68 15.41
N VAL B 1600 63.09 -25.89 15.20
CA VAL B 1600 63.78 -26.89 14.40
C VAL B 1600 63.84 -26.46 12.94
N PHE B 1601 62.75 -25.89 12.42
CA PHE B 1601 62.66 -25.47 11.03
C PHE B 1601 63.04 -24.02 10.82
N LYS B 1602 63.62 -23.36 11.82
CA LYS B 1602 63.86 -21.92 11.75
C LYS B 1602 64.73 -21.56 10.55
N ASP B 1603 65.86 -22.24 10.39
CA ASP B 1603 66.71 -21.98 9.23
C ASP B 1603 66.00 -22.35 7.94
N LEU B 1604 65.31 -23.49 7.93
CA LEU B 1604 64.56 -23.90 6.74
C LEU B 1604 63.46 -22.91 6.42
N ARG B 1605 62.74 -22.44 7.45
CA ARG B 1605 61.70 -21.44 7.22
C ARG B 1605 62.28 -20.15 6.65
N ILE B 1606 63.42 -19.71 7.19
CA ILE B 1606 64.04 -18.47 6.73
C ILE B 1606 64.45 -18.62 5.27
N THR B 1607 65.09 -19.74 4.93
CA THR B 1607 65.53 -19.96 3.55
C THR B 1607 64.34 -20.02 2.59
N GLN B 1608 63.29 -20.75 2.98
CA GLN B 1608 62.11 -20.86 2.11
C GLN B 1608 61.42 -19.53 1.93
N GLN B 1609 61.31 -18.74 2.99
CA GLN B 1609 60.68 -17.42 2.88
C GLN B 1609 61.51 -16.49 1.99
N LYS B 1610 62.84 -16.54 2.13
CA LYS B 1610 63.70 -15.72 1.27
C LYS B 1610 63.56 -16.13 -0.19
N ILE B 1611 63.50 -17.43 -0.46
CA ILE B 1611 63.34 -17.89 -1.84
C ILE B 1611 61.98 -17.48 -2.40
N LYS B 1612 60.92 -17.66 -1.61
CA LYS B 1612 59.57 -17.40 -2.11
C LYS B 1612 59.31 -15.92 -2.30
N TYR B 1613 59.68 -15.09 -1.32
CA TYR B 1613 59.37 -13.67 -1.34
C TYR B 1613 60.33 -12.86 -2.20
N SER B 1614 61.10 -13.50 -3.08
CA SER B 1614 61.96 -12.77 -3.99
C SER B 1614 61.14 -12.06 -5.05
N ARG B 1615 61.79 -11.13 -5.74
CA ARG B 1615 61.18 -10.35 -6.83
C ARG B 1615 59.95 -9.57 -6.35
N GLY B 1616 60.01 -9.04 -5.12
CA GLY B 1616 58.95 -8.22 -4.61
C GLY B 1616 58.10 -8.92 -3.56
N PRO B 1617 57.31 -8.15 -2.82
CA PRO B 1617 56.44 -8.72 -1.79
C PRO B 1617 55.21 -9.38 -2.41
N PHE B 1618 54.31 -9.83 -1.55
CA PHE B 1618 53.11 -10.56 -1.95
C PHE B 1618 51.87 -9.79 -1.49
N SER B 1619 50.90 -9.65 -2.39
CA SER B 1619 49.61 -9.09 -2.04
C SER B 1619 48.63 -10.21 -1.68
N LEU B 1620 47.41 -9.83 -1.29
CA LEU B 1620 46.42 -10.81 -0.91
C LEU B 1620 46.07 -11.71 -2.09
N LEU B 1621 45.88 -11.13 -3.28
CA LEU B 1621 45.59 -11.93 -4.47
C LEU B 1621 46.75 -12.88 -4.78
N GLU B 1622 47.98 -12.37 -4.68
CA GLU B 1622 49.14 -13.22 -4.91
C GLU B 1622 49.22 -14.34 -3.87
N GLU B 1623 48.91 -14.03 -2.61
CA GLU B 1623 48.93 -15.05 -1.57
C GLU B 1623 47.91 -16.16 -1.86
N ILE B 1624 46.69 -15.76 -2.25
CA ILE B 1624 45.66 -16.76 -2.53
C ILE B 1624 46.02 -17.58 -3.76
N ASN B 1625 46.57 -16.93 -4.80
CA ASN B 1625 46.99 -17.66 -5.98
C ASN B 1625 48.10 -18.66 -5.65
N HIS B 1626 49.06 -18.25 -4.82
CA HIS B 1626 50.12 -19.16 -4.40
C HIS B 1626 49.55 -20.33 -3.60
N PHE B 1627 48.59 -20.06 -2.71
CA PHE B 1627 47.96 -21.13 -1.95
C PHE B 1627 47.26 -22.13 -2.87
N LEU B 1628 46.54 -21.63 -3.88
CA LEU B 1628 45.87 -22.52 -4.82
C LEU B 1628 46.88 -23.31 -5.65
N SER B 1629 47.97 -22.66 -6.07
CA SER B 1629 49.00 -23.35 -6.85
C SER B 1629 49.65 -24.46 -6.04
N VAL B 1630 49.89 -24.22 -4.75
CA VAL B 1630 50.39 -25.28 -3.87
C VAL B 1630 49.34 -26.38 -3.74
N SER B 1631 48.06 -25.99 -3.64
CA SER B 1631 46.99 -26.97 -3.56
C SER B 1631 46.86 -27.81 -4.82
N VAL B 1632 47.40 -27.33 -5.95
CA VAL B 1632 47.37 -28.14 -7.17
C VAL B 1632 48.09 -29.47 -6.93
N TYR B 1633 49.24 -29.44 -6.27
CA TYR B 1633 49.89 -30.67 -5.83
C TYR B 1633 49.03 -31.35 -4.78
N ASP B 1634 48.81 -32.65 -4.96
CA ASP B 1634 47.92 -33.41 -4.09
C ASP B 1634 48.74 -34.26 -3.13
N ALA B 1635 48.44 -34.13 -1.84
CA ALA B 1635 49.09 -34.90 -0.79
C ALA B 1635 48.12 -35.07 0.37
N LEU B 1636 48.63 -35.48 1.51
CA LEU B 1636 47.78 -35.62 2.69
C LEU B 1636 47.29 -34.25 3.16
N PRO B 1637 46.04 -34.14 3.60
CA PRO B 1637 45.52 -32.82 4.03
C PRO B 1637 46.29 -32.20 5.18
N LEU B 1638 46.86 -33.01 6.08
CA LEU B 1638 47.54 -32.46 7.24
C LEU B 1638 48.76 -31.61 6.86
N THR B 1639 49.35 -31.85 5.70
CA THR B 1639 50.52 -31.09 5.27
C THR B 1639 50.20 -29.64 4.94
N ARG B 1640 48.92 -29.27 4.85
CA ARG B 1640 48.51 -27.93 4.49
C ARG B 1640 48.17 -27.06 5.69
N LEU B 1641 48.47 -27.51 6.91
CA LEU B 1641 48.05 -26.79 8.11
C LEU B 1641 48.74 -25.43 8.20
N GLU B 1642 50.05 -25.38 7.97
CA GLU B 1642 50.77 -24.12 8.07
C GLU B 1642 50.35 -23.16 6.97
N GLY B 1643 50.13 -23.68 5.76
CA GLY B 1643 49.61 -22.84 4.70
C GLY B 1643 48.24 -22.28 5.03
N LEU B 1644 47.39 -23.10 5.66
CA LEU B 1644 46.08 -22.62 6.08
C LEU B 1644 46.20 -21.51 7.12
N LYS B 1645 47.10 -21.68 8.08
CA LYS B 1645 47.29 -20.65 9.11
C LYS B 1645 47.79 -19.35 8.49
N ASP B 1646 48.76 -19.44 7.57
CA ASP B 1646 49.26 -18.25 6.90
C ASP B 1646 48.18 -17.58 6.05
N LEU B 1647 47.37 -18.38 5.36
CA LEU B 1647 46.27 -17.83 4.58
C LEU B 1647 45.27 -17.11 5.46
N ARG B 1648 44.94 -17.70 6.61
CA ARG B 1648 44.03 -17.04 7.55
C ARG B 1648 44.60 -15.72 8.05
N ARG B 1649 45.90 -15.71 8.39
CA ARG B 1649 46.51 -14.49 8.87
C ARG B 1649 46.50 -13.40 7.79
N GLN B 1650 46.83 -13.78 6.55
CA GLN B 1650 46.81 -12.80 5.46
C GLN B 1650 45.39 -12.30 5.19
N LEU B 1651 44.41 -13.19 5.27
CA LEU B 1651 43.02 -12.78 5.02
C LEU B 1651 42.53 -11.82 6.10
N GLU B 1652 42.88 -12.08 7.37
CA GLU B 1652 42.43 -11.21 8.45
C GLU B 1652 43.19 -9.90 8.49
N LEU B 1653 44.44 -9.89 8.03
CA LEU B 1653 45.23 -8.66 8.06
C LEU B 1653 44.81 -7.67 6.96
N HIS B 1654 44.30 -8.18 5.84
CA HIS B 1654 43.93 -7.32 4.70
C HIS B 1654 42.51 -7.65 4.27
N LYS B 1655 41.62 -6.67 4.40
CA LYS B 1655 40.24 -6.81 3.92
C LYS B 1655 39.88 -5.80 2.83
N ASP B 1656 40.55 -4.64 2.80
CA ASP B 1656 40.36 -3.72 1.68
C ASP B 1656 40.84 -4.36 0.38
N GLN B 1657 41.93 -5.14 0.45
CA GLN B 1657 42.35 -5.91 -0.72
C GLN B 1657 41.30 -6.94 -1.10
N MET B 1658 40.58 -7.49 -0.11
CA MET B 1658 39.49 -8.47 -0.39
C MET B 1658 38.37 -7.72 -1.11
N VAL B 1659 38.08 -6.48 -0.71
CA VAL B 1659 37.08 -5.67 -1.39
C VAL B 1659 37.51 -5.41 -2.83
N ASP B 1660 38.79 -5.09 -3.03
CA ASP B 1660 39.30 -4.86 -4.38
C ASP B 1660 39.18 -6.12 -5.24
N ILE B 1661 39.49 -7.28 -4.67
CA ILE B 1661 39.38 -8.53 -5.41
C ILE B 1661 37.93 -8.80 -5.80
N MET B 1662 37.00 -8.59 -4.86
CA MET B 1662 35.59 -8.81 -5.15
C MET B 1662 35.09 -7.86 -6.23
N ARG B 1663 35.53 -6.60 -6.19
CA ARG B 1663 35.15 -5.65 -7.23
C ARG B 1663 35.74 -6.05 -8.59
N ALA B 1664 36.99 -6.54 -8.61
CA ALA B 1664 37.61 -6.94 -9.87
C ALA B 1664 36.95 -8.18 -10.45
N SER B 1665 36.45 -9.08 -9.60
CA SER B 1665 35.87 -10.34 -10.05
C SER B 1665 34.39 -10.23 -10.39
N GLN B 1666 33.80 -9.03 -10.29
CA GLN B 1666 32.36 -8.90 -10.53
C GLN B 1666 32.02 -9.07 -12.01
N ASP B 1667 32.97 -8.79 -12.90
CA ASP B 1667 32.70 -8.90 -14.33
C ASP B 1667 32.42 -10.35 -14.73
N ASN B 1668 33.20 -11.29 -14.21
CA ASN B 1668 33.03 -12.71 -14.49
C ASN B 1668 32.99 -13.44 -13.15
N PRO B 1669 31.83 -13.49 -12.51
CA PRO B 1669 31.75 -14.14 -11.18
C PRO B 1669 32.10 -15.62 -11.20
N GLN B 1670 31.97 -16.28 -12.35
CA GLN B 1670 32.17 -17.72 -12.43
C GLN B 1670 33.56 -18.15 -12.00
N ASP B 1671 34.59 -17.43 -12.46
CA ASP B 1671 35.96 -17.72 -12.09
C ASP B 1671 36.49 -16.80 -11.00
N GLY B 1672 35.63 -16.41 -10.06
CA GLY B 1672 36.07 -15.55 -8.98
C GLY B 1672 37.08 -16.24 -8.08
N ILE B 1673 37.99 -15.43 -7.53
CA ILE B 1673 39.05 -15.98 -6.69
C ILE B 1673 38.49 -16.47 -5.35
N MET B 1674 37.60 -15.68 -4.74
CA MET B 1674 37.10 -16.02 -3.38
C MET B 1674 36.21 -17.27 -3.40
N VAL B 1675 35.37 -17.42 -4.41
CA VAL B 1675 34.53 -18.62 -4.49
C VAL B 1675 35.39 -19.85 -4.80
N LYS B 1676 36.41 -19.68 -5.64
CA LYS B 1676 37.32 -20.79 -5.91
C LYS B 1676 38.07 -21.21 -4.65
N LEU B 1677 38.52 -20.24 -3.86
CA LEU B 1677 39.21 -20.55 -2.61
C LEU B 1677 38.29 -21.26 -1.64
N VAL B 1678 37.03 -20.81 -1.54
CA VAL B 1678 36.07 -21.45 -0.65
C VAL B 1678 35.83 -22.89 -1.08
N VAL B 1679 35.64 -23.12 -2.38
CA VAL B 1679 35.42 -24.47 -2.88
C VAL B 1679 36.65 -25.36 -2.62
N ASN B 1680 37.85 -24.81 -2.82
CA ASN B 1680 39.06 -25.57 -2.56
C ASN B 1680 39.17 -25.92 -1.08
N LEU B 1681 38.84 -24.99 -0.19
CA LEU B 1681 38.89 -25.27 1.24
C LEU B 1681 37.88 -26.35 1.61
N LEU B 1682 36.68 -26.29 1.04
CA LEU B 1682 35.68 -27.31 1.33
C LEU B 1682 36.13 -28.68 0.83
N GLN B 1683 36.72 -28.74 -0.36
CA GLN B 1683 37.22 -30.01 -0.87
C GLN B 1683 38.35 -30.55 0.00
N LEU B 1684 39.25 -29.67 0.46
CA LEU B 1684 40.34 -30.10 1.32
C LEU B 1684 39.80 -30.65 2.64
N SER B 1685 38.80 -29.97 3.22
CA SER B 1685 38.20 -30.46 4.45
C SER B 1685 37.51 -31.81 4.24
N LYS B 1686 36.83 -31.96 3.10
CA LYS B 1686 36.19 -33.24 2.79
C LYS B 1686 37.22 -34.36 2.67
N MET B 1687 38.35 -34.08 2.02
CA MET B 1687 39.40 -35.09 1.87
C MET B 1687 40.12 -35.37 3.18
N ALA B 1688 39.91 -34.55 4.21
CA ALA B 1688 40.58 -34.74 5.48
C ALA B 1688 39.79 -35.63 6.44
N ILE B 1689 38.59 -36.07 6.07
CA ILE B 1689 37.79 -36.90 6.96
C ILE B 1689 38.40 -38.28 7.06
N ASN B 1690 38.34 -38.86 8.27
CA ASN B 1690 38.86 -40.19 8.54
C ASN B 1690 40.38 -40.26 8.32
N HIS B 1691 41.11 -39.40 9.02
CA HIS B 1691 42.56 -39.39 8.97
C HIS B 1691 43.09 -39.03 10.36
N THR B 1692 44.41 -39.00 10.48
CA THR B 1692 45.04 -38.77 11.78
C THR B 1692 44.75 -37.37 12.30
N GLY B 1693 44.99 -36.36 11.47
CA GLY B 1693 44.84 -34.98 11.89
C GLY B 1693 43.61 -34.30 11.34
N GLU B 1694 42.48 -35.01 11.33
CA GLU B 1694 41.25 -34.43 10.79
C GLU B 1694 40.80 -33.22 11.58
N LYS B 1695 40.86 -33.30 12.91
CA LYS B 1695 40.34 -32.22 13.74
C LYS B 1695 41.14 -30.93 13.58
N GLU B 1696 42.47 -31.04 13.51
CA GLU B 1696 43.31 -29.86 13.35
C GLU B 1696 43.07 -29.18 12.00
N VAL B 1697 42.93 -29.97 10.94
CA VAL B 1697 42.68 -29.41 9.61
C VAL B 1697 41.32 -28.73 9.58
N LEU B 1698 40.31 -29.36 10.18
CA LEU B 1698 38.96 -28.78 10.16
C LEU B 1698 38.92 -27.44 10.89
N GLU B 1699 39.62 -27.33 12.02
CA GLU B 1699 39.66 -26.06 12.75
C GLU B 1699 40.30 -24.97 11.92
N ALA B 1700 41.41 -25.28 11.23
CA ALA B 1700 42.06 -24.29 10.39
C ALA B 1700 41.17 -23.88 9.23
N VAL B 1701 40.46 -24.84 8.62
CA VAL B 1701 39.55 -24.52 7.53
C VAL B 1701 38.43 -23.61 8.03
N GLY B 1702 37.90 -23.90 9.22
CA GLY B 1702 36.87 -23.04 9.77
C GLY B 1702 37.36 -21.64 10.08
N SER B 1703 38.59 -21.53 10.61
CA SER B 1703 39.16 -20.23 10.87
C SER B 1703 39.36 -19.44 9.57
N CYS B 1704 39.81 -20.11 8.52
CA CYS B 1704 39.95 -19.43 7.23
C CYS B 1704 38.60 -18.99 6.68
N LEU B 1705 37.59 -19.86 6.75
CA LEU B 1705 36.28 -19.54 6.23
C LEU B 1705 35.55 -18.50 7.05
N GLY B 1706 35.92 -18.32 8.32
CA GLY B 1706 35.31 -17.27 9.13
C GLY B 1706 35.71 -15.88 8.68
N GLU B 1707 36.86 -15.75 8.03
CA GLU B 1707 37.30 -14.44 7.57
C GLU B 1707 36.51 -13.98 6.34
N VAL B 1708 36.27 -14.89 5.39
CA VAL B 1708 35.57 -14.50 4.17
C VAL B 1708 34.11 -14.21 4.47
N GLY B 1709 33.44 -15.07 5.23
CA GLY B 1709 32.05 -14.87 5.57
C GLY B 1709 31.13 -15.08 4.40
N PRO B 1710 29.82 -14.88 4.62
CA PRO B 1710 28.83 -15.08 3.55
C PRO B 1710 28.82 -13.95 2.52
N ILE B 1711 29.94 -13.81 1.81
CA ILE B 1711 30.02 -12.81 0.74
C ILE B 1711 29.22 -13.29 -0.46
N ASP B 1712 28.44 -12.37 -1.04
CA ASP B 1712 27.68 -12.73 -2.26
C ASP B 1712 28.67 -13.00 -3.38
N PHE B 1713 28.84 -14.27 -3.78
CA PHE B 1713 29.82 -14.64 -4.83
C PHE B 1713 29.21 -14.44 -6.21
N SER B 1714 27.91 -14.21 -6.31
CA SER B 1714 27.19 -13.98 -7.59
C SER B 1714 27.22 -15.20 -8.52
N THR B 1715 27.23 -16.41 -7.97
CA THR B 1715 27.21 -17.66 -8.78
C THR B 1715 26.19 -18.61 -8.15
N ILE B 1716 25.56 -19.48 -8.95
CA ILE B 1716 24.60 -20.47 -8.41
C ILE B 1716 25.22 -21.86 -8.41
N ALA B 1717 26.34 -22.05 -9.10
CA ALA B 1717 26.91 -23.41 -9.26
C ALA B 1717 28.40 -23.46 -8.99
N ILE B 1718 28.94 -24.66 -8.70
CA ILE B 1718 30.39 -24.83 -8.38
C ILE B 1718 31.10 -25.50 -9.57
N GLN B 1719 32.30 -25.04 -9.95
CA GLN B 1719 33.06 -25.55 -11.09
C GLN B 1719 33.87 -26.79 -10.76
N HIS B 1720 34.37 -26.89 -9.53
CA HIS B 1720 35.22 -27.96 -9.02
C HIS B 1720 36.64 -27.93 -9.58
N SER B 1721 36.98 -26.95 -10.42
CA SER B 1721 38.35 -26.71 -10.88
C SER B 1721 38.94 -27.92 -11.59
N LYS B 1722 38.33 -28.24 -12.73
CA LYS B 1722 38.82 -29.33 -13.56
C LYS B 1722 40.21 -28.99 -14.11
N ASP B 1723 40.99 -30.05 -14.37
CA ASP B 1723 42.36 -29.89 -14.83
C ASP B 1723 42.38 -29.45 -16.29
N ALA B 1724 43.20 -28.43 -16.59
CA ALA B 1724 43.27 -27.91 -17.95
C ALA B 1724 44.10 -28.81 -18.86
N SER B 1725 45.17 -29.41 -18.34
CA SER B 1725 46.03 -30.25 -19.16
C SER B 1725 45.29 -31.49 -19.65
N TYR B 1726 44.45 -32.08 -18.80
CA TYR B 1726 43.71 -33.27 -19.18
C TYR B 1726 42.76 -32.97 -20.35
N THR B 1727 42.09 -31.82 -20.32
CA THR B 1727 41.18 -31.46 -21.39
C THR B 1727 41.93 -31.27 -22.71
N LYS B 1728 43.08 -30.60 -22.67
CA LYS B 1728 43.86 -30.41 -23.89
C LYS B 1728 44.36 -31.75 -24.43
N ALA B 1729 44.81 -32.64 -23.54
CA ALA B 1729 45.27 -33.95 -23.97
C ALA B 1729 44.13 -34.74 -24.61
N LEU B 1730 42.93 -34.67 -24.03
CA LEU B 1730 41.78 -35.34 -24.63
C LEU B 1730 41.46 -34.74 -25.99
N LYS B 1731 41.50 -33.41 -26.11
CA LYS B 1731 41.24 -32.76 -27.38
C LYS B 1731 42.30 -33.07 -28.43
N LEU B 1732 43.49 -33.49 -28.01
CA LEU B 1732 44.55 -33.80 -28.97
C LEU B 1732 44.13 -34.95 -29.89
N PHE B 1733 43.52 -35.98 -29.33
CA PHE B 1733 43.10 -37.13 -30.14
C PHE B 1733 41.79 -36.84 -30.85
N GLU B 1734 41.61 -37.44 -32.03
CA GLU B 1734 40.39 -37.30 -32.79
C GLU B 1734 39.63 -38.61 -32.96
N ASP B 1735 40.23 -39.74 -32.60
CA ASP B 1735 39.58 -41.04 -32.72
C ASP B 1735 39.06 -41.47 -31.35
N LYS B 1736 37.87 -42.08 -31.34
CA LYS B 1736 37.24 -42.47 -30.09
C LYS B 1736 38.05 -43.54 -29.37
N GLU B 1737 38.60 -44.50 -30.12
CA GLU B 1737 39.38 -45.57 -29.50
C GLU B 1737 40.67 -45.03 -28.87
N LEU B 1738 41.30 -44.04 -29.52
CA LEU B 1738 42.52 -43.48 -28.97
C LEU B 1738 42.27 -42.76 -27.65
N GLN B 1739 41.14 -42.06 -27.54
CA GLN B 1739 40.82 -41.38 -26.29
C GLN B 1739 40.63 -42.38 -25.15
N TRP B 1740 39.96 -43.50 -25.42
CA TRP B 1740 39.80 -44.53 -24.40
C TRP B 1740 41.15 -45.08 -23.97
N THR B 1741 42.04 -45.32 -24.93
CA THR B 1741 43.38 -45.79 -24.61
C THR B 1741 44.12 -44.79 -23.74
N PHE B 1742 44.05 -43.51 -24.08
CA PHE B 1742 44.74 -42.50 -23.28
C PHE B 1742 44.19 -42.44 -21.87
N ILE B 1743 42.86 -42.48 -21.72
CA ILE B 1743 42.27 -42.41 -20.38
C ILE B 1743 42.66 -43.62 -19.55
N MET B 1744 42.59 -44.81 -20.16
CA MET B 1744 42.93 -46.02 -19.43
C MET B 1744 44.41 -46.04 -19.03
N LEU B 1745 45.29 -45.62 -19.93
CA LEU B 1745 46.71 -45.61 -19.61
C LEU B 1745 47.03 -44.57 -18.53
N THR B 1746 46.34 -43.43 -18.57
CA THR B 1746 46.52 -42.44 -17.51
C THR B 1746 46.07 -43.00 -16.16
N TYR B 1747 44.93 -43.69 -16.14
CA TYR B 1747 44.45 -44.31 -14.90
C TYR B 1747 45.45 -45.34 -14.39
N LEU B 1748 45.98 -46.17 -15.29
CA LEU B 1748 46.96 -47.17 -14.89
C LEU B 1748 48.23 -46.53 -14.35
N ASN B 1749 48.71 -45.47 -15.00
CA ASN B 1749 49.90 -44.78 -14.53
C ASN B 1749 49.67 -44.18 -13.15
N ASN B 1750 48.50 -43.59 -12.92
CA ASN B 1750 48.19 -43.05 -11.60
C ASN B 1750 48.07 -44.15 -10.55
N THR B 1751 47.55 -45.31 -10.90
CA THR B 1751 47.45 -46.42 -9.95
C THR B 1751 48.77 -47.15 -9.73
N LEU B 1752 49.76 -46.94 -10.61
CA LEU B 1752 51.08 -47.53 -10.37
C LEU B 1752 51.69 -47.06 -9.05
N VAL B 1753 51.28 -45.88 -8.56
CA VAL B 1753 51.81 -45.34 -7.32
C VAL B 1753 51.08 -45.89 -6.09
N GLU B 1754 49.99 -46.62 -6.29
CA GLU B 1754 49.18 -47.08 -5.17
C GLU B 1754 49.99 -47.99 -4.24
N ASP B 1755 49.67 -47.90 -2.95
CA ASP B 1755 50.42 -48.66 -1.94
C ASP B 1755 50.22 -50.15 -2.11
N CYS B 1756 49.01 -50.58 -2.47
CA CYS B 1756 48.72 -52.00 -2.62
C CYS B 1756 49.57 -52.60 -3.74
N VAL B 1757 50.07 -53.81 -3.49
CA VAL B 1757 50.93 -54.47 -4.46
C VAL B 1757 50.15 -55.27 -5.50
N LYS B 1758 48.93 -55.69 -5.19
CA LYS B 1758 48.13 -56.44 -6.16
C LYS B 1758 47.74 -55.58 -7.35
N VAL B 1759 47.37 -54.32 -7.10
CA VAL B 1759 46.94 -53.44 -8.18
C VAL B 1759 48.11 -53.06 -9.07
N ARG B 1760 49.31 -52.96 -8.51
CA ARG B 1760 50.47 -52.55 -9.29
C ARG B 1760 50.79 -53.57 -10.38
N SER B 1761 50.79 -54.86 -10.04
CA SER B 1761 51.09 -55.88 -11.03
C SER B 1761 50.04 -55.92 -12.13
N ALA B 1762 48.76 -55.79 -11.76
CA ALA B 1762 47.70 -55.76 -12.76
C ALA B 1762 47.84 -54.54 -13.67
N ALA B 1763 48.17 -53.39 -13.10
CA ALA B 1763 48.37 -52.19 -13.91
C ALA B 1763 49.53 -52.37 -14.87
N VAL B 1764 50.63 -52.96 -14.41
CA VAL B 1764 51.78 -53.19 -15.27
C VAL B 1764 51.43 -54.13 -16.41
N THR B 1765 50.71 -55.21 -16.09
CA THR B 1765 50.29 -56.16 -17.13
C THR B 1765 49.37 -55.51 -18.16
N CYS B 1766 48.42 -54.69 -17.68
CA CYS B 1766 47.52 -54.00 -18.60
C CYS B 1766 48.28 -53.02 -19.47
N LEU B 1767 49.24 -52.29 -18.89
CA LEU B 1767 50.04 -51.35 -19.68
C LEU B 1767 50.82 -52.09 -20.77
N LYS B 1768 51.46 -53.21 -20.40
CA LYS B 1768 52.23 -53.96 -21.38
C LYS B 1768 51.34 -54.50 -22.49
N ASN B 1769 50.16 -55.02 -22.13
CA ASN B 1769 49.26 -55.55 -23.14
C ASN B 1769 48.73 -54.46 -24.06
N ILE B 1770 48.39 -53.30 -23.50
CA ILE B 1770 47.79 -52.23 -24.30
C ILE B 1770 48.83 -51.63 -25.24
N LEU B 1771 50.03 -51.35 -24.72
CA LEU B 1771 51.05 -50.69 -25.52
C LEU B 1771 51.56 -51.56 -26.66
N ALA B 1772 51.39 -52.88 -26.59
CA ALA B 1772 51.87 -53.76 -27.65
C ALA B 1772 50.92 -53.83 -28.84
N THR B 1773 49.68 -53.35 -28.69
CA THR B 1773 48.70 -53.46 -29.76
C THR B 1773 48.93 -52.38 -30.81
N LYS B 1774 48.24 -52.53 -31.95
CA LYS B 1774 48.30 -51.53 -33.00
C LYS B 1774 47.74 -50.20 -32.54
N THR B 1775 46.63 -50.23 -31.80
CA THR B 1775 46.05 -49.01 -31.26
C THR B 1775 47.01 -48.33 -30.29
N GLY B 1776 47.71 -49.12 -29.47
CA GLY B 1776 48.70 -48.55 -28.58
C GLY B 1776 49.84 -47.88 -29.33
N HIS B 1777 50.29 -48.52 -30.41
CA HIS B 1777 51.35 -47.91 -31.23
C HIS B 1777 50.88 -46.61 -31.85
N SER B 1778 49.65 -46.58 -32.38
CA SER B 1778 49.12 -45.35 -32.95
C SER B 1778 48.99 -44.26 -31.89
N PHE B 1779 48.52 -44.62 -30.70
CA PHE B 1779 48.41 -43.65 -29.62
C PHE B 1779 49.77 -43.09 -29.25
N TRP B 1780 50.78 -43.95 -29.13
CA TRP B 1780 52.12 -43.46 -28.80
C TRP B 1780 52.66 -42.56 -29.89
N GLU B 1781 52.44 -42.93 -31.15
CA GLU B 1781 52.93 -42.09 -32.25
C GLU B 1781 52.26 -40.72 -32.24
N ILE B 1782 50.97 -40.67 -31.95
CA ILE B 1782 50.25 -39.39 -31.96
C ILE B 1782 50.42 -38.61 -30.65
N TYR B 1783 50.93 -39.24 -29.60
CA TYR B 1783 51.02 -38.59 -28.29
C TYR B 1783 52.43 -38.25 -27.85
N LYS B 1784 53.46 -38.86 -28.46
CA LYS B 1784 54.83 -38.61 -28.00
C LYS B 1784 55.29 -37.17 -28.23
N MET B 1785 54.58 -36.41 -29.07
CA MET B 1785 55.00 -35.04 -29.35
C MET B 1785 54.93 -34.15 -28.10
N THR B 1786 53.87 -34.29 -27.31
CA THR B 1786 53.70 -33.46 -26.13
C THR B 1786 54.66 -33.89 -25.03
N THR B 1787 54.78 -33.04 -24.01
CA THR B 1787 55.67 -33.28 -22.88
C THR B 1787 54.84 -33.69 -21.67
N ASP B 1788 55.15 -34.86 -21.10
CA ASP B 1788 54.43 -35.37 -19.94
C ASP B 1788 55.27 -36.43 -19.28
N PRO B 1789 55.34 -36.48 -17.94
CA PRO B 1789 56.14 -37.53 -17.29
C PRO B 1789 55.66 -38.94 -17.56
N MET B 1790 54.39 -39.10 -17.98
CA MET B 1790 53.89 -40.43 -18.29
C MET B 1790 54.66 -41.07 -19.44
N LEU B 1791 55.08 -40.26 -20.43
CA LEU B 1791 55.85 -40.80 -21.54
C LEU B 1791 57.16 -41.41 -21.07
N ALA B 1792 57.86 -40.74 -20.14
CA ALA B 1792 59.08 -41.31 -19.58
C ALA B 1792 58.77 -42.51 -18.70
N TYR B 1793 57.64 -42.47 -17.98
CA TYR B 1793 57.30 -43.59 -17.09
C TYR B 1793 56.90 -44.83 -17.89
N LEU B 1794 56.18 -44.65 -18.99
CA LEU B 1794 55.68 -45.78 -19.78
C LEU B 1794 56.68 -46.27 -20.82
N GLN B 1795 57.80 -45.58 -21.00
CA GLN B 1795 58.78 -46.01 -22.00
C GLN B 1795 59.35 -47.39 -21.74
N PRO B 1796 59.77 -47.76 -20.52
CA PRO B 1796 60.31 -49.11 -20.33
C PRO B 1796 59.34 -50.23 -20.66
N PHE B 1797 58.05 -50.03 -20.39
CA PHE B 1797 57.07 -51.09 -20.66
C PHE B 1797 56.81 -51.25 -22.15
N ARG B 1798 56.92 -50.17 -22.93
CA ARG B 1798 56.73 -50.27 -24.37
C ARG B 1798 57.88 -51.05 -25.00
N THR B 1799 57.55 -52.01 -25.85
CA THR B 1799 58.53 -52.85 -26.51
C THR B 1799 58.23 -52.92 -28.00
N SER B 1800 59.25 -53.23 -28.78
CA SER B 1800 59.15 -53.33 -30.23
C SER B 1800 59.11 -54.80 -30.64
N ARG B 1801 58.07 -55.17 -31.39
CA ARG B 1801 57.93 -56.53 -31.88
C ARG B 1801 57.51 -56.49 -33.35
N LYS B 1802 57.84 -57.57 -34.06
CA LYS B 1802 57.52 -57.64 -35.49
C LYS B 1802 56.01 -57.63 -35.71
N LYS B 1803 55.27 -58.37 -34.89
CA LYS B 1803 53.83 -58.51 -35.02
C LYS B 1803 53.12 -57.86 -33.85
N PHE B 1804 52.09 -57.08 -34.14
CA PHE B 1804 51.29 -56.47 -33.09
C PHE B 1804 50.51 -57.53 -32.32
N LEU B 1805 50.38 -57.32 -31.01
CA LEU B 1805 49.59 -58.23 -30.18
C LEU B 1805 48.13 -58.17 -30.59
N GLU B 1806 47.52 -59.34 -30.77
CA GLU B 1806 46.13 -59.45 -31.20
C GLU B 1806 45.36 -60.24 -30.16
N VAL B 1807 44.28 -59.66 -29.64
CA VAL B 1807 43.46 -60.29 -28.61
C VAL B 1807 42.61 -61.39 -29.24
N PRO B 1808 42.31 -62.46 -28.52
CA PRO B 1808 41.45 -63.52 -29.10
C PRO B 1808 40.01 -63.04 -29.20
N ARG B 1809 39.46 -63.09 -30.41
CA ARG B 1809 38.10 -62.62 -30.66
C ARG B 1809 37.11 -63.78 -30.54
N PHE B 1810 37.19 -64.47 -29.39
CA PHE B 1810 36.27 -65.56 -29.12
C PHE B 1810 34.86 -65.02 -28.88
N ASP B 1811 33.86 -65.70 -29.45
CA ASP B 1811 32.47 -65.30 -29.33
C ASP B 1811 31.64 -66.47 -28.81
N LYS B 1812 30.80 -66.18 -27.82
CA LYS B 1812 29.87 -67.18 -27.31
C LYS B 1812 28.72 -67.38 -28.29
N GLU B 1813 28.09 -68.55 -28.22
CA GLU B 1813 26.97 -68.86 -29.10
C GLU B 1813 25.82 -67.88 -28.86
N ASN B 1814 25.51 -67.62 -27.59
CA ASN B 1814 24.48 -66.64 -27.21
C ASN B 1814 25.11 -65.56 -26.35
N PRO B 1815 25.43 -64.39 -26.90
CA PRO B 1815 26.07 -63.35 -26.08
C PRO B 1815 25.11 -62.70 -25.10
N PHE B 1816 23.81 -62.74 -25.36
CA PHE B 1816 22.84 -62.02 -24.53
C PHE B 1816 22.46 -62.77 -23.26
N GLU B 1817 22.78 -64.06 -23.15
CA GLU B 1817 22.34 -64.83 -21.99
C GLU B 1817 23.06 -64.39 -20.72
N GLY B 1818 24.32 -63.98 -20.82
CA GLY B 1818 25.06 -63.58 -19.63
C GLY B 1818 24.52 -62.33 -18.98
N LEU B 1819 24.05 -61.38 -19.78
CA LEU B 1819 23.57 -60.10 -19.29
C LEU B 1819 22.05 -60.04 -19.15
N ASP B 1820 21.37 -61.17 -19.27
CA ASP B 1820 19.92 -61.21 -19.18
C ASP B 1820 19.42 -61.66 -17.80
N ASP B 1821 20.22 -61.44 -16.75
CA ASP B 1821 19.85 -61.83 -15.40
C ASP B 1821 19.44 -60.60 -14.61
N ILE B 1822 18.25 -60.65 -14.00
CA ILE B 1822 17.76 -59.54 -13.20
C ILE B 1822 18.64 -59.34 -11.97
N ASN B 1823 19.03 -60.42 -11.30
CA ASN B 1823 19.87 -60.32 -10.12
C ASN B 1823 21.25 -59.75 -10.46
N LEU B 1824 21.71 -59.95 -11.70
CA LEU B 1824 22.99 -59.39 -12.10
C LEU B 1824 22.94 -57.87 -12.16
N TRP B 1825 21.82 -57.31 -12.65
CA TRP B 1825 21.73 -55.87 -12.82
C TRP B 1825 21.33 -55.15 -11.53
N ILE B 1826 20.29 -55.64 -10.86
CA ILE B 1826 19.79 -55.02 -9.64
C ILE B 1826 20.51 -55.65 -8.46
N PRO B 1827 21.33 -54.91 -7.71
CA PRO B 1827 22.02 -55.50 -6.56
C PRO B 1827 21.21 -55.42 -5.28
N LEU B 1828 21.80 -55.90 -4.19
CA LEU B 1828 21.20 -55.74 -2.87
C LEU B 1828 21.59 -54.39 -2.28
N SER B 1829 21.15 -54.13 -1.05
CA SER B 1829 21.51 -52.89 -0.38
C SER B 1829 23.02 -52.80 -0.14
N GLU B 1830 23.63 -53.91 0.27
CA GLU B 1830 25.06 -53.96 0.54
C GLU B 1830 25.80 -54.41 -0.72
N ASN B 1831 27.06 -54.81 -0.54
CA ASN B 1831 27.90 -55.49 -1.53
C ASN B 1831 27.83 -54.85 -2.92
N HIS B 1832 27.95 -53.53 -2.96
CA HIS B 1832 28.04 -52.81 -4.23
C HIS B 1832 29.32 -53.17 -4.97
N ASP B 1833 30.41 -53.42 -4.24
CA ASP B 1833 31.69 -53.71 -4.88
C ASP B 1833 31.62 -54.98 -5.72
N ILE B 1834 31.11 -56.07 -5.14
CA ILE B 1834 31.02 -57.31 -5.88
C ILE B 1834 30.01 -57.18 -7.02
N TRP B 1835 28.96 -56.38 -6.84
CA TRP B 1835 27.99 -56.16 -7.90
C TRP B 1835 28.63 -55.51 -9.11
N ILE B 1836 29.36 -54.40 -8.89
CA ILE B 1836 29.98 -53.71 -10.01
C ILE B 1836 31.08 -54.59 -10.63
N LYS B 1837 31.80 -55.35 -9.80
CA LYS B 1837 32.83 -56.22 -10.32
C LYS B 1837 32.25 -57.29 -11.23
N THR B 1838 31.18 -57.95 -10.78
CA THR B 1838 30.59 -59.02 -11.59
C THR B 1838 29.88 -58.46 -12.82
N LEU B 1839 29.31 -57.26 -12.73
CA LEU B 1839 28.70 -56.65 -13.92
C LEU B 1839 29.76 -56.33 -14.96
N THR B 1840 30.89 -55.75 -14.53
CA THR B 1840 31.97 -55.45 -15.47
C THR B 1840 32.55 -56.73 -16.07
N CYS B 1841 32.71 -57.78 -15.25
CA CYS B 1841 33.21 -59.04 -15.76
C CYS B 1841 32.25 -59.66 -16.78
N ALA B 1842 30.95 -59.62 -16.49
CA ALA B 1842 29.96 -60.16 -17.41
C ALA B 1842 29.95 -59.38 -18.73
N PHE B 1843 30.13 -58.05 -18.65
CA PHE B 1843 30.27 -57.28 -19.87
C PHE B 1843 31.51 -57.70 -20.65
N LEU B 1844 32.62 -57.94 -19.95
CA LEU B 1844 33.86 -58.32 -20.61
C LEU B 1844 33.87 -59.78 -21.06
N ASP B 1845 33.11 -60.65 -20.38
CA ASP B 1845 33.16 -62.07 -20.70
C ASP B 1845 32.68 -62.35 -22.12
N SER B 1846 31.59 -61.71 -22.53
CA SER B 1846 31.06 -61.93 -23.87
C SER B 1846 30.31 -60.68 -24.32
N GLY B 1847 30.34 -60.45 -25.62
CA GLY B 1847 29.71 -59.29 -26.20
C GLY B 1847 30.46 -58.88 -27.47
N GLY B 1848 30.05 -57.73 -28.01
CA GLY B 1848 30.72 -57.20 -29.18
C GLY B 1848 32.16 -56.85 -28.89
N THR B 1849 32.36 -55.79 -28.11
CA THR B 1849 33.67 -55.34 -27.66
C THR B 1849 34.68 -55.32 -28.82
N LYS B 1850 34.40 -54.44 -29.78
CA LYS B 1850 35.28 -54.34 -30.95
C LYS B 1850 36.66 -53.84 -30.57
N CYS B 1851 36.73 -52.88 -29.64
CA CYS B 1851 38.01 -52.32 -29.22
C CYS B 1851 38.83 -53.35 -28.49
N GLU B 1852 40.11 -53.48 -28.86
CA GLU B 1852 41.00 -54.43 -28.23
C GLU B 1852 41.50 -53.97 -26.86
N ILE B 1853 41.43 -52.67 -26.60
CA ILE B 1853 41.91 -52.11 -25.30
C ILE B 1853 40.98 -52.61 -24.19
N LEU B 1854 39.67 -52.70 -24.46
CA LEU B 1854 38.71 -53.06 -23.42
C LEU B 1854 38.93 -54.48 -22.92
N GLN B 1855 39.27 -55.41 -23.82
CA GLN B 1855 39.46 -56.80 -23.43
C GLN B 1855 40.65 -56.99 -22.48
N LEU B 1856 41.62 -56.07 -22.50
CA LEU B 1856 42.82 -56.20 -21.70
C LEU B 1856 42.68 -55.61 -20.30
N LEU B 1857 41.52 -55.07 -19.96
CA LEU B 1857 41.32 -54.39 -18.68
C LEU B 1857 40.77 -55.30 -17.60
N LYS B 1858 40.56 -56.58 -17.89
CA LYS B 1858 39.98 -57.49 -16.89
C LYS B 1858 40.84 -57.63 -15.63
N PRO B 1859 42.17 -57.84 -15.71
CA PRO B 1859 42.94 -57.95 -14.45
C PRO B 1859 42.84 -56.71 -13.59
N MET B 1860 42.82 -55.52 -14.19
CA MET B 1860 42.67 -54.30 -13.40
C MET B 1860 41.25 -54.16 -12.84
N CYS B 1861 40.25 -54.61 -13.60
CA CYS B 1861 38.87 -54.57 -13.10
C CYS B 1861 38.69 -55.48 -11.90
N GLU B 1862 39.34 -56.65 -11.91
CA GLU B 1862 39.14 -57.62 -10.85
C GLU B 1862 39.61 -57.07 -9.49
N VAL B 1863 40.71 -56.31 -9.49
CA VAL B 1863 41.31 -55.91 -8.22
C VAL B 1863 40.68 -54.62 -7.69
N LYS B 1864 40.31 -53.69 -8.57
CA LYS B 1864 39.86 -52.37 -8.15
C LYS B 1864 38.45 -52.13 -8.68
N THR B 1865 37.54 -51.74 -7.77
CA THR B 1865 36.15 -51.45 -8.15
C THR B 1865 36.01 -50.09 -8.82
N ASP B 1866 36.81 -49.11 -8.41
CA ASP B 1866 36.75 -47.80 -9.03
C ASP B 1866 37.07 -47.88 -10.53
N PHE B 1867 38.00 -48.77 -10.90
CA PHE B 1867 38.27 -48.97 -12.32
C PHE B 1867 37.06 -49.52 -13.05
N CYS B 1868 36.33 -50.44 -12.42
CA CYS B 1868 35.09 -50.95 -13.02
C CYS B 1868 34.07 -49.84 -13.20
N GLN B 1869 33.91 -48.99 -12.18
CA GLN B 1869 32.97 -47.87 -12.29
C GLN B 1869 33.37 -46.93 -13.41
N THR B 1870 34.68 -46.69 -13.57
CA THR B 1870 35.17 -45.85 -14.65
C THR B 1870 34.89 -46.47 -16.02
N VAL B 1871 35.12 -47.78 -16.16
CA VAL B 1871 35.12 -48.40 -17.48
C VAL B 1871 33.73 -48.85 -17.94
N LEU B 1872 32.78 -48.99 -17.02
CA LEU B 1872 31.45 -49.47 -17.41
C LEU B 1872 30.80 -48.63 -18.51
N PRO B 1873 30.76 -47.29 -18.43
CA PRO B 1873 30.15 -46.54 -19.53
C PRO B 1873 30.83 -46.76 -20.87
N TYR B 1874 32.15 -46.90 -20.88
CA TYR B 1874 32.86 -47.16 -22.13
C TYR B 1874 32.49 -48.54 -22.70
N LEU B 1875 32.35 -49.53 -21.82
CA LEU B 1875 31.91 -50.85 -22.27
C LEU B 1875 30.53 -50.78 -22.90
N ILE B 1876 29.60 -50.07 -22.24
CA ILE B 1876 28.24 -49.96 -22.76
C ILE B 1876 28.24 -49.23 -24.10
N HIS B 1877 29.01 -48.15 -24.21
CA HIS B 1877 29.07 -47.40 -25.47
C HIS B 1877 29.65 -48.25 -26.59
N ASP B 1878 30.73 -49.00 -26.30
CA ASP B 1878 31.33 -49.85 -27.33
C ASP B 1878 30.36 -50.93 -27.78
N ILE B 1879 29.65 -51.55 -26.84
CA ILE B 1879 28.69 -52.58 -27.22
C ILE B 1879 27.56 -51.99 -28.06
N LEU B 1880 27.03 -50.84 -27.65
CA LEU B 1880 25.96 -50.20 -28.40
C LEU B 1880 26.41 -49.72 -29.77
N LEU B 1881 27.71 -49.45 -29.95
CA LEU B 1881 28.19 -49.00 -31.26
C LEU B 1881 28.04 -50.10 -32.30
N GLN B 1882 28.32 -51.35 -31.93
CA GLN B 1882 28.26 -52.47 -32.85
C GLN B 1882 26.90 -53.15 -32.87
N ASP B 1883 25.90 -52.61 -32.17
CA ASP B 1883 24.60 -53.24 -32.09
C ASP B 1883 23.91 -53.26 -33.45
N THR B 1884 23.29 -54.39 -33.77
CA THR B 1884 22.48 -54.55 -34.97
C THR B 1884 21.11 -55.07 -34.58
N ASN B 1885 20.07 -54.57 -35.25
CA ASN B 1885 18.68 -54.90 -34.99
C ASN B 1885 18.21 -54.51 -33.60
N GLU B 1886 18.98 -53.67 -32.90
CA GLU B 1886 18.58 -53.08 -31.61
C GLU B 1886 18.34 -54.13 -30.54
N SER B 1887 18.97 -55.31 -30.67
CA SER B 1887 18.86 -56.32 -29.62
C SER B 1887 19.54 -55.85 -28.35
N TRP B 1888 20.79 -55.41 -28.46
CA TRP B 1888 21.50 -54.86 -27.30
C TRP B 1888 20.80 -53.63 -26.77
N ARG B 1889 20.31 -52.76 -27.66
CA ARG B 1889 19.61 -51.57 -27.22
C ARG B 1889 18.39 -51.92 -26.37
N ASN B 1890 17.56 -52.84 -26.88
CA ASN B 1890 16.35 -53.23 -26.13
C ASN B 1890 16.71 -53.88 -24.81
N LEU B 1891 17.68 -54.80 -24.81
CA LEU B 1891 18.04 -55.49 -23.57
C LEU B 1891 18.56 -54.52 -22.53
N LEU B 1892 19.51 -53.66 -22.92
CA LEU B 1892 20.07 -52.70 -21.97
C LEU B 1892 19.03 -51.71 -21.50
N SER B 1893 18.15 -51.25 -22.39
CA SER B 1893 17.11 -50.31 -22.00
C SER B 1893 16.18 -50.94 -20.97
N THR B 1894 15.76 -52.18 -21.21
CA THR B 1894 14.87 -52.86 -20.27
C THR B 1894 15.54 -53.03 -18.92
N HIS B 1895 16.81 -53.47 -18.91
CA HIS B 1895 17.48 -53.72 -17.64
C HIS B 1895 17.74 -52.42 -16.88
N VAL B 1896 18.13 -51.35 -17.58
CA VAL B 1896 18.40 -50.09 -16.91
C VAL B 1896 17.11 -49.48 -16.38
N GLN B 1897 16.01 -49.59 -17.14
CA GLN B 1897 14.73 -49.11 -16.64
C GLN B 1897 14.30 -49.89 -15.41
N GLY B 1898 14.52 -51.21 -15.42
CA GLY B 1898 14.22 -51.99 -14.23
C GLY B 1898 15.05 -51.57 -13.03
N PHE B 1899 16.34 -51.30 -13.25
CA PHE B 1899 17.21 -50.83 -12.18
C PHE B 1899 16.69 -49.51 -11.59
N PHE B 1900 16.39 -48.55 -12.46
CA PHE B 1900 15.94 -47.25 -11.98
C PHE B 1900 14.57 -47.34 -11.30
N THR B 1901 13.69 -48.20 -11.80
CA THR B 1901 12.41 -48.41 -11.12
C THR B 1901 12.62 -49.04 -9.74
N SER B 1902 13.56 -49.98 -9.63
CA SER B 1902 13.87 -50.57 -8.33
C SER B 1902 14.45 -49.54 -7.37
N CYS B 1903 15.19 -48.56 -7.90
CA CYS B 1903 15.72 -47.50 -7.05
C CYS B 1903 14.63 -46.60 -6.48
N LEU B 1904 13.42 -46.66 -7.03
CA LEU B 1904 12.33 -45.78 -6.62
C LEU B 1904 11.41 -46.38 -5.57
N ARG B 1905 11.75 -47.54 -5.01
CA ARG B 1905 10.89 -48.15 -4.00
C ARG B 1905 10.89 -47.32 -2.73
N HIS B 1906 9.91 -47.59 -1.87
CA HIS B 1906 9.68 -46.84 -0.64
C HIS B 1906 9.46 -45.36 -0.93
N HIS B 1925 10.35 -54.64 3.92
CA HIS B 1925 10.97 -54.05 2.74
C HIS B 1925 10.74 -54.94 1.52
N PHE B 1926 10.94 -54.37 0.33
CA PHE B 1926 10.74 -55.10 -0.91
C PHE B 1926 11.91 -56.06 -1.16
N PHE B 1927 11.72 -56.92 -2.16
CA PHE B 1927 12.77 -57.87 -2.52
C PHE B 1927 14.02 -57.16 -3.00
N ARG B 1928 13.86 -56.13 -3.83
CA ARG B 1928 14.97 -55.32 -4.32
C ARG B 1928 14.64 -53.86 -4.08
N CYS B 1929 15.22 -53.29 -3.01
CA CYS B 1929 14.95 -51.91 -2.65
C CYS B 1929 16.09 -51.43 -1.76
N CYS B 1930 16.04 -50.14 -1.42
CA CYS B 1930 17.04 -49.49 -0.56
C CYS B 1930 18.45 -49.69 -1.11
N LEU B 1931 18.60 -49.50 -2.43
CA LEU B 1931 19.90 -49.68 -3.06
C LEU B 1931 20.89 -48.64 -2.55
N ASP B 1932 22.15 -49.05 -2.46
CA ASP B 1932 23.20 -48.15 -2.03
C ASP B 1932 23.36 -47.00 -3.02
N LYS B 1933 23.67 -45.81 -2.50
CA LYS B 1933 23.80 -44.64 -3.35
C LYS B 1933 24.97 -44.73 -4.31
N LYS B 1934 25.96 -45.58 -4.02
CA LYS B 1934 27.10 -45.73 -4.92
C LYS B 1934 26.67 -46.36 -6.24
N SER B 1935 25.82 -47.38 -6.19
CA SER B 1935 25.33 -48.01 -7.42
C SER B 1935 24.47 -47.04 -8.23
N GLN B 1936 23.60 -46.29 -7.54
CA GLN B 1936 22.78 -45.30 -8.23
C GLN B 1936 23.65 -44.23 -8.88
N ARG B 1937 24.70 -43.80 -8.18
CA ARG B 1937 25.62 -42.82 -8.75
C ARG B 1937 26.37 -43.39 -9.96
N THR B 1938 26.75 -44.67 -9.89
CA THR B 1938 27.42 -45.29 -11.03
C THR B 1938 26.51 -45.34 -12.25
N MET B 1939 25.24 -45.72 -12.04
CA MET B 1939 24.31 -45.77 -13.17
C MET B 1939 24.00 -44.36 -13.69
N LEU B 1940 23.93 -43.38 -12.80
CA LEU B 1940 23.74 -42.00 -13.23
C LEU B 1940 24.94 -41.52 -14.06
N ALA B 1941 26.14 -41.90 -13.66
CA ALA B 1941 27.33 -41.57 -14.44
C ALA B 1941 27.29 -42.24 -15.81
N VAL B 1942 26.82 -43.49 -15.86
CA VAL B 1942 26.67 -44.18 -17.14
C VAL B 1942 25.72 -43.42 -18.05
N VAL B 1943 24.57 -43.01 -17.50
CA VAL B 1943 23.58 -42.27 -18.28
C VAL B 1943 24.15 -40.94 -18.75
N ASP B 1944 24.86 -40.25 -17.86
CA ASP B 1944 25.45 -38.96 -18.21
C ASP B 1944 26.49 -39.11 -19.32
N TYR B 1945 27.32 -40.14 -19.24
CA TYR B 1945 28.30 -40.37 -20.30
C TYR B 1945 27.61 -40.68 -21.62
N MET B 1946 26.58 -41.53 -21.59
CA MET B 1946 25.90 -41.89 -22.82
C MET B 1946 25.14 -40.71 -23.43
N ARG B 1947 24.70 -39.77 -22.60
CA ARG B 1947 23.96 -38.62 -23.10
C ARG B 1947 24.82 -37.74 -24.00
N ARG B 1948 26.13 -37.76 -23.83
CA ARG B 1948 27.02 -36.84 -24.53
C ARG B 1948 27.55 -37.40 -25.85
N GLN B 1949 27.58 -38.72 -26.00
CA GLN B 1949 28.15 -39.32 -27.20
C GLN B 1949 27.23 -39.12 -28.40
N LYS B 1950 27.83 -39.11 -29.58
CA LYS B 1950 27.10 -38.94 -30.84
C LYS B 1950 26.67 -40.30 -31.36
N ARG B 1951 25.38 -40.43 -31.69
CA ARG B 1951 24.85 -41.68 -32.18
C ARG B 1951 25.27 -41.93 -33.63
N PRO B 1952 25.34 -43.19 -34.06
CA PRO B 1952 25.75 -43.48 -35.44
C PRO B 1952 24.84 -42.86 -36.49
N SER B 1953 23.57 -42.63 -36.15
CA SER B 1953 22.63 -42.02 -37.10
C SER B 1953 22.98 -40.58 -37.42
N SER B 1954 23.87 -39.94 -36.64
CA SER B 1954 24.29 -38.56 -36.86
C SER B 1954 23.08 -37.62 -36.87
N GLY B 1955 22.30 -37.68 -35.80
CA GLY B 1955 21.13 -36.84 -35.67
C GLY B 1955 21.38 -35.57 -34.88
N THR B 1956 20.69 -35.42 -33.75
CA THR B 1956 20.81 -34.25 -32.90
C THR B 1956 21.18 -34.68 -31.48
N ILE B 1957 21.44 -33.68 -30.64
CA ILE B 1957 21.75 -33.96 -29.24
C ILE B 1957 20.54 -34.58 -28.53
N PHE B 1958 19.33 -34.17 -28.92
CA PHE B 1958 18.13 -34.79 -28.35
C PHE B 1958 18.06 -36.26 -28.70
N ASN B 1959 18.39 -36.62 -29.95
CA ASN B 1959 18.50 -38.02 -30.32
C ASN B 1959 19.64 -38.69 -29.57
N ASP B 1960 20.76 -38.01 -29.43
CA ASP B 1960 21.91 -38.57 -28.71
C ASP B 1960 21.59 -38.86 -27.25
N ALA B 1961 20.59 -38.17 -26.69
CA ALA B 1961 20.18 -38.47 -25.32
C ALA B 1961 19.62 -39.88 -25.21
N PHE B 1962 18.92 -40.34 -26.24
CA PHE B 1962 18.26 -41.65 -26.21
C PHE B 1962 19.13 -42.71 -26.89
N TRP B 1963 20.31 -42.96 -26.31
CA TRP B 1963 21.04 -44.17 -26.65
C TRP B 1963 20.29 -45.40 -26.19
N LEU B 1964 19.69 -45.34 -25.01
CA LEU B 1964 18.82 -46.37 -24.48
C LEU B 1964 17.42 -45.80 -24.27
N ASP B 1965 16.42 -46.63 -24.51
CA ASP B 1965 15.03 -46.22 -24.28
C ASP B 1965 14.80 -46.12 -22.78
N LEU B 1966 14.79 -44.89 -22.26
CA LEU B 1966 14.73 -44.66 -20.83
C LEU B 1966 13.58 -43.72 -20.50
N ASN B 1967 12.99 -43.93 -19.32
CA ASN B 1967 12.00 -43.01 -18.77
C ASN B 1967 12.75 -42.00 -17.91
N TYR B 1968 12.94 -40.80 -18.45
CA TYR B 1968 13.83 -39.83 -17.81
C TYR B 1968 13.26 -39.22 -16.55
N LEU B 1969 11.97 -39.36 -16.28
CA LEU B 1969 11.42 -38.87 -15.02
C LEU B 1969 11.97 -39.67 -13.84
N GLU B 1970 12.03 -41.00 -13.97
CA GLU B 1970 12.60 -41.82 -12.91
C GLU B 1970 14.08 -41.53 -12.72
N VAL B 1971 14.81 -41.34 -13.82
CA VAL B 1971 16.23 -41.00 -13.73
C VAL B 1971 16.41 -39.65 -13.04
N ALA B 1972 15.55 -38.68 -13.36
CA ALA B 1972 15.62 -37.37 -12.72
C ALA B 1972 15.35 -37.48 -11.23
N LYS B 1973 14.35 -38.28 -10.83
CA LYS B 1973 14.08 -38.46 -9.41
C LYS B 1973 15.25 -39.12 -8.69
N VAL B 1974 15.84 -40.14 -9.31
CA VAL B 1974 16.99 -40.81 -8.71
C VAL B 1974 18.15 -39.85 -8.57
N ALA B 1975 18.40 -39.03 -9.60
CA ALA B 1975 19.46 -38.04 -9.53
C ALA B 1975 19.20 -37.03 -8.43
N GLN B 1976 17.95 -36.55 -8.31
CA GLN B 1976 17.61 -35.61 -7.25
C GLN B 1976 17.85 -36.22 -5.88
N SER B 1977 17.56 -37.52 -5.71
CA SER B 1977 17.86 -38.18 -4.45
C SER B 1977 19.35 -38.17 -4.17
N CYS B 1978 20.18 -38.40 -5.19
CA CYS B 1978 21.63 -38.40 -5.03
C CYS B 1978 22.21 -37.04 -5.44
N ALA B 1979 21.79 -36.02 -4.69
CA ALA B 1979 22.24 -34.63 -4.90
C ALA B 1979 21.94 -34.24 -6.35
N ALA B 1980 22.93 -33.80 -7.12
CA ALA B 1980 22.81 -33.60 -8.57
C ALA B 1980 21.55 -32.81 -8.93
N HIS B 1981 21.41 -31.63 -8.34
CA HIS B 1981 20.18 -30.87 -8.48
C HIS B 1981 20.04 -30.22 -9.84
N PHE B 1982 21.11 -30.11 -10.62
CA PHE B 1982 21.04 -29.59 -11.98
C PHE B 1982 20.83 -30.70 -13.01
N THR B 1983 21.45 -31.86 -12.79
CA THR B 1983 21.23 -33.01 -13.66
C THR B 1983 19.78 -33.47 -13.58
N ALA B 1984 19.19 -33.43 -12.39
CA ALA B 1984 17.78 -33.80 -12.23
C ALA B 1984 16.88 -32.86 -13.02
N LEU B 1985 17.16 -31.56 -12.97
CA LEU B 1985 16.38 -30.59 -13.73
C LEU B 1985 16.53 -30.82 -15.23
N LEU B 1986 17.76 -31.07 -15.68
CA LEU B 1986 17.98 -31.33 -17.11
C LEU B 1986 17.23 -32.58 -17.56
N TYR B 1987 17.26 -33.64 -16.75
CA TYR B 1987 16.56 -34.86 -17.12
C TYR B 1987 15.04 -34.68 -17.07
N ALA B 1988 14.54 -33.87 -16.14
CA ALA B 1988 13.11 -33.56 -16.14
C ALA B 1988 12.70 -32.81 -17.39
N GLU B 1989 13.52 -31.85 -17.82
CA GLU B 1989 13.24 -31.14 -19.07
C GLU B 1989 13.25 -32.10 -20.25
N ILE B 1990 14.23 -33.00 -20.29
CA ILE B 1990 14.31 -33.98 -21.38
C ILE B 1990 13.07 -34.87 -21.39
N TYR B 1991 12.64 -35.33 -20.22
CA TYR B 1991 11.46 -36.18 -20.13
C TYR B 1991 10.23 -35.45 -20.61
N ALA B 1992 10.07 -34.18 -20.20
CA ALA B 1992 8.91 -33.40 -20.64
C ALA B 1992 8.92 -33.22 -22.15
N ASP B 1993 10.09 -32.92 -22.71
CA ASP B 1993 10.18 -32.74 -24.16
C ASP B 1993 9.85 -34.04 -24.90
N LYS B 1994 10.38 -35.17 -24.42
CA LYS B 1994 10.10 -36.45 -25.07
C LYS B 1994 8.63 -36.81 -24.97
N LYS B 1995 8.01 -36.58 -23.82
CA LYS B 1995 6.58 -36.87 -23.65
C LYS B 1995 5.74 -36.01 -24.58
N SER B 1996 6.08 -34.72 -24.69
CA SER B 1996 5.34 -33.84 -25.59
C SER B 1996 5.51 -34.29 -27.04
N MET B 1997 6.73 -34.66 -27.43
CA MET B 1997 6.97 -35.11 -28.80
C MET B 1997 6.20 -36.38 -29.10
N ASP B 1998 6.18 -37.33 -28.16
CA ASP B 1998 5.43 -38.56 -28.37
C ASP B 1998 3.94 -38.30 -28.46
N ASP B 1999 3.42 -37.40 -27.61
CA ASP B 1999 2.00 -37.08 -27.67
C ASP B 1999 1.64 -36.41 -28.99
N GLN B 2000 2.48 -35.50 -29.48
CA GLN B 2000 2.19 -34.81 -30.72
C GLN B 2000 2.23 -35.74 -31.94
N GLU B 2001 2.96 -36.85 -31.85
CA GLU B 2001 3.04 -37.78 -32.98
C GLU B 2001 1.68 -38.39 -33.29
N LYS B 2002 0.93 -38.77 -32.26
CA LYS B 2002 -0.39 -39.35 -32.45
C LYS B 2002 -1.42 -38.28 -32.81
N ILE B 2016 1.95 -28.25 -17.93
CA ILE B 2016 2.66 -28.91 -16.84
C ILE B 2016 1.69 -29.74 -16.02
N SER B 2017 0.52 -29.17 -15.72
CA SER B 2017 -0.46 -29.86 -14.88
C SER B 2017 -0.93 -31.15 -15.53
N SER B 2018 -1.23 -31.11 -16.83
CA SER B 2018 -1.63 -32.33 -17.53
C SER B 2018 -0.51 -33.34 -17.57
N LEU B 2019 0.72 -32.88 -17.86
CA LEU B 2019 1.87 -33.78 -17.85
C LEU B 2019 2.11 -34.33 -16.46
N SER B 2020 1.97 -33.49 -15.43
CA SER B 2020 2.17 -33.95 -14.06
C SER B 2020 1.16 -35.02 -13.68
N GLU B 2021 -0.11 -34.82 -14.00
CA GLU B 2021 -1.12 -35.81 -13.63
C GLU B 2021 -0.96 -37.09 -14.44
N LYS B 2022 -0.58 -36.99 -15.72
CA LYS B 2022 -0.33 -38.18 -16.51
C LYS B 2022 0.84 -38.97 -15.96
N SER B 2023 1.92 -38.27 -15.58
CA SER B 2023 3.09 -38.94 -15.02
C SER B 2023 2.76 -39.58 -13.67
N LYS B 2024 1.95 -38.90 -12.86
CA LYS B 2024 1.51 -39.50 -11.59
C LYS B 2024 0.68 -40.75 -11.84
N GLU B 2025 -0.16 -40.72 -12.87
CA GLU B 2025 -0.97 -41.91 -13.20
C GLU B 2025 -0.09 -43.07 -13.65
N GLU B 2026 0.91 -42.81 -14.48
CA GLU B 2026 1.68 -43.90 -15.08
C GLU B 2026 2.81 -44.38 -14.16
N THR B 2027 3.71 -43.49 -13.76
CA THR B 2027 4.90 -43.87 -13.00
C THR B 2027 4.81 -43.48 -11.53
N GLY B 2028 3.73 -42.83 -11.10
CA GLY B 2028 3.58 -42.45 -9.71
C GLY B 2028 4.38 -41.25 -9.27
N ILE B 2029 4.99 -40.52 -10.20
CA ILE B 2029 5.78 -39.33 -9.90
C ILE B 2029 5.12 -38.13 -10.54
N SER B 2030 4.90 -37.08 -9.75
CA SER B 2030 4.33 -35.84 -10.25
C SER B 2030 5.46 -34.95 -10.76
N LEU B 2031 5.35 -34.53 -12.02
CA LEU B 2031 6.38 -33.68 -12.62
C LEU B 2031 6.49 -32.35 -11.90
N GLN B 2032 5.34 -31.74 -11.58
CA GLN B 2032 5.34 -30.44 -10.91
C GLN B 2032 5.98 -30.53 -9.53
N ASP B 2033 5.65 -31.58 -8.76
CA ASP B 2033 6.23 -31.72 -7.43
C ASP B 2033 7.73 -31.97 -7.50
N LEU B 2034 8.18 -32.78 -8.47
CA LEU B 2034 9.61 -33.00 -8.64
C LEU B 2034 10.32 -31.72 -9.02
N LEU B 2035 9.73 -30.93 -9.92
CA LEU B 2035 10.33 -29.65 -10.29
C LEU B 2035 10.41 -28.71 -9.10
N LEU B 2036 9.36 -28.68 -8.28
CA LEU B 2036 9.38 -27.84 -7.08
C LEU B 2036 10.48 -28.27 -6.12
N GLU B 2037 10.63 -29.58 -5.91
CA GLU B 2037 11.69 -30.08 -5.04
C GLU B 2037 13.07 -29.73 -5.59
N ILE B 2038 13.26 -29.90 -6.89
CA ILE B 2038 14.55 -29.58 -7.51
C ILE B 2038 14.87 -28.11 -7.36
N TYR B 2039 13.88 -27.24 -7.61
CA TYR B 2039 14.13 -25.81 -7.51
C TYR B 2039 14.35 -25.37 -6.07
N ARG B 2040 13.68 -26.00 -5.11
CA ARG B 2040 13.95 -25.70 -3.71
C ARG B 2040 15.35 -26.15 -3.32
N SER B 2041 15.82 -27.28 -3.86
CA SER B 2041 17.17 -27.74 -3.54
C SER B 2041 18.23 -26.87 -4.21
N ILE B 2042 17.93 -26.32 -5.39
CA ILE B 2042 18.90 -25.49 -6.09
C ILE B 2042 19.19 -24.22 -5.29
N GLY B 2043 18.15 -23.57 -4.77
CA GLY B 2043 18.30 -22.41 -3.92
C GLY B 2043 18.05 -21.08 -4.59
N GLU B 2044 17.85 -21.06 -5.90
CA GLU B 2044 17.59 -19.79 -6.59
C GLU B 2044 16.23 -19.25 -6.17
N PRO B 2045 16.15 -18.01 -5.69
CA PRO B 2045 14.87 -17.51 -5.15
C PRO B 2045 13.79 -17.32 -6.20
N ASP B 2046 14.13 -16.70 -7.34
CA ASP B 2046 13.12 -16.39 -8.34
C ASP B 2046 12.57 -17.63 -9.04
N SER B 2047 13.28 -18.76 -8.95
CA SER B 2047 12.81 -19.96 -9.63
C SER B 2047 11.63 -20.61 -8.92
N LEU B 2048 11.47 -20.34 -7.62
CA LEU B 2048 10.41 -21.00 -6.86
C LEU B 2048 9.03 -20.55 -7.29
N TYR B 2049 8.92 -19.38 -7.91
CA TYR B 2049 7.64 -18.87 -8.37
C TYR B 2049 7.21 -19.48 -9.70
N GLY B 2050 8.12 -20.14 -10.41
CA GLY B 2050 7.74 -20.77 -11.67
C GLY B 2050 6.80 -21.94 -11.49
N CYS B 2051 7.01 -22.74 -10.45
CA CYS B 2051 6.18 -23.92 -10.21
C CYS B 2051 4.82 -23.48 -9.68
N GLY B 2052 3.77 -23.90 -10.35
CA GLY B 2052 2.41 -23.56 -9.95
C GLY B 2052 1.47 -24.69 -10.24
N GLY B 2053 0.37 -24.72 -9.47
CA GLY B 2053 -0.62 -25.76 -9.62
C GLY B 2053 -1.54 -25.78 -8.41
N GLY B 2054 -2.17 -26.94 -8.21
CA GLY B 2054 -3.06 -27.12 -7.08
C GLY B 2054 -2.36 -27.32 -5.75
N LYS B 2055 -1.05 -27.59 -5.78
CA LYS B 2055 -0.31 -27.80 -4.54
C LYS B 2055 -0.04 -26.50 -3.78
N MET B 2056 -0.26 -25.34 -4.40
CA MET B 2056 0.01 -24.07 -3.73
C MET B 2056 -0.94 -23.79 -2.58
N LEU B 2057 -2.12 -24.43 -2.57
CA LEU B 2057 -3.09 -24.20 -1.51
C LEU B 2057 -2.80 -25.00 -0.25
N GLN B 2058 -1.85 -25.93 -0.30
CA GLN B 2058 -1.49 -26.68 0.89
C GLN B 2058 -0.86 -25.75 1.92
N PRO B 2059 -1.17 -25.92 3.21
CA PRO B 2059 -0.63 -25.00 4.23
C PRO B 2059 0.89 -24.97 4.27
N ILE B 2060 1.56 -26.10 4.03
CA ILE B 2060 3.02 -26.12 4.08
C ILE B 2060 3.62 -25.30 2.96
N THR B 2061 3.05 -25.40 1.75
CA THR B 2061 3.54 -24.59 0.63
C THR B 2061 3.34 -23.11 0.90
N ARG B 2062 2.17 -22.74 1.43
CA ARG B 2062 1.90 -21.35 1.75
C ARG B 2062 2.87 -20.85 2.82
N LEU B 2063 3.15 -21.68 3.83
CA LEU B 2063 4.08 -21.28 4.88
C LEU B 2063 5.49 -21.09 4.33
N ARG B 2064 5.93 -21.98 3.44
CA ARG B 2064 7.24 -21.82 2.83
C ARG B 2064 7.30 -20.56 1.98
N THR B 2065 6.23 -20.26 1.25
CA THR B 2065 6.19 -19.02 0.48
C THR B 2065 6.23 -17.80 1.38
N TYR B 2066 5.52 -17.84 2.51
CA TYR B 2066 5.55 -16.72 3.45
C TYR B 2066 6.94 -16.53 4.04
N GLU B 2067 7.59 -17.62 4.43
CA GLU B 2067 8.93 -17.52 5.00
C GLU B 2067 9.95 -17.04 3.96
N HIS B 2068 9.75 -17.40 2.70
CA HIS B 2068 10.64 -16.92 1.65
C HIS B 2068 10.55 -15.40 1.49
N GLU B 2069 9.34 -14.85 1.61
CA GLU B 2069 9.12 -13.43 1.43
C GLU B 2069 9.23 -12.64 2.73
N ALA B 2070 9.60 -13.31 3.84
CA ALA B 2070 9.77 -12.67 5.15
C ALA B 2070 8.48 -12.01 5.64
N MET B 2071 7.34 -12.55 5.23
CA MET B 2071 6.04 -12.11 5.75
C MET B 2071 5.75 -12.91 7.02
N TRP B 2072 6.38 -12.48 8.11
CA TRP B 2072 6.39 -13.28 9.33
C TRP B 2072 5.04 -13.25 10.05
N GLY B 2073 4.27 -12.17 9.88
CA GLY B 2073 2.94 -12.15 10.48
C GLY B 2073 2.02 -13.20 9.88
N LYS B 2074 2.00 -13.29 8.55
CA LYS B 2074 1.19 -14.31 7.89
C LYS B 2074 1.66 -15.71 8.25
N ALA B 2075 2.98 -15.91 8.30
CA ALA B 2075 3.52 -17.21 8.67
C ALA B 2075 3.12 -17.60 10.09
N LEU B 2076 3.20 -16.64 11.01
CA LEU B 2076 2.80 -16.90 12.39
C LEU B 2076 1.32 -17.25 12.49
N VAL B 2077 0.47 -16.48 11.79
CA VAL B 2077 -0.96 -16.75 11.83
C VAL B 2077 -1.27 -18.14 11.27
N THR B 2078 -0.64 -18.49 10.15
CA THR B 2078 -0.91 -19.79 9.54
C THR B 2078 -0.37 -20.92 10.40
N TYR B 2079 0.81 -20.74 11.01
CA TYR B 2079 1.34 -21.77 11.89
C TYR B 2079 0.45 -21.99 13.10
N ASP B 2080 -0.07 -20.91 13.69
CA ASP B 2080 -1.00 -21.04 14.80
C ASP B 2080 -2.29 -21.73 14.37
N LEU B 2081 -2.78 -21.39 13.18
CA LEU B 2081 -4.10 -21.87 12.76
C LEU B 2081 -4.07 -23.36 12.41
N GLU B 2082 -3.06 -23.80 11.67
CA GLU B 2082 -3.03 -25.17 11.17
C GLU B 2082 -2.55 -26.12 12.27
N THR B 2083 -3.29 -27.22 12.44
CA THR B 2083 -2.95 -28.24 13.43
C THR B 2083 -2.52 -29.56 12.84
N ALA B 2084 -2.88 -29.85 11.58
CA ALA B 2084 -2.48 -31.09 10.95
C ALA B 2084 -0.98 -31.14 10.66
N ILE B 2085 -0.31 -29.99 10.69
CA ILE B 2085 1.14 -29.94 10.48
C ILE B 2085 1.83 -30.68 11.63
N PRO B 2086 2.92 -31.40 11.39
CA PRO B 2086 3.62 -32.07 12.49
C PRO B 2086 4.06 -31.08 13.56
N SER B 2087 4.04 -31.55 14.81
CA SER B 2087 4.22 -30.66 15.96
C SER B 2087 5.58 -29.98 15.93
N SER B 2088 6.64 -30.73 15.61
CA SER B 2088 7.99 -30.15 15.65
C SER B 2088 8.12 -29.01 14.65
N THR B 2089 7.65 -29.22 13.42
CA THR B 2089 7.72 -28.18 12.41
C THR B 2089 6.88 -26.96 12.81
N ARG B 2090 5.69 -27.22 13.37
CA ARG B 2090 4.80 -26.12 13.81
C ARG B 2090 5.52 -25.29 14.87
N GLN B 2091 6.07 -25.92 15.90
CA GLN B 2091 6.75 -25.19 16.97
C GLN B 2091 7.97 -24.43 16.43
N ALA B 2092 8.75 -25.07 15.55
CA ALA B 2092 9.92 -24.40 15.00
C ALA B 2092 9.52 -23.16 14.20
N GLY B 2093 8.49 -23.28 13.36
CA GLY B 2093 8.04 -22.14 12.60
C GLY B 2093 7.49 -21.03 13.48
N ILE B 2094 6.73 -21.40 14.52
CA ILE B 2094 6.20 -20.40 15.44
C ILE B 2094 7.31 -19.65 16.13
N ILE B 2095 8.33 -20.39 16.62
CA ILE B 2095 9.44 -19.74 17.32
C ILE B 2095 10.21 -18.84 16.38
N GLN B 2096 10.47 -19.29 15.15
CA GLN B 2096 11.21 -18.48 14.20
C GLN B 2096 10.44 -17.21 13.85
N ALA B 2097 9.13 -17.33 13.62
CA ALA B 2097 8.33 -16.16 13.29
C ALA B 2097 8.26 -15.19 14.47
N LEU B 2098 8.12 -15.71 15.69
CA LEU B 2098 8.08 -14.85 16.90
C LEU B 2098 9.40 -14.07 17.01
N GLN B 2099 10.54 -14.78 16.90
CA GLN B 2099 11.87 -14.14 17.01
C GLN B 2099 12.05 -13.09 15.91
N ASN B 2100 11.65 -13.40 14.67
CA ASN B 2100 11.89 -12.47 13.53
C ASN B 2100 10.97 -11.24 13.61
N LEU B 2101 10.00 -11.25 14.53
CA LEU B 2101 9.14 -10.08 14.71
C LEU B 2101 9.55 -9.24 15.91
N GLY B 2102 10.64 -9.59 16.59
CA GLY B 2102 11.09 -8.82 17.74
C GLY B 2102 10.38 -9.12 19.03
N LEU B 2103 9.46 -10.08 19.05
CA LEU B 2103 8.69 -10.43 20.25
C LEU B 2103 9.52 -11.34 21.14
N CYS B 2104 10.52 -10.74 21.79
CA CYS B 2104 11.42 -11.51 22.64
C CYS B 2104 10.74 -11.96 23.92
N HIS B 2105 10.04 -11.05 24.59
CA HIS B 2105 9.35 -11.40 25.83
C HIS B 2105 8.24 -12.41 25.58
N ILE B 2106 7.46 -12.21 24.51
CA ILE B 2106 6.42 -13.16 24.15
C ILE B 2106 7.03 -14.52 23.84
N LEU B 2107 8.16 -14.54 23.13
CA LEU B 2107 8.83 -15.79 22.83
C LEU B 2107 9.29 -16.50 24.09
N SER B 2108 9.84 -15.75 25.05
CA SER B 2108 10.31 -16.36 26.30
C SER B 2108 9.14 -16.94 27.10
N VAL B 2109 8.03 -16.21 27.20
CA VAL B 2109 6.88 -16.74 27.93
C VAL B 2109 6.28 -17.93 27.20
N TYR B 2110 6.28 -17.90 25.86
CA TYR B 2110 5.80 -19.05 25.09
C TYR B 2110 6.67 -20.28 25.33
N LEU B 2111 7.99 -20.09 25.39
CA LEU B 2111 8.89 -21.20 25.67
C LEU B 2111 8.67 -21.75 27.07
N LYS B 2112 8.43 -20.85 28.04
CA LYS B 2112 8.11 -21.31 29.39
C LYS B 2112 6.81 -22.11 29.40
N GLY B 2113 5.81 -21.65 28.64
CA GLY B 2113 4.55 -22.38 28.58
C GLY B 2113 4.68 -23.74 27.91
N LEU B 2114 5.56 -23.83 26.91
CA LEU B 2114 5.78 -25.11 26.24
C LEU B 2114 6.38 -26.17 27.16
N ASP B 2115 6.99 -25.75 28.28
CA ASP B 2115 7.58 -26.72 29.19
C ASP B 2115 6.51 -27.64 29.79
N TYR B 2116 5.36 -27.08 30.12
CA TYR B 2116 4.23 -27.88 30.62
C TYR B 2116 3.66 -28.77 29.53
N CYS B 2122 12.77 -32.72 21.67
CA CYS B 2122 13.27 -32.58 20.31
C CYS B 2122 14.53 -31.72 20.28
N PRO B 2123 15.56 -32.19 19.55
CA PRO B 2123 16.80 -31.40 19.45
C PRO B 2123 16.60 -30.02 18.86
N GLU B 2124 15.67 -29.88 17.91
CA GLU B 2124 15.40 -28.57 17.34
C GLU B 2124 14.78 -27.64 18.37
N LEU B 2125 13.93 -28.18 19.25
CA LEU B 2125 13.33 -27.35 20.29
C LEU B 2125 14.37 -26.78 21.24
N GLU B 2126 15.31 -27.61 21.70
CA GLU B 2126 16.37 -27.09 22.58
C GLU B 2126 17.35 -26.21 21.82
N GLU B 2127 17.55 -26.45 20.52
CA GLU B 2127 18.37 -25.55 19.72
C GLU B 2127 17.74 -24.15 19.68
N LEU B 2128 16.44 -24.07 19.44
CA LEU B 2128 15.75 -22.79 19.44
C LEU B 2128 15.76 -22.17 20.83
N HIS B 2129 15.62 -23.01 21.87
CA HIS B 2129 15.68 -22.50 23.24
C HIS B 2129 17.03 -21.86 23.54
N TYR B 2130 18.12 -22.50 23.12
CA TYR B 2130 19.45 -21.94 23.34
C TYR B 2130 19.65 -20.67 22.53
N GLN B 2131 19.14 -20.64 21.29
CA GLN B 2131 19.24 -19.42 20.49
C GLN B 2131 18.52 -18.26 21.17
N ALA B 2132 17.30 -18.51 21.66
CA ALA B 2132 16.56 -17.47 22.36
C ALA B 2132 17.26 -17.06 23.65
N ALA B 2133 17.87 -18.03 24.34
CA ALA B 2133 18.54 -17.73 25.60
C ALA B 2133 19.75 -16.82 25.39
N TRP B 2134 20.56 -17.10 24.37
CA TRP B 2134 21.72 -16.24 24.15
C TRP B 2134 21.33 -14.92 23.52
N ARG B 2135 20.26 -14.88 22.71
CA ARG B 2135 19.80 -13.61 22.10
C ARG B 2135 19.22 -12.70 23.19
N ASN B 2136 18.46 -13.27 24.12
CA ASN B 2136 17.81 -12.49 25.17
C ASN B 2136 18.70 -12.27 26.38
N MET B 2137 19.93 -12.79 26.36
CA MET B 2137 20.85 -12.67 27.48
C MET B 2137 20.27 -13.22 28.77
N GLN B 2138 19.57 -14.36 28.66
CA GLN B 2138 19.02 -15.05 29.82
C GLN B 2138 20.07 -16.03 30.32
N TRP B 2139 20.99 -15.53 31.14
CA TRP B 2139 22.12 -16.33 31.58
C TRP B 2139 21.78 -17.24 32.77
N ASP B 2140 20.59 -17.13 33.33
CA ASP B 2140 20.23 -17.98 34.46
C ASP B 2140 20.01 -19.42 34.02
N HIS B 2141 19.35 -19.62 32.87
CA HIS B 2141 19.06 -20.96 32.40
C HIS B 2141 20.35 -21.67 31.99
N CYS B 2142 20.44 -22.96 32.34
CA CYS B 2142 21.61 -23.76 32.00
C CYS B 2142 21.20 -25.08 31.36
N GLY B 2151 25.94 -34.61 19.86
CA GLY B 2151 26.68 -33.83 20.84
C GLY B 2151 26.17 -32.40 20.95
N THR B 2152 27.04 -31.52 21.44
CA THR B 2152 26.68 -30.11 21.57
C THR B 2152 26.47 -29.48 20.20
N SER B 2153 25.40 -28.70 20.09
CA SER B 2153 25.03 -28.09 18.82
C SER B 2153 25.65 -26.70 18.69
N TYR B 2154 25.21 -25.94 17.69
CA TYR B 2154 25.83 -24.64 17.41
C TYR B 2154 25.43 -23.59 18.44
N HIS B 2155 24.13 -23.32 18.56
CA HIS B 2155 23.68 -22.26 19.45
C HIS B 2155 23.96 -22.61 20.91
N GLU B 2156 23.91 -23.90 21.28
CA GLU B 2156 24.30 -24.29 22.63
C GLU B 2156 25.77 -23.98 22.88
N SER B 2157 26.64 -24.25 21.90
CA SER B 2157 28.04 -23.91 22.04
C SER B 2157 28.24 -22.40 22.15
N LEU B 2158 27.50 -21.63 21.37
CA LEU B 2158 27.60 -20.18 21.44
C LEU B 2158 27.17 -19.66 22.81
N TYR B 2159 26.07 -20.20 23.34
CA TYR B 2159 25.59 -19.80 24.67
C TYR B 2159 26.60 -20.17 25.75
N ASN B 2160 27.19 -21.36 25.65
CA ASN B 2160 28.20 -21.76 26.63
C ASN B 2160 29.43 -20.88 26.53
N ALA B 2161 29.83 -20.51 25.32
CA ALA B 2161 30.97 -19.62 25.14
C ALA B 2161 30.69 -18.24 25.75
N LEU B 2162 29.49 -17.71 25.54
CA LEU B 2162 29.14 -16.43 26.15
C LEU B 2162 29.12 -16.53 27.69
N GLN B 2163 28.61 -17.64 28.21
CA GLN B 2163 28.61 -17.85 29.66
C GLN B 2163 30.03 -17.89 30.20
N SER B 2164 30.93 -18.60 29.51
CA SER B 2164 32.32 -18.67 29.96
C SER B 2164 33.00 -17.31 29.85
N LEU B 2165 32.67 -16.54 28.82
CA LEU B 2165 33.22 -15.19 28.69
C LEU B 2165 32.76 -14.30 29.84
N ARG B 2166 31.49 -14.42 30.22
CA ARG B 2166 31.00 -13.67 31.38
C ARG B 2166 31.69 -14.12 32.66
N ASP B 2167 31.92 -15.43 32.80
CA ASP B 2167 32.51 -15.99 34.01
C ASP B 2167 34.03 -15.97 34.02
N ARG B 2168 34.65 -15.34 33.01
CA ARG B 2168 36.10 -15.19 32.91
C ARG B 2168 36.83 -16.54 32.83
N GLU B 2169 36.20 -17.56 32.26
CA GLU B 2169 36.84 -18.86 32.05
C GLU B 2169 37.11 -18.99 30.56
N PHE B 2170 38.29 -18.51 30.13
CA PHE B 2170 38.61 -18.44 28.72
C PHE B 2170 38.96 -19.79 28.10
N SER B 2171 39.40 -20.76 28.91
CA SER B 2171 39.73 -22.08 28.39
C SER B 2171 38.49 -22.77 27.82
N THR B 2172 37.40 -22.78 28.59
CA THR B 2172 36.16 -23.36 28.11
C THR B 2172 35.61 -22.57 26.92
N PHE B 2173 35.78 -21.25 26.95
CA PHE B 2173 35.37 -20.41 25.82
C PHE B 2173 36.06 -20.84 24.53
N TYR B 2174 37.39 -20.95 24.56
CA TYR B 2174 38.14 -21.35 23.38
C TYR B 2174 37.81 -22.78 22.95
N GLU B 2175 37.66 -23.68 23.92
CA GLU B 2175 37.33 -25.07 23.57
C GLU B 2175 35.97 -25.16 22.91
N SER B 2176 34.97 -24.44 23.43
CA SER B 2176 33.64 -24.45 22.83
C SER B 2176 33.67 -23.86 21.43
N LEU B 2177 34.40 -22.76 21.24
CA LEU B 2177 34.47 -22.17 19.90
C LEU B 2177 35.16 -23.12 18.91
N LYS B 2178 36.23 -23.79 19.34
CA LYS B 2178 36.90 -24.74 18.47
C LYS B 2178 35.99 -25.91 18.12
N TYR B 2179 35.24 -26.42 19.11
CA TYR B 2179 34.31 -27.51 18.85
C TYR B 2179 33.23 -27.09 17.88
N ALA B 2180 32.70 -25.86 18.03
CA ALA B 2180 31.69 -25.37 17.11
C ALA B 2180 32.24 -25.22 15.69
N ARG B 2181 33.47 -24.70 15.57
CA ARG B 2181 34.11 -24.62 14.27
C ARG B 2181 34.20 -25.99 13.62
N VAL B 2182 34.71 -26.98 14.37
CA VAL B 2182 34.91 -28.32 13.81
C VAL B 2182 33.57 -28.92 13.40
N LYS B 2183 32.55 -28.79 14.24
CA LYS B 2183 31.25 -29.37 13.94
C LYS B 2183 30.64 -28.72 12.70
N GLU B 2184 30.68 -27.39 12.60
CA GLU B 2184 30.11 -26.72 11.45
C GLU B 2184 30.83 -27.10 10.16
N VAL B 2185 32.16 -27.15 10.21
CA VAL B 2185 32.93 -27.50 9.00
C VAL B 2185 32.64 -28.94 8.59
N GLU B 2186 32.58 -29.85 9.57
CA GLU B 2186 32.28 -31.25 9.24
C GLU B 2186 30.89 -31.38 8.64
N GLU B 2187 29.90 -30.69 9.21
CA GLU B 2187 28.54 -30.75 8.68
C GLU B 2187 28.48 -30.21 7.26
N MET B 2188 29.19 -29.11 7.00
CA MET B 2188 29.18 -28.55 5.64
C MET B 2188 29.89 -29.48 4.66
N CYS B 2189 31.02 -30.06 5.06
CA CYS B 2189 31.79 -30.90 4.14
C CYS B 2189 31.10 -32.22 3.86
N LYS B 2190 30.35 -32.75 4.81
CA LYS B 2190 29.63 -34.00 4.61
C LYS B 2190 28.26 -33.76 3.96
N ARG B 2191 28.26 -33.07 2.82
CA ARG B 2191 27.03 -32.77 2.11
C ARG B 2191 27.30 -32.78 0.62
N SER B 2192 26.35 -32.27 -0.16
CA SER B 2192 26.42 -32.39 -1.62
C SER B 2192 27.48 -31.47 -2.21
N LEU B 2193 27.53 -30.21 -1.74
CA LEU B 2193 28.38 -29.18 -2.32
C LEU B 2193 28.10 -29.00 -3.81
N GLU B 2194 26.83 -28.73 -4.13
CA GLU B 2194 26.38 -28.53 -5.50
C GLU B 2194 26.03 -27.09 -5.82
N SER B 2195 25.42 -26.38 -4.87
CA SER B 2195 25.02 -24.99 -5.06
C SER B 2195 25.73 -24.09 -4.07
N VAL B 2196 26.01 -22.86 -4.48
CA VAL B 2196 26.67 -21.90 -3.62
C VAL B 2196 25.77 -21.49 -2.46
N TYR B 2197 24.46 -21.49 -2.67
CA TYR B 2197 23.52 -21.08 -1.62
C TYR B 2197 23.55 -22.01 -0.42
N SER B 2198 24.05 -23.24 -0.57
CA SER B 2198 24.13 -24.15 0.55
C SER B 2198 25.28 -23.80 1.51
N LEU B 2199 26.15 -22.87 1.13
CA LEU B 2199 27.31 -22.53 1.93
C LEU B 2199 27.10 -21.32 2.83
N TYR B 2200 26.08 -20.50 2.54
CA TYR B 2200 25.94 -19.23 3.24
C TYR B 2200 25.69 -19.38 4.74
N PRO B 2201 24.76 -20.22 5.22
CA PRO B 2201 24.57 -20.32 6.68
C PRO B 2201 25.82 -20.76 7.43
N THR B 2202 26.56 -21.73 6.88
CA THR B 2202 27.79 -22.17 7.51
C THR B 2202 28.82 -21.05 7.54
N LEU B 2203 28.93 -20.29 6.45
CA LEU B 2203 29.86 -19.17 6.42
C LEU B 2203 29.49 -18.12 7.45
N SER B 2204 28.20 -17.81 7.58
CA SER B 2204 27.76 -16.82 8.56
C SER B 2204 28.06 -17.29 9.98
N ARG B 2205 27.78 -18.55 10.28
CA ARG B 2205 28.05 -19.08 11.61
C ARG B 2205 29.55 -19.08 11.92
N LEU B 2206 30.37 -19.45 10.92
CA LEU B 2206 31.81 -19.44 11.12
C LEU B 2206 32.33 -18.02 11.35
N GLN B 2207 31.78 -17.04 10.61
CA GLN B 2207 32.18 -15.65 10.82
C GLN B 2207 31.81 -15.19 12.22
N ALA B 2208 30.61 -15.54 12.69
CA ALA B 2208 30.21 -15.16 14.04
C ALA B 2208 31.13 -15.78 15.09
N ILE B 2209 31.48 -17.06 14.91
CA ILE B 2209 32.40 -17.72 15.84
C ILE B 2209 33.76 -17.04 15.84
N GLY B 2210 34.26 -16.70 14.65
CA GLY B 2210 35.55 -16.02 14.56
C GLY B 2210 35.54 -14.66 15.22
N GLU B 2211 34.46 -13.90 15.02
CA GLU B 2211 34.36 -12.59 15.66
C GLU B 2211 34.32 -12.72 17.18
N LEU B 2212 33.58 -13.70 17.69
CA LEU B 2212 33.55 -13.91 19.14
C LEU B 2212 34.93 -14.30 19.66
N GLU B 2213 35.64 -15.16 18.93
CA GLU B 2213 36.99 -15.55 19.34
C GLU B 2213 37.94 -14.36 19.35
N SER B 2214 37.83 -13.50 18.35
CA SER B 2214 38.66 -12.29 18.32
C SER B 2214 38.32 -11.36 19.48
N ILE B 2215 37.03 -11.26 19.83
CA ILE B 2215 36.63 -10.42 20.95
C ILE B 2215 37.17 -10.96 22.27
N GLY B 2216 37.23 -12.28 22.42
CA GLY B 2216 37.63 -12.86 23.69
C GLY B 2216 38.98 -12.35 24.20
N GLU B 2217 39.85 -11.94 23.27
CA GLU B 2217 41.15 -11.40 23.66
C GLU B 2217 40.99 -10.12 24.48
N LEU B 2218 40.04 -9.26 24.11
CA LEU B 2218 39.81 -8.03 24.85
C LEU B 2218 39.43 -8.32 26.29
N PHE B 2219 38.56 -9.32 26.51
CA PHE B 2219 38.26 -9.73 27.87
C PHE B 2219 39.49 -10.31 28.57
N SER B 2220 40.32 -11.04 27.82
CA SER B 2220 41.50 -11.67 28.42
C SER B 2220 42.46 -10.63 28.97
N ARG B 2221 42.70 -9.56 28.21
CA ARG B 2221 43.68 -8.56 28.59
C ARG B 2221 43.00 -7.27 29.04
N SER B 2222 43.81 -6.24 29.29
CA SER B 2222 43.29 -4.94 29.67
C SER B 2222 42.74 -4.23 28.44
N VAL B 2223 41.53 -3.67 28.56
CA VAL B 2223 40.86 -3.05 27.43
C VAL B 2223 41.35 -1.61 27.28
N THR B 2224 41.70 -1.22 26.07
CA THR B 2224 42.10 0.14 25.75
C THR B 2224 41.19 0.70 24.67
N HIS B 2225 41.17 2.04 24.57
CA HIS B 2225 40.33 2.70 23.59
C HIS B 2225 40.74 2.35 22.16
N ARG B 2226 42.05 2.30 21.90
CA ARG B 2226 42.52 2.01 20.55
C ARG B 2226 42.12 0.62 20.11
N GLN B 2227 42.21 -0.36 21.01
CA GLN B 2227 41.84 -1.73 20.65
C GLN B 2227 40.37 -1.83 20.32
N LEU B 2228 39.50 -1.20 21.13
CA LEU B 2228 38.07 -1.23 20.83
C LEU B 2228 37.76 -0.51 19.52
N SER B 2229 38.42 0.62 19.29
CA SER B 2229 38.19 1.37 18.05
C SER B 2229 38.59 0.54 16.83
N GLU B 2230 39.75 -0.12 16.89
CA GLU B 2230 40.18 -0.93 15.75
C GLU B 2230 39.32 -2.17 15.58
N VAL B 2231 38.81 -2.73 16.68
CA VAL B 2231 37.87 -3.86 16.56
C VAL B 2231 36.60 -3.41 15.86
N TYR B 2232 36.08 -2.24 16.22
CA TYR B 2232 34.89 -1.73 15.55
C TYR B 2232 35.18 -1.41 14.09
N ILE B 2233 36.37 -0.92 13.79
CA ILE B 2233 36.75 -0.65 12.40
C ILE B 2233 36.78 -1.95 11.59
N LYS B 2234 37.34 -3.01 12.16
CA LYS B 2234 37.36 -4.30 11.49
C LYS B 2234 35.94 -4.82 11.28
N TRP B 2235 35.07 -4.66 12.29
CA TRP B 2235 33.69 -5.08 12.14
C TRP B 2235 33.00 -4.33 11.00
N GLN B 2236 33.22 -3.01 10.92
CA GLN B 2236 32.60 -2.23 9.86
C GLN B 2236 33.14 -2.63 8.49
N LYS B 2237 34.45 -2.91 8.40
CA LYS B 2237 35.01 -3.38 7.15
C LYS B 2237 34.38 -4.71 6.71
N HIS B 2238 34.24 -5.64 7.65
CA HIS B 2238 33.67 -6.94 7.31
C HIS B 2238 32.20 -6.82 6.95
N SER B 2239 31.47 -5.91 7.59
CA SER B 2239 30.08 -5.68 7.24
C SER B 2239 29.97 -5.00 5.88
N GLN B 2240 30.96 -4.19 5.52
CA GLN B 2240 31.01 -3.62 4.17
C GLN B 2240 31.26 -4.72 3.14
N LEU B 2241 32.06 -5.73 3.50
CA LEU B 2241 32.26 -6.86 2.61
C LEU B 2241 30.97 -7.63 2.36
N LEU B 2242 30.02 -7.55 3.29
CA LEU B 2242 28.73 -8.26 3.19
C LEU B 2242 27.61 -7.36 2.71
N LYS B 2243 27.90 -6.43 1.79
CA LYS B 2243 26.89 -5.46 1.36
C LYS B 2243 25.71 -6.14 0.69
N ASP B 2244 25.98 -7.09 -0.21
CA ASP B 2244 24.93 -7.72 -1.00
C ASP B 2244 24.40 -9.01 -0.37
N SER B 2245 24.89 -9.39 0.81
CA SER B 2245 24.39 -10.59 1.46
C SER B 2245 22.95 -10.41 1.90
N ASP B 2246 22.22 -11.52 1.94
CA ASP B 2246 20.83 -11.48 2.38
C ASP B 2246 20.76 -11.18 3.88
N PHE B 2247 19.64 -10.57 4.29
CA PHE B 2247 19.47 -10.20 5.69
C PHE B 2247 19.49 -11.42 6.61
N SER B 2248 19.03 -12.57 6.10
CA SER B 2248 19.01 -13.79 6.91
C SER B 2248 20.41 -14.23 7.32
N PHE B 2249 21.45 -13.76 6.63
CA PHE B 2249 22.82 -14.10 6.98
C PHE B 2249 23.54 -12.99 7.73
N GLN B 2250 23.18 -11.73 7.49
CA GLN B 2250 23.79 -10.62 8.21
C GLN B 2250 23.22 -10.48 9.62
N GLU B 2251 21.92 -10.74 9.79
CA GLU B 2251 21.23 -10.46 11.05
C GLU B 2251 21.80 -11.23 12.24
N PRO B 2252 22.08 -12.54 12.17
CA PRO B 2252 22.68 -13.21 13.33
C PRO B 2252 24.02 -12.64 13.73
N ILE B 2253 24.83 -12.19 12.76
CA ILE B 2253 26.11 -11.58 13.08
C ILE B 2253 25.90 -10.30 13.87
N MET B 2254 24.94 -9.48 13.45
CA MET B 2254 24.64 -8.24 14.18
C MET B 2254 24.11 -8.55 15.58
N ALA B 2255 23.29 -9.59 15.71
CA ALA B 2255 22.78 -9.98 17.02
C ALA B 2255 23.93 -10.39 17.95
N LEU B 2256 24.87 -11.19 17.43
CA LEU B 2256 26.01 -11.57 18.24
C LEU B 2256 26.86 -10.34 18.60
N ARG B 2257 27.00 -9.41 17.65
CA ARG B 2257 27.77 -8.20 17.92
C ARG B 2257 27.16 -7.38 19.05
N THR B 2258 25.84 -7.18 19.01
CA THR B 2258 25.21 -6.38 20.05
C THR B 2258 25.21 -7.10 21.40
N VAL B 2259 25.05 -8.42 21.41
CA VAL B 2259 25.15 -9.16 22.67
C VAL B 2259 26.56 -9.03 23.25
N ILE B 2260 27.58 -9.15 22.40
CA ILE B 2260 28.96 -9.01 22.84
C ILE B 2260 29.20 -7.62 23.43
N LEU B 2261 28.71 -6.59 22.73
CA LEU B 2261 28.90 -5.22 23.20
C LEU B 2261 28.20 -4.99 24.53
N GLU B 2262 26.98 -5.53 24.68
CA GLU B 2262 26.27 -5.38 25.94
C GLU B 2262 27.01 -6.07 27.07
N ILE B 2263 27.52 -7.28 26.84
CA ILE B 2263 28.28 -7.98 27.86
C ILE B 2263 29.53 -7.21 28.24
N LEU B 2264 30.25 -6.70 27.24
CA LEU B 2264 31.47 -5.94 27.52
C LEU B 2264 31.18 -4.68 28.31
N MET B 2265 30.09 -3.98 27.97
CA MET B 2265 29.69 -2.81 28.74
C MET B 2265 29.34 -3.19 30.17
N GLU B 2266 28.64 -4.31 30.35
CA GLU B 2266 28.26 -4.74 31.69
C GLU B 2266 29.47 -5.06 32.55
N LYS B 2267 30.46 -5.74 31.97
CA LYS B 2267 31.64 -6.16 32.72
C LYS B 2267 32.82 -5.21 32.58
N GLU B 2268 32.56 -3.91 32.41
CA GLU B 2268 33.66 -2.96 32.26
C GLU B 2268 34.21 -2.51 33.61
N MET B 2269 33.34 -2.04 34.50
CA MET B 2269 33.75 -1.52 35.82
C MET B 2269 34.77 -0.39 35.70
N ASP B 2270 34.55 0.52 34.75
CA ASP B 2270 35.41 1.69 34.58
C ASP B 2270 34.63 2.76 33.84
N ASN B 2271 34.51 3.94 34.46
CA ASN B 2271 33.71 5.01 33.86
C ASN B 2271 34.35 5.54 32.60
N SER B 2272 35.69 5.57 32.53
CA SER B 2272 36.37 6.14 31.37
C SER B 2272 36.06 5.35 30.11
N GLN B 2273 36.19 4.02 30.17
CA GLN B 2273 35.92 3.18 29.01
C GLN B 2273 34.44 2.88 28.83
N ARG B 2274 33.62 3.13 29.86
CA ARG B 2274 32.19 2.90 29.73
C ARG B 2274 31.58 3.78 28.66
N GLU B 2275 32.00 5.05 28.59
CA GLU B 2275 31.49 5.94 27.56
C GLU B 2275 31.90 5.47 26.16
N CYS B 2276 33.14 4.98 26.02
CA CYS B 2276 33.59 4.48 24.72
C CYS B 2276 32.77 3.26 24.29
N ILE B 2277 32.55 2.33 25.21
CA ILE B 2277 31.75 1.15 24.87
C ILE B 2277 30.31 1.54 24.56
N LYS B 2278 29.77 2.52 25.28
CA LYS B 2278 28.42 3.00 25.00
C LYS B 2278 28.32 3.63 23.62
N ASP B 2279 29.33 4.42 23.24
CA ASP B 2279 29.34 5.02 21.91
C ASP B 2279 29.44 3.95 20.83
N ILE B 2280 30.28 2.94 21.05
CA ILE B 2280 30.41 1.85 20.08
C ILE B 2280 29.08 1.12 19.93
N LEU B 2281 28.42 0.84 21.06
CA LEU B 2281 27.13 0.16 21.02
C LEU B 2281 26.07 1.00 20.31
N THR B 2282 26.07 2.31 20.56
CA THR B 2282 25.11 3.19 19.89
C THR B 2282 25.34 3.20 18.39
N LYS B 2283 26.60 3.30 17.96
CA LYS B 2283 26.89 3.27 16.52
C LYS B 2283 26.47 1.93 15.91
N HIS B 2284 26.76 0.83 16.60
CA HIS B 2284 26.38 -0.49 16.08
C HIS B 2284 24.87 -0.63 15.96
N LEU B 2285 24.13 -0.12 16.96
CA LEU B 2285 22.68 -0.23 16.91
C LEU B 2285 22.08 0.68 15.84
N VAL B 2286 22.66 1.86 15.62
CA VAL B 2286 22.21 2.70 14.52
C VAL B 2286 22.44 2.01 13.18
N GLU B 2287 23.61 1.39 13.02
CA GLU B 2287 23.90 0.64 11.80
C GLU B 2287 22.93 -0.52 11.63
N LEU B 2288 22.61 -1.22 12.71
CA LEU B 2288 21.64 -2.31 12.64
C LEU B 2288 20.26 -1.80 12.23
N SER B 2289 19.85 -0.66 12.78
CA SER B 2289 18.56 -0.08 12.39
C SER B 2289 18.55 0.27 10.91
N ILE B 2290 19.62 0.87 10.41
CA ILE B 2290 19.68 1.21 8.99
C ILE B 2290 19.63 -0.04 8.13
N LEU B 2291 20.38 -1.08 8.53
CA LEU B 2291 20.40 -2.32 7.77
C LEU B 2291 19.02 -2.97 7.74
N ALA B 2292 18.34 -3.00 8.89
CA ALA B 2292 17.01 -3.58 8.93
C ALA B 2292 16.02 -2.77 8.10
N ARG B 2293 16.17 -1.44 8.10
CA ARG B 2293 15.30 -0.61 7.27
C ARG B 2293 15.53 -0.85 5.79
N THR B 2294 16.78 -1.12 5.40
CA THR B 2294 17.06 -1.37 3.99
C THR B 2294 16.39 -2.65 3.49
N PHE B 2295 16.07 -3.56 4.39
CA PHE B 2295 15.39 -4.81 4.04
C PHE B 2295 13.90 -4.77 4.36
N LYS B 2296 13.33 -3.58 4.53
CA LYS B 2296 11.90 -3.40 4.79
C LYS B 2296 11.45 -4.14 6.05
N ASN B 2297 12.29 -4.08 7.09
CA ASN B 2297 11.96 -4.63 8.39
C ASN B 2297 11.69 -3.47 9.36
N THR B 2298 10.58 -3.56 10.10
CA THR B 2298 10.12 -2.45 10.92
C THR B 2298 10.15 -2.71 12.42
N GLN B 2299 10.37 -3.95 12.84
CA GLN B 2299 10.38 -4.25 14.28
C GLN B 2299 11.78 -4.19 14.86
N LEU B 2300 12.76 -4.75 14.13
CA LEU B 2300 14.14 -4.69 14.59
C LEU B 2300 14.66 -3.26 14.76
N PRO B 2301 14.41 -2.32 13.83
CA PRO B 2301 14.84 -0.94 14.10
C PRO B 2301 14.22 -0.35 15.35
N GLU B 2302 12.95 -0.65 15.62
CA GLU B 2302 12.32 -0.15 16.84
C GLU B 2302 12.97 -0.75 18.08
N ARG B 2303 13.27 -2.05 18.04
CA ARG B 2303 13.95 -2.68 19.17
C ARG B 2303 15.33 -2.07 19.40
N ALA B 2304 16.07 -1.81 18.32
CA ALA B 2304 17.38 -1.19 18.44
C ALA B 2304 17.28 0.21 19.02
N ILE B 2305 16.28 0.98 18.58
CA ILE B 2305 16.08 2.33 19.13
C ILE B 2305 15.74 2.26 20.61
N PHE B 2306 14.91 1.27 21.00
CA PHE B 2306 14.59 1.11 22.41
C PHE B 2306 15.84 0.77 23.22
N GLN B 2307 16.70 -0.09 22.70
CA GLN B 2307 17.94 -0.41 23.41
C GLN B 2307 18.85 0.80 23.52
N ILE B 2308 18.91 1.60 22.45
CA ILE B 2308 19.71 2.83 22.49
C ILE B 2308 19.19 3.76 23.57
N LYS B 2309 17.87 3.94 23.64
CA LYS B 2309 17.28 4.80 24.66
C LYS B 2309 17.57 4.27 26.05
N GLN B 2310 17.52 2.94 26.22
CA GLN B 2310 17.79 2.36 27.53
C GLN B 2310 19.23 2.60 27.95
N TYR B 2311 20.18 2.41 27.04
CA TYR B 2311 21.59 2.61 27.39
C TYR B 2311 21.95 4.09 27.44
N ASN B 2312 21.40 4.90 26.55
CA ASN B 2312 21.74 6.32 26.46
C ASN B 2312 20.61 7.14 27.08
N SER B 2313 20.73 7.37 28.39
CA SER B 2313 19.82 8.29 29.08
C SER B 2313 20.22 9.72 28.70
N VAL B 2314 19.57 10.24 27.66
CA VAL B 2314 19.97 11.51 27.06
C VAL B 2314 19.07 12.62 27.59
N SER B 2315 19.70 13.65 28.16
CA SER B 2315 19.00 14.86 28.57
C SER B 2315 19.31 16.05 27.68
N CYS B 2316 20.39 15.99 26.89
CA CYS B 2316 20.69 17.07 25.97
C CYS B 2316 19.64 17.18 24.88
N GLY B 2317 19.09 16.06 24.43
CA GLY B 2317 18.04 16.06 23.44
C GLY B 2317 18.49 16.08 21.99
N VAL B 2318 19.79 16.11 21.73
CA VAL B 2318 20.32 16.13 20.37
C VAL B 2318 21.31 14.99 20.22
N SER B 2319 21.07 14.13 19.23
CA SER B 2319 21.98 13.03 18.93
C SER B 2319 21.63 12.47 17.56
N GLU B 2320 22.58 11.71 17.00
CA GLU B 2320 22.35 11.09 15.70
C GLU B 2320 21.30 9.98 15.79
N TRP B 2321 21.31 9.22 16.89
CA TRP B 2321 20.34 8.15 17.03
C TRP B 2321 18.90 8.66 17.11
N GLN B 2322 18.71 9.91 17.54
CA GLN B 2322 17.37 10.51 17.48
C GLN B 2322 16.94 10.72 16.03
N LEU B 2323 17.86 11.14 15.17
CA LEU B 2323 17.56 11.22 13.74
C LEU B 2323 17.28 9.85 13.17
N GLU B 2324 18.03 8.83 13.61
CA GLU B 2324 17.74 7.46 13.16
C GLU B 2324 16.36 7.01 13.62
N GLU B 2325 15.97 7.37 14.84
CA GLU B 2325 14.64 7.04 15.34
C GLU B 2325 13.56 7.73 14.50
N ALA B 2326 13.79 8.99 14.13
CA ALA B 2326 12.85 9.69 13.26
C ALA B 2326 12.73 8.99 11.92
N GLN B 2327 13.85 8.55 11.34
CA GLN B 2327 13.82 7.82 10.09
C GLN B 2327 13.04 6.51 10.23
N VAL B 2328 13.25 5.81 11.35
CA VAL B 2328 12.54 4.56 11.59
C VAL B 2328 11.05 4.79 11.70
N PHE B 2329 10.64 5.83 12.43
CA PHE B 2329 9.21 6.13 12.54
C PHE B 2329 8.63 6.52 11.20
N TRP B 2330 9.40 7.22 10.37
CA TRP B 2330 8.94 7.53 9.02
C TRP B 2330 8.77 6.27 8.19
N ALA B 2331 9.69 5.31 8.34
CA ALA B 2331 9.61 4.06 7.59
C ALA B 2331 8.39 3.23 7.96
N LYS B 2332 7.80 3.45 9.13
CA LYS B 2332 6.62 2.72 9.57
C LYS B 2332 5.32 3.42 9.17
N LYS B 2333 5.39 4.37 8.24
CA LYS B 2333 4.23 5.13 7.78
C LYS B 2333 3.54 5.85 8.92
N GLU B 2334 4.32 6.36 9.86
CA GLU B 2334 3.84 7.25 10.91
C GLU B 2334 4.55 8.58 10.71
N GLN B 2335 3.98 9.41 9.83
CA GLN B 2335 4.65 10.64 9.41
C GLN B 2335 4.55 11.73 10.46
N SER B 2336 3.41 11.84 11.15
CA SER B 2336 3.23 12.90 12.12
C SER B 2336 4.20 12.77 13.29
N LEU B 2337 4.38 11.55 13.80
CA LEU B 2337 5.29 11.36 14.93
C LEU B 2337 6.73 11.64 14.54
N ALA B 2338 7.16 11.16 13.38
CA ALA B 2338 8.53 11.41 12.93
C ALA B 2338 8.76 12.90 12.70
N LEU B 2339 7.79 13.59 12.10
CA LEU B 2339 7.93 15.02 11.87
C LEU B 2339 7.98 15.78 13.18
N SER B 2340 7.17 15.38 14.17
CA SER B 2340 7.22 16.03 15.46
C SER B 2340 8.56 15.83 16.14
N ILE B 2341 9.10 14.61 16.09
CA ILE B 2341 10.41 14.34 16.68
C ILE B 2341 11.48 15.20 16.01
N LEU B 2342 11.46 15.25 14.68
CA LEU B 2342 12.49 15.98 13.95
C LEU B 2342 12.37 17.49 14.20
N LYS B 2343 11.14 18.01 14.26
CA LYS B 2343 10.97 19.43 14.54
C LYS B 2343 11.39 19.78 15.96
N GLN B 2344 11.12 18.90 16.92
CA GLN B 2344 11.60 19.13 18.28
C GLN B 2344 13.12 19.14 18.33
N MET B 2345 13.76 18.21 17.62
CA MET B 2345 15.22 18.19 17.58
C MET B 2345 15.78 19.45 16.94
N ILE B 2346 15.14 19.91 15.85
CA ILE B 2346 15.59 21.12 15.17
C ILE B 2346 15.44 22.32 16.09
N LYS B 2347 14.31 22.41 16.80
CA LYS B 2347 14.10 23.52 17.73
C LYS B 2347 15.14 23.51 18.84
N LYS B 2348 15.44 22.32 19.39
CA LYS B 2348 16.45 22.23 20.44
C LYS B 2348 17.83 22.65 19.92
N LEU B 2349 18.18 22.20 18.71
CA LEU B 2349 19.45 22.59 18.12
C LEU B 2349 19.53 24.09 17.90
N ASP B 2350 18.45 24.70 17.40
CA ASP B 2350 18.46 26.13 17.12
C ASP B 2350 18.52 26.94 18.40
N ALA B 2351 17.81 26.50 19.44
CA ALA B 2351 17.74 27.29 20.67
C ALA B 2351 18.96 27.08 21.55
N SER B 2352 19.19 25.84 22.00
CA SER B 2352 20.25 25.56 22.96
C SER B 2352 21.63 25.66 22.31
N CYS B 2353 21.90 24.82 21.32
CA CYS B 2353 23.19 24.82 20.65
C CYS B 2353 23.18 25.83 19.51
N ALA B 2354 24.20 25.79 18.66
CA ALA B 2354 24.29 26.68 17.51
C ALA B 2354 25.08 25.99 16.41
N ALA B 2355 24.98 26.54 15.21
CA ALA B 2355 25.70 25.99 14.06
C ALA B 2355 27.20 26.19 14.17
N ASN B 2356 27.66 27.03 15.09
CA ASN B 2356 29.10 27.26 15.23
C ASN B 2356 29.83 26.03 15.74
N ASN B 2357 29.13 25.17 16.47
CA ASN B 2357 29.75 23.96 17.01
C ASN B 2357 30.00 22.97 15.87
N PRO B 2358 31.24 22.59 15.60
CA PRO B 2358 31.49 21.63 14.51
C PRO B 2358 30.93 20.25 14.77
N SER B 2359 30.80 19.85 16.04
CA SER B 2359 30.35 18.49 16.36
C SER B 2359 28.92 18.27 15.91
N LEU B 2360 28.03 19.23 16.15
CA LEU B 2360 26.62 19.09 15.85
C LEU B 2360 26.20 19.78 14.56
N LYS B 2361 27.14 20.32 13.79
CA LYS B 2361 26.78 21.00 12.55
C LYS B 2361 26.22 20.02 11.53
N LEU B 2362 26.86 18.85 11.39
CA LEU B 2362 26.38 17.86 10.43
C LEU B 2362 24.99 17.36 10.79
N THR B 2363 24.77 17.08 12.08
CA THR B 2363 23.46 16.62 12.53
C THR B 2363 22.40 17.69 12.28
N TYR B 2364 22.72 18.94 12.57
CA TYR B 2364 21.77 20.04 12.33
C TYR B 2364 21.43 20.13 10.85
N THR B 2365 22.45 20.11 9.99
CA THR B 2365 22.20 20.21 8.55
C THR B 2365 21.35 19.05 8.05
N GLU B 2366 21.68 17.83 8.46
CA GLU B 2366 20.93 16.67 7.98
C GLU B 2366 19.51 16.68 8.51
N CYS B 2367 19.30 17.09 9.76
CA CYS B 2367 17.94 17.18 10.30
C CYS B 2367 17.12 18.20 9.53
N LEU B 2368 17.70 19.37 9.26
CA LEU B 2368 16.98 20.39 8.51
C LEU B 2368 16.63 19.90 7.11
N ARG B 2369 17.58 19.26 6.44
CA ARG B 2369 17.34 18.77 5.09
C ARG B 2369 16.25 17.70 5.06
N VAL B 2370 16.33 16.75 6.01
CA VAL B 2370 15.36 15.66 6.05
C VAL B 2370 13.97 16.20 6.38
N CYS B 2371 13.88 17.14 7.33
CA CYS B 2371 12.59 17.73 7.66
C CYS B 2371 11.99 18.47 6.47
N GLY B 2372 12.82 19.24 5.75
CA GLY B 2372 12.32 19.91 4.57
C GLY B 2372 11.81 18.95 3.51
N ASN B 2373 12.57 17.88 3.27
CA ASN B 2373 12.15 16.89 2.27
C ASN B 2373 10.86 16.19 2.70
N TRP B 2374 10.74 15.85 3.97
CA TRP B 2374 9.52 15.19 4.46
C TRP B 2374 8.31 16.11 4.35
N LEU B 2375 8.49 17.38 4.70
CA LEU B 2375 7.38 18.33 4.59
C LEU B 2375 7.00 18.55 3.13
N ALA B 2376 7.98 18.55 2.23
CA ALA B 2376 7.67 18.63 0.81
C ALA B 2376 6.89 17.41 0.34
N GLU B 2377 7.27 16.22 0.83
CA GLU B 2377 6.58 15.00 0.43
C GLU B 2377 5.14 14.99 0.93
N THR B 2378 4.93 15.30 2.21
CA THR B 2378 3.60 15.24 2.81
C THR B 2378 2.71 16.40 2.40
N CYS B 2379 3.26 17.44 1.78
CA CYS B 2379 2.53 18.66 1.40
C CYS B 2379 1.89 19.34 2.61
N LEU B 2380 2.43 19.11 3.80
CA LEU B 2380 1.89 19.73 5.00
C LEU B 2380 2.21 21.21 5.05
N GLU B 2381 3.36 21.61 4.53
CA GLU B 2381 3.82 22.99 4.59
C GLU B 2381 3.92 23.57 3.19
N ASN B 2382 3.72 24.88 3.09
CA ASN B 2382 3.80 25.55 1.80
C ASN B 2382 5.25 25.65 1.34
N PRO B 2383 5.47 25.77 0.02
CA PRO B 2383 6.86 25.79 -0.49
C PRO B 2383 7.69 26.93 0.06
N ALA B 2384 7.09 28.09 0.33
CA ALA B 2384 7.87 29.24 0.80
C ALA B 2384 8.53 28.95 2.14
N VAL B 2385 7.77 28.42 3.10
CA VAL B 2385 8.33 28.12 4.41
C VAL B 2385 9.33 26.98 4.33
N ILE B 2386 9.05 25.99 3.48
CA ILE B 2386 9.98 24.87 3.31
C ILE B 2386 11.32 25.37 2.79
N MET B 2387 11.28 26.26 1.79
CA MET B 2387 12.52 26.79 1.23
C MET B 2387 13.25 27.68 2.22
N GLN B 2388 12.54 28.60 2.87
CA GLN B 2388 13.19 29.62 3.68
C GLN B 2388 13.68 29.07 5.02
N THR B 2389 12.96 28.10 5.59
CA THR B 2389 13.21 27.68 6.97
C THR B 2389 14.03 26.40 7.07
N TYR B 2390 13.97 25.52 6.08
CA TYR B 2390 14.56 24.20 6.20
C TYR B 2390 15.70 23.95 5.22
N LEU B 2391 15.48 24.15 3.92
CA LEU B 2391 16.48 23.78 2.93
C LEU B 2391 17.57 24.83 2.81
N GLU B 2392 17.18 26.09 2.62
CA GLU B 2392 18.18 27.16 2.60
C GLU B 2392 18.90 27.28 3.92
N LYS B 2393 18.18 27.06 5.03
CA LYS B 2393 18.83 27.03 6.34
C LYS B 2393 19.86 25.91 6.43
N ALA B 2394 19.52 24.73 5.90
CA ALA B 2394 20.46 23.61 5.90
C ALA B 2394 21.69 23.94 5.08
N VAL B 2395 21.51 24.56 3.92
CA VAL B 2395 22.64 24.95 3.09
C VAL B 2395 23.52 25.97 3.82
N GLU B 2396 22.88 26.96 4.47
CA GLU B 2396 23.63 27.99 5.18
C GLU B 2396 24.42 27.42 6.35
N VAL B 2397 23.82 26.49 7.10
CA VAL B 2397 24.49 25.92 8.27
C VAL B 2397 25.75 25.17 7.85
N ALA B 2398 25.66 24.38 6.79
CA ALA B 2398 26.80 23.60 6.31
C ALA B 2398 27.87 24.51 5.71
N SER B 2406 37.66 16.23 6.28
CA SER B 2406 36.27 16.65 6.45
C SER B 2406 35.39 16.09 5.34
N ASP B 2407 35.46 14.76 5.15
CA ASP B 2407 34.65 14.12 4.11
C ASP B 2407 33.17 14.13 4.49
N GLU B 2408 32.86 13.97 5.77
CA GLU B 2408 31.46 13.99 6.20
C GLU B 2408 30.81 15.35 5.93
N LEU B 2409 31.54 16.43 6.23
CA LEU B 2409 31.01 17.76 5.94
C LEU B 2409 30.79 17.95 4.45
N ARG B 2410 31.73 17.46 3.63
CA ARG B 2410 31.59 17.58 2.18
C ARG B 2410 30.36 16.82 1.68
N ASN B 2411 30.14 15.61 2.21
CA ASN B 2411 28.98 14.83 1.82
C ASN B 2411 27.68 15.51 2.25
N GLY B 2412 27.65 16.06 3.46
CA GLY B 2412 26.47 16.78 3.91
C GLY B 2412 26.19 18.01 3.08
N LYS B 2413 27.25 18.74 2.70
CA LYS B 2413 27.08 19.89 1.81
C LYS B 2413 26.53 19.46 0.47
N MET B 2414 27.04 18.35 -0.08
CA MET B 2414 26.52 17.85 -1.36
C MET B 2414 25.04 17.50 -1.26
N LYS B 2415 24.65 16.82 -0.18
CA LYS B 2415 23.25 16.44 -0.03
C LYS B 2415 22.35 17.66 0.13
N ALA B 2416 22.78 18.65 0.92
CA ALA B 2416 21.99 19.87 1.10
C ALA B 2416 21.86 20.63 -0.21
N PHE B 2417 22.95 20.75 -0.96
CA PHE B 2417 22.90 21.43 -2.26
C PHE B 2417 21.94 20.71 -3.20
N LEU B 2418 22.01 19.38 -3.24
CA LEU B 2418 21.12 18.63 -4.12
C LEU B 2418 19.66 18.82 -3.72
N SER B 2419 19.37 18.79 -2.42
CA SER B 2419 17.98 18.96 -1.98
C SER B 2419 17.45 20.35 -2.35
N LEU B 2420 18.25 21.38 -2.09
CA LEU B 2420 17.82 22.73 -2.43
C LEU B 2420 17.62 22.89 -3.94
N ALA B 2421 18.55 22.33 -4.73
CA ALA B 2421 18.42 22.40 -6.18
C ALA B 2421 17.16 21.68 -6.66
N ARG B 2422 16.87 20.51 -6.07
CA ARG B 2422 15.69 19.75 -6.48
C ARG B 2422 14.41 20.52 -6.16
N PHE B 2423 14.34 21.13 -4.98
CA PHE B 2423 13.14 21.91 -4.64
C PHE B 2423 12.99 23.12 -5.55
N SER B 2424 14.08 23.84 -5.81
CA SER B 2424 14.01 24.99 -6.70
C SER B 2424 13.60 24.58 -8.11
N ASP B 2425 14.14 23.46 -8.59
CA ASP B 2425 13.76 22.95 -9.91
C ASP B 2425 12.29 22.56 -9.93
N THR B 2426 11.79 21.97 -8.85
CA THR B 2426 10.37 21.62 -8.77
C THR B 2426 9.50 22.87 -8.89
N GLN B 2427 9.84 23.92 -8.15
CA GLN B 2427 9.06 25.16 -8.21
C GLN B 2427 9.14 25.78 -9.60
N TYR B 2428 10.34 25.80 -10.20
CA TYR B 2428 10.51 26.38 -11.53
C TYR B 2428 9.70 25.59 -12.57
N GLN B 2429 9.71 24.26 -12.46
CA GLN B 2429 8.95 23.44 -13.39
C GLN B 2429 7.46 23.63 -13.19
N ARG B 2430 7.00 23.83 -11.95
CA ARG B 2430 5.60 24.13 -11.71
C ARG B 2430 5.21 25.43 -12.40
N ILE B 2431 6.02 26.49 -12.28
CA ILE B 2431 5.70 27.79 -12.92
C ILE B 2431 5.79 27.68 -14.44
N GLU B 2432 6.71 26.87 -14.97
CA GLU B 2432 6.77 26.67 -16.42
C GLU B 2432 5.56 25.89 -16.93
N ASN B 2433 5.15 24.85 -16.20
CA ASN B 2433 3.97 24.08 -16.60
C ASN B 2433 2.72 24.95 -16.56
N TYR B 2434 2.58 25.79 -15.53
CA TYR B 2434 1.43 26.70 -15.49
C TYR B 2434 1.46 27.66 -16.66
N MET B 2435 2.65 28.17 -17.01
CA MET B 2435 2.76 29.10 -18.14
C MET B 2435 2.40 28.40 -19.46
N LYS B 2436 2.78 27.14 -19.60
CA LYS B 2436 2.45 26.37 -20.80
C LYS B 2436 1.09 25.68 -20.71
N SER B 2437 0.39 25.79 -19.59
CA SER B 2437 -0.87 25.08 -19.42
C SER B 2437 -1.96 25.69 -20.30
N SER B 2438 -3.00 24.90 -20.53
CA SER B 2438 -4.13 25.37 -21.33
C SER B 2438 -5.00 26.35 -20.55
N GLU B 2439 -5.02 26.26 -19.22
CA GLU B 2439 -5.80 27.20 -18.42
C GLU B 2439 -5.28 28.62 -18.59
N PHE B 2440 -3.95 28.78 -18.62
CA PHE B 2440 -3.37 30.09 -18.83
C PHE B 2440 -3.74 30.63 -20.21
N GLU B 2441 -3.72 29.78 -21.23
CA GLU B 2441 -4.12 30.20 -22.57
C GLU B 2441 -5.58 30.62 -22.60
N ASN B 2442 -6.44 29.86 -21.92
CA ASN B 2442 -7.86 30.20 -21.86
C ASN B 2442 -8.06 31.54 -21.17
N LYS B 2443 -7.35 31.79 -20.07
CA LYS B 2443 -7.46 33.07 -19.38
C LYS B 2443 -7.00 34.21 -20.26
N GLN B 2444 -5.88 34.03 -20.96
CA GLN B 2444 -5.39 35.08 -21.85
C GLN B 2444 -6.38 35.36 -22.98
N ALA B 2445 -6.95 34.30 -23.56
CA ALA B 2445 -7.92 34.48 -24.65
C ALA B 2445 -9.18 35.18 -24.14
N LEU B 2446 -9.65 34.81 -22.94
CA LEU B 2446 -10.83 35.44 -22.37
C LEU B 2446 -10.58 36.92 -22.11
N LEU B 2447 -9.38 37.25 -21.62
CA LEU B 2447 -9.06 38.65 -21.40
C LEU B 2447 -9.02 39.45 -22.69
N LYS B 2448 -8.64 38.82 -23.80
CA LYS B 2448 -8.58 39.53 -25.08
C LYS B 2448 -9.95 40.01 -25.51
N ARG B 2449 -10.99 39.19 -25.34
CA ARG B 2449 -12.34 39.56 -25.72
C ARG B 2449 -12.89 40.64 -24.80
N GLN B 2472 -9.89 49.13 -18.45
CA GLN B 2472 -8.73 48.41 -18.97
C GLN B 2472 -7.74 48.07 -17.85
N ARG B 2473 -8.19 48.23 -16.61
CA ARG B 2473 -7.35 47.89 -15.47
C ARG B 2473 -7.04 46.39 -15.40
N GLU B 2474 -7.91 45.56 -15.99
CA GLU B 2474 -7.65 44.13 -16.03
C GLU B 2474 -6.38 43.81 -16.81
N LEU B 2475 -6.15 44.53 -17.91
CA LEU B 2475 -4.93 44.33 -18.68
C LEU B 2475 -3.69 44.69 -17.85
N GLU B 2476 -3.76 45.78 -17.11
CA GLU B 2476 -2.63 46.17 -16.26
C GLU B 2476 -2.38 45.13 -15.17
N LEU B 2477 -3.45 44.63 -14.55
CA LEU B 2477 -3.29 43.60 -13.53
C LEU B 2477 -2.69 42.33 -14.13
N ASP B 2478 -3.12 41.95 -15.33
CA ASP B 2478 -2.56 40.77 -15.98
C ASP B 2478 -1.09 40.97 -16.29
N GLU B 2479 -0.72 42.17 -16.76
CA GLU B 2479 0.69 42.45 -17.04
C GLU B 2479 1.53 42.37 -15.77
N LEU B 2480 1.03 42.93 -14.67
CA LEU B 2480 1.75 42.85 -13.40
C LEU B 2480 1.92 41.42 -12.94
N ALA B 2481 0.85 40.63 -13.03
CA ALA B 2481 0.92 39.22 -12.63
C ALA B 2481 1.89 38.45 -13.50
N LEU B 2482 1.89 38.70 -14.81
CA LEU B 2482 2.80 38.01 -15.71
C LEU B 2482 4.25 38.37 -15.41
N ARG B 2483 4.53 39.65 -15.15
CA ARG B 2483 5.89 40.05 -14.81
C ARG B 2483 6.34 39.42 -13.50
N ALA B 2484 5.46 39.39 -12.50
CA ALA B 2484 5.80 38.74 -11.23
C ALA B 2484 6.08 37.26 -11.43
N LEU B 2485 5.25 36.59 -12.24
CA LEU B 2485 5.45 35.17 -12.51
C LEU B 2485 6.78 34.92 -13.21
N LYS B 2486 7.12 35.76 -14.19
CA LYS B 2486 8.40 35.60 -14.88
C LYS B 2486 9.57 35.83 -13.94
N GLU B 2487 9.46 36.83 -13.06
CA GLU B 2487 10.53 37.08 -12.10
C GLU B 2487 10.71 35.89 -11.16
N ASP B 2488 9.60 35.33 -10.68
CA ASP B 2488 9.68 34.16 -9.80
C ASP B 2488 10.30 32.97 -10.54
N ARG B 2489 9.91 32.76 -11.80
CA ARG B 2489 10.47 31.68 -12.59
C ARG B 2489 11.97 31.84 -12.75
N LYS B 2490 12.42 33.06 -13.07
CA LYS B 2490 13.85 33.29 -13.24
C LYS B 2490 14.61 33.09 -11.94
N ARG B 2491 14.05 33.55 -10.81
CA ARG B 2491 14.70 33.35 -9.53
C ARG B 2491 14.84 31.87 -9.19
N PHE B 2492 13.77 31.11 -9.40
CA PHE B 2492 13.82 29.68 -9.11
C PHE B 2492 14.83 28.99 -10.02
N LEU B 2493 14.87 29.36 -11.30
CA LEU B 2493 15.82 28.76 -12.23
C LEU B 2493 17.26 29.06 -11.80
N CYS B 2494 17.53 30.31 -11.42
CA CYS B 2494 18.88 30.67 -11.00
C CYS B 2494 19.28 29.91 -9.75
N LYS B 2495 18.39 29.82 -8.76
CA LYS B 2495 18.70 29.07 -7.54
C LYS B 2495 18.96 27.61 -7.84
N ALA B 2496 18.13 27.00 -8.70
CA ALA B 2496 18.31 25.60 -9.05
C ALA B 2496 19.65 25.37 -9.75
N VAL B 2497 19.99 26.24 -10.70
CA VAL B 2497 21.25 26.08 -11.43
C VAL B 2497 22.43 26.23 -10.49
N GLU B 2498 22.40 27.24 -9.62
CA GLU B 2498 23.50 27.46 -8.69
C GLU B 2498 23.69 26.27 -7.76
N ASN B 2499 22.58 25.75 -7.22
CA ASN B 2499 22.71 24.62 -6.29
C ASN B 2499 23.10 23.34 -7.01
N TYR B 2500 22.66 23.14 -8.24
CA TYR B 2500 23.14 21.99 -9.02
C TYR B 2500 24.64 22.06 -9.24
N ILE B 2501 25.14 23.25 -9.61
CA ILE B 2501 26.57 23.42 -9.82
C ILE B 2501 27.33 23.16 -8.52
N ASN B 2502 26.82 23.69 -7.41
CA ASN B 2502 27.47 23.44 -6.12
C ASN B 2502 27.47 21.97 -5.75
N CYS B 2503 26.37 21.27 -6.05
CA CYS B 2503 26.30 19.84 -5.77
C CYS B 2503 27.31 19.06 -6.59
N LEU B 2504 27.49 19.42 -7.86
CA LEU B 2504 28.45 18.71 -8.70
C LEU B 2504 29.88 18.92 -8.20
N LEU B 2505 30.16 20.05 -7.55
CA LEU B 2505 31.51 20.32 -7.06
C LEU B 2505 31.82 19.52 -5.81
N SER B 2506 30.80 19.28 -4.97
CA SER B 2506 31.05 18.73 -3.64
C SER B 2506 31.42 17.26 -3.68
N GLY B 2507 30.75 16.46 -4.51
CA GLY B 2507 30.97 15.03 -4.49
C GLY B 2507 30.69 14.39 -5.83
N GLU B 2508 30.73 13.06 -5.83
CA GLU B 2508 30.53 12.27 -7.04
C GLU B 2508 29.36 11.31 -6.94
N GLU B 2509 28.61 11.34 -5.84
CA GLU B 2509 27.48 10.43 -5.67
C GLU B 2509 26.28 10.80 -6.52
N HIS B 2510 26.19 12.05 -6.97
CA HIS B 2510 25.06 12.53 -7.74
C HIS B 2510 25.52 13.15 -9.06
N ASP B 2511 26.50 12.51 -9.71
CA ASP B 2511 27.01 13.01 -10.99
C ASP B 2511 25.99 12.87 -12.11
N MET B 2512 24.90 12.13 -11.90
CA MET B 2512 23.89 11.93 -12.93
C MET B 2512 23.02 13.15 -13.15
N TRP B 2513 23.07 14.15 -12.25
CA TRP B 2513 22.25 15.34 -12.38
C TRP B 2513 22.86 16.37 -13.33
N VAL B 2514 24.02 16.08 -13.92
CA VAL B 2514 24.57 16.94 -14.95
C VAL B 2514 23.63 17.02 -16.13
N PHE B 2515 22.84 15.96 -16.37
CA PHE B 2515 21.84 15.99 -17.42
C PHE B 2515 20.80 17.08 -17.16
N ARG B 2516 20.26 17.12 -15.93
CA ARG B 2516 19.29 18.15 -15.58
C ARG B 2516 19.91 19.54 -15.62
N LEU B 2517 21.15 19.67 -15.11
CA LEU B 2517 21.81 20.97 -15.13
C LEU B 2517 21.99 21.47 -16.56
N CYS B 2518 22.45 20.60 -17.45
CA CYS B 2518 22.68 21.02 -18.83
C CYS B 2518 21.36 21.26 -19.56
N SER B 2519 20.31 20.51 -19.23
CA SER B 2519 19.00 20.80 -19.81
C SER B 2519 18.52 22.20 -19.41
N LEU B 2520 18.66 22.54 -18.12
CA LEU B 2520 18.30 23.87 -17.66
C LEU B 2520 19.14 24.93 -18.36
N TRP B 2521 20.44 24.67 -18.53
CA TRP B 2521 21.31 25.64 -19.19
C TRP B 2521 20.93 25.82 -20.66
N LEU B 2522 20.66 24.72 -21.36
CA LEU B 2522 20.37 24.80 -22.79
C LEU B 2522 19.02 25.44 -23.06
N GLU B 2523 18.00 25.06 -22.30
CA GLU B 2523 16.67 25.65 -22.53
C GLU B 2523 16.68 27.15 -22.24
N ASN B 2524 17.29 27.55 -21.14
CA ASN B 2524 17.42 28.96 -20.78
C ASN B 2524 18.80 29.49 -21.20
N SER B 2525 19.08 29.39 -22.49
CA SER B 2525 20.38 29.84 -23.01
C SER B 2525 20.46 31.36 -23.06
N GLY B 2526 19.34 32.05 -23.26
CA GLY B 2526 19.35 33.50 -23.34
C GLY B 2526 19.48 34.19 -21.99
N VAL B 2527 19.29 33.46 -20.89
CA VAL B 2527 19.36 34.07 -19.57
C VAL B 2527 20.82 34.34 -19.24
N SER B 2528 21.14 35.59 -18.91
CA SER B 2528 22.51 35.98 -18.65
C SER B 2528 23.03 35.42 -17.32
N GLU B 2529 22.18 35.31 -16.31
CA GLU B 2529 22.62 34.83 -15.00
C GLU B 2529 23.07 33.37 -15.08
N VAL B 2530 22.32 32.54 -15.81
CA VAL B 2530 22.70 31.13 -15.95
C VAL B 2530 24.02 31.01 -16.69
N ASN B 2531 24.19 31.78 -17.76
CA ASN B 2531 25.45 31.76 -18.51
C ASN B 2531 26.62 32.21 -17.64
N GLY B 2532 26.41 33.24 -16.83
CA GLY B 2532 27.46 33.69 -15.93
C GLY B 2532 27.82 32.66 -14.88
N MET B 2533 26.80 31.99 -14.32
CA MET B 2533 27.07 30.93 -13.35
C MET B 2533 27.82 29.77 -13.98
N MET B 2534 27.46 29.42 -15.22
CA MET B 2534 28.19 28.36 -15.92
C MET B 2534 29.63 28.79 -16.23
N LYS B 2535 29.83 30.08 -16.51
CA LYS B 2535 31.17 30.57 -16.84
C LYS B 2535 32.06 30.62 -15.60
N ARG B 2536 31.49 31.00 -14.46
CA ARG B 2536 32.30 31.19 -13.26
C ARG B 2536 32.50 29.89 -12.49
N ASP B 2537 31.41 29.27 -12.04
CA ASP B 2537 31.50 28.05 -11.24
C ASP B 2537 31.27 26.77 -12.05
N GLY B 2538 30.65 26.87 -13.23
CA GLY B 2538 30.50 25.69 -14.05
C GLY B 2538 31.81 25.22 -14.66
N MET B 2539 32.79 26.11 -14.77
CA MET B 2539 34.10 25.76 -15.28
C MET B 2539 35.01 25.16 -14.22
N LYS B 2540 34.59 25.15 -12.96
CA LYS B 2540 35.33 24.48 -11.90
C LYS B 2540 34.88 23.04 -11.69
N ILE B 2541 33.87 22.60 -12.43
CA ILE B 2541 33.42 21.21 -12.34
C ILE B 2541 34.44 20.31 -13.03
N PRO B 2542 34.74 19.12 -12.50
CA PRO B 2542 35.62 18.19 -13.21
C PRO B 2542 35.08 17.86 -14.60
N THR B 2543 35.99 17.76 -15.57
CA THR B 2543 35.58 17.63 -16.96
C THR B 2543 34.95 16.28 -17.27
N TYR B 2544 35.36 15.22 -16.56
CA TYR B 2544 34.87 13.90 -16.88
C TYR B 2544 33.38 13.73 -16.58
N LYS B 2545 32.80 14.63 -15.79
CA LYS B 2545 31.38 14.53 -15.46
C LYS B 2545 30.48 14.96 -16.62
N PHE B 2546 31.02 15.71 -17.57
CA PHE B 2546 30.27 16.13 -18.75
C PHE B 2546 30.36 15.14 -19.90
N LEU B 2547 31.12 14.06 -19.73
CA LEU B 2547 31.32 13.09 -20.81
C LEU B 2547 30.03 12.41 -21.28
N PRO B 2548 29.09 11.97 -20.39
CA PRO B 2548 27.93 11.22 -20.88
C PRO B 2548 27.11 11.93 -21.95
N LEU B 2549 26.97 13.24 -21.85
CA LEU B 2549 26.20 14.01 -22.83
C LEU B 2549 27.09 14.85 -23.73
N MET B 2550 28.32 14.39 -24.00
CA MET B 2550 29.22 15.11 -24.89
C MET B 2550 28.64 15.21 -26.29
N TYR B 2551 27.89 14.20 -26.72
CA TYR B 2551 27.26 14.25 -28.04
C TYR B 2551 26.34 15.46 -28.17
N GLN B 2552 25.42 15.62 -27.21
CA GLN B 2552 24.51 16.76 -27.24
C GLN B 2552 25.25 18.08 -27.05
N LEU B 2553 26.24 18.10 -26.15
CA LEU B 2553 26.99 19.33 -25.92
C LEU B 2553 27.71 19.79 -27.19
N ALA B 2554 28.30 18.85 -27.93
CA ALA B 2554 28.95 19.19 -29.19
C ALA B 2554 27.93 19.57 -30.25
N ALA B 2555 26.77 18.89 -30.28
CA ALA B 2555 25.74 19.23 -31.25
C ALA B 2555 25.12 20.60 -31.00
N ARG B 2556 25.25 21.13 -29.79
CA ARG B 2556 24.74 22.47 -29.49
C ARG B 2556 25.71 23.58 -29.84
N MET B 2557 26.86 23.26 -30.44
CA MET B 2557 27.85 24.29 -30.75
C MET B 2557 27.32 25.29 -31.77
N GLY B 2558 27.74 26.54 -31.63
CA GLY B 2558 27.34 27.59 -32.53
C GLY B 2558 28.29 28.78 -32.40
N THR B 2559 28.03 29.80 -33.23
CA THR B 2559 28.87 30.99 -33.24
C THR B 2559 28.08 32.29 -33.29
N LYS B 2560 26.75 32.24 -33.26
CA LYS B 2560 25.97 33.47 -33.36
C LYS B 2560 26.08 34.30 -32.09
N MET B 2561 25.91 33.68 -30.93
CA MET B 2561 25.89 34.40 -29.65
C MET B 2561 27.29 34.38 -29.03
N MET B 2562 28.16 35.21 -29.60
CA MET B 2562 29.53 35.36 -29.11
C MET B 2562 29.62 36.61 -28.24
N GLY B 2563 30.12 36.44 -27.03
CA GLY B 2563 30.25 37.56 -26.11
C GLY B 2563 30.90 37.12 -24.83
N GLY B 2564 31.07 38.08 -23.91
CA GLY B 2564 31.66 37.77 -22.62
C GLY B 2564 30.83 36.77 -21.84
N LEU B 2565 29.51 36.98 -21.82
CA LEU B 2565 28.58 36.04 -21.20
C LEU B 2565 27.71 35.32 -22.22
N GLY B 2566 28.09 35.36 -23.50
CA GLY B 2566 27.33 34.66 -24.51
C GLY B 2566 27.38 33.16 -24.31
N PHE B 2567 26.29 32.49 -24.68
CA PHE B 2567 26.20 31.05 -24.51
C PHE B 2567 27.25 30.31 -25.32
N HIS B 2568 27.46 30.74 -26.57
CA HIS B 2568 28.36 30.01 -27.47
C HIS B 2568 29.80 30.05 -26.98
N GLU B 2569 30.25 31.20 -26.47
CA GLU B 2569 31.62 31.30 -25.99
C GLU B 2569 31.86 30.37 -24.80
N VAL B 2570 30.93 30.37 -23.84
CA VAL B 2570 31.08 29.50 -22.68
C VAL B 2570 31.02 28.04 -23.08
N LEU B 2571 30.10 27.69 -23.99
CA LEU B 2571 30.00 26.30 -24.45
C LEU B 2571 31.28 25.86 -25.16
N ASN B 2572 31.83 26.73 -26.01
CA ASN B 2572 33.07 26.40 -26.71
C ASN B 2572 34.23 26.23 -25.73
N ASN B 2573 34.32 27.12 -24.73
CA ASN B 2573 35.38 26.98 -23.73
C ASN B 2573 35.24 25.69 -22.95
N LEU B 2574 34.01 25.33 -22.55
CA LEU B 2574 33.79 24.10 -21.82
C LEU B 2574 34.17 22.89 -22.66
N ILE B 2575 33.76 22.88 -23.93
CA ILE B 2575 34.08 21.75 -24.81
C ILE B 2575 35.58 21.66 -25.03
N SER B 2576 36.25 22.79 -25.22
CA SER B 2576 37.69 22.78 -25.39
C SER B 2576 38.39 22.24 -24.16
N ARG B 2577 37.95 22.65 -22.97
CA ARG B 2577 38.57 22.14 -21.74
C ARG B 2577 38.33 20.64 -21.59
N ILE B 2578 37.12 20.17 -21.90
CA ILE B 2578 36.82 18.74 -21.80
C ILE B 2578 37.71 17.95 -22.76
N SER B 2579 37.84 18.44 -23.99
CA SER B 2579 38.67 17.75 -24.96
C SER B 2579 40.14 17.78 -24.57
N MET B 2580 40.60 18.88 -23.97
CA MET B 2580 41.98 18.96 -23.51
C MET B 2580 42.24 17.94 -22.40
N ASP B 2581 41.31 17.81 -21.45
CA ASP B 2581 41.51 16.89 -20.34
C ASP B 2581 41.29 15.44 -20.75
N HIS B 2582 40.35 15.18 -21.66
CA HIS B 2582 40.03 13.83 -22.11
C HIS B 2582 40.02 13.79 -23.63
N PRO B 2583 41.21 13.79 -24.25
CA PRO B 2583 41.26 13.80 -25.73
C PRO B 2583 40.67 12.56 -26.37
N HIS B 2584 40.78 11.40 -25.74
CA HIS B 2584 40.35 10.17 -26.40
C HIS B 2584 38.83 10.05 -26.46
N HIS B 2585 38.13 10.58 -25.45
CA HIS B 2585 36.69 10.39 -25.38
C HIS B 2585 35.92 11.35 -26.27
N THR B 2586 36.51 12.49 -26.64
CA THR B 2586 35.78 13.55 -27.32
C THR B 2586 36.28 13.87 -28.73
N LEU B 2587 37.49 13.43 -29.09
CA LEU B 2587 38.06 13.83 -30.37
C LEU B 2587 37.23 13.31 -31.54
N PHE B 2588 36.79 12.05 -31.47
CA PHE B 2588 36.04 11.48 -32.59
C PHE B 2588 34.72 12.17 -32.81
N ILE B 2589 34.06 12.62 -31.73
CA ILE B 2589 32.80 13.35 -31.89
C ILE B 2589 33.03 14.66 -32.64
N ILE B 2590 34.08 15.40 -32.27
CA ILE B 2590 34.38 16.67 -32.94
C ILE B 2590 34.76 16.44 -34.40
N LEU B 2591 35.56 15.40 -34.67
CA LEU B 2591 35.89 15.08 -36.05
C LEU B 2591 34.65 14.71 -36.86
N ALA B 2592 33.74 13.93 -36.27
CA ALA B 2592 32.50 13.57 -36.96
C ALA B 2592 31.66 14.80 -37.26
N LEU B 2593 31.59 15.74 -36.32
CA LEU B 2593 30.89 16.99 -36.58
C LEU B 2593 31.56 17.77 -37.71
N ALA B 2594 32.89 17.83 -37.70
CA ALA B 2594 33.60 18.57 -38.74
C ALA B 2594 33.53 17.86 -40.08
N ASN B 2595 33.54 16.53 -40.07
CA ASN B 2595 33.56 15.72 -41.30
C ASN B 2595 32.16 15.25 -41.68
N ALA B 2596 31.14 16.06 -41.45
CA ALA B 2596 29.78 15.66 -41.80
C ALA B 2596 29.60 15.56 -43.31
N ASN B 2597 30.43 16.27 -44.08
CA ASN B 2597 30.31 16.31 -45.53
C ASN B 2597 31.60 15.87 -46.23
N ARG B 2598 32.43 15.07 -45.57
CA ARG B 2598 33.69 14.64 -46.16
C ARG B 2598 33.52 13.49 -47.15
N ASP B 2599 32.35 12.86 -47.20
CA ASP B 2599 32.14 11.74 -48.12
C ASP B 2599 32.27 12.20 -49.57
N GLU B 2600 31.56 13.27 -49.94
CA GLU B 2600 31.64 13.76 -51.31
C GLU B 2600 33.02 14.33 -51.62
N PHE B 2601 33.67 14.96 -50.64
CA PHE B 2601 35.01 15.48 -50.86
C PHE B 2601 36.00 14.36 -51.14
N LEU B 2602 35.91 13.25 -50.38
CA LEU B 2602 36.82 12.14 -50.60
C LEU B 2602 36.49 11.36 -51.87
N THR B 2603 35.21 11.30 -52.24
CA THR B 2603 34.82 10.62 -53.46
C THR B 2603 34.93 11.54 -54.66
N SER B 2622 22.27 24.50 -44.27
CA SER B 2622 21.66 25.31 -43.20
C SER B 2622 22.70 26.14 -42.47
N GLN B 2623 22.28 27.29 -41.95
CA GLN B 2623 23.19 28.15 -41.22
C GLN B 2623 23.68 27.49 -39.94
N LEU B 2624 22.80 26.76 -39.26
CA LEU B 2624 23.20 26.06 -38.04
C LEU B 2624 24.28 25.02 -38.33
N ASP B 2625 24.14 24.30 -39.45
CA ASP B 2625 25.15 23.30 -39.81
C ASP B 2625 26.50 23.96 -40.06
N GLU B 2626 26.51 25.09 -40.77
CA GLU B 2626 27.77 25.80 -41.02
C GLU B 2626 28.39 26.31 -39.73
N ASP B 2627 27.57 26.86 -38.83
CA ASP B 2627 28.10 27.33 -37.55
C ASP B 2627 28.68 26.19 -36.73
N ARG B 2628 27.99 25.05 -36.71
CA ARG B 2628 28.50 23.88 -35.99
C ARG B 2628 29.80 23.40 -36.59
N THR B 2629 29.89 23.38 -37.92
CA THR B 2629 31.12 22.97 -38.58
C THR B 2629 32.27 23.91 -38.25
N GLU B 2630 32.00 25.22 -38.23
CA GLU B 2630 33.05 26.19 -37.89
C GLU B 2630 33.50 26.03 -36.45
N ALA B 2631 32.57 25.82 -35.53
CA ALA B 2631 32.93 25.62 -34.13
C ALA B 2631 33.75 24.35 -33.95
N ALA B 2632 33.35 23.27 -34.62
CA ALA B 2632 34.13 22.04 -34.56
C ALA B 2632 35.53 22.24 -35.15
N ASN B 2633 35.62 23.00 -36.24
CA ASN B 2633 36.92 23.27 -36.84
C ASN B 2633 37.82 24.06 -35.90
N ARG B 2634 37.27 25.05 -35.20
CA ARG B 2634 38.10 25.82 -34.27
C ARG B 2634 38.50 24.99 -33.05
N ILE B 2635 37.61 24.10 -32.59
CA ILE B 2635 37.98 23.20 -31.50
C ILE B 2635 39.11 22.27 -31.94
N ILE B 2636 39.01 21.74 -33.16
CA ILE B 2636 40.06 20.88 -33.70
C ILE B 2636 41.36 21.66 -33.84
N CYS B 2637 41.26 22.93 -34.23
CA CYS B 2637 42.45 23.77 -34.35
C CYS B 2637 43.13 23.95 -32.99
N THR B 2638 42.34 24.18 -31.93
CA THR B 2638 42.92 24.31 -30.60
C THR B 2638 43.57 23.00 -30.15
N ILE B 2639 42.90 21.88 -30.38
CA ILE B 2639 43.46 20.58 -29.98
C ILE B 2639 44.76 20.31 -30.72
N ARG B 2640 44.78 20.59 -32.02
CA ARG B 2640 46.02 20.44 -32.80
C ARG B 2640 47.10 21.39 -32.32
N SER B 2641 46.71 22.59 -31.88
CA SER B 2641 47.68 23.51 -31.29
C SER B 2641 48.32 22.90 -30.05
N ARG B 2642 47.54 22.19 -29.24
CA ARG B 2642 48.15 21.51 -28.10
C ARG B 2642 48.75 20.17 -28.50
N ARG B 2643 48.00 19.35 -29.24
CA ARG B 2643 48.45 18.01 -29.65
C ARG B 2643 48.30 17.87 -31.16
N PRO B 2644 49.33 18.24 -31.93
CA PRO B 2644 49.20 18.17 -33.39
C PRO B 2644 49.28 16.76 -33.95
N GLN B 2645 50.21 15.94 -33.47
CA GLN B 2645 50.43 14.63 -34.07
C GLN B 2645 49.21 13.72 -33.89
N MET B 2646 48.60 13.75 -32.70
CA MET B 2646 47.42 12.93 -32.47
C MET B 2646 46.28 13.34 -33.38
N VAL B 2647 46.07 14.66 -33.53
CA VAL B 2647 45.01 15.14 -34.41
C VAL B 2647 45.26 14.71 -35.84
N ARG B 2648 46.50 14.85 -36.32
CA ARG B 2648 46.81 14.47 -37.70
C ARG B 2648 46.59 12.98 -37.91
N SER B 2649 47.06 12.15 -36.99
CA SER B 2649 46.89 10.70 -37.14
C SER B 2649 45.42 10.30 -37.06
N VAL B 2650 44.65 10.92 -36.17
CA VAL B 2650 43.22 10.61 -36.07
C VAL B 2650 42.50 11.02 -37.34
N GLU B 2651 42.83 12.18 -37.89
CA GLU B 2651 42.22 12.62 -39.14
C GLU B 2651 42.56 11.67 -40.28
N ALA B 2652 43.81 11.21 -40.35
CA ALA B 2652 44.19 10.25 -41.37
C ALA B 2652 43.42 8.95 -41.22
N LEU B 2653 43.27 8.46 -39.99
CA LEU B 2653 42.51 7.24 -39.76
C LEU B 2653 41.05 7.40 -40.14
N CYS B 2654 40.45 8.54 -39.81
CA CYS B 2654 39.07 8.80 -40.19
C CYS B 2654 38.90 8.84 -41.69
N ASP B 2655 39.84 9.49 -42.39
CA ASP B 2655 39.79 9.51 -43.85
C ASP B 2655 39.92 8.11 -44.43
N ALA B 2656 40.79 7.29 -43.84
CA ALA B 2656 40.96 5.91 -44.30
C ALA B 2656 39.66 5.13 -44.13
N TYR B 2657 39.01 5.26 -42.97
CA TYR B 2657 37.73 4.58 -42.76
C TYR B 2657 36.67 5.05 -43.75
N ILE B 2658 36.59 6.36 -43.98
CA ILE B 2658 35.58 6.89 -44.89
C ILE B 2658 35.82 6.37 -46.30
N ILE B 2659 37.08 6.37 -46.75
CA ILE B 2659 37.39 5.87 -48.09
C ILE B 2659 37.08 4.39 -48.20
N LEU B 2660 37.41 3.61 -47.15
CA LEU B 2660 37.11 2.18 -47.17
C LEU B 2660 35.62 1.93 -47.23
N ALA B 2661 34.83 2.72 -46.52
CA ALA B 2661 33.38 2.54 -46.53
C ALA B 2661 32.79 2.76 -47.92
N ASN B 2662 33.28 3.79 -48.62
CA ASN B 2662 32.71 4.16 -49.94
C ASN B 2662 33.11 3.17 -51.03
N LEU B 2663 34.12 2.31 -50.79
CA LEU B 2663 34.55 1.37 -51.80
C LEU B 2663 33.41 0.40 -52.14
N ASP B 2664 33.14 0.25 -53.43
CA ASP B 2664 32.06 -0.61 -53.89
C ASP B 2664 32.50 -2.08 -53.81
N ALA B 2665 31.63 -2.92 -53.25
CA ALA B 2665 31.91 -4.35 -53.09
C ALA B 2665 30.79 -5.22 -53.66
N THR B 2666 30.05 -4.72 -54.65
CA THR B 2666 28.98 -5.51 -55.22
C THR B 2666 29.50 -6.71 -56.00
N GLN B 2667 30.73 -6.63 -56.52
CA GLN B 2667 31.28 -7.75 -57.27
C GLN B 2667 31.57 -8.95 -56.37
N TRP B 2668 31.98 -8.70 -55.14
CA TRP B 2668 32.30 -9.76 -54.19
C TRP B 2668 31.12 -10.13 -53.30
N LYS B 2669 29.89 -9.85 -53.75
CA LYS B 2669 28.72 -10.15 -52.93
C LYS B 2669 28.56 -11.65 -52.71
N THR B 2670 28.76 -12.45 -53.75
CA THR B 2670 28.54 -13.89 -53.64
C THR B 2670 29.56 -14.54 -52.71
N GLN B 2671 30.82 -14.16 -52.81
CA GLN B 2671 31.87 -14.82 -52.04
C GLN B 2671 31.74 -14.50 -50.55
N ARG B 2672 31.95 -15.53 -49.73
CA ARG B 2672 31.92 -15.39 -48.28
C ARG B 2672 33.24 -15.78 -47.62
N LYS B 2673 34.22 -16.23 -48.39
CA LYS B 2673 35.50 -16.65 -47.79
C LYS B 2673 36.26 -15.46 -47.22
N GLY B 2674 36.31 -14.35 -47.95
CA GLY B 2674 37.06 -13.19 -47.51
C GLY B 2674 37.84 -12.56 -48.66
N ILE B 2675 37.70 -11.25 -48.81
CA ILE B 2675 38.30 -10.50 -49.91
C ILE B 2675 39.48 -9.71 -49.36
N ASN B 2676 40.60 -9.74 -50.07
CA ASN B 2676 41.75 -8.94 -49.69
C ASN B 2676 41.50 -7.47 -50.00
N ILE B 2677 41.88 -6.61 -49.07
CA ILE B 2677 41.68 -5.16 -49.26
C ILE B 2677 42.58 -4.68 -50.39
N PRO B 2678 42.07 -3.89 -51.33
CA PRO B 2678 42.92 -3.37 -52.41
C PRO B 2678 44.04 -2.50 -51.87
N ALA B 2679 45.19 -2.55 -52.55
CA ALA B 2679 46.37 -1.84 -52.09
C ALA B 2679 46.23 -0.32 -52.17
N ASP B 2680 45.36 0.18 -53.04
CA ASP B 2680 45.19 1.63 -53.17
C ASP B 2680 44.46 2.24 -51.99
N GLN B 2681 43.84 1.41 -51.15
CA GLN B 2681 43.12 1.94 -49.99
C GLN B 2681 44.10 2.47 -48.95
N PRO B 2682 43.93 3.70 -48.47
CA PRO B 2682 44.87 4.23 -47.46
C PRO B 2682 44.84 3.48 -46.14
N ILE B 2683 43.80 2.70 -45.88
CA ILE B 2683 43.70 1.98 -44.60
C ILE B 2683 44.86 1.00 -44.45
N THR B 2684 45.27 0.35 -45.55
CA THR B 2684 46.37 -0.60 -45.48
C THR B 2684 47.70 0.10 -45.25
N LYS B 2685 47.85 1.31 -45.78
CA LYS B 2685 49.13 2.02 -45.66
C LYS B 2685 49.42 2.41 -44.21
N LEU B 2686 48.39 2.75 -43.44
CA LEU B 2686 48.58 3.16 -42.06
C LEU B 2686 49.19 2.03 -41.24
N LYS B 2687 50.16 2.38 -40.39
CA LYS B 2687 50.83 1.38 -39.57
C LYS B 2687 51.51 2.09 -38.40
N ASN B 2688 51.46 1.45 -37.23
CA ASN B 2688 52.15 1.92 -36.03
C ASN B 2688 51.71 3.33 -35.64
N LEU B 2689 50.42 3.48 -35.36
CA LEU B 2689 49.89 4.72 -34.82
C LEU B 2689 50.03 4.69 -33.30
N GLU B 2690 50.98 5.47 -32.78
CA GLU B 2690 51.31 5.41 -31.36
C GLU B 2690 50.43 6.28 -30.50
N ASP B 2691 49.82 7.33 -31.05
CA ASP B 2691 48.99 8.25 -30.28
C ASP B 2691 47.51 8.09 -30.57
N VAL B 2692 47.10 7.04 -31.28
CA VAL B 2692 45.69 6.81 -31.61
C VAL B 2692 45.24 5.54 -30.90
N VAL B 2693 44.20 5.67 -30.06
CA VAL B 2693 43.59 4.51 -29.43
C VAL B 2693 42.55 3.92 -30.39
N VAL B 2694 42.31 2.62 -30.24
CA VAL B 2694 41.36 1.92 -31.09
C VAL B 2694 39.97 2.53 -30.90
N PRO B 2695 39.34 3.04 -31.95
CA PRO B 2695 38.05 3.73 -31.78
C PRO B 2695 36.95 2.84 -31.23
N THR B 2696 36.92 1.56 -31.59
CA THR B 2696 35.85 0.67 -31.17
C THR B 2696 36.12 -0.01 -29.84
N MET B 2697 37.26 0.27 -29.21
CA MET B 2697 37.57 -0.29 -27.90
C MET B 2697 37.08 0.63 -26.81
N GLU B 2698 36.35 0.06 -25.84
CA GLU B 2698 35.86 0.85 -24.72
C GLU B 2698 37.02 1.32 -23.86
N ILE B 2699 37.03 2.60 -23.51
CA ILE B 2699 38.11 3.22 -22.75
C ILE B 2699 37.55 3.64 -21.40
N LYS B 2700 38.22 3.20 -20.33
CA LYS B 2700 37.81 3.55 -18.98
C LYS B 2700 38.05 5.04 -18.74
N VAL B 2701 37.04 5.72 -18.20
CA VAL B 2701 37.17 7.14 -17.91
C VAL B 2701 38.11 7.32 -16.72
N ASP B 2702 39.14 8.13 -16.91
CA ASP B 2702 40.14 8.40 -15.89
C ASP B 2702 39.93 9.81 -15.35
N HIS B 2703 39.82 9.94 -14.03
CA HIS B 2703 39.67 11.26 -13.43
C HIS B 2703 40.90 12.13 -13.69
N THR B 2704 42.08 11.55 -13.57
CA THR B 2704 43.30 12.21 -14.02
C THR B 2704 43.46 12.02 -15.52
N GLY B 2705 44.37 12.79 -16.10
CA GLY B 2705 44.47 12.83 -17.55
C GLY B 2705 45.76 12.33 -18.17
N GLU B 2706 46.48 11.44 -17.49
CA GLU B 2706 47.74 10.94 -18.06
C GLU B 2706 47.49 10.00 -19.22
N TYR B 2707 46.55 9.07 -19.07
CA TYR B 2707 46.26 8.04 -20.07
C TYR B 2707 47.53 7.38 -20.58
N GLY B 2708 48.39 7.00 -19.63
CA GLY B 2708 49.72 6.52 -19.99
C GLY B 2708 49.70 5.20 -20.73
N ASN B 2709 48.90 4.25 -20.26
CA ASN B 2709 48.90 2.89 -20.80
C ASN B 2709 47.54 2.62 -21.46
N LEU B 2710 47.49 2.78 -22.78
CA LEU B 2710 46.30 2.47 -23.56
C LEU B 2710 46.73 1.74 -24.83
N VAL B 2711 45.93 0.76 -25.23
CA VAL B 2711 46.22 0.00 -26.44
C VAL B 2711 46.03 0.89 -27.65
N THR B 2712 47.02 0.91 -28.55
CA THR B 2712 47.02 1.77 -29.72
C THR B 2712 46.99 0.92 -30.98
N ILE B 2713 46.49 1.53 -32.06
CA ILE B 2713 46.38 0.84 -33.34
C ILE B 2713 47.77 0.60 -33.91
N GLN B 2714 48.05 -0.64 -34.31
CA GLN B 2714 49.31 -1.01 -34.90
C GLN B 2714 49.23 -1.26 -36.40
N SER B 2715 48.31 -2.12 -36.83
CA SER B 2715 48.18 -2.44 -38.24
C SER B 2715 46.78 -3.00 -38.49
N PHE B 2716 46.41 -3.05 -39.77
CA PHE B 2716 45.14 -3.63 -40.21
C PHE B 2716 45.43 -4.80 -41.14
N LYS B 2717 44.71 -5.90 -40.93
CA LYS B 2717 44.90 -7.07 -41.77
C LYS B 2717 44.44 -6.79 -43.19
N ALA B 2718 45.10 -7.44 -44.15
CA ALA B 2718 44.90 -7.16 -45.57
C ALA B 2718 43.59 -7.72 -46.11
N GLU B 2719 42.86 -8.52 -45.35
CA GLU B 2719 41.64 -9.16 -45.82
C GLU B 2719 40.43 -8.63 -45.06
N PHE B 2720 39.31 -8.50 -45.76
CA PHE B 2720 38.05 -8.07 -45.17
C PHE B 2720 36.93 -8.99 -45.62
N ARG B 2721 35.90 -9.10 -44.80
CA ARG B 2721 34.77 -9.97 -45.07
C ARG B 2721 33.48 -9.15 -45.17
N LEU B 2722 32.55 -9.65 -45.98
CA LEU B 2722 31.25 -9.02 -46.13
C LEU B 2722 30.29 -9.55 -45.06
N ALA B 2723 29.10 -8.95 -45.03
CA ALA B 2723 28.06 -9.32 -44.09
C ALA B 2723 26.76 -9.56 -44.84
N GLY B 2724 25.69 -9.81 -44.09
CA GLY B 2724 24.40 -10.11 -44.67
C GLY B 2724 23.55 -8.91 -45.05
N GLY B 2725 24.04 -7.70 -44.78
CA GLY B 2725 23.26 -6.51 -45.11
C GLY B 2725 23.15 -6.29 -46.61
N VAL B 2726 22.11 -5.56 -47.01
CA VAL B 2726 21.92 -5.25 -48.42
C VAL B 2726 23.00 -4.30 -48.91
N ASN B 2727 23.44 -3.37 -48.06
CA ASN B 2727 24.50 -2.43 -48.43
C ASN B 2727 25.88 -3.05 -48.41
N LEU B 2728 26.01 -4.30 -47.98
CA LEU B 2728 27.26 -5.04 -47.93
C LEU B 2728 28.30 -4.32 -47.07
N PRO B 2729 28.12 -4.25 -45.75
CA PRO B 2729 29.15 -3.67 -44.90
C PRO B 2729 30.38 -4.57 -44.85
N LYS B 2730 31.52 -3.92 -44.55
CA LYS B 2730 32.82 -4.64 -44.55
C LYS B 2730 33.32 -4.82 -43.13
N ILE B 2731 33.82 -6.01 -42.84
CA ILE B 2731 34.38 -6.37 -41.54
C ILE B 2731 35.89 -6.43 -41.67
N ILE B 2732 36.60 -5.67 -40.84
CA ILE B 2732 38.06 -5.62 -40.86
C ILE B 2732 38.58 -5.90 -39.47
N ASP B 2733 39.81 -6.40 -39.40
CA ASP B 2733 40.48 -6.71 -38.15
C ASP B 2733 41.56 -5.67 -37.90
N CYS B 2734 41.52 -5.06 -36.71
CA CYS B 2734 42.49 -4.06 -36.30
C CYS B 2734 43.38 -4.65 -35.23
N VAL B 2735 44.69 -4.64 -35.47
CA VAL B 2735 45.66 -5.20 -34.54
C VAL B 2735 46.16 -4.07 -33.65
N GLY B 2736 46.02 -4.24 -32.34
CA GLY B 2736 46.47 -3.24 -31.39
C GLY B 2736 47.96 -3.34 -31.12
N SER B 2737 48.40 -2.55 -30.14
CA SER B 2737 49.81 -2.60 -29.75
C SER B 2737 50.18 -3.99 -29.22
N ASP B 2738 49.31 -4.57 -28.41
CA ASP B 2738 49.49 -5.95 -27.98
C ASP B 2738 49.03 -6.92 -29.08
N GLY B 2739 49.33 -8.19 -28.90
CA GLY B 2739 48.97 -9.20 -29.87
C GLY B 2739 47.51 -9.58 -29.83
N LYS B 2740 46.63 -8.62 -30.10
CA LYS B 2740 45.18 -8.85 -30.10
C LYS B 2740 44.57 -8.23 -31.35
N GLU B 2741 43.48 -8.84 -31.81
CA GLU B 2741 42.77 -8.39 -33.00
C GLU B 2741 41.34 -8.02 -32.62
N ARG B 2742 40.89 -6.86 -33.08
CA ARG B 2742 39.54 -6.38 -32.86
C ARG B 2742 38.82 -6.29 -34.20
N ARG B 2743 37.66 -6.95 -34.29
CA ARG B 2743 36.87 -6.89 -35.50
C ARG B 2743 36.00 -5.64 -35.48
N GLN B 2744 36.05 -4.86 -36.56
CA GLN B 2744 35.28 -3.64 -36.68
C GLN B 2744 34.41 -3.70 -37.92
N LEU B 2745 33.15 -3.26 -37.78
CA LEU B 2745 32.19 -3.28 -38.87
C LEU B 2745 32.10 -1.89 -39.46
N VAL B 2746 32.67 -1.72 -40.65
CA VAL B 2746 32.63 -0.43 -41.35
C VAL B 2746 31.35 -0.38 -42.18
N LYS B 2747 30.55 0.66 -41.96
CA LYS B 2747 29.26 0.81 -42.61
C LYS B 2747 29.22 2.08 -43.43
N GLY B 2748 28.60 1.99 -44.61
CA GLY B 2748 28.41 3.14 -45.46
C GLY B 2748 26.94 3.30 -45.83
N ARG B 2749 26.60 4.51 -46.25
CA ARG B 2749 25.22 4.87 -46.61
C ARG B 2749 24.26 4.59 -45.45
N ASP B 2750 24.71 4.88 -44.23
CA ASP B 2750 23.92 4.63 -43.04
C ASP B 2750 24.20 5.70 -42.01
N ASP B 2751 23.23 5.94 -41.13
CA ASP B 2751 23.36 6.91 -40.05
C ASP B 2751 23.55 6.17 -38.73
N LEU B 2752 24.68 6.42 -38.07
CA LEU B 2752 25.02 5.74 -36.83
C LEU B 2752 24.90 6.63 -35.60
N ARG B 2753 24.52 7.91 -35.77
CA ARG B 2753 24.35 8.78 -34.62
C ARG B 2753 23.24 8.29 -33.71
N GLN B 2754 22.13 7.83 -34.29
CA GLN B 2754 21.04 7.27 -33.50
C GLN B 2754 21.50 6.06 -32.71
N ASP B 2755 22.28 5.18 -33.33
CA ASP B 2755 22.82 4.03 -32.61
C ASP B 2755 23.72 4.48 -31.47
N ALA B 2756 24.54 5.51 -31.70
CA ALA B 2756 25.44 5.99 -30.65
C ALA B 2756 24.65 6.54 -29.45
N VAL B 2757 23.63 7.35 -29.71
CA VAL B 2757 22.88 7.93 -28.60
C VAL B 2757 22.08 6.84 -27.88
N MET B 2758 21.56 5.85 -28.62
CA MET B 2758 20.88 4.73 -27.98
C MET B 2758 21.83 3.93 -27.10
N GLN B 2759 23.07 3.74 -27.55
CA GLN B 2759 24.06 3.07 -26.73
C GLN B 2759 24.36 3.88 -25.47
N GLN B 2760 24.39 5.21 -25.59
CA GLN B 2760 24.55 6.05 -24.41
C GLN B 2760 23.40 5.86 -23.43
N VAL B 2761 22.18 5.80 -23.94
CA VAL B 2761 21.02 5.55 -23.08
C VAL B 2761 21.15 4.20 -22.39
N PHE B 2762 21.59 3.19 -23.13
CA PHE B 2762 21.76 1.86 -22.55
C PHE B 2762 22.83 1.86 -21.48
N GLN B 2763 23.91 2.62 -21.68
CA GLN B 2763 24.94 2.75 -20.64
C GLN B 2763 24.38 3.41 -19.39
N MET B 2764 23.57 4.46 -19.56
CA MET B 2764 22.95 5.10 -18.40
C MET B 2764 22.02 4.14 -17.67
N CYS B 2765 21.24 3.35 -18.42
CA CYS B 2765 20.35 2.38 -17.80
C CYS B 2765 21.14 1.29 -17.09
N ASN B 2766 22.28 0.88 -17.66
CA ASN B 2766 23.14 -0.09 -16.99
C ASN B 2766 23.68 0.46 -15.68
N THR B 2767 24.07 1.75 -15.67
CA THR B 2767 24.50 2.37 -14.43
C THR B 2767 23.39 2.37 -13.40
N LEU B 2768 22.17 2.72 -13.82
CA LEU B 2768 21.04 2.72 -12.90
C LEU B 2768 20.77 1.33 -12.35
N LEU B 2769 20.83 0.31 -13.20
CA LEU B 2769 20.60 -1.06 -12.74
C LEU B 2769 21.69 -1.51 -11.77
N GLN B 2770 22.94 -1.15 -12.06
CA GLN B 2770 24.03 -1.51 -11.17
C GLN B 2770 23.92 -0.79 -9.83
N ARG B 2771 23.34 0.41 -9.82
CA ARG B 2771 23.23 1.15 -8.56
C ARG B 2771 22.31 0.45 -7.56
N ASN B 2772 21.17 -0.07 -8.02
CA ASN B 2772 20.25 -0.74 -7.13
C ASN B 2772 20.75 -2.13 -6.76
N THR B 2773 20.54 -2.51 -5.49
CA THR B 2773 21.07 -3.78 -5.00
C THR B 2773 20.31 -4.98 -5.57
N GLU B 2774 18.98 -4.85 -5.73
CA GLU B 2774 18.19 -5.99 -6.19
C GLU B 2774 18.57 -6.40 -7.61
N THR B 2775 18.76 -5.43 -8.50
CA THR B 2775 19.21 -5.74 -9.85
C THR B 2775 20.70 -6.07 -9.90
N ARG B 2776 21.49 -5.52 -8.97
CA ARG B 2776 22.91 -5.86 -8.93
C ARG B 2776 23.12 -7.32 -8.56
N LYS B 2777 22.32 -7.85 -7.64
CA LYS B 2777 22.44 -9.25 -7.27
C LYS B 2777 22.10 -10.17 -8.43
N ARG B 2778 21.09 -9.81 -9.22
CA ARG B 2778 20.67 -10.61 -10.35
C ARG B 2778 21.50 -10.36 -11.61
N LYS B 2779 22.44 -9.41 -11.56
CA LYS B 2779 23.32 -9.11 -12.68
C LYS B 2779 22.54 -8.75 -13.94
N LEU B 2780 21.55 -7.87 -13.75
CA LEU B 2780 20.69 -7.44 -14.87
C LEU B 2780 21.37 -6.29 -15.58
N THR B 2781 21.80 -6.49 -16.82
CA THR B 2781 22.47 -5.46 -17.60
C THR B 2781 21.97 -5.53 -19.04
N ILE B 2782 22.31 -4.50 -19.81
CA ILE B 2782 22.02 -4.43 -21.24
C ILE B 2782 23.34 -4.55 -21.98
N CYS B 2783 23.40 -5.48 -22.93
CA CYS B 2783 24.60 -5.66 -23.73
C CYS B 2783 24.77 -4.48 -24.70
N THR B 2784 25.95 -3.87 -24.67
CA THR B 2784 26.22 -2.66 -25.45
C THR B 2784 27.47 -2.87 -26.29
N TYR B 2785 27.49 -2.21 -27.44
CA TYR B 2785 28.64 -2.20 -28.33
C TYR B 2785 28.97 -0.77 -28.72
N LYS B 2786 30.26 -0.46 -28.77
CA LYS B 2786 30.69 0.92 -29.04
C LYS B 2786 30.44 1.29 -30.49
N VAL B 2787 29.87 2.48 -30.70
CA VAL B 2787 29.59 2.99 -32.03
C VAL B 2787 30.32 4.32 -32.19
N VAL B 2788 31.07 4.45 -33.28
CA VAL B 2788 31.87 5.65 -33.55
C VAL B 2788 31.48 6.22 -34.90
N PRO B 2789 30.43 7.05 -34.98
CA PRO B 2789 30.07 7.66 -36.26
C PRO B 2789 31.17 8.58 -36.77
N LEU B 2790 31.28 8.65 -38.10
CA LEU B 2790 32.29 9.47 -38.75
C LEU B 2790 31.72 10.48 -39.74
N SER B 2791 30.52 10.23 -40.27
CA SER B 2791 29.92 11.14 -41.24
C SER B 2791 28.40 10.95 -41.20
N GLN B 2792 27.70 11.66 -42.08
CA GLN B 2792 26.26 11.52 -42.16
C GLN B 2792 25.83 10.28 -42.94
N ARG B 2793 26.76 9.63 -43.63
CA ARG B 2793 26.47 8.40 -44.37
C ARG B 2793 27.50 7.31 -44.11
N SER B 2794 28.24 7.40 -43.01
CA SER B 2794 29.29 6.42 -42.72
C SER B 2794 29.52 6.36 -41.22
N GLY B 2795 30.19 5.30 -40.80
CA GLY B 2795 30.52 5.11 -39.41
C GLY B 2795 31.20 3.79 -39.21
N VAL B 2796 31.71 3.59 -37.99
CA VAL B 2796 32.38 2.36 -37.60
C VAL B 2796 31.89 1.97 -36.22
N LEU B 2797 31.67 0.67 -36.01
CA LEU B 2797 31.16 0.16 -34.74
C LEU B 2797 31.84 -1.15 -34.41
N GLU B 2798 31.89 -1.45 -33.12
CA GLU B 2798 32.49 -2.70 -32.66
C GLU B 2798 31.66 -3.89 -33.12
N TRP B 2799 32.33 -4.90 -33.66
CA TRP B 2799 31.68 -6.12 -34.11
C TRP B 2799 31.72 -7.14 -32.98
N CYS B 2800 30.55 -7.59 -32.54
CA CYS B 2800 30.47 -8.57 -31.46
C CYS B 2800 31.02 -9.91 -31.91
N THR B 2801 31.91 -10.47 -31.12
CA THR B 2801 32.55 -11.75 -31.43
C THR B 2801 31.88 -12.86 -30.63
N GLY B 2802 31.63 -13.99 -31.30
CA GLY B 2802 30.94 -15.09 -30.66
C GLY B 2802 29.44 -14.97 -30.63
N THR B 2803 28.86 -14.04 -31.39
CA THR B 2803 27.42 -13.83 -31.42
C THR B 2803 26.87 -14.20 -32.79
N VAL B 2804 25.69 -14.82 -32.80
CA VAL B 2804 25.03 -15.22 -34.04
C VAL B 2804 23.58 -14.72 -33.97
N PRO B 2805 23.03 -14.23 -35.07
CA PRO B 2805 21.61 -13.82 -35.05
C PRO B 2805 20.71 -15.00 -34.74
N ILE B 2806 19.64 -14.72 -33.98
CA ILE B 2806 18.70 -15.77 -33.61
C ILE B 2806 17.97 -16.29 -34.84
N GLY B 2807 17.67 -15.39 -35.80
CA GLY B 2807 17.05 -15.84 -37.04
C GLY B 2807 17.96 -16.75 -37.85
N GLU B 2808 19.26 -16.46 -37.83
CA GLU B 2808 20.22 -17.32 -38.52
C GLU B 2808 20.29 -18.69 -37.87
N PHE B 2809 20.18 -18.74 -36.54
CA PHE B 2809 20.24 -20.02 -35.83
C PHE B 2809 18.95 -20.82 -35.98
N LEU B 2810 17.81 -20.14 -36.10
CA LEU B 2810 16.53 -20.82 -36.06
C LEU B 2810 16.00 -21.18 -37.45
N VAL B 2811 15.82 -20.20 -38.31
CA VAL B 2811 15.08 -20.40 -39.56
C VAL B 2811 16.02 -20.41 -40.76
N ASN B 2812 17.26 -20.81 -40.55
CA ASN B 2812 18.17 -20.98 -41.68
C ASN B 2812 17.69 -22.09 -42.58
N ASN B 2813 17.72 -21.83 -43.89
CA ASN B 2813 17.20 -22.81 -44.86
C ASN B 2813 18.05 -24.07 -44.90
N GLU B 2814 19.38 -23.92 -44.81
CA GLU B 2814 20.27 -25.06 -44.98
C GLU B 2814 20.31 -25.92 -43.71
N ASP B 2815 20.77 -25.35 -42.60
CA ASP B 2815 20.97 -26.09 -41.35
C ASP B 2815 20.37 -25.34 -40.18
N GLY B 2816 19.15 -24.83 -40.34
CA GLY B 2816 18.50 -24.15 -39.24
C GLY B 2816 18.02 -25.10 -38.16
N ALA B 2817 17.70 -24.52 -37.01
CA ALA B 2817 17.19 -25.33 -35.90
C ALA B 2817 15.81 -25.89 -36.21
N HIS B 2818 14.98 -25.16 -36.94
CA HIS B 2818 13.65 -25.63 -37.31
C HIS B 2818 13.69 -26.73 -38.36
N LYS B 2819 14.85 -27.00 -38.95
CA LYS B 2819 15.01 -28.07 -39.93
C LYS B 2819 15.73 -29.29 -39.36
N ARG B 2820 16.77 -29.08 -38.55
CA ARG B 2820 17.43 -30.21 -37.90
C ARG B 2820 16.50 -30.90 -36.92
N TYR B 2821 15.73 -30.13 -36.17
CA TYR B 2821 14.62 -30.66 -35.39
C TYR B 2821 13.31 -30.37 -36.11
N ARG B 2822 12.30 -31.18 -35.81
CA ARG B 2822 10.99 -31.07 -36.43
C ARG B 2822 11.09 -31.04 -37.95
N PRO B 2823 11.62 -32.10 -38.58
CA PRO B 2823 11.78 -32.08 -40.05
C PRO B 2823 10.47 -32.20 -40.80
N ASN B 2824 9.40 -32.69 -40.17
CA ASN B 2824 8.13 -32.88 -40.84
C ASN B 2824 7.21 -31.68 -40.72
N ASP B 2825 7.61 -30.64 -39.99
CA ASP B 2825 6.78 -29.45 -39.83
C ASP B 2825 6.86 -28.58 -41.09
N PHE B 2826 6.15 -27.46 -41.06
CA PHE B 2826 6.20 -26.51 -42.16
C PHE B 2826 7.59 -25.90 -42.26
N SER B 2827 8.05 -25.70 -43.50
CA SER B 2827 9.29 -24.96 -43.72
C SER B 2827 9.07 -23.48 -43.46
N ALA B 2828 10.18 -22.79 -43.14
CA ALA B 2828 10.10 -21.34 -42.95
C ALA B 2828 9.62 -20.64 -44.21
N PHE B 2829 10.01 -21.14 -45.38
CA PHE B 2829 9.54 -20.57 -46.63
C PHE B 2829 8.03 -20.69 -46.74
N GLN B 2830 7.46 -21.84 -46.38
CA GLN B 2830 6.02 -22.02 -46.45
C GLN B 2830 5.29 -21.07 -45.50
N CYS B 2831 5.79 -20.92 -44.27
CA CYS B 2831 5.16 -20.02 -43.32
C CYS B 2831 5.22 -18.58 -43.81
N GLN B 2832 6.38 -18.16 -44.32
CA GLN B 2832 6.51 -16.80 -44.84
C GLN B 2832 5.58 -16.57 -46.02
N LYS B 2833 5.48 -17.55 -46.92
CA LYS B 2833 4.59 -17.43 -48.08
C LYS B 2833 3.14 -17.32 -47.65
N LYS B 2834 2.72 -18.15 -46.70
CA LYS B 2834 1.33 -18.10 -46.23
C LYS B 2834 1.03 -16.77 -45.56
N MET B 2835 1.93 -16.29 -44.70
CA MET B 2835 1.68 -15.04 -44.00
C MET B 2835 1.72 -13.84 -44.94
N MET B 2836 2.52 -13.90 -46.00
CA MET B 2836 2.51 -12.83 -46.99
C MET B 2836 1.24 -12.88 -47.82
N GLU B 2837 0.77 -14.07 -48.17
CA GLU B 2837 -0.43 -14.20 -48.98
C GLU B 2837 -1.67 -13.74 -48.22
N VAL B 2838 -1.76 -14.04 -46.92
CA VAL B 2838 -2.95 -13.70 -46.15
C VAL B 2838 -3.03 -12.22 -45.82
N GLN B 2839 -2.04 -11.43 -46.23
CA GLN B 2839 -2.00 -10.02 -45.85
C GLN B 2839 -3.19 -9.24 -46.41
N LYS B 2840 -3.56 -9.51 -47.66
CA LYS B 2840 -4.62 -8.72 -48.30
C LYS B 2840 -6.00 -9.04 -47.76
N LYS B 2841 -6.15 -10.09 -46.96
CA LYS B 2841 -7.47 -10.53 -46.51
C LYS B 2841 -7.81 -9.89 -45.16
N SER B 2842 -8.92 -10.34 -44.58
CA SER B 2842 -9.47 -9.74 -43.37
C SER B 2842 -8.72 -10.21 -42.13
N PHE B 2843 -9.07 -9.60 -41.00
CA PHE B 2843 -8.38 -9.90 -39.75
C PHE B 2843 -8.67 -11.33 -39.27
N GLU B 2844 -9.92 -11.78 -39.43
CA GLU B 2844 -10.26 -13.13 -38.99
C GLU B 2844 -9.50 -14.19 -39.79
N GLU B 2845 -9.38 -13.98 -41.11
CA GLU B 2845 -8.59 -14.91 -41.92
C GLU B 2845 -7.12 -14.85 -41.54
N LYS B 2846 -6.62 -13.65 -41.21
CA LYS B 2846 -5.25 -13.53 -40.73
C LYS B 2846 -5.04 -14.34 -39.46
N TYR B 2847 -5.98 -14.24 -38.51
CA TYR B 2847 -5.86 -14.99 -37.27
C TYR B 2847 -5.92 -16.49 -37.52
N GLU B 2848 -6.83 -16.93 -38.40
CA GLU B 2848 -6.96 -18.35 -38.70
C GLU B 2848 -5.67 -18.89 -39.32
N VAL B 2849 -5.13 -18.16 -40.30
CA VAL B 2849 -3.90 -18.61 -40.96
C VAL B 2849 -2.73 -18.61 -39.99
N PHE B 2850 -2.65 -17.60 -39.12
CA PHE B 2850 -1.58 -17.55 -38.14
C PHE B 2850 -1.65 -18.72 -37.16
N MET B 2851 -2.87 -19.04 -36.69
CA MET B 2851 -3.02 -20.19 -35.80
C MET B 2851 -2.67 -21.49 -36.51
N ASP B 2852 -3.07 -21.63 -37.78
CA ASP B 2852 -2.73 -22.83 -38.54
C ASP B 2852 -1.22 -22.96 -38.71
N VAL B 2853 -0.54 -21.85 -39.00
CA VAL B 2853 0.91 -21.87 -39.16
C VAL B 2853 1.58 -22.24 -37.83
N CYS B 2854 1.13 -21.63 -36.74
CA CYS B 2854 1.70 -21.93 -35.43
C CYS B 2854 1.45 -23.37 -35.02
N GLN B 2855 0.37 -23.99 -35.50
CA GLN B 2855 0.13 -25.40 -35.20
C GLN B 2855 1.15 -26.28 -35.91
N ASN B 2856 1.60 -25.88 -37.09
CA ASN B 2856 2.56 -26.64 -37.87
C ASN B 2856 3.97 -26.09 -37.78
N PHE B 2857 4.23 -25.18 -36.84
CA PHE B 2857 5.55 -24.58 -36.63
C PHE B 2857 5.77 -24.46 -35.13
N GLN B 2858 6.41 -25.46 -34.54
CA GLN B 2858 6.53 -25.45 -33.09
C GLN B 2858 7.88 -24.88 -32.65
N PRO B 2859 7.92 -24.25 -31.48
CA PRO B 2859 9.18 -23.64 -31.02
C PRO B 2859 10.28 -24.68 -30.83
N VAL B 2860 11.51 -24.28 -31.17
CA VAL B 2860 12.67 -25.16 -31.12
C VAL B 2860 13.86 -24.54 -30.43
N PHE B 2861 13.75 -23.30 -29.94
CA PHE B 2861 14.90 -22.58 -29.42
C PHE B 2861 15.43 -23.13 -28.11
N ARG B 2862 14.72 -24.07 -27.47
CA ARG B 2862 15.18 -24.62 -26.20
C ARG B 2862 16.44 -25.46 -26.34
N TYR B 2863 16.82 -25.84 -27.56
CA TYR B 2863 17.97 -26.71 -27.78
C TYR B 2863 19.28 -25.96 -27.91
N PHE B 2864 19.26 -24.62 -27.90
CA PHE B 2864 20.50 -23.86 -28.00
C PHE B 2864 21.44 -24.17 -26.85
N CYS B 2865 20.94 -24.05 -25.61
CA CYS B 2865 21.78 -24.32 -24.44
C CYS B 2865 22.03 -25.81 -24.28
N MET B 2866 21.17 -26.65 -24.84
CA MET B 2866 21.41 -28.09 -24.77
C MET B 2866 22.55 -28.51 -25.69
N GLU B 2867 22.60 -27.92 -26.90
CA GLU B 2867 23.69 -28.21 -27.82
C GLU B 2867 25.00 -27.60 -27.35
N LYS B 2868 24.97 -26.33 -26.94
CA LYS B 2868 26.23 -25.63 -26.69
C LYS B 2868 26.79 -25.91 -25.30
N PHE B 2869 25.96 -26.32 -24.36
CA PHE B 2869 26.40 -26.57 -22.98
C PHE B 2869 25.91 -27.94 -22.54
N LEU B 2870 26.85 -28.87 -22.37
CA LEU B 2870 26.51 -30.24 -21.97
C LEU B 2870 26.55 -30.45 -20.47
N ASP B 2871 27.34 -29.67 -19.74
CA ASP B 2871 27.37 -29.79 -18.29
C ASP B 2871 26.09 -29.22 -17.71
N PRO B 2872 25.37 -29.97 -16.87
CA PRO B 2872 24.09 -29.48 -16.35
C PRO B 2872 24.20 -28.16 -15.59
N ALA B 2873 25.26 -27.98 -14.81
CA ALA B 2873 25.42 -26.73 -14.06
C ALA B 2873 25.67 -25.55 -15.01
N ILE B 2874 26.57 -25.74 -15.97
CA ILE B 2874 26.85 -24.70 -16.96
C ILE B 2874 25.60 -24.41 -17.79
N TRP B 2875 24.89 -25.46 -18.18
CA TRP B 2875 23.66 -25.28 -18.95
C TRP B 2875 22.63 -24.47 -18.17
N PHE B 2876 22.44 -24.80 -16.89
CA PHE B 2876 21.49 -24.06 -16.07
C PHE B 2876 21.92 -22.60 -15.92
N GLU B 2877 23.21 -22.36 -15.67
CA GLU B 2877 23.68 -20.99 -15.50
C GLU B 2877 23.50 -20.18 -16.77
N LYS B 2878 23.81 -20.76 -17.92
CA LYS B 2878 23.65 -20.04 -19.19
C LYS B 2878 22.19 -19.78 -19.50
N ARG B 2879 21.31 -20.75 -19.21
CA ARG B 2879 19.89 -20.52 -19.44
C ARG B 2879 19.35 -19.42 -18.53
N LEU B 2880 19.79 -19.39 -17.27
CA LEU B 2880 19.37 -18.33 -16.36
C LEU B 2880 19.86 -16.97 -16.85
N ALA B 2881 21.10 -16.90 -17.32
CA ALA B 2881 21.63 -15.66 -17.86
C ALA B 2881 20.83 -15.21 -19.08
N TYR B 2882 20.46 -16.17 -19.95
CA TYR B 2882 19.66 -15.85 -21.13
C TYR B 2882 18.30 -15.29 -20.73
N THR B 2883 17.65 -15.92 -19.74
CA THR B 2883 16.34 -15.46 -19.31
C THR B 2883 16.42 -14.06 -18.70
N ARG B 2884 17.43 -13.82 -17.87
CA ARG B 2884 17.60 -12.50 -17.28
C ARG B 2884 17.87 -11.45 -18.35
N SER B 2885 18.69 -11.80 -19.35
CA SER B 2885 18.95 -10.88 -20.45
C SER B 2885 17.68 -10.55 -21.21
N VAL B 2886 16.85 -11.56 -21.48
CA VAL B 2886 15.59 -11.32 -22.19
C VAL B 2886 14.71 -10.39 -21.38
N ALA B 2887 14.58 -10.64 -20.07
CA ALA B 2887 13.72 -9.82 -19.24
C ALA B 2887 14.19 -8.36 -19.21
N THR B 2888 15.49 -8.16 -18.96
CA THR B 2888 16.01 -6.81 -18.88
C THR B 2888 15.89 -6.09 -20.21
N SER B 2889 16.24 -6.75 -21.32
CA SER B 2889 16.15 -6.12 -22.62
C SER B 2889 14.71 -5.78 -22.98
N SER B 2890 13.77 -6.67 -22.68
CA SER B 2890 12.36 -6.40 -22.98
C SER B 2890 11.86 -5.19 -22.18
N ILE B 2891 12.18 -5.14 -20.89
CA ILE B 2891 11.69 -4.03 -20.07
C ILE B 2891 12.30 -2.71 -20.53
N VAL B 2892 13.61 -2.71 -20.77
CA VAL B 2892 14.27 -1.47 -21.19
C VAL B 2892 13.77 -1.03 -22.56
N GLY B 2893 13.56 -1.97 -23.48
CA GLY B 2893 13.03 -1.61 -24.79
C GLY B 2893 11.62 -1.07 -24.71
N TYR B 2894 10.79 -1.62 -23.82
CA TYR B 2894 9.45 -1.07 -23.64
C TYR B 2894 9.51 0.35 -23.08
N ILE B 2895 10.42 0.58 -22.11
CA ILE B 2895 10.54 1.92 -21.54
C ILE B 2895 10.91 2.94 -22.60
N LEU B 2896 11.84 2.58 -23.48
CA LEU B 2896 12.27 3.46 -24.56
C LEU B 2896 11.45 3.33 -25.82
N GLY B 2897 10.42 2.47 -25.82
CA GLY B 2897 9.62 2.28 -27.01
C GLY B 2897 10.38 1.71 -28.18
N LEU B 2898 11.33 0.82 -27.92
CA LEU B 2898 12.15 0.25 -28.99
C LEU B 2898 11.31 -0.61 -29.92
N GLY B 2899 11.56 -0.47 -31.22
CA GLY B 2899 10.80 -1.19 -32.23
C GLY B 2899 11.71 -1.87 -33.23
N ASP B 2900 11.08 -2.45 -34.25
CA ASP B 2900 11.78 -3.19 -35.31
C ASP B 2900 12.64 -4.32 -34.72
N ARG B 2901 12.12 -4.95 -33.68
CA ARG B 2901 12.85 -6.01 -32.96
C ARG B 2901 12.66 -7.33 -33.72
N HIS B 2902 13.04 -7.37 -34.99
CA HIS B 2902 12.94 -8.60 -35.81
C HIS B 2902 14.06 -9.58 -35.50
N VAL B 2903 14.03 -10.78 -36.07
CA VAL B 2903 15.01 -11.85 -35.75
C VAL B 2903 16.45 -11.47 -36.12
N GLN B 2904 16.66 -10.69 -37.19
CA GLN B 2904 18.03 -10.35 -37.63
C GLN B 2904 18.60 -9.18 -36.82
N ASN B 2905 17.77 -8.52 -36.00
CA ASN B 2905 18.22 -7.36 -35.18
C ASN B 2905 18.49 -7.78 -33.74
N ILE B 2906 18.47 -9.07 -33.44
CA ILE B 2906 18.84 -9.56 -32.07
C ILE B 2906 19.84 -10.69 -32.26
N LEU B 2907 21.00 -10.57 -31.59
CA LEU B 2907 22.08 -11.54 -31.62
C LEU B 2907 22.19 -12.21 -30.25
N ILE B 2908 22.63 -13.46 -30.25
CA ILE B 2908 22.82 -14.22 -29.03
C ILE B 2908 24.29 -14.62 -28.93
N ASN B 2909 24.90 -14.34 -27.79
CA ASN B 2909 26.30 -14.70 -27.59
C ASN B 2909 26.41 -16.21 -27.34
N GLU B 2910 27.21 -16.89 -28.15
CA GLU B 2910 27.32 -18.34 -28.04
C GLU B 2910 27.98 -18.75 -26.73
N GLN B 2911 28.89 -17.94 -26.21
CA GLN B 2911 29.61 -18.30 -24.99
C GLN B 2911 28.78 -18.05 -23.74
N SER B 2912 27.94 -17.01 -23.74
CA SER B 2912 27.22 -16.60 -22.54
C SER B 2912 25.71 -16.70 -22.66
N ALA B 2913 25.18 -17.03 -23.84
CA ALA B 2913 23.75 -17.20 -24.09
C ALA B 2913 22.95 -15.91 -23.93
N GLU B 2914 23.60 -14.78 -23.71
CA GLU B 2914 22.89 -13.52 -23.57
C GLU B 2914 22.57 -12.92 -24.94
N LEU B 2915 21.62 -11.98 -24.94
CA LEU B 2915 21.16 -11.35 -26.17
C LEU B 2915 21.72 -9.93 -26.31
N VAL B 2916 22.04 -9.55 -27.54
CA VAL B 2916 22.50 -8.21 -27.87
C VAL B 2916 21.55 -7.63 -28.90
N HIS B 2917 21.04 -6.44 -28.62
CA HIS B 2917 20.11 -5.77 -29.53
C HIS B 2917 20.87 -4.78 -30.40
N ILE B 2918 20.61 -4.85 -31.70
CA ILE B 2918 21.32 -4.02 -32.72
C ILE B 2918 20.27 -3.29 -33.56
N ASP B 2919 20.71 -2.43 -34.47
CA ASP B 2919 19.79 -1.71 -35.40
C ASP B 2919 18.74 -0.89 -34.65
N LEU B 2920 19.15 -0.15 -33.62
CA LEU B 2920 18.17 0.61 -32.80
C LEU B 2920 17.78 1.92 -33.50
N GLY B 2921 17.30 1.83 -34.73
CA GLY B 2921 16.85 2.99 -35.48
C GLY B 2921 15.47 3.47 -35.08
N VAL B 2922 14.55 2.54 -34.87
CA VAL B 2922 13.18 2.86 -34.50
C VAL B 2922 13.03 2.75 -32.98
N ALA B 2923 12.56 3.82 -32.36
CA ALA B 2923 12.38 3.86 -30.92
C ALA B 2923 11.30 4.88 -30.59
N PHE B 2924 10.97 4.97 -29.30
CA PHE B 2924 9.95 5.90 -28.80
C PHE B 2924 8.60 5.67 -29.48
N GLU B 2925 8.24 4.40 -29.64
CA GLU B 2925 6.96 3.98 -30.21
C GLU B 2925 6.73 4.51 -31.61
N GLN B 2926 7.81 4.80 -32.35
CA GLN B 2926 7.65 5.24 -33.73
C GLN B 2926 7.28 4.09 -34.66
N GLY B 2927 7.49 2.85 -34.22
CA GLY B 2927 7.06 1.71 -35.02
C GLY B 2927 5.56 1.54 -35.08
N LYS B 2928 4.84 2.10 -34.09
CA LYS B 2928 3.39 2.05 -34.10
C LYS B 2928 2.78 3.07 -35.03
N ILE B 2929 3.59 3.99 -35.58
CA ILE B 2929 3.12 4.91 -36.60
C ILE B 2929 3.28 4.33 -38.01
N LEU B 2930 4.08 3.28 -38.15
CA LEU B 2930 4.31 2.65 -39.44
C LEU B 2930 3.03 2.02 -39.98
N PRO B 2931 2.93 1.85 -41.30
CA PRO B 2931 1.87 1.00 -41.83
C PRO B 2931 2.01 -0.41 -41.30
N THR B 2932 0.87 -1.06 -41.04
CA THR B 2932 0.83 -2.31 -40.30
C THR B 2932 1.59 -2.11 -39.00
N PRO B 2933 1.04 -1.33 -38.07
CA PRO B 2933 1.82 -0.90 -36.91
C PRO B 2933 2.19 -2.06 -35.99
N GLU B 2934 3.31 -1.88 -35.28
CA GLU B 2934 3.72 -2.85 -34.27
C GLU B 2934 2.74 -2.82 -33.11
N THR B 2935 2.29 -3.99 -32.69
CA THR B 2935 1.26 -4.11 -31.66
C THR B 2935 1.78 -4.78 -30.39
N VAL B 2936 3.09 -4.95 -30.25
CA VAL B 2936 3.65 -5.60 -29.07
C VAL B 2936 4.66 -4.67 -28.43
N PRO B 2937 4.74 -4.61 -27.10
CA PRO B 2937 5.79 -3.80 -26.45
C PRO B 2937 7.19 -4.28 -26.78
N PHE B 2938 7.38 -5.58 -26.95
CA PHE B 2938 8.68 -6.15 -27.28
C PHE B 2938 8.44 -7.49 -27.96
N ARG B 2939 9.51 -8.19 -28.28
CA ARG B 2939 9.43 -9.50 -28.92
C ARG B 2939 9.46 -10.58 -27.84
N LEU B 2940 8.35 -11.29 -27.68
CA LEU B 2940 8.23 -12.40 -26.75
C LEU B 2940 7.55 -13.58 -27.43
N THR B 2941 8.02 -13.92 -28.62
CA THR B 2941 7.41 -14.97 -29.42
C THR B 2941 7.68 -16.34 -28.79
N ARG B 2942 7.20 -17.38 -29.47
CA ARG B 2942 7.22 -18.72 -28.88
C ARG B 2942 8.63 -19.25 -28.71
N ASP B 2943 9.54 -18.92 -29.63
CA ASP B 2943 10.93 -19.33 -29.47
C ASP B 2943 11.58 -18.67 -28.26
N ILE B 2944 11.30 -17.38 -28.05
CA ILE B 2944 11.90 -16.65 -26.93
C ILE B 2944 11.46 -17.28 -25.60
N VAL B 2945 10.17 -17.57 -25.48
CA VAL B 2945 9.65 -18.19 -24.25
C VAL B 2945 10.16 -19.63 -24.13
N ASP B 2946 10.28 -20.32 -25.25
CA ASP B 2946 10.76 -21.73 -25.27
C ASP B 2946 12.17 -21.76 -24.69
N GLY B 2947 13.01 -20.84 -25.12
CA GLY B 2947 14.39 -20.83 -24.64
C GLY B 2947 14.50 -20.66 -23.14
N MET B 2948 13.49 -20.08 -22.51
CA MET B 2948 13.53 -19.85 -21.06
C MET B 2948 13.50 -21.17 -20.29
N GLY B 2949 12.67 -22.11 -20.72
CA GLY B 2949 12.57 -23.40 -20.07
C GLY B 2949 11.14 -23.87 -20.02
N ILE B 2950 10.89 -24.87 -19.17
CA ILE B 2950 9.56 -25.46 -19.08
C ILE B 2950 8.58 -24.49 -18.43
N THR B 2951 9.06 -23.65 -17.51
CA THR B 2951 8.17 -22.72 -16.82
C THR B 2951 7.69 -21.61 -17.75
N GLY B 2952 8.52 -21.18 -18.68
CA GLY B 2952 8.15 -20.13 -19.61
C GLY B 2952 8.43 -18.76 -19.03
N VAL B 2953 7.40 -17.90 -19.01
CA VAL B 2953 7.55 -16.53 -18.51
C VAL B 2953 7.03 -16.44 -17.09
N GLU B 2954 6.75 -17.59 -16.47
CA GLU B 2954 6.15 -17.64 -15.15
C GLU B 2954 7.16 -17.79 -14.03
N GLY B 2955 8.45 -17.87 -14.33
CA GLY B 2955 9.44 -18.06 -13.29
C GLY B 2955 10.38 -16.88 -13.09
N VAL B 2956 11.62 -17.05 -13.55
CA VAL B 2956 12.63 -16.00 -13.38
C VAL B 2956 12.28 -14.77 -14.21
N PHE B 2957 11.69 -14.98 -15.39
CA PHE B 2957 11.42 -13.88 -16.30
C PHE B 2957 10.51 -12.84 -15.67
N ARG B 2958 9.41 -13.29 -15.06
CA ARG B 2958 8.45 -12.34 -14.51
C ARG B 2958 9.05 -11.54 -13.35
N ARG B 2959 9.78 -12.20 -12.45
CA ARG B 2959 10.36 -11.49 -11.32
C ARG B 2959 11.46 -10.54 -11.76
N CYS B 2960 12.27 -10.93 -12.75
CA CYS B 2960 13.29 -10.02 -13.28
C CYS B 2960 12.66 -8.82 -13.96
N CYS B 2961 11.56 -9.03 -14.70
CA CYS B 2961 10.83 -7.91 -15.28
C CYS B 2961 10.30 -6.98 -14.20
N GLU B 2962 9.77 -7.55 -13.12
CA GLU B 2962 9.26 -6.73 -12.02
C GLU B 2962 10.39 -5.92 -11.38
N LYS B 2963 11.54 -6.53 -11.15
CA LYS B 2963 12.67 -5.82 -10.56
C LYS B 2963 13.14 -4.68 -11.47
N THR B 2964 13.26 -4.96 -12.77
CA THR B 2964 13.71 -3.92 -13.69
C THR B 2964 12.69 -2.78 -13.77
N MET B 2965 11.39 -3.10 -13.78
CA MET B 2965 10.37 -2.07 -13.81
C MET B 2965 10.38 -1.24 -12.54
N GLU B 2966 10.62 -1.89 -11.39
CA GLU B 2966 10.74 -1.15 -10.14
C GLU B 2966 11.93 -0.19 -10.18
N VAL B 2967 13.06 -0.65 -10.73
CA VAL B 2967 14.22 0.23 -10.87
C VAL B 2967 13.89 1.40 -11.77
N MET B 2968 13.19 1.15 -12.88
CA MET B 2968 12.79 2.23 -13.78
C MET B 2968 11.87 3.22 -13.07
N ARG B 2969 10.95 2.72 -12.25
CA ARG B 2969 10.03 3.59 -11.53
C ARG B 2969 10.75 4.44 -10.51
N ASN B 2970 11.71 3.86 -9.79
CA ASN B 2970 12.40 4.60 -8.73
C ASN B 2970 13.26 5.72 -9.29
N SER B 2971 13.65 5.64 -10.56
CA SER B 2971 14.49 6.64 -11.21
C SER B 2971 13.76 7.32 -12.36
N GLN B 2972 12.49 7.65 -12.15
CA GLN B 2972 11.69 8.26 -13.23
C GLN B 2972 12.22 9.64 -13.58
N GLU B 2973 12.59 10.44 -12.58
CA GLU B 2973 13.09 11.79 -12.84
C GLU B 2973 14.40 11.76 -13.62
N THR B 2974 15.31 10.87 -13.24
CA THR B 2974 16.59 10.77 -13.94
C THR B 2974 16.40 10.37 -15.40
N LEU B 2975 15.60 9.35 -15.64
CA LEU B 2975 15.36 8.91 -17.01
C LEU B 2975 14.63 9.98 -17.81
N LEU B 2976 13.71 10.70 -17.18
CA LEU B 2976 13.00 11.78 -17.87
C LEU B 2976 13.96 12.88 -18.27
N THR B 2977 14.87 13.27 -17.38
CA THR B 2977 15.86 14.29 -17.73
C THR B 2977 16.77 13.81 -18.86
N ILE B 2978 17.21 12.56 -18.79
CA ILE B 2978 18.10 12.03 -19.83
C ILE B 2978 17.39 12.05 -21.19
N VAL B 2979 16.15 11.56 -21.22
CA VAL B 2979 15.42 11.51 -22.49
C VAL B 2979 15.07 12.91 -22.97
N GLU B 2980 14.85 13.85 -22.05
CA GLU B 2980 14.63 15.24 -22.43
C GLU B 2980 15.87 15.82 -23.11
N VAL B 2981 17.05 15.52 -22.58
CA VAL B 2981 18.29 15.98 -23.21
C VAL B 2981 18.43 15.34 -24.58
N LEU B 2982 18.15 14.04 -24.69
CA LEU B 2982 18.36 13.33 -25.94
C LEU B 2982 17.39 13.80 -27.02
N LEU B 2983 16.11 13.98 -26.67
CA LEU B 2983 15.08 14.21 -27.68
C LEU B 2983 15.24 15.56 -28.36
N TYR B 2984 15.76 16.56 -27.64
CA TYR B 2984 15.94 17.89 -28.19
C TYR B 2984 17.29 18.07 -28.88
N ASP B 2985 18.05 17.00 -29.04
CA ASP B 2985 19.28 17.06 -29.82
C ASP B 2985 18.94 17.43 -31.26
N PRO B 2986 19.49 18.54 -31.78
CA PRO B 2986 19.14 18.94 -33.16
C PRO B 2986 19.49 17.90 -34.21
N LEU B 2987 20.57 17.14 -34.02
CA LEU B 2987 21.02 16.20 -35.03
C LEU B 2987 20.47 14.79 -34.85
N PHE B 2988 19.66 14.56 -33.83
CA PHE B 2988 19.09 13.24 -33.57
C PHE B 2988 17.72 13.16 -34.23
N ASP B 2989 17.65 12.49 -35.38
CA ASP B 2989 16.40 12.33 -36.13
C ASP B 2989 15.67 11.06 -35.69
N TRP B 2990 14.92 11.19 -34.60
CA TRP B 2990 14.23 10.03 -34.04
C TRP B 2990 12.82 9.90 -34.61
N THR B 2991 12.23 11.00 -35.07
CA THR B 2991 10.87 10.96 -35.58
C THR B 2991 10.80 10.16 -36.88
N MET B 2992 9.61 9.62 -37.14
CA MET B 2992 9.38 8.80 -38.32
C MET B 2992 8.94 9.67 -39.50
N ASN B 2993 9.39 9.28 -40.68
CA ASN B 2993 9.07 9.96 -41.94
C ASN B 2993 8.60 8.92 -42.94
N PRO B 2994 7.85 9.34 -43.97
CA PRO B 2994 7.36 8.37 -44.96
C PRO B 2994 8.46 7.60 -45.67
N LEU B 2995 9.62 8.21 -45.87
CA LEU B 2995 10.72 7.49 -46.53
C LEU B 2995 11.17 6.29 -45.69
N LYS B 2996 11.40 6.52 -44.39
CA LYS B 2996 11.79 5.42 -43.51
C LYS B 2996 10.68 4.39 -43.40
N ALA B 2997 9.42 4.83 -43.37
CA ALA B 2997 8.30 3.90 -43.29
C ALA B 2997 8.24 3.00 -44.51
N LEU B 2998 8.46 3.57 -45.70
CA LEU B 2998 8.44 2.76 -46.92
C LEU B 2998 9.66 1.84 -46.97
N TYR B 2999 10.81 2.30 -46.48
CA TYR B 2999 12.01 1.48 -46.54
C TYR B 2999 11.93 0.30 -45.56
N LEU B 3000 11.32 0.51 -44.39
CA LEU B 3000 11.31 -0.52 -43.37
C LEU B 3000 10.52 -1.76 -43.82
N GLN B 3001 9.41 -1.55 -44.50
CA GLN B 3001 8.55 -2.64 -44.97
C GLN B 3001 8.52 -2.63 -46.49
N GLN B 3002 9.27 -3.54 -47.11
CA GLN B 3002 9.31 -3.63 -48.57
C GLN B 3002 8.08 -4.36 -49.10
N GLN B 3030 5.96 24.45 -33.50
CA GLN B 3030 6.12 23.50 -34.59
C GLN B 3030 5.54 22.14 -34.21
N SER B 3031 5.37 21.27 -35.21
CA SER B 3031 4.88 19.92 -34.95
C SER B 3031 5.90 19.09 -34.19
N PHE B 3032 7.19 19.34 -34.43
CA PHE B 3032 8.23 18.58 -33.73
C PHE B 3032 8.16 18.80 -32.22
N ASN B 3033 7.92 20.05 -31.80
CA ASN B 3033 7.78 20.32 -30.37
C ASN B 3033 6.59 19.56 -29.78
N LYS B 3034 5.46 19.55 -30.51
CA LYS B 3034 4.28 18.85 -30.02
C LYS B 3034 4.53 17.34 -29.90
N VAL B 3035 5.15 16.74 -30.91
CA VAL B 3035 5.38 15.30 -30.85
C VAL B 3035 6.42 14.97 -29.79
N ALA B 3036 7.42 15.83 -29.60
CA ALA B 3036 8.40 15.60 -28.54
C ALA B 3036 7.75 15.67 -27.16
N GLU B 3037 6.88 16.66 -26.96
CA GLU B 3037 6.18 16.76 -25.68
C GLU B 3037 5.27 15.56 -25.45
N ARG B 3038 4.58 15.10 -26.50
CA ARG B 3038 3.72 13.93 -26.36
C ARG B 3038 4.53 12.68 -26.04
N VAL B 3039 5.67 12.50 -26.68
CA VAL B 3039 6.52 11.35 -26.38
C VAL B 3039 7.04 11.43 -24.94
N LEU B 3040 7.43 12.63 -24.51
CA LEU B 3040 7.90 12.79 -23.13
C LEU B 3040 6.81 12.47 -22.12
N MET B 3041 5.59 12.93 -22.37
CA MET B 3041 4.50 12.66 -21.42
C MET B 3041 4.11 11.19 -21.45
N ARG B 3042 4.19 10.54 -22.62
CA ARG B 3042 3.92 9.10 -22.67
C ARG B 3042 4.98 8.33 -21.89
N LEU B 3043 6.25 8.73 -22.02
CA LEU B 3043 7.31 8.09 -21.25
C LEU B 3043 7.11 8.31 -19.75
N GLN B 3044 6.68 9.52 -19.37
CA GLN B 3044 6.39 9.79 -17.96
C GLN B 3044 5.24 8.92 -17.46
N GLU B 3045 4.21 8.72 -18.29
CA GLU B 3045 3.12 7.83 -17.91
C GLU B 3045 3.61 6.39 -17.74
N LYS B 3046 4.48 5.93 -18.65
CA LYS B 3046 5.05 4.59 -18.51
C LYS B 3046 5.84 4.46 -17.22
N LEU B 3047 6.68 5.45 -16.92
CA LEU B 3047 7.52 5.39 -15.74
C LEU B 3047 6.70 5.46 -14.46
N LYS B 3048 5.62 6.25 -14.45
CA LYS B 3048 4.76 6.30 -13.28
C LYS B 3048 3.90 5.03 -13.16
N GLY B 3049 3.55 4.42 -14.29
CA GLY B 3049 2.76 3.22 -14.29
C GLY B 3049 1.34 3.37 -14.80
N VAL B 3050 0.98 4.52 -15.35
CA VAL B 3050 -0.38 4.76 -15.81
C VAL B 3050 -0.57 4.13 -17.18
N GLU B 3051 -1.42 3.11 -17.24
CA GLU B 3051 -1.74 2.46 -18.53
C GLU B 3051 -3.25 2.56 -18.75
N GLU B 3052 -3.68 3.09 -19.90
CA GLU B 3052 -5.09 3.29 -20.24
C GLU B 3052 -5.79 4.17 -19.21
N GLY B 3053 -5.07 5.12 -18.64
CA GLY B 3053 -5.65 6.03 -17.67
C GLY B 3053 -5.82 5.46 -16.27
N THR B 3054 -5.32 4.26 -16.02
CA THR B 3054 -5.46 3.61 -14.71
C THR B 3054 -4.07 3.37 -14.14
N VAL B 3055 -3.85 3.84 -12.91
CA VAL B 3055 -2.57 3.60 -12.25
C VAL B 3055 -2.46 2.12 -11.90
N LEU B 3056 -1.30 1.54 -12.20
CA LEU B 3056 -1.08 0.11 -12.01
C LEU B 3056 0.19 -0.11 -11.20
N SER B 3057 0.19 -1.18 -10.41
CA SER B 3057 1.39 -1.59 -9.70
C SER B 3057 2.40 -2.18 -10.67
N VAL B 3058 3.61 -2.41 -10.17
CA VAL B 3058 4.66 -2.98 -11.01
C VAL B 3058 4.27 -4.35 -11.53
N GLY B 3059 3.73 -5.20 -10.64
CA GLY B 3059 3.30 -6.52 -11.04
C GLY B 3059 2.19 -6.49 -12.08
N GLY B 3060 1.20 -5.63 -11.86
CA GLY B 3060 0.11 -5.52 -12.82
C GLY B 3060 0.57 -5.00 -14.17
N GLN B 3061 1.47 -4.02 -14.18
CA GLN B 3061 2.00 -3.51 -15.43
C GLN B 3061 2.80 -4.57 -16.17
N VAL B 3062 3.68 -5.30 -15.46
CA VAL B 3062 4.43 -6.40 -16.11
C VAL B 3062 3.45 -7.43 -16.66
N ASN B 3063 2.39 -7.74 -15.91
CA ASN B 3063 1.35 -8.70 -16.35
C ASN B 3063 0.68 -8.20 -17.61
N LEU B 3064 0.36 -6.91 -17.67
CA LEU B 3064 -0.27 -6.32 -18.89
C LEU B 3064 0.69 -6.42 -20.07
N LEU B 3065 1.98 -6.14 -19.84
CA LEU B 3065 2.96 -6.17 -20.92
C LEU B 3065 3.17 -7.57 -21.46
N ILE B 3066 3.29 -8.55 -20.56
CA ILE B 3066 3.51 -9.93 -20.99
C ILE B 3066 2.32 -10.44 -21.79
N GLN B 3067 1.10 -10.19 -21.29
CA GLN B 3067 -0.09 -10.70 -21.97
C GLN B 3067 -0.35 -9.97 -23.28
N GLN B 3068 0.13 -8.73 -23.40
CA GLN B 3068 0.04 -8.05 -24.70
C GLN B 3068 1.08 -8.56 -25.67
N ALA B 3069 2.27 -8.91 -25.17
CA ALA B 3069 3.32 -9.41 -26.05
C ALA B 3069 3.02 -10.81 -26.57
N ILE B 3070 2.48 -11.68 -25.71
CA ILE B 3070 2.26 -13.07 -26.10
C ILE B 3070 0.85 -13.26 -26.66
N ASP B 3071 0.16 -12.16 -26.92
CA ASP B 3071 -1.20 -12.24 -27.45
C ASP B 3071 -1.16 -12.71 -28.90
N PRO B 3072 -1.80 -13.84 -29.24
CA PRO B 3072 -1.77 -14.30 -30.63
C PRO B 3072 -2.46 -13.36 -31.60
N LYS B 3073 -3.42 -12.56 -31.14
CA LYS B 3073 -4.10 -11.62 -32.04
C LYS B 3073 -3.14 -10.55 -32.54
N ASN B 3074 -2.41 -9.92 -31.63
CA ASN B 3074 -1.43 -8.91 -32.02
C ASN B 3074 -0.35 -9.50 -32.90
N LEU B 3075 0.11 -10.71 -32.56
CA LEU B 3075 1.14 -11.36 -33.39
C LEU B 3075 0.61 -11.65 -34.79
N SER B 3076 -0.66 -12.05 -34.90
CA SER B 3076 -1.24 -12.29 -36.21
C SER B 3076 -1.40 -11.00 -37.01
N ARG B 3077 -1.71 -9.88 -36.33
CA ARG B 3077 -1.86 -8.61 -37.02
C ARG B 3077 -0.53 -7.99 -37.44
N LEU B 3078 0.60 -8.56 -37.02
CA LEU B 3078 1.89 -7.94 -37.26
C LEU B 3078 2.35 -8.18 -38.70
N PHE B 3079 3.40 -7.46 -39.07
CA PHE B 3079 3.95 -7.54 -40.42
C PHE B 3079 4.68 -8.87 -40.61
N PRO B 3080 4.55 -9.51 -41.79
CA PRO B 3080 5.21 -10.81 -42.00
C PRO B 3080 6.72 -10.76 -41.83
N GLY B 3081 7.36 -9.66 -42.19
CA GLY B 3081 8.79 -9.57 -42.05
C GLY B 3081 9.25 -9.64 -40.61
N TRP B 3082 8.36 -9.34 -39.67
CA TRP B 3082 8.72 -9.43 -38.26
C TRP B 3082 8.83 -10.88 -37.80
N LYS B 3083 8.20 -11.81 -38.52
CA LYS B 3083 8.26 -13.25 -38.25
C LYS B 3083 7.77 -13.56 -36.83
N ALA B 3084 6.47 -13.30 -36.62
CA ALA B 3084 5.87 -13.55 -35.31
C ALA B 3084 5.82 -15.05 -35.00
N TRP B 3085 5.67 -15.88 -36.03
CA TRP B 3085 5.61 -17.32 -35.81
C TRP B 3085 6.94 -17.88 -35.33
N VAL B 3086 8.04 -17.19 -35.59
CA VAL B 3086 9.36 -17.64 -35.14
C VAL B 3086 9.54 -17.30 -33.67
#